data_9PZR
#
_entry.id   9PZR
#
_cell.length_a   1.00
_cell.length_b   1.00
_cell.length_c   1.00
_cell.angle_alpha   90.00
_cell.angle_beta   90.00
_cell.angle_gamma   90.00
#
_symmetry.space_group_name_H-M   'P 1'
#
loop_
_entity.id
_entity.type
_entity.pdbx_description
1 polymer 'Glutamate receptor ionotropic, NMDA 1'
2 polymer 'Glutamate receptor ionotropic, NMDA 2A'
3 polymer 'Polyclonal antibody Fab fragment, termed FabEnc1'
#
loop_
_entity_poly.entity_id
_entity_poly.type
_entity_poly.pdbx_seq_one_letter_code
_entity_poly.pdbx_strand_id
1 'polypeptide(L)'
;MSTMHLLTFALLFSCSFARAACDPKIVNIGAVLSTRKHEQMFREAVNQANKRHGSWKIQLNATSVTHKPNAIQMALSVCE
DLISSQVYAILVSHPPTPNDHFTPTPVSYTAGFYRIPVLGLTTRMSIYSDKSIHLSFLRTVPPYSHQSSVWFEMMRVYNW
NHIILLVSDDHEGRAAQKRLETLLEERESKAEKVLQFDPGTKNVTALLMEARELEARVIILSASEDDAATVYRAAAMLNM
TGSGYVWLVGEREISGNALRYAPDGIIGLQLINGKNESAHISDAVGVVAQAVHELLEKENITDPPRGCVGNTNIWKTGPL
FKRVLMSSKYADGVTGRVEFNEDGDRKFANYSIMNLQNRKLVQVGIYNGTHVIPNDRKIIWPGGETEKPRGYQMSTRLKI
VTIHQEPFVYVKPTMSDGTCKEEFTVNGDPVKKVICTGPNDTSPGSPRHTVPQCCYGFCIDLLIKLARTMNFTYEVHLVA
DGKFGTQERVNNSNKKEWNGMMGELLSGQADMIVAPLTINNERAQYIEFSKPFKYQGLTILVKKEIPRSTLDSFMQPFQS
TLWLLVGLSVHVVAVMLYLLDRFSPFGRFKVNSEEEEEDALTLSSAMWFSWGVLLNSGIGEGAPRSFSARILGMVWAGFA
MIIVASYTANLAAFLVLDRPEERITGINDPRLRNPSDKFIYATVKQSSVDIYFRRQVELSTMYRHMEKHNYESAAEAIQA
VRDNKLHAFIWDSAVLEFEASQKCDLVTTGELFFRSGFGIGMRKDSPWKQNVSLSILKSHENGFMEDLDKTWVRYQECDS
RSNAPATLTFENMAGVFMLVAGGIVAGIFLIFIEIAYKRHKDARRKQ
;
A,C
2 'polypeptide(L)'
;MGRLGYWTLLVLPALLVWRDPAQNAAAEKGPPALNIAVLLGHSHDVTERELRNLWGPEQATGLPLDVNVVALLMNRTDPK
SLITHVCDLMSGARIHGLVFGDDTDQEAVAQMLDFISSQTFIPILGIHGGASMIMADKDPTSTFFQFGASIQQQATVMLK
IMQDYDWHVFSLVTTIFPGYRDFISFIKTTVDNSFVGWDMQNVITLDTSFEDAKTQVQLKKIHSSVILLYCSKDEAVLIL
SEARSLGLTGYDFFWIVPSLVSGNTELIPKEFPSGLISVSYDDWDYSLEARVRDGLGILTTAASSMLEKFSYIPEAKASC
YGQAEKPETPLHTLHQFMVNVTWDGKDLSFTEEGYQVHPRLVVIVLNKDREWEKVGKWENQTLSLRHAVWPRYKSFSDCE
PDDNHLSIVTLEEAPFVIVEDIDPLTETCVRNTVPCRKFVKINNSTNEGMNVKKCCKGFCIDILKKLSRTVKFTYDLYLV
TNGKHGKKVNNVWNGMIGEVVYQRAVMAVGSLTINEERSEVVDFSVPFVETGISVMVSRSNGTVSPSAFLEPFSASVWVM
MFVMLLIVSAIAVFVFEYFSPVGYNRNLAKGKAPHGPSFTIGKAIWLLWGLVFNNSVPVQNPKGTTSKIMVSVWAFFAVI
FLASYTANLAAFMIQEEFVDQVTGLSDKKFQRPHDYSPPFRFGTVPNGSTERNIRNNYPYMHQYMTRFNQRGVEDALVSL
KTGKLDAFIYDAAVLNYKAGRDEGCKLVTIGSGYIFATTGYGIALQKGSPWKRQIDLALLQFVGDGEMEELETLWLTGIC
HNEKNEVMSSQLDIDNMAGVFYMLAAAMALSLITFIWEHLFYWKLRFCFTGVCSDRPGLLFSISRG
;
B,D
3 'polypeptide(L)'
;(UNK)(UNK)(UNK)(UNK)(UNK)(UNK)(UNK)(UNK)(UNK)(UNK)(UNK)(UNK)(UNK)(UNK)(UNK)(UNK)
(UNK)(UNK)(UNK)(UNK)(UNK)(UNK)(UNK)(UNK)(UNK)(UNK)(UNK)(UNK)(UNK)(UNK)(UNK)(UNK)
(UNK)(UNK)(UNK)(UNK)(UNK)(UNK)(UNK)(UNK)(UNK)(UNK)(UNK)(UNK)(UNK)(UNK)(UNK)(UNK)
(UNK)(UNK)(UNK)(UNK)(UNK)(UNK)(UNK)(UNK)(UNK)(UNK)(UNK)(UNK)(UNK)(UNK)(UNK)(UNK)
(UNK)(UNK)(UNK)(UNK)(UNK)(UNK)(UNK)(UNK)(UNK)(UNK)(UNK)(UNK)(UNK)(UNK)(UNK)(UNK)
(UNK)(UNK)(UNK)(UNK)(UNK)(UNK)(UNK)(UNK)(UNK)(UNK)(UNK)(UNK)(UNK)(UNK)(UNK)(UNK)
(UNK)(UNK)(UNK)(UNK)(UNK)(UNK)(UNK)(UNK)(UNK)(UNK)(UNK)(UNK)(UNK)(UNK)(UNK)(UNK)
(UNK)(UNK)(UNK)(UNK)(UNK)(UNK)(UNK)(UNK)(UNK)(UNK)(UNK)(UNK)(UNK)(UNK)(UNK)(UNK)
(UNK)(UNK)(UNK)(UNK)(UNK)(UNK)(UNK)(UNK)(UNK)(UNK)(UNK)(UNK)(UNK)(UNK)(UNK)(UNK)
(UNK)(UNK)(UNK)(UNK)(UNK)(UNK)(UNK)(UNK)(UNK)(UNK)(UNK)(UNK)(UNK)(UNK)(UNK)(UNK)
(UNK)(UNK)(UNK)(UNK)(UNK)(UNK)(UNK)(UNK)(UNK)(UNK)(UNK)(UNK)(UNK)(UNK)(UNK)(UNK)
(UNK)(UNK)(UNK)(UNK)(UNK)(UNK)(UNK)(UNK)(UNK)(UNK)(UNK)(UNK)(UNK)(UNK)(UNK)(UNK)
(UNK)(UNK)(UNK)(UNK)(UNK)(UNK)(UNK)(UNK)(UNK)(UNK)(UNK)(UNK)(UNK)(UNK)(UNK)(UNK)
(UNK)(UNK)(UNK)(UNK)(UNK)(UNK)(UNK)(UNK)(UNK)(UNK)(UNK)(UNK)(UNK)(UNK)(UNK)(UNK)
(UNK)(UNK)(UNK)(UNK)(UNK)(UNK)(UNK)(UNK)(UNK)(UNK)(UNK)(UNK)(UNK)(UNK)(UNK)(UNK)
(UNK)(UNK)(UNK)(UNK)
;
E,F,G,H
#
# COMPACT_ATOMS: atom_id res chain seq x y z
N LYS A 25 25.59 44.14 13.44
CA LYS A 25 24.31 44.77 13.70
C LYS A 25 24.08 45.97 12.80
N ILE A 26 24.82 46.04 11.70
CA ILE A 26 24.71 47.12 10.74
C ILE A 26 24.38 46.56 9.37
N VAL A 27 23.66 47.36 8.59
CA VAL A 27 23.29 47.01 7.22
C VAL A 27 23.66 48.19 6.33
N ASN A 28 24.51 47.93 5.33
CA ASN A 28 24.94 48.96 4.41
C ASN A 28 24.11 48.88 3.12
N ILE A 29 23.78 50.04 2.57
CA ILE A 29 23.00 50.15 1.34
C ILE A 29 23.78 51.02 0.37
N GLY A 30 24.11 50.45 -0.79
CA GLY A 30 24.88 51.15 -1.80
C GLY A 30 24.00 51.72 -2.89
N ALA A 31 24.43 52.85 -3.45
CA ALA A 31 23.66 53.52 -4.50
C ALA A 31 24.60 54.31 -5.40
N VAL A 32 24.21 54.42 -6.66
CA VAL A 32 24.90 55.25 -7.64
C VAL A 32 23.96 56.42 -7.93
N LEU A 33 24.21 57.56 -7.29
CA LEU A 33 23.31 58.70 -7.41
C LEU A 33 24.14 59.98 -7.43
N SER A 34 23.73 60.94 -8.27
CA SER A 34 24.49 62.16 -8.53
C SER A 34 23.93 63.39 -7.83
N THR A 35 22.62 63.62 -7.92
CA THR A 35 22.04 64.86 -7.41
C THR A 35 22.01 64.85 -5.89
N ARG A 36 22.41 65.99 -5.29
CA ARG A 36 22.54 66.05 -3.84
C ARG A 36 21.18 66.09 -3.14
N LYS A 37 20.15 66.58 -3.82
CA LYS A 37 18.82 66.62 -3.22
C LYS A 37 18.22 65.22 -3.08
N HIS A 38 18.37 64.39 -4.12
CA HIS A 38 17.88 63.03 -4.02
C HIS A 38 18.76 62.19 -3.09
N GLU A 39 20.04 62.53 -2.96
CA GLU A 39 20.88 61.87 -1.96
C GLU A 39 20.44 62.24 -0.55
N GLN A 40 20.06 63.50 -0.33
CA GLN A 40 19.55 63.92 0.97
C GLN A 40 18.22 63.25 1.29
N MET A 41 17.34 63.12 0.27
CA MET A 41 16.09 62.41 0.46
C MET A 41 16.32 60.92 0.71
N PHE A 42 17.33 60.34 0.06
CA PHE A 42 17.68 58.94 0.27
C PHE A 42 18.17 58.70 1.69
N ARG A 43 19.06 59.58 2.18
CA ARG A 43 19.56 59.47 3.54
C ARG A 43 18.48 59.74 4.57
N GLU A 44 17.54 60.65 4.26
CA GLU A 44 16.41 60.91 5.15
C GLU A 44 15.48 59.70 5.22
N ALA A 45 15.27 59.01 4.09
CA ALA A 45 14.44 57.82 4.11
C ALA A 45 15.14 56.66 4.82
N VAL A 46 16.46 56.58 4.71
CA VAL A 46 17.22 55.59 5.48
C VAL A 46 17.12 55.88 6.98
N ASN A 47 17.19 57.16 7.36
CA ASN A 47 17.09 57.54 8.77
C ASN A 47 15.68 57.30 9.32
N GLN A 48 14.65 57.54 8.50
CA GLN A 48 13.27 57.32 8.91
C GLN A 48 12.81 55.88 8.72
N ALA A 49 13.66 55.02 8.15
CA ALA A 49 13.28 53.61 8.01
C ALA A 49 13.26 52.89 9.36
N ASN A 50 14.11 53.31 10.30
CA ASN A 50 14.16 52.72 11.63
C ASN A 50 13.24 53.44 12.62
N LYS A 51 12.29 54.22 12.13
CA LYS A 51 11.43 55.01 13.02
C LYS A 51 10.37 54.14 13.68
N ARG A 52 9.56 53.46 12.87
CA ARG A 52 8.44 52.68 13.36
C ARG A 52 8.80 51.25 13.74
N HIS A 53 10.06 50.85 13.57
CA HIS A 53 10.49 49.50 13.87
C HIS A 53 11.01 49.34 15.30
N GLY A 54 10.59 50.21 16.23
CA GLY A 54 10.94 50.06 17.62
C GLY A 54 12.37 50.48 17.93
N SER A 55 12.83 50.05 19.10
CA SER A 55 14.16 50.37 19.61
C SER A 55 15.15 49.23 19.40
N TRP A 56 15.03 48.51 18.29
CA TRP A 56 15.95 47.42 18.00
C TRP A 56 17.32 47.98 17.61
N LYS A 57 18.37 47.21 17.89
CA LYS A 57 19.75 47.67 17.77
C LYS A 57 20.29 47.60 16.34
N ILE A 58 19.43 47.44 15.32
CA ILE A 58 19.91 47.43 13.95
C ILE A 58 20.24 48.85 13.52
N GLN A 59 21.27 48.99 12.67
CA GLN A 59 21.65 50.26 12.11
C GLN A 59 21.63 50.17 10.59
N LEU A 60 21.33 51.29 9.94
CA LEU A 60 21.24 51.36 8.49
C LEU A 60 22.14 52.49 8.00
N ASN A 61 23.20 52.14 7.29
CA ASN A 61 24.11 53.14 6.74
C ASN A 61 23.96 53.13 5.21
N ALA A 62 24.18 54.29 4.60
CA ALA A 62 24.01 54.46 3.17
C ALA A 62 25.29 55.02 2.56
N THR A 63 25.65 54.52 1.37
CA THR A 63 26.82 54.99 0.65
C THR A 63 26.45 55.19 -0.81
N SER A 64 26.59 56.43 -1.29
CA SER A 64 26.26 56.77 -2.67
C SER A 64 27.50 57.28 -3.39
N VAL A 65 27.58 56.95 -4.69
CA VAL A 65 28.72 57.33 -5.52
C VAL A 65 28.23 58.09 -6.75
N THR A 66 29.12 58.90 -7.34
CA THR A 66 28.71 59.76 -8.48
C THR A 66 28.92 59.04 -9.81
N HIS A 67 29.41 59.77 -10.84
CA HIS A 67 29.57 59.17 -12.19
C HIS A 67 30.80 59.71 -12.92
N LYS A 68 31.55 58.83 -13.58
CA LYS A 68 32.70 59.28 -14.42
C LYS A 68 32.27 59.10 -15.88
N PRO A 69 32.68 59.95 -16.84
CA PRO A 69 32.14 59.86 -18.22
C PRO A 69 32.37 58.52 -18.89
N ASN A 70 33.18 57.63 -18.34
CA ASN A 70 33.39 56.31 -18.91
C ASN A 70 32.44 55.30 -18.28
N ALA A 71 32.62 54.02 -18.59
CA ALA A 71 31.78 52.97 -18.03
C ALA A 71 32.55 51.78 -17.46
N ILE A 72 33.80 51.57 -17.88
CA ILE A 72 34.58 50.46 -17.33
C ILE A 72 35.14 50.83 -15.96
N GLN A 73 35.76 52.01 -15.86
CA GLN A 73 36.31 52.44 -14.58
C GLN A 73 35.23 52.86 -13.60
N MET A 74 34.06 53.27 -14.11
CA MET A 74 32.88 53.43 -13.26
C MET A 74 32.48 52.09 -12.64
N ALA A 75 32.44 51.03 -13.46
CA ALA A 75 32.12 49.70 -12.96
C ALA A 75 33.16 49.23 -11.94
N LEU A 76 34.43 49.55 -12.18
CA LEU A 76 35.50 49.19 -11.25
C LEU A 76 35.36 49.93 -9.93
N SER A 77 35.17 51.25 -9.98
CA SER A 77 35.06 52.04 -8.76
C SER A 77 33.85 51.62 -7.93
N VAL A 78 32.69 51.43 -8.59
CA VAL A 78 31.48 51.04 -7.88
C VAL A 78 31.60 49.63 -7.31
N CYS A 79 32.18 48.69 -8.08
CA CYS A 79 32.21 47.31 -7.62
C CYS A 79 33.19 47.13 -6.46
N GLU A 80 34.40 47.70 -6.55
CA GLU A 80 35.30 47.56 -5.40
C GLU A 80 34.89 48.42 -4.21
N ASP A 81 34.20 49.54 -4.43
CA ASP A 81 33.72 50.32 -3.29
C ASP A 81 32.55 49.63 -2.58
N LEU A 82 31.71 48.90 -3.32
CA LEU A 82 30.64 48.17 -2.65
C LEU A 82 31.09 46.83 -2.09
N ILE A 83 32.19 46.28 -2.60
CA ILE A 83 32.82 45.14 -1.93
C ILE A 83 33.46 45.59 -0.62
N SER A 84 34.19 46.71 -0.64
CA SER A 84 34.77 47.24 0.59
C SER A 84 33.72 47.77 1.56
N SER A 85 32.54 48.15 1.07
CA SER A 85 31.47 48.62 1.93
C SER A 85 30.61 47.48 2.46
N GLN A 86 30.56 46.35 1.74
CA GLN A 86 29.73 45.17 2.05
C GLN A 86 28.25 45.55 2.17
N VAL A 87 27.70 46.06 1.08
CA VAL A 87 26.30 46.49 1.04
C VAL A 87 25.41 45.30 0.74
N TYR A 88 24.10 45.46 0.98
CA TYR A 88 23.13 44.42 0.71
C TYR A 88 22.17 44.76 -0.42
N ALA A 89 21.99 46.04 -0.73
CA ALA A 89 21.11 46.48 -1.81
C ALA A 89 21.83 47.53 -2.64
N ILE A 90 21.80 47.37 -3.96
CA ILE A 90 22.50 48.25 -4.88
C ILE A 90 21.48 48.92 -5.78
N LEU A 91 21.53 50.24 -5.85
CA LEU A 91 20.51 51.03 -6.53
C LEU A 91 21.14 51.87 -7.64
N VAL A 92 20.50 51.90 -8.79
CA VAL A 92 20.88 52.77 -9.91
C VAL A 92 19.65 53.60 -10.27
N SER A 93 19.79 54.92 -10.20
CA SER A 93 18.66 55.83 -10.33
C SER A 93 19.00 56.98 -11.28
N HIS A 94 19.50 56.66 -12.47
CA HIS A 94 19.87 57.67 -13.46
C HIS A 94 19.09 57.47 -14.75
N PRO A 95 17.93 58.13 -14.92
CA PRO A 95 17.26 58.10 -16.21
C PRO A 95 17.91 59.00 -17.28
N PRO A 96 18.48 60.22 -16.96
CA PRO A 96 19.07 60.90 -18.15
C PRO A 96 20.53 60.54 -18.39
N THR A 97 20.77 59.30 -18.80
CA THR A 97 22.13 58.90 -19.16
C THR A 97 22.44 59.41 -20.56
N PRO A 98 23.66 59.88 -20.83
CA PRO A 98 23.99 60.32 -22.19
C PRO A 98 24.11 59.18 -23.19
N ASN A 99 24.55 58.00 -22.74
CA ASN A 99 24.57 56.84 -23.62
C ASN A 99 23.16 56.26 -23.74
N ASP A 100 22.78 55.91 -24.96
CA ASP A 100 21.46 55.36 -25.23
C ASP A 100 21.38 53.85 -25.04
N HIS A 101 22.43 53.24 -24.49
CA HIS A 101 22.41 51.81 -24.24
C HIS A 101 21.61 51.46 -22.99
N PHE A 102 21.65 52.32 -21.97
CA PHE A 102 20.94 52.17 -20.70
C PHE A 102 21.32 50.86 -20.00
N THR A 103 22.62 50.70 -19.75
CA THR A 103 23.18 49.45 -19.24
C THR A 103 23.86 49.67 -17.90
N PRO A 104 23.15 49.44 -16.78
CA PRO A 104 23.82 49.26 -15.48
C PRO A 104 24.28 47.83 -15.23
N THR A 105 24.40 47.05 -16.32
CA THR A 105 24.77 45.63 -16.25
C THR A 105 26.02 45.24 -15.46
N PRO A 106 27.20 45.90 -15.53
CA PRO A 106 28.38 45.28 -14.91
C PRO A 106 28.39 45.27 -13.39
N VAL A 107 27.75 46.25 -12.75
CA VAL A 107 27.64 46.24 -11.28
C VAL A 107 26.72 45.10 -10.85
N SER A 108 25.64 44.87 -11.59
CA SER A 108 24.76 43.75 -11.31
C SER A 108 25.46 42.42 -11.57
N TYR A 109 26.35 42.38 -12.56
CA TYR A 109 27.09 41.15 -12.84
C TYR A 109 28.12 40.87 -11.75
N THR A 110 28.77 41.91 -11.23
CA THR A 110 29.73 41.74 -10.15
C THR A 110 29.02 41.35 -8.85
N ALA A 111 27.81 41.86 -8.63
CA ALA A 111 27.05 41.41 -7.47
C ALA A 111 26.55 39.99 -7.65
N GLY A 112 26.22 39.61 -8.90
CA GLY A 112 25.85 38.24 -9.20
C GLY A 112 27.00 37.27 -9.14
N PHE A 113 28.24 37.78 -9.17
CA PHE A 113 29.39 36.94 -8.86
C PHE A 113 29.36 36.46 -7.41
N TYR A 114 28.76 37.24 -6.51
CA TYR A 114 28.54 36.80 -5.13
C TYR A 114 27.06 36.71 -4.79
N ARG A 115 26.16 36.79 -5.79
CA ARG A 115 24.71 36.61 -5.63
C ARG A 115 24.10 37.63 -4.67
N ILE A 116 24.23 38.91 -5.04
CA ILE A 116 23.73 40.02 -4.24
C ILE A 116 22.66 40.74 -5.06
N PRO A 117 21.47 40.95 -4.52
CA PRO A 117 20.37 41.55 -5.31
C PRO A 117 20.61 43.03 -5.59
N VAL A 118 20.63 43.38 -6.87
CA VAL A 118 20.66 44.76 -7.33
C VAL A 118 19.26 45.14 -7.77
N LEU A 119 18.73 46.23 -7.23
CA LEU A 119 17.38 46.68 -7.55
C LEU A 119 17.48 47.79 -8.60
N GLY A 120 17.27 47.41 -9.86
CA GLY A 120 17.21 48.40 -10.92
C GLY A 120 15.93 49.22 -10.85
N LEU A 121 16.04 50.50 -11.20
CA LEU A 121 14.96 51.44 -10.98
C LEU A 121 14.56 52.24 -12.21
N THR A 122 15.38 52.29 -13.26
CA THR A 122 15.15 53.19 -14.37
C THR A 122 14.77 52.47 -15.66
N THR A 123 15.60 51.55 -16.13
CA THR A 123 15.37 50.96 -17.44
C THR A 123 14.35 49.83 -17.36
N ARG A 124 13.81 49.46 -18.53
CA ARG A 124 12.80 48.42 -18.63
C ARG A 124 13.15 47.41 -19.71
N MET A 125 14.43 47.11 -19.86
CA MET A 125 14.87 46.19 -20.90
C MET A 125 14.54 44.75 -20.53
N SER A 126 14.11 43.98 -21.53
CA SER A 126 13.73 42.59 -21.32
C SER A 126 14.93 41.67 -21.13
N ILE A 127 16.14 42.13 -21.46
CA ILE A 127 17.34 41.32 -21.25
C ILE A 127 17.64 41.16 -19.77
N TYR A 128 17.15 42.08 -18.92
CA TYR A 128 17.23 41.90 -17.48
C TYR A 128 16.19 40.92 -16.97
N SER A 129 15.21 40.56 -17.79
CA SER A 129 14.17 39.62 -17.38
C SER A 129 14.70 38.19 -17.24
N ASP A 130 15.82 37.88 -17.90
CA ASP A 130 16.40 36.54 -17.83
C ASP A 130 17.07 36.35 -16.48
N LYS A 131 16.48 35.49 -15.63
CA LYS A 131 17.11 35.19 -14.35
C LYS A 131 18.28 34.23 -14.49
N SER A 132 18.41 33.55 -15.64
CA SER A 132 19.58 32.72 -15.88
C SER A 132 20.82 33.57 -16.10
N ILE A 133 20.69 34.65 -16.87
CA ILE A 133 21.80 35.57 -17.05
C ILE A 133 21.95 36.49 -15.85
N HIS A 134 20.88 37.18 -15.49
CA HIS A 134 20.88 38.06 -14.32
C HIS A 134 20.43 37.25 -13.11
N LEU A 135 21.40 36.62 -12.43
CA LEU A 135 21.10 35.69 -11.36
C LEU A 135 20.57 36.40 -10.12
N SER A 136 21.03 37.61 -9.83
CA SER A 136 20.66 38.36 -8.65
C SER A 136 20.31 39.79 -9.00
N PHE A 137 19.43 39.96 -9.98
CA PHE A 137 18.91 41.28 -10.34
C PHE A 137 17.41 41.29 -10.16
N LEU A 138 16.91 42.29 -9.44
CA LEU A 138 15.48 42.52 -9.31
C LEU A 138 15.18 43.95 -9.74
N ARG A 139 13.91 44.22 -10.00
CA ARG A 139 13.51 45.56 -10.42
C ARG A 139 12.05 45.76 -10.06
N THR A 140 11.70 47.02 -9.82
CA THR A 140 10.33 47.42 -9.51
C THR A 140 9.61 48.03 -10.70
N VAL A 141 10.03 47.71 -11.91
CA VAL A 141 9.36 48.14 -13.14
C VAL A 141 9.16 46.93 -14.05
N PRO A 142 8.08 46.88 -14.82
CA PRO A 142 7.92 45.79 -15.78
C PRO A 142 8.59 46.12 -17.10
N PRO A 143 8.87 45.12 -17.93
CA PRO A 143 9.33 45.42 -19.30
C PRO A 143 8.17 45.90 -20.17
N TYR A 144 8.52 46.32 -21.39
CA TYR A 144 7.54 46.91 -22.29
C TYR A 144 6.59 45.88 -22.89
N SER A 145 6.92 44.59 -22.82
CA SER A 145 6.06 43.54 -23.37
C SER A 145 4.73 43.45 -22.62
N HIS A 146 4.73 43.79 -21.34
CA HIS A 146 3.48 43.89 -20.57
C HIS A 146 2.58 44.98 -21.11
N GLN A 147 3.15 46.02 -21.73
CA GLN A 147 2.36 47.01 -22.46
C GLN A 147 1.58 46.35 -23.59
N SER A 148 2.19 45.39 -24.28
CA SER A 148 1.47 44.59 -25.26
C SER A 148 0.38 43.76 -24.59
N SER A 149 0.59 43.36 -23.34
CA SER A 149 -0.46 42.74 -22.54
C SER A 149 -1.63 43.70 -22.35
N VAL A 150 -1.31 44.99 -22.11
CA VAL A 150 -2.33 46.03 -22.11
C VAL A 150 -2.96 46.13 -23.49
N TRP A 151 -2.15 45.97 -24.53
CA TRP A 151 -2.69 45.93 -25.88
C TRP A 151 -3.47 44.65 -26.11
N PHE A 152 -3.12 43.57 -25.41
CA PHE A 152 -3.98 42.40 -25.36
C PHE A 152 -5.29 42.72 -24.65
N GLU A 153 -5.24 43.61 -23.64
CA GLU A 153 -6.46 44.14 -23.07
C GLU A 153 -7.21 45.03 -24.05
N MET A 154 -6.51 45.59 -25.04
CA MET A 154 -7.20 46.27 -26.13
C MET A 154 -7.93 45.27 -27.01
N MET A 155 -7.46 44.02 -27.05
CA MET A 155 -8.15 42.97 -27.79
C MET A 155 -9.39 42.48 -27.07
N ARG A 156 -9.49 42.71 -25.75
CA ARG A 156 -10.63 42.29 -24.97
C ARG A 156 -11.75 43.32 -24.94
N VAL A 157 -11.53 44.53 -25.47
CA VAL A 157 -12.51 45.60 -25.40
C VAL A 157 -13.18 45.77 -26.75
N TYR A 158 -12.37 45.99 -27.79
CA TYR A 158 -12.88 46.36 -29.11
C TYR A 158 -13.08 45.16 -30.03
N ASN A 159 -12.90 43.93 -29.51
CA ASN A 159 -13.14 42.67 -30.21
C ASN A 159 -12.30 42.55 -31.49
N TRP A 160 -11.00 42.54 -31.31
CA TRP A 160 -10.04 42.45 -32.40
C TRP A 160 -9.29 41.13 -32.30
N ASN A 161 -9.05 40.49 -33.45
CA ASN A 161 -8.48 39.15 -33.48
C ASN A 161 -7.30 39.00 -34.41
N HIS A 162 -6.87 40.06 -35.09
CA HIS A 162 -5.76 39.97 -36.04
C HIS A 162 -4.88 41.20 -35.87
N ILE A 163 -3.60 40.98 -35.59
CA ILE A 163 -2.66 42.04 -35.30
C ILE A 163 -1.51 41.98 -36.29
N ILE A 164 -0.74 43.07 -36.34
CA ILE A 164 0.42 43.20 -37.22
C ILE A 164 1.60 43.65 -36.35
N LEU A 165 2.54 42.74 -36.12
CA LEU A 165 3.69 43.00 -35.25
C LEU A 165 4.88 43.52 -36.06
N LEU A 166 5.61 44.46 -35.48
CA LEU A 166 6.81 45.01 -36.11
C LEU A 166 7.80 45.35 -34.99
N VAL A 167 8.85 44.54 -34.87
CA VAL A 167 9.88 44.73 -33.85
C VAL A 167 11.23 44.82 -34.54
N SER A 168 11.96 45.91 -34.27
CA SER A 168 13.32 46.04 -34.77
C SER A 168 14.36 45.55 -33.77
N ASP A 169 14.10 45.73 -32.48
CA ASP A 169 15.05 45.39 -31.43
C ASP A 169 15.10 43.87 -31.27
N ASP A 170 16.21 43.27 -31.71
CA ASP A 170 16.37 41.83 -31.62
C ASP A 170 16.72 41.36 -30.21
N HIS A 171 17.12 42.27 -29.33
CA HIS A 171 17.44 41.89 -27.96
C HIS A 171 16.18 41.53 -27.19
N GLU A 172 15.07 42.21 -27.48
CA GLU A 172 13.80 41.96 -26.81
C GLU A 172 12.73 41.40 -27.75
N GLY A 173 13.07 41.19 -29.02
CA GLY A 173 12.06 40.78 -29.99
C GLY A 173 11.58 39.35 -29.79
N ARG A 174 12.51 38.44 -29.45
CA ARG A 174 12.14 37.06 -29.19
C ARG A 174 11.30 36.95 -27.92
N ALA A 175 11.64 37.73 -26.89
CA ALA A 175 10.85 37.72 -25.66
C ALA A 175 9.49 38.35 -25.87
N ALA A 176 9.40 39.38 -26.71
CA ALA A 176 8.11 40.00 -27.01
C ALA A 176 7.21 39.06 -27.81
N GLN A 177 7.80 38.35 -28.79
CA GLN A 177 7.03 37.38 -29.56
C GLN A 177 6.62 36.19 -28.71
N LYS A 178 7.47 35.79 -27.75
CA LYS A 178 7.13 34.71 -26.83
C LYS A 178 5.98 35.10 -25.91
N ARG A 179 6.02 36.33 -25.37
CA ARG A 179 4.93 36.83 -24.54
C ARG A 179 3.65 36.99 -25.36
N LEU A 180 3.78 37.38 -26.62
CA LEU A 180 2.62 37.51 -27.49
C LEU A 180 1.98 36.16 -27.78
N GLU A 181 2.80 35.14 -28.04
CA GLU A 181 2.26 33.79 -28.24
C GLU A 181 1.66 33.22 -26.96
N THR A 182 2.24 33.57 -25.81
CA THR A 182 1.67 33.15 -24.52
C THR A 182 0.31 33.79 -24.28
N LEU A 183 0.16 35.05 -24.68
CA LEU A 183 -1.13 35.73 -24.53
C LEU A 183 -2.16 35.21 -25.54
N LEU A 184 -1.72 34.91 -26.76
CA LEU A 184 -2.62 34.39 -27.78
C LEU A 184 -2.91 32.90 -27.63
N GLU A 185 -2.21 32.21 -26.72
CA GLU A 185 -2.51 30.81 -26.45
C GLU A 185 -3.88 30.64 -25.79
N GLU A 186 -4.36 31.66 -25.08
CA GLU A 186 -5.68 31.58 -24.45
C GLU A 186 -6.80 31.57 -25.49
N ARG A 187 -6.67 32.40 -26.53
CA ARG A 187 -7.63 32.41 -27.62
C ARG A 187 -7.29 31.37 -28.68
N GLU A 188 -6.06 30.81 -28.65
CA GLU A 188 -5.52 29.90 -29.66
C GLU A 188 -5.58 30.51 -31.06
N SER A 189 -5.24 31.78 -31.15
CA SER A 189 -5.12 32.50 -32.41
C SER A 189 -3.66 32.84 -32.67
N LYS A 190 -3.38 33.26 -33.91
CA LYS A 190 -2.02 33.59 -34.32
C LYS A 190 -2.00 34.97 -34.96
N ALA A 191 -0.84 35.61 -34.89
CA ALA A 191 -0.64 36.90 -35.54
C ALA A 191 -0.57 36.71 -37.06
N GLU A 192 -0.98 37.76 -37.78
CA GLU A 192 -1.02 37.66 -39.23
C GLU A 192 0.38 37.80 -39.84
N LYS A 193 1.20 38.70 -39.30
CA LYS A 193 2.53 38.92 -39.84
C LYS A 193 3.43 39.47 -38.74
N VAL A 194 4.60 38.85 -38.56
CA VAL A 194 5.60 39.31 -37.62
C VAL A 194 6.89 39.61 -38.39
N LEU A 195 7.63 40.60 -37.92
CA LEU A 195 8.83 41.07 -38.61
C LEU A 195 9.93 41.39 -37.61
N GLN A 196 11.12 40.86 -37.86
CA GLN A 196 12.32 41.18 -37.10
C GLN A 196 13.47 41.42 -38.08
N PHE A 197 14.19 42.53 -37.90
CA PHE A 197 15.24 42.92 -38.83
C PHE A 197 16.25 43.79 -38.10
N ASP A 198 17.20 44.32 -38.87
CA ASP A 198 18.32 45.09 -38.33
C ASP A 198 17.92 46.55 -38.17
N PRO A 199 18.03 47.13 -36.97
CA PRO A 199 17.76 48.56 -36.81
C PRO A 199 18.79 49.42 -37.53
N GLY A 200 18.35 50.61 -37.93
CA GLY A 200 19.18 51.58 -38.61
C GLY A 200 18.89 51.73 -40.09
N THR A 201 18.11 50.83 -40.67
CA THR A 201 17.80 50.90 -42.10
C THR A 201 16.64 51.85 -42.36
N LYS A 202 16.37 52.08 -43.65
CA LYS A 202 15.29 52.96 -44.08
C LYS A 202 14.26 52.30 -44.99
N ASN A 203 14.66 51.39 -45.89
CA ASN A 203 13.69 50.61 -46.66
C ASN A 203 13.03 49.55 -45.79
N VAL A 204 11.87 49.92 -45.27
CA VAL A 204 10.91 48.98 -44.70
C VAL A 204 9.58 49.23 -45.40
N THR A 205 9.64 50.03 -46.48
CA THR A 205 8.42 50.48 -47.16
C THR A 205 7.76 49.35 -47.95
N ALA A 206 8.55 48.42 -48.49
CA ALA A 206 7.97 47.27 -49.17
C ALA A 206 7.25 46.36 -48.19
N LEU A 207 7.77 46.26 -46.96
CA LEU A 207 7.09 45.49 -45.93
C LEU A 207 5.81 46.19 -45.49
N LEU A 208 5.80 47.53 -45.50
CA LEU A 208 4.58 48.26 -45.19
C LEU A 208 3.55 48.13 -46.31
N MET A 209 3.99 48.01 -47.56
CA MET A 209 3.04 47.78 -48.65
C MET A 209 2.52 46.35 -48.63
N GLU A 210 3.33 45.39 -48.18
CA GLU A 210 2.81 44.04 -47.96
C GLU A 210 1.84 44.00 -46.79
N ALA A 211 2.08 44.84 -45.77
CA ALA A 211 1.12 44.96 -44.68
C ALA A 211 -0.16 45.68 -45.11
N ARG A 212 -0.06 46.52 -46.15
CA ARG A 212 -1.25 47.16 -46.70
C ARG A 212 -2.16 46.13 -47.35
N GLU A 213 -1.57 45.12 -48.01
CA GLU A 213 -2.36 44.08 -48.66
C GLU A 213 -2.99 43.11 -47.68
N LEU A 214 -2.60 43.14 -46.41
CA LEU A 214 -3.18 42.27 -45.40
C LEU A 214 -4.57 42.78 -45.02
N GLU A 215 -5.32 41.92 -44.32
CA GLU A 215 -6.69 42.27 -43.94
C GLU A 215 -6.72 43.19 -42.74
N ALA A 216 -5.88 42.93 -41.73
CA ALA A 216 -5.89 43.72 -40.52
C ALA A 216 -5.17 45.05 -40.72
N ARG A 217 -5.39 45.97 -39.78
CA ARG A 217 -4.72 47.26 -39.77
C ARG A 217 -4.04 47.54 -38.44
N VAL A 218 -3.96 46.55 -37.55
CA VAL A 218 -3.40 46.75 -36.21
C VAL A 218 -1.89 46.86 -36.33
N ILE A 219 -1.35 48.02 -35.99
CA ILE A 219 0.07 48.29 -36.07
C ILE A 219 0.63 48.24 -34.65
N ILE A 220 1.46 47.25 -34.37
CA ILE A 220 2.17 47.14 -33.10
C ILE A 220 3.64 47.34 -33.40
N LEU A 221 4.26 48.30 -32.72
CA LEU A 221 5.64 48.69 -33.00
C LEU A 221 6.47 48.60 -31.73
N SER A 222 7.66 48.00 -31.85
CA SER A 222 8.59 47.91 -30.72
C SER A 222 9.99 48.16 -31.26
N ALA A 223 10.46 49.40 -31.13
CA ALA A 223 11.78 49.79 -31.62
C ALA A 223 12.26 51.00 -30.83
N SER A 224 13.37 51.59 -31.26
CA SER A 224 13.91 52.80 -30.66
C SER A 224 13.27 54.01 -31.32
N GLU A 225 13.81 55.21 -31.05
CA GLU A 225 13.24 56.43 -31.62
C GLU A 225 13.57 56.60 -33.09
N ASP A 226 14.74 56.14 -33.53
CA ASP A 226 15.16 56.34 -34.91
C ASP A 226 14.32 55.49 -35.87
N ASP A 227 14.13 54.21 -35.53
CA ASP A 227 13.30 53.34 -36.37
C ASP A 227 11.83 53.75 -36.32
N ALA A 228 11.37 54.28 -35.19
CA ALA A 228 10.00 54.76 -35.09
C ALA A 228 9.79 55.99 -35.97
N ALA A 229 10.74 56.93 -35.97
CA ALA A 229 10.64 58.09 -36.85
C ALA A 229 10.77 57.68 -38.31
N THR A 230 11.58 56.65 -38.59
CA THR A 230 11.73 56.15 -39.95
C THR A 230 10.43 55.54 -40.47
N VAL A 231 9.77 54.71 -39.64
CA VAL A 231 8.51 54.12 -40.10
C VAL A 231 7.37 55.14 -40.08
N TYR A 232 7.44 56.18 -39.24
CA TYR A 232 6.46 57.26 -39.32
C TYR A 232 6.59 58.03 -40.62
N ARG A 233 7.83 58.34 -41.02
CA ARG A 233 8.06 59.02 -42.29
C ARG A 233 7.71 58.15 -43.48
N ALA A 234 7.94 56.83 -43.35
CA ALA A 234 7.59 55.91 -44.43
C ALA A 234 6.09 55.73 -44.56
N ALA A 235 5.35 55.75 -43.44
CA ALA A 235 3.90 55.72 -43.52
C ALA A 235 3.32 57.05 -43.97
N ALA A 236 4.01 58.17 -43.68
CA ALA A 236 3.55 59.46 -44.15
C ALA A 236 3.78 59.64 -45.65
N MET A 237 4.86 59.05 -46.18
CA MET A 237 5.07 59.10 -47.62
C MET A 237 4.10 58.18 -48.36
N LEU A 238 3.72 57.07 -47.75
CA LEU A 238 2.72 56.17 -48.33
C LEU A 238 1.29 56.59 -47.99
N ASN A 239 1.13 57.61 -47.12
CA ASN A 239 -0.17 58.10 -46.65
C ASN A 239 -1.03 56.98 -46.06
N MET A 240 -0.55 56.41 -44.95
CA MET A 240 -1.21 55.30 -44.28
C MET A 240 -2.06 55.80 -43.11
N THR A 241 -2.39 57.09 -43.10
CA THR A 241 -3.16 57.69 -42.02
C THR A 241 -4.61 57.93 -42.43
N GLY A 242 -5.16 57.03 -43.24
CA GLY A 242 -6.54 57.13 -43.67
C GLY A 242 -7.51 56.52 -42.68
N SER A 243 -8.65 56.09 -43.19
CA SER A 243 -9.68 55.50 -42.36
C SER A 243 -9.44 54.00 -42.20
N GLY A 244 -9.72 53.48 -41.01
CA GLY A 244 -9.56 52.08 -40.71
C GLY A 244 -8.21 51.68 -40.15
N TYR A 245 -7.19 52.52 -40.31
CA TYR A 245 -5.86 52.19 -39.84
C TYR A 245 -5.78 52.31 -38.32
N VAL A 246 -5.20 51.30 -37.68
CA VAL A 246 -5.06 51.27 -36.23
C VAL A 246 -3.63 51.69 -35.88
N TRP A 247 -3.50 52.72 -35.07
CA TRP A 247 -2.21 53.25 -34.64
C TRP A 247 -2.11 53.13 -33.13
N LEU A 248 -1.10 52.40 -32.65
CA LEU A 248 -1.00 52.10 -31.23
C LEU A 248 0.47 51.83 -30.90
N VAL A 249 1.12 52.82 -30.28
CA VAL A 249 2.54 52.75 -29.93
C VAL A 249 2.70 53.08 -28.45
N GLY A 250 3.95 53.12 -27.99
CA GLY A 250 4.27 53.37 -26.61
C GLY A 250 4.96 54.70 -26.39
N GLU A 251 5.56 54.83 -25.21
CA GLU A 251 6.20 56.08 -24.79
C GLU A 251 7.55 56.30 -25.46
N ARG A 252 8.25 55.22 -25.85
CA ARG A 252 9.53 55.38 -26.52
C ARG A 252 9.37 55.88 -27.95
N GLU A 253 8.23 55.62 -28.56
CA GLU A 253 8.01 55.96 -29.97
C GLU A 253 7.38 57.33 -30.15
N ILE A 254 7.19 58.10 -29.07
CA ILE A 254 6.58 59.42 -29.16
C ILE A 254 7.53 60.47 -28.61
N SER A 255 8.84 60.22 -28.73
CA SER A 255 9.85 61.14 -28.23
C SER A 255 10.86 61.45 -29.34
N GLY A 256 11.50 62.61 -29.21
CA GLY A 256 12.50 63.03 -30.17
C GLY A 256 11.91 63.44 -31.50
N ASN A 257 12.56 63.05 -32.60
CA ASN A 257 12.03 63.35 -33.92
C ASN A 257 10.82 62.48 -34.28
N ALA A 258 10.62 61.38 -33.56
CA ALA A 258 9.40 60.58 -33.73
C ALA A 258 8.17 61.34 -33.24
N LEU A 259 8.34 62.21 -32.23
CA LEU A 259 7.25 63.09 -31.83
C LEU A 259 6.98 64.15 -32.90
N ARG A 260 8.03 64.60 -33.59
CA ARG A 260 7.84 65.54 -34.69
C ARG A 260 7.18 64.87 -35.88
N TYR A 261 7.53 63.60 -36.12
CA TYR A 261 6.96 62.83 -37.22
C TYR A 261 5.70 62.07 -36.82
N ALA A 262 5.12 62.38 -35.66
CA ALA A 262 3.97 61.64 -35.16
C ALA A 262 2.70 62.10 -35.87
N PRO A 263 1.94 61.19 -36.47
CA PRO A 263 0.63 61.57 -37.00
C PRO A 263 -0.37 61.75 -35.87
N ASP A 264 -1.30 62.68 -36.06
CA ASP A 264 -2.29 63.00 -35.04
C ASP A 264 -3.32 61.88 -34.91
N GLY A 265 -4.00 61.86 -33.77
CA GLY A 265 -4.97 60.83 -33.49
C GLY A 265 -4.38 59.50 -33.06
N ILE A 266 -3.07 59.44 -32.81
CA ILE A 266 -2.41 58.20 -32.44
C ILE A 266 -2.65 57.94 -30.95
N ILE A 267 -2.78 56.67 -30.59
CA ILE A 267 -3.06 56.26 -29.22
C ILE A 267 -1.78 55.74 -28.60
N GLY A 268 -1.28 56.43 -27.56
CA GLY A 268 -0.05 56.08 -26.90
C GLY A 268 -0.26 55.77 -25.43
N LEU A 269 0.80 55.30 -24.79
CA LEU A 269 0.78 54.93 -23.39
C LEU A 269 1.66 55.88 -22.57
N GLN A 270 1.37 55.93 -21.27
CA GLN A 270 2.14 56.76 -20.34
C GLN A 270 2.28 56.01 -19.02
N LEU A 271 3.51 55.98 -18.51
CA LEU A 271 3.82 55.35 -17.24
C LEU A 271 3.54 56.34 -16.12
N ILE A 272 2.57 56.00 -15.25
CA ILE A 272 2.25 56.87 -14.12
C ILE A 272 3.37 56.75 -13.08
N ASN A 273 3.99 57.88 -12.77
CA ASN A 273 5.12 58.01 -11.83
C ASN A 273 6.30 57.12 -12.23
N GLY A 274 6.51 56.98 -13.53
CA GLY A 274 7.67 56.27 -14.05
C GLY A 274 8.87 57.17 -14.10
N LYS A 275 8.62 58.46 -14.37
CA LYS A 275 9.67 59.46 -14.37
C LYS A 275 9.83 60.17 -13.02
N ASN A 276 8.92 59.93 -12.08
CA ASN A 276 8.95 60.63 -10.79
C ASN A 276 9.97 59.91 -9.91
N GLU A 277 11.12 60.55 -9.75
CA GLU A 277 12.29 59.86 -9.20
C GLU A 277 12.22 59.76 -7.69
N SER A 278 11.75 60.81 -7.01
CA SER A 278 11.85 60.88 -5.55
C SER A 278 10.94 59.88 -4.86
N ALA A 279 9.67 59.79 -5.30
CA ALA A 279 8.76 58.81 -4.75
C ALA A 279 9.16 57.39 -5.09
N HIS A 280 9.78 57.19 -6.26
CA HIS A 280 10.27 55.86 -6.63
C HIS A 280 11.43 55.43 -5.73
N ILE A 281 12.33 56.37 -5.41
CA ILE A 281 13.43 56.09 -4.48
C ILE A 281 12.89 55.83 -3.08
N SER A 282 11.88 56.60 -2.65
CA SER A 282 11.30 56.40 -1.32
C SER A 282 10.60 55.05 -1.20
N ASP A 283 9.87 54.65 -2.25
CA ASP A 283 9.23 53.35 -2.25
C ASP A 283 10.25 52.22 -2.30
N ALA A 284 11.37 52.43 -3.01
CA ALA A 284 12.43 51.43 -3.04
C ALA A 284 13.09 51.28 -1.67
N VAL A 285 13.29 52.39 -0.96
CA VAL A 285 13.86 52.35 0.39
C VAL A 285 12.89 51.64 1.34
N GLY A 286 11.59 51.88 1.18
CA GLY A 286 10.61 51.19 2.01
C GLY A 286 10.56 49.69 1.75
N VAL A 287 10.68 49.29 0.48
CA VAL A 287 10.70 47.87 0.12
C VAL A 287 11.95 47.20 0.68
N VAL A 288 13.11 47.82 0.51
CA VAL A 288 14.36 47.26 0.99
C VAL A 288 14.38 47.19 2.52
N ALA A 289 13.85 48.22 3.19
CA ALA A 289 13.85 48.26 4.64
C ALA A 289 12.92 47.22 5.24
N GLN A 290 11.73 47.04 4.66
CA GLN A 290 10.82 46.02 5.19
C GLN A 290 11.32 44.62 4.83
N ALA A 291 12.03 44.47 3.71
CA ALA A 291 12.64 43.18 3.40
C ALA A 291 13.76 42.84 4.37
N VAL A 292 14.56 43.84 4.76
CA VAL A 292 15.63 43.61 5.73
C VAL A 292 15.05 43.29 7.11
N HIS A 293 14.03 44.03 7.54
CA HIS A 293 13.39 43.73 8.81
C HIS A 293 12.61 42.42 8.79
N GLU A 294 12.22 41.92 7.62
CA GLU A 294 11.67 40.57 7.54
C GLU A 294 12.78 39.53 7.60
N LEU A 295 13.94 39.82 6.99
CA LEU A 295 15.05 38.87 6.99
C LEU A 295 15.72 38.77 8.35
N LEU A 296 15.62 39.82 9.17
CA LEU A 296 16.22 39.78 10.50
C LEU A 296 15.49 38.83 11.46
N GLU A 297 14.30 38.36 11.11
CA GLU A 297 13.57 37.40 11.91
C GLU A 297 14.02 35.96 11.71
N LYS A 298 15.08 35.72 10.94
CA LYS A 298 15.55 34.39 10.63
C LYS A 298 16.98 34.17 11.10
N GLU A 299 17.40 32.92 11.09
CA GLU A 299 18.74 32.47 11.43
C GLU A 299 19.46 32.14 10.12
N ASN A 300 20.71 31.66 10.22
CA ASN A 300 21.65 31.46 9.10
C ASN A 300 21.84 32.76 8.31
N ILE A 301 22.24 33.79 9.04
CA ILE A 301 22.44 35.12 8.47
C ILE A 301 23.92 35.24 8.14
N THR A 302 24.28 34.99 6.89
CA THR A 302 25.65 35.10 6.44
C THR A 302 25.93 36.51 5.92
N ASP A 303 27.22 36.82 5.78
CA ASP A 303 27.65 38.12 5.30
C ASP A 303 28.63 37.95 4.15
N PRO A 304 28.52 38.75 3.10
CA PRO A 304 29.52 38.73 2.02
C PRO A 304 30.85 39.27 2.51
N PRO A 305 31.92 38.48 2.40
CA PRO A 305 33.22 38.93 2.93
C PRO A 305 33.92 39.91 2.00
N ARG A 306 35.17 40.25 2.35
CA ARG A 306 35.98 41.15 1.53
C ARG A 306 36.44 40.41 0.27
N GLY A 307 35.58 40.37 -0.74
CA GLY A 307 35.82 39.60 -1.94
C GLY A 307 36.78 40.19 -2.94
N CYS A 308 37.39 41.33 -2.64
CA CYS A 308 38.31 41.95 -3.59
C CYS A 308 39.71 41.35 -3.53
N VAL A 309 40.16 40.96 -2.34
CA VAL A 309 41.52 40.44 -2.13
C VAL A 309 41.38 39.04 -1.54
N GLY A 310 41.67 38.02 -2.36
CA GLY A 310 41.82 36.67 -1.88
C GLY A 310 40.57 35.98 -1.39
N ASN A 311 39.40 36.40 -1.87
CA ASN A 311 38.13 35.78 -1.45
C ASN A 311 37.26 35.60 -2.69
N THR A 312 37.20 34.38 -3.20
CA THR A 312 36.32 34.04 -4.32
C THR A 312 35.20 33.10 -3.91
N ASN A 313 35.04 32.86 -2.61
CA ASN A 313 33.96 32.01 -2.13
C ASN A 313 32.63 32.75 -2.23
N ILE A 314 31.59 32.04 -2.67
CA ILE A 314 30.30 32.67 -2.89
C ILE A 314 29.58 32.89 -1.56
N TRP A 315 28.61 33.80 -1.59
CA TRP A 315 27.77 34.06 -0.42
C TRP A 315 26.70 32.97 -0.34
N LYS A 316 26.70 32.23 0.77
CA LYS A 316 26.00 30.95 0.82
C LYS A 316 24.49 31.10 0.87
N THR A 317 23.98 32.21 1.38
CA THR A 317 22.54 32.47 1.46
C THR A 317 22.07 33.37 0.32
N GLY A 318 22.66 33.21 -0.85
CA GLY A 318 22.25 33.93 -2.04
C GLY A 318 20.83 33.62 -2.49
N PRO A 319 20.58 32.37 -2.90
CA PRO A 319 19.20 31.98 -3.23
C PRO A 319 18.24 32.01 -2.05
N LEU A 320 18.72 31.89 -0.81
CA LEU A 320 17.85 32.02 0.35
C LEU A 320 17.32 33.45 0.49
N PHE A 321 18.22 34.43 0.41
CA PHE A 321 17.80 35.83 0.46
C PHE A 321 17.01 36.22 -0.79
N LYS A 322 17.32 35.58 -1.93
CA LYS A 322 16.52 35.77 -3.13
C LYS A 322 15.10 35.25 -2.94
N ARG A 323 14.94 34.11 -2.26
CA ARG A 323 13.61 33.58 -1.98
C ARG A 323 12.88 34.44 -0.96
N VAL A 324 13.62 35.07 -0.03
CA VAL A 324 13.03 36.08 0.85
C VAL A 324 12.49 37.25 0.03
N LEU A 325 13.24 37.66 -1.00
CA LEU A 325 12.75 38.69 -1.90
C LEU A 325 11.61 38.21 -2.80
N MET A 326 11.50 36.90 -3.03
CA MET A 326 10.39 36.37 -3.82
C MET A 326 9.06 36.48 -3.07
N SER A 327 9.09 36.36 -1.75
CA SER A 327 7.88 36.42 -0.92
C SER A 327 7.64 37.82 -0.36
N SER A 328 8.03 38.86 -1.08
CA SER A 328 7.89 40.23 -0.61
C SER A 328 6.44 40.68 -0.78
N LYS A 329 5.71 40.76 0.33
CA LYS A 329 4.32 41.20 0.33
C LYS A 329 4.22 42.56 1.01
N TYR A 330 3.51 43.49 0.36
CA TYR A 330 3.42 44.85 0.84
C TYR A 330 1.98 45.35 0.77
N ALA A 331 1.68 46.37 1.58
CA ALA A 331 0.36 46.99 1.58
C ALA A 331 0.44 48.50 1.73
N ASP A 332 1.64 49.09 1.71
CA ASP A 332 1.81 50.52 1.89
C ASP A 332 2.76 51.03 0.84
N GLY A 333 2.60 52.29 0.48
CA GLY A 333 3.44 52.92 -0.53
C GLY A 333 2.81 54.20 -1.02
N VAL A 334 3.54 54.85 -1.94
CA VAL A 334 3.04 56.10 -2.50
C VAL A 334 2.03 55.83 -3.60
N THR A 335 2.31 54.85 -4.47
CA THR A 335 1.46 54.62 -5.62
C THR A 335 0.51 53.45 -5.42
N GLY A 336 1.04 52.26 -5.16
CA GLY A 336 0.23 51.07 -5.05
C GLY A 336 0.99 49.91 -4.45
N ARG A 337 0.37 48.74 -4.52
CA ARG A 337 0.95 47.53 -3.96
C ARG A 337 2.09 47.02 -4.83
N VAL A 338 3.16 46.58 -4.17
CA VAL A 338 4.36 46.07 -4.84
C VAL A 338 4.60 44.64 -4.36
N GLU A 339 4.91 43.76 -5.32
CA GLU A 339 5.17 42.35 -5.04
C GLU A 339 5.97 41.77 -6.20
N PHE A 340 6.90 40.86 -5.89
CA PHE A 340 7.71 40.23 -6.92
C PHE A 340 7.13 38.89 -7.33
N ASN A 341 6.99 38.69 -8.64
CA ASN A 341 6.43 37.48 -9.21
C ASN A 341 7.54 36.50 -9.55
N GLU A 342 7.19 35.48 -10.35
CA GLU A 342 8.17 34.53 -10.87
C GLU A 342 9.20 35.18 -11.81
N ASP A 343 8.90 36.37 -12.34
CA ASP A 343 9.85 37.11 -13.16
C ASP A 343 10.48 38.28 -12.42
N GLY A 344 9.99 38.61 -11.22
CA GLY A 344 10.56 39.69 -10.44
C GLY A 344 10.21 41.08 -10.91
N ASP A 345 8.96 41.31 -11.28
CA ASP A 345 8.51 42.59 -11.82
C ASP A 345 7.42 43.18 -10.94
N ARG A 346 7.01 44.40 -11.29
CA ARG A 346 5.97 45.13 -10.55
C ARG A 346 4.64 44.89 -11.24
N LYS A 347 3.65 44.43 -10.48
CA LYS A 347 2.33 44.15 -11.04
C LYS A 347 1.34 45.22 -10.61
N PHE A 348 0.17 45.19 -11.25
CA PHE A 348 -1.01 46.00 -10.89
C PHE A 348 -0.73 47.50 -10.98
N ALA A 349 0.17 47.88 -11.89
CA ALA A 349 0.50 49.28 -12.07
C ALA A 349 -0.59 50.01 -12.84
N ASN A 350 -0.80 51.28 -12.50
CA ASN A 350 -1.79 52.10 -13.17
C ASN A 350 -1.13 52.77 -14.36
N TYR A 351 -1.75 52.69 -15.52
CA TYR A 351 -1.21 53.27 -16.74
C TYR A 351 -2.14 54.38 -17.25
N SER A 352 -1.61 55.23 -18.12
CA SER A 352 -2.40 56.26 -18.77
C SER A 352 -2.42 56.02 -20.27
N ILE A 353 -3.54 56.37 -20.90
CA ILE A 353 -3.75 56.19 -22.33
C ILE A 353 -3.97 57.57 -22.91
N MET A 354 -3.02 58.03 -23.72
CA MET A 354 -2.98 59.37 -24.27
C MET A 354 -3.38 59.35 -25.74
N ASN A 355 -3.93 60.47 -26.20
CA ASN A 355 -4.26 60.66 -27.61
C ASN A 355 -3.62 61.95 -28.09
N LEU A 356 -3.22 61.95 -29.36
CA LEU A 356 -2.52 63.09 -29.96
C LEU A 356 -3.55 63.90 -30.75
N GLN A 357 -4.16 64.87 -30.06
CA GLN A 357 -5.20 65.71 -30.66
C GLN A 357 -4.52 66.97 -31.21
N ASN A 358 -4.25 66.96 -32.52
CA ASN A 358 -3.63 68.06 -33.26
C ASN A 358 -2.27 68.45 -32.66
N ARG A 359 -1.38 67.44 -32.60
CA ARG A 359 -0.03 67.54 -32.04
C ARG A 359 -0.05 67.99 -30.58
N LYS A 360 -1.06 67.58 -29.83
CA LYS A 360 -1.18 67.87 -28.40
C LYS A 360 -1.62 66.60 -27.68
N LEU A 361 -0.92 66.27 -26.59
CA LEU A 361 -1.20 65.05 -25.85
C LEU A 361 -2.43 65.24 -24.99
N VAL A 362 -3.48 64.46 -25.26
CA VAL A 362 -4.73 64.51 -24.53
C VAL A 362 -5.01 63.14 -23.93
N GLN A 363 -5.24 63.10 -22.63
CA GLN A 363 -5.51 61.84 -21.93
C GLN A 363 -6.92 61.36 -22.25
N VAL A 364 -7.02 60.10 -22.70
CA VAL A 364 -8.31 59.50 -23.03
C VAL A 364 -8.58 58.23 -22.25
N GLY A 365 -7.66 57.76 -21.42
CA GLY A 365 -7.99 56.57 -20.65
C GLY A 365 -7.05 56.36 -19.48
N ILE A 366 -7.53 55.55 -18.54
CA ILE A 366 -6.73 55.07 -17.41
C ILE A 366 -6.78 53.54 -17.41
N TYR A 367 -5.78 52.93 -16.78
CA TYR A 367 -5.67 51.49 -16.73
C TYR A 367 -5.31 51.03 -15.33
N ASN A 368 -6.13 50.14 -14.76
CA ASN A 368 -5.94 49.59 -13.44
C ASN A 368 -4.99 48.39 -13.54
N GLY A 369 -5.02 47.51 -12.55
CA GLY A 369 -4.25 46.26 -12.62
C GLY A 369 -4.60 45.41 -13.83
N THR A 370 -5.88 45.34 -14.18
CA THR A 370 -6.30 44.56 -15.34
C THR A 370 -7.39 45.19 -16.19
N HIS A 371 -7.91 46.36 -15.81
CA HIS A 371 -9.10 46.91 -16.46
C HIS A 371 -8.81 48.31 -17.01
N VAL A 372 -9.41 48.59 -18.16
CA VAL A 372 -9.29 49.88 -18.84
C VAL A 372 -10.57 50.67 -18.60
N ILE A 373 -10.42 51.93 -18.17
CA ILE A 373 -11.55 52.84 -18.10
C ILE A 373 -11.23 54.05 -18.98
N PRO A 374 -11.90 54.22 -20.11
CA PRO A 374 -11.84 55.51 -20.81
C PRO A 374 -12.62 56.57 -20.06
N ASN A 375 -12.11 57.80 -20.09
CA ASN A 375 -12.75 58.90 -19.39
C ASN A 375 -13.83 59.52 -20.28
N ASP A 376 -14.34 60.68 -19.89
CA ASP A 376 -15.36 61.38 -20.66
C ASP A 376 -14.82 62.06 -21.92
N ARG A 377 -13.50 62.07 -22.11
CA ARG A 377 -12.92 62.63 -23.32
C ARG A 377 -13.17 61.70 -24.51
N LYS A 378 -13.44 62.29 -25.66
CA LYS A 378 -13.72 61.52 -26.86
C LYS A 378 -12.45 60.93 -27.44
N ILE A 379 -12.61 59.83 -28.16
CA ILE A 379 -11.50 59.12 -28.79
C ILE A 379 -11.46 59.57 -30.25
N ILE A 380 -10.56 60.51 -30.55
CA ILE A 380 -10.42 61.04 -31.89
C ILE A 380 -9.44 60.16 -32.66
N TRP A 381 -9.89 59.63 -33.77
CA TRP A 381 -9.18 58.71 -34.65
C TRP A 381 -8.58 59.45 -35.84
N PRO A 382 -7.49 58.96 -36.43
CA PRO A 382 -6.91 59.63 -37.59
C PRO A 382 -7.75 59.52 -38.85
N GLY A 383 -8.74 58.63 -38.90
CA GLY A 383 -9.58 58.47 -40.06
C GLY A 383 -10.88 59.23 -39.99
N GLY A 384 -11.98 58.50 -39.77
CA GLY A 384 -13.30 59.10 -39.80
C GLY A 384 -13.93 59.33 -38.45
N GLU A 385 -14.83 58.44 -38.05
CA GLU A 385 -15.65 58.63 -36.86
C GLU A 385 -14.83 58.42 -35.59
N THR A 386 -15.47 58.69 -34.45
CA THR A 386 -14.86 58.54 -33.14
C THR A 386 -15.05 57.13 -32.56
N GLU A 387 -15.80 56.27 -33.25
CA GLU A 387 -15.99 54.90 -32.79
C GLU A 387 -14.79 54.06 -33.20
N LYS A 388 -14.89 52.74 -32.95
CA LYS A 388 -13.74 51.91 -33.32
C LYS A 388 -13.71 51.68 -34.83
N PRO A 389 -12.54 51.81 -35.46
CA PRO A 389 -12.43 51.51 -36.90
C PRO A 389 -12.41 50.01 -37.11
N ARG A 390 -13.37 49.51 -37.89
CA ARG A 390 -13.41 48.10 -38.26
C ARG A 390 -12.34 47.89 -39.32
N GLY A 391 -11.11 47.65 -38.87
CA GLY A 391 -9.97 47.58 -39.75
C GLY A 391 -9.65 46.19 -40.25
N TYR A 392 -10.67 45.36 -40.42
CA TYR A 392 -10.52 44.04 -41.01
C TYR A 392 -11.17 44.10 -42.40
N GLN A 393 -10.38 44.55 -43.37
CA GLN A 393 -10.83 44.63 -44.76
C GLN A 393 -10.62 43.26 -45.39
N MET A 394 -11.70 42.51 -45.54
CA MET A 394 -11.63 41.17 -46.09
C MET A 394 -11.30 41.21 -47.59
N SER A 395 -10.79 40.09 -48.09
CA SER A 395 -10.29 40.00 -49.46
C SER A 395 -11.46 39.99 -50.43
N THR A 396 -11.72 41.15 -51.04
CA THR A 396 -12.74 41.26 -52.08
C THR A 396 -12.24 40.82 -53.45
N ARG A 397 -10.97 40.44 -53.56
CA ARG A 397 -10.39 39.88 -54.78
C ARG A 397 -9.60 38.64 -54.37
N LEU A 398 -10.25 37.48 -54.46
CA LEU A 398 -9.67 36.23 -53.97
C LEU A 398 -8.73 35.65 -55.01
N LYS A 399 -7.46 35.52 -54.65
CA LYS A 399 -6.49 34.84 -55.51
C LYS A 399 -6.76 33.36 -55.47
N ILE A 400 -7.44 32.85 -56.49
CA ILE A 400 -7.90 31.47 -56.53
C ILE A 400 -6.82 30.62 -57.18
N VAL A 401 -6.31 29.65 -56.44
CA VAL A 401 -5.35 28.67 -56.95
C VAL A 401 -6.08 27.36 -57.14
N THR A 402 -5.65 26.58 -58.12
CA THR A 402 -6.25 25.29 -58.41
C THR A 402 -5.22 24.38 -59.05
N ILE A 403 -5.53 23.09 -59.06
CA ILE A 403 -4.71 22.08 -59.72
C ILE A 403 -5.51 21.56 -60.91
N HIS A 404 -4.80 21.08 -61.93
CA HIS A 404 -5.47 20.59 -63.13
C HIS A 404 -6.13 19.25 -62.89
N GLN A 405 -7.37 19.28 -62.44
CA GLN A 405 -8.18 18.07 -62.33
C GLN A 405 -8.88 17.83 -63.66
N GLU A 406 -8.88 16.58 -64.12
CA GLU A 406 -9.36 16.30 -65.47
C GLU A 406 -10.88 16.44 -65.62
N PRO A 407 -11.76 15.88 -64.76
CA PRO A 407 -13.19 16.15 -64.96
C PRO A 407 -13.65 17.48 -64.38
N PHE A 408 -12.80 18.19 -63.64
CA PHE A 408 -13.21 19.40 -62.93
C PHE A 408 -12.63 20.67 -63.52
N VAL A 409 -11.38 20.64 -63.97
CA VAL A 409 -10.69 21.83 -64.49
C VAL A 409 -10.37 21.54 -65.95
N TYR A 410 -11.19 22.06 -66.86
CA TYR A 410 -10.95 21.94 -68.29
C TYR A 410 -10.25 23.21 -68.76
N VAL A 411 -9.05 23.04 -69.32
CA VAL A 411 -8.18 24.14 -69.72
C VAL A 411 -8.07 24.12 -71.24
N LYS A 412 -8.34 25.27 -71.87
CA LYS A 412 -8.30 25.38 -73.31
C LYS A 412 -7.58 26.66 -73.70
N PRO A 413 -6.67 26.61 -74.68
CA PRO A 413 -6.03 27.83 -75.16
C PRO A 413 -7.00 28.77 -75.84
N THR A 414 -6.66 30.06 -75.79
CA THR A 414 -7.53 31.09 -76.32
C THR A 414 -7.53 31.09 -77.84
N MET A 415 -8.53 31.74 -78.42
CA MET A 415 -8.66 31.74 -79.88
C MET A 415 -7.64 32.69 -80.51
N SER A 416 -7.74 33.99 -80.21
CA SER A 416 -6.80 34.96 -80.73
C SER A 416 -5.97 35.61 -79.62
N ASP A 417 -6.61 36.26 -78.64
CA ASP A 417 -5.88 36.90 -77.55
C ASP A 417 -6.83 37.02 -76.36
N GLY A 418 -6.69 36.12 -75.40
CA GLY A 418 -7.40 36.23 -74.14
C GLY A 418 -8.90 36.06 -74.21
N THR A 419 -9.42 35.47 -75.28
CA THR A 419 -10.86 35.27 -75.44
C THR A 419 -11.23 33.81 -75.26
N CYS A 420 -12.48 33.57 -74.91
CA CYS A 420 -13.00 32.24 -74.66
C CYS A 420 -14.10 31.92 -75.65
N LYS A 421 -13.99 30.76 -76.30
CA LYS A 421 -14.99 30.31 -77.26
C LYS A 421 -16.23 29.87 -76.50
N GLU A 422 -17.31 30.65 -76.60
CA GLU A 422 -18.55 30.37 -75.88
C GLU A 422 -19.29 29.24 -76.59
N GLU A 423 -18.91 28.02 -76.26
CA GLU A 423 -19.59 26.84 -76.79
C GLU A 423 -20.83 26.52 -75.96
N PHE A 424 -21.85 26.02 -76.63
CA PHE A 424 -23.13 25.71 -76.00
C PHE A 424 -23.21 24.23 -75.65
N THR A 425 -23.82 23.92 -74.51
CA THR A 425 -24.02 22.54 -74.11
C THR A 425 -25.28 21.98 -74.75
N VAL A 426 -25.60 20.73 -74.44
CA VAL A 426 -26.79 20.08 -74.98
C VAL A 426 -28.07 20.50 -74.28
N ASN A 427 -27.96 21.18 -73.14
CA ASN A 427 -29.13 21.62 -72.38
C ASN A 427 -29.47 23.09 -72.63
N GLY A 428 -28.92 23.68 -73.69
CA GLY A 428 -29.14 25.09 -73.94
C GLY A 428 -28.44 26.03 -72.98
N ASP A 429 -27.35 25.57 -72.36
CA ASP A 429 -26.63 26.36 -71.38
C ASP A 429 -25.26 26.71 -71.93
N PRO A 430 -24.93 27.99 -72.08
CA PRO A 430 -23.56 28.35 -72.50
C PRO A 430 -22.55 28.09 -71.39
N VAL A 431 -21.36 27.67 -71.81
CA VAL A 431 -20.30 27.37 -70.86
C VAL A 431 -19.72 28.67 -70.33
N LYS A 432 -19.79 28.86 -69.01
CA LYS A 432 -19.26 30.05 -68.37
C LYS A 432 -17.83 29.78 -67.97
N LYS A 433 -16.89 30.19 -68.81
CA LYS A 433 -15.47 29.95 -68.57
C LYS A 433 -14.91 31.08 -67.70
N VAL A 434 -13.58 31.09 -67.54
CA VAL A 434 -12.89 32.14 -66.79
C VAL A 434 -11.48 32.25 -67.35
N ILE A 435 -10.93 33.47 -67.31
CA ILE A 435 -9.57 33.71 -67.77
C ILE A 435 -8.63 33.28 -66.64
N CYS A 436 -8.11 32.07 -66.75
CA CYS A 436 -7.14 31.53 -65.79
C CYS A 436 -5.74 31.73 -66.34
N THR A 437 -4.74 31.66 -65.45
CA THR A 437 -3.34 31.80 -65.83
C THR A 437 -2.59 30.55 -65.40
N GLY A 438 -2.03 29.83 -66.36
CA GLY A 438 -1.34 28.60 -66.07
C GLY A 438 -0.13 28.37 -66.95
N PRO A 439 0.80 27.53 -66.49
CA PRO A 439 1.96 27.20 -67.31
C PRO A 439 1.62 26.16 -68.37
N ASN A 440 2.58 25.94 -69.27
CA ASN A 440 2.43 24.88 -70.27
C ASN A 440 2.57 23.50 -69.64
N ASP A 441 3.76 23.19 -69.15
CA ASP A 441 4.13 21.83 -68.76
C ASP A 441 4.90 21.88 -67.44
N THR A 442 5.52 20.76 -67.08
CA THR A 442 6.33 20.67 -65.88
C THR A 442 7.66 21.38 -66.08
N SER A 443 8.35 21.62 -64.96
CA SER A 443 9.60 22.38 -64.89
C SER A 443 10.79 21.80 -65.67
N PRO A 444 11.01 20.48 -65.77
CA PRO A 444 12.04 20.02 -66.72
C PRO A 444 11.68 20.25 -68.17
N GLY A 445 10.43 20.04 -68.54
CA GLY A 445 10.01 20.28 -69.92
C GLY A 445 9.88 21.76 -70.24
N SER A 446 8.95 22.43 -69.58
CA SER A 446 8.70 23.86 -69.77
C SER A 446 8.96 24.57 -68.44
N PRO A 447 10.15 25.17 -68.27
CA PRO A 447 10.49 25.81 -66.99
C PRO A 447 9.62 27.02 -66.64
N ARG A 448 9.57 28.03 -67.52
CA ARG A 448 8.78 29.24 -67.28
C ARG A 448 8.11 29.65 -68.59
N HIS A 449 6.91 29.11 -68.83
CA HIS A 449 6.06 29.54 -69.95
C HIS A 449 4.61 29.55 -69.45
N THR A 450 4.17 30.66 -68.90
CA THR A 450 2.86 30.78 -68.27
C THR A 450 2.00 31.75 -69.06
N VAL A 451 0.86 31.26 -69.53
CA VAL A 451 -0.04 32.05 -70.37
C VAL A 451 -1.42 32.09 -69.73
N PRO A 452 -2.20 33.13 -70.02
CA PRO A 452 -3.63 33.09 -69.69
C PRO A 452 -4.46 32.35 -70.73
N GLN A 453 -5.17 31.32 -70.27
CA GLN A 453 -6.06 30.54 -71.11
C GLN A 453 -7.44 30.50 -70.48
N CYS A 454 -8.35 29.68 -71.01
CA CYS A 454 -9.73 29.61 -70.52
C CYS A 454 -9.91 28.33 -69.71
N CYS A 455 -10.40 28.50 -68.49
CA CYS A 455 -10.68 27.37 -67.59
C CYS A 455 -12.16 27.31 -67.29
N TYR A 456 -12.71 26.09 -67.27
CA TYR A 456 -14.11 25.91 -66.91
C TYR A 456 -14.27 24.55 -66.24
N GLY A 457 -15.51 24.20 -65.92
CA GLY A 457 -15.81 22.92 -65.33
C GLY A 457 -16.70 22.96 -64.10
N PHE A 458 -16.37 22.12 -63.12
CA PHE A 458 -17.21 21.95 -61.93
C PHE A 458 -16.97 23.05 -60.91
N CYS A 459 -15.74 23.12 -60.40
CA CYS A 459 -15.41 24.10 -59.37
C CYS A 459 -15.39 25.53 -59.89
N ILE A 460 -15.20 25.71 -61.20
CA ILE A 460 -15.28 27.03 -61.80
C ILE A 460 -16.71 27.57 -61.70
N ASP A 461 -17.70 26.74 -62.08
CA ASP A 461 -19.09 27.14 -61.94
C ASP A 461 -19.52 27.21 -60.49
N LEU A 462 -18.89 26.42 -59.62
CA LEU A 462 -19.13 26.55 -58.18
C LEU A 462 -18.65 27.90 -57.66
N LEU A 463 -17.49 28.35 -58.13
CA LEU A 463 -16.99 29.67 -57.75
C LEU A 463 -17.83 30.79 -58.35
N ILE A 464 -18.38 30.57 -59.55
CA ILE A 464 -19.31 31.52 -60.14
C ILE A 464 -20.58 31.62 -59.30
N LYS A 465 -21.07 30.49 -58.78
CA LYS A 465 -22.22 30.50 -57.90
C LYS A 465 -21.90 31.20 -56.58
N LEU A 466 -20.68 31.02 -56.07
CA LEU A 466 -20.27 31.71 -54.84
C LEU A 466 -20.15 33.22 -55.06
N ALA A 467 -19.63 33.64 -56.22
CA ALA A 467 -19.56 35.06 -56.54
C ALA A 467 -20.94 35.66 -56.79
N ARG A 468 -21.88 34.87 -57.31
CA ARG A 468 -23.27 35.31 -57.38
C ARG A 468 -23.88 35.42 -55.99
N THR A 469 -23.44 34.57 -55.05
CA THR A 469 -23.99 34.58 -53.70
C THR A 469 -23.47 35.77 -52.90
N MET A 470 -22.14 35.92 -52.82
CA MET A 470 -21.54 36.86 -51.89
C MET A 470 -20.94 38.07 -52.61
N ASN A 471 -20.34 38.96 -51.80
CA ASN A 471 -19.91 40.29 -52.21
C ASN A 471 -18.41 40.28 -52.50
N PHE A 472 -17.99 39.61 -53.57
CA PHE A 472 -16.56 39.58 -53.85
C PHE A 472 -16.30 39.38 -55.34
N THR A 473 -15.14 39.88 -55.78
CA THR A 473 -14.52 39.46 -57.02
C THR A 473 -13.41 38.46 -56.70
N TYR A 474 -12.68 38.02 -57.72
CA TYR A 474 -11.75 36.92 -57.54
C TYR A 474 -10.62 37.03 -58.56
N GLU A 475 -9.71 36.06 -58.52
CA GLU A 475 -8.58 36.00 -59.44
C GLU A 475 -8.16 34.53 -59.55
N VAL A 476 -8.53 33.89 -60.64
CA VAL A 476 -8.25 32.46 -60.82
C VAL A 476 -6.86 32.28 -61.42
N HIS A 477 -6.02 31.51 -60.74
CA HIS A 477 -4.73 31.10 -61.28
C HIS A 477 -4.54 29.63 -60.96
N LEU A 478 -3.42 29.08 -61.42
CA LEU A 478 -3.13 27.66 -61.29
C LEU A 478 -1.96 27.44 -60.34
N VAL A 479 -1.60 26.17 -60.17
CA VAL A 479 -0.47 25.77 -59.33
C VAL A 479 0.67 25.36 -60.27
N ALA A 480 1.91 25.54 -59.79
CA ALA A 480 3.09 25.34 -60.62
C ALA A 480 3.39 23.88 -60.92
N ASP A 481 2.79 22.94 -60.19
CA ASP A 481 3.08 21.53 -60.39
C ASP A 481 1.80 20.72 -60.62
N GLY A 482 1.92 19.40 -60.61
CA GLY A 482 0.76 18.53 -60.70
C GLY A 482 0.59 17.73 -59.42
N LYS A 483 0.96 18.32 -58.30
CA LYS A 483 0.98 17.63 -57.02
C LYS A 483 0.13 18.38 -56.01
N PHE A 484 -0.49 17.62 -55.10
CA PHE A 484 -1.27 18.22 -54.03
C PHE A 484 -0.37 18.91 -53.02
N GLY A 485 0.65 18.21 -52.54
CA GLY A 485 1.59 18.76 -51.58
C GLY A 485 1.84 17.82 -50.41
N THR A 486 3.10 17.45 -50.20
CA THR A 486 3.48 16.54 -49.14
C THR A 486 4.52 17.18 -48.23
N GLN A 487 4.57 16.69 -47.00
CA GLN A 487 5.51 17.19 -46.00
C GLN A 487 6.80 16.37 -46.10
N GLU A 488 7.89 17.02 -46.49
CA GLU A 488 9.16 16.35 -46.72
C GLU A 488 10.27 17.21 -46.14
N ARG A 489 11.32 16.56 -45.64
CA ARG A 489 12.48 17.29 -45.12
C ARG A 489 13.22 18.00 -46.26
N VAL A 490 13.34 19.32 -46.16
CA VAL A 490 14.24 20.04 -47.05
C VAL A 490 15.67 19.73 -46.63
N ASN A 491 16.61 19.77 -47.59
CA ASN A 491 17.91 19.15 -47.39
C ASN A 491 18.78 19.97 -46.44
N ASN A 492 18.52 21.27 -46.34
CA ASN A 492 19.22 22.13 -45.38
C ASN A 492 18.42 22.29 -44.09
N SER A 493 19.13 22.43 -42.98
CA SER A 493 18.66 22.75 -41.63
C SER A 493 17.79 21.66 -40.98
N ASN A 494 17.51 20.54 -41.68
CA ASN A 494 16.74 19.39 -41.19
C ASN A 494 15.36 19.82 -40.70
N LYS A 495 14.56 20.33 -41.63
CA LYS A 495 13.23 20.84 -41.34
C LYS A 495 12.23 20.32 -42.36
N LYS A 496 11.10 19.83 -41.88
CA LYS A 496 10.04 19.38 -42.78
C LYS A 496 9.26 20.59 -43.31
N GLU A 497 9.09 20.64 -44.63
CA GLU A 497 8.35 21.70 -45.27
C GLU A 497 7.32 21.10 -46.23
N TRP A 498 6.45 21.95 -46.74
CA TRP A 498 5.40 21.57 -47.67
C TRP A 498 5.72 22.08 -49.06
N ASN A 499 4.87 21.73 -50.02
CA ASN A 499 4.97 22.18 -51.40
C ASN A 499 3.58 22.14 -52.01
N GLY A 500 3.51 22.38 -53.32
CA GLY A 500 2.26 22.31 -54.05
C GLY A 500 1.29 23.42 -53.68
N MET A 501 0.01 23.05 -53.58
CA MET A 501 -1.02 24.02 -53.24
C MET A 501 -0.92 24.43 -51.77
N MET A 502 -0.47 23.52 -50.90
CA MET A 502 -0.23 23.90 -49.51
C MET A 502 1.00 24.79 -49.39
N GLY A 503 2.00 24.56 -50.24
CA GLY A 503 3.18 25.41 -50.23
C GLY A 503 2.92 26.79 -50.80
N GLU A 504 1.97 26.90 -51.73
CA GLU A 504 1.63 28.20 -52.29
C GLU A 504 0.58 28.94 -51.48
N LEU A 505 -0.28 28.22 -50.75
CA LEU A 505 -1.29 28.89 -49.94
C LEU A 505 -0.67 29.50 -48.70
N LEU A 506 0.20 28.75 -48.01
CA LEU A 506 0.81 29.23 -46.79
C LEU A 506 1.88 30.29 -47.05
N SER A 507 2.36 30.41 -48.29
CA SER A 507 3.32 31.45 -48.64
C SER A 507 2.69 32.82 -48.82
N GLY A 508 1.37 32.91 -48.82
CA GLY A 508 0.67 34.17 -49.02
C GLY A 508 0.42 34.53 -50.46
N GLN A 509 0.96 33.77 -51.42
CA GLN A 509 0.71 34.05 -52.83
C GLN A 509 -0.69 33.68 -53.26
N ALA A 510 -1.35 32.77 -52.54
CA ALA A 510 -2.71 32.37 -52.84
C ALA A 510 -3.65 32.80 -51.72
N ASP A 511 -4.94 32.63 -51.96
CA ASP A 511 -5.96 33.00 -51.01
C ASP A 511 -6.92 31.87 -50.65
N MET A 512 -7.26 31.00 -51.59
CA MET A 512 -8.24 29.95 -51.33
C MET A 512 -8.01 28.82 -52.32
N ILE A 513 -7.69 27.64 -51.82
CA ILE A 513 -7.51 26.46 -52.67
C ILE A 513 -8.89 25.97 -53.06
N VAL A 514 -9.33 26.28 -54.28
CA VAL A 514 -10.58 25.78 -54.82
C VAL A 514 -10.20 24.56 -55.66
N ALA A 515 -10.25 23.40 -55.03
CA ALA A 515 -9.78 22.15 -55.63
C ALA A 515 -10.37 21.00 -54.83
N PRO A 516 -10.55 19.81 -55.44
CA PRO A 516 -10.94 18.64 -54.64
C PRO A 516 -9.82 18.16 -53.74
N LEU A 517 -9.60 18.86 -52.63
CA LEU A 517 -8.47 18.61 -51.75
C LEU A 517 -8.79 17.47 -50.81
N THR A 518 -7.80 16.60 -50.60
CA THR A 518 -7.97 15.42 -49.76
C THR A 518 -7.95 15.84 -48.30
N ILE A 519 -9.08 15.65 -47.61
CA ILE A 519 -9.19 16.00 -46.20
C ILE A 519 -8.62 14.86 -45.36
N ASN A 520 -7.61 15.16 -44.55
CA ASN A 520 -7.01 14.19 -43.64
C ASN A 520 -6.67 14.89 -42.33
N ASN A 521 -5.91 14.20 -41.49
CA ASN A 521 -5.62 14.69 -40.15
C ASN A 521 -4.50 15.73 -40.15
N GLU A 522 -3.48 15.55 -41.00
CA GLU A 522 -2.29 16.40 -40.96
C GLU A 522 -2.57 17.81 -41.49
N ARG A 523 -3.44 17.94 -42.50
CA ARG A 523 -3.71 19.24 -43.08
C ARG A 523 -4.54 20.11 -42.15
N ALA A 524 -5.45 19.52 -41.39
CA ALA A 524 -6.29 20.28 -40.47
C ALA A 524 -5.52 20.76 -39.24
N GLN A 525 -4.34 20.21 -38.96
CA GLN A 525 -3.51 20.69 -37.86
C GLN A 525 -2.91 22.05 -38.16
N TYR A 526 -2.83 22.44 -39.43
CA TYR A 526 -2.17 23.68 -39.83
C TYR A 526 -3.12 24.73 -40.37
N ILE A 527 -4.14 24.33 -41.13
CA ILE A 527 -5.14 25.27 -41.65
C ILE A 527 -6.51 24.86 -41.16
N GLU A 528 -7.52 25.63 -41.53
CA GLU A 528 -8.91 25.33 -41.21
C GLU A 528 -9.63 24.82 -42.45
N PHE A 529 -10.72 24.09 -42.22
CA PHE A 529 -11.49 23.47 -43.29
C PHE A 529 -12.92 24.01 -43.32
N SER A 530 -13.59 23.76 -44.43
CA SER A 530 -14.99 24.07 -44.64
C SER A 530 -15.78 22.77 -44.76
N LYS A 531 -17.06 22.90 -45.08
CA LYS A 531 -17.87 21.71 -45.28
C LYS A 531 -17.55 21.07 -46.64
N PRO A 532 -17.41 19.75 -46.69
CA PRO A 532 -17.06 19.09 -47.95
C PRO A 532 -18.21 19.13 -48.95
N PHE A 533 -17.86 19.31 -50.22
CA PHE A 533 -18.82 19.29 -51.30
C PHE A 533 -18.89 17.95 -52.02
N LYS A 534 -17.77 17.24 -52.11
CA LYS A 534 -17.71 15.96 -52.80
C LYS A 534 -17.67 14.84 -51.78
N TYR A 535 -18.36 13.74 -52.07
CA TYR A 535 -18.39 12.60 -51.15
C TYR A 535 -18.24 11.33 -51.97
N GLN A 536 -17.12 10.65 -51.82
CA GLN A 536 -16.80 9.50 -52.65
C GLN A 536 -15.76 8.63 -51.95
N GLY A 537 -15.56 7.44 -52.49
CA GLY A 537 -14.62 6.49 -51.91
C GLY A 537 -13.40 6.22 -52.78
N LEU A 538 -12.87 5.01 -52.68
CA LEU A 538 -11.69 4.61 -53.44
C LEU A 538 -12.01 3.38 -54.28
N THR A 539 -11.29 3.23 -55.40
CA THR A 539 -11.55 2.18 -56.36
C THR A 539 -10.29 1.99 -57.22
N ILE A 540 -10.36 1.01 -58.11
CA ILE A 540 -9.23 0.54 -58.91
C ILE A 540 -9.63 0.61 -60.38
N LEU A 541 -8.80 1.26 -61.19
CA LEU A 541 -9.03 1.35 -62.63
C LEU A 541 -8.39 0.16 -63.33
N VAL A 542 -9.22 -0.68 -63.95
CA VAL A 542 -8.71 -1.81 -64.73
C VAL A 542 -9.21 -1.70 -66.17
N LYS A 543 -8.83 -2.65 -67.01
CA LYS A 543 -9.18 -2.66 -68.42
C LYS A 543 -9.91 -3.95 -68.76
N LYS A 544 -11.09 -3.83 -69.36
CA LYS A 544 -11.84 -5.00 -69.81
C LYS A 544 -12.28 -4.83 -71.26
N PRO A 660 -11.49 -16.10 -66.84
CA PRO A 660 -10.38 -15.43 -66.14
C PRO A 660 -10.85 -14.15 -65.47
N GLU A 661 -10.45 -13.99 -64.21
CA GLU A 661 -10.88 -12.84 -63.40
C GLU A 661 -9.97 -11.66 -63.72
N GLU A 662 -10.42 -10.84 -64.67
CA GLU A 662 -9.70 -9.60 -64.97
C GLU A 662 -9.89 -8.55 -63.89
N ARG A 663 -10.91 -8.69 -63.05
CA ARG A 663 -11.14 -7.76 -61.96
C ARG A 663 -10.23 -8.09 -60.78
N ILE A 664 -10.16 -7.16 -59.84
CA ILE A 664 -9.30 -7.29 -58.68
C ILE A 664 -10.09 -7.50 -57.39
N THR A 665 -11.34 -7.00 -57.33
CA THR A 665 -12.20 -6.94 -56.14
C THR A 665 -11.49 -6.26 -54.97
N GLY A 666 -10.94 -5.08 -55.26
CA GLY A 666 -10.43 -4.21 -54.21
C GLY A 666 -9.07 -4.61 -53.66
N ILE A 667 -8.83 -4.22 -52.41
CA ILE A 667 -7.55 -4.45 -51.76
C ILE A 667 -7.41 -5.90 -51.30
N ASN A 668 -8.52 -6.63 -51.18
CA ASN A 668 -8.52 -7.97 -50.62
C ASN A 668 -8.06 -9.05 -51.61
N ASP A 669 -7.46 -8.68 -52.73
CA ASP A 669 -6.87 -9.65 -53.64
C ASP A 669 -5.57 -10.16 -53.02
N PRO A 670 -5.41 -11.47 -52.79
CA PRO A 670 -4.16 -11.96 -52.20
C PRO A 670 -2.95 -11.85 -53.12
N ARG A 671 -3.16 -11.74 -54.43
CA ARG A 671 -2.05 -11.57 -55.35
C ARG A 671 -1.48 -10.15 -55.30
N LEU A 672 -2.24 -9.19 -54.80
CA LEU A 672 -1.75 -7.83 -54.63
C LEU A 672 -1.21 -7.56 -53.24
N ARG A 673 -1.51 -8.43 -52.26
CA ARG A 673 -0.91 -8.31 -50.94
C ARG A 673 0.58 -8.59 -50.99
N ASN A 674 0.97 -9.66 -51.70
CA ASN A 674 2.37 -9.95 -52.00
C ASN A 674 2.55 -9.79 -53.51
N PRO A 675 2.90 -8.59 -53.98
CA PRO A 675 2.88 -8.31 -55.42
C PRO A 675 4.11 -8.88 -56.12
N SER A 676 4.14 -8.67 -57.44
CA SER A 676 5.25 -9.09 -58.28
C SER A 676 5.35 -8.09 -59.44
N ASP A 677 6.08 -8.49 -60.48
CA ASP A 677 6.24 -7.67 -61.67
C ASP A 677 5.10 -7.81 -62.67
N LYS A 678 4.06 -8.57 -62.31
CA LYS A 678 2.93 -8.80 -63.22
C LYS A 678 1.82 -7.78 -63.02
N PHE A 679 1.26 -7.73 -61.80
CA PHE A 679 0.16 -6.83 -61.49
C PHE A 679 0.74 -5.47 -61.13
N ILE A 680 0.64 -4.52 -62.07
CA ILE A 680 1.23 -3.20 -61.88
C ILE A 680 0.14 -2.27 -61.33
N TYR A 681 0.21 -2.01 -60.03
CA TYR A 681 -0.63 -1.02 -59.39
C TYR A 681 0.23 0.15 -58.94
N ALA A 682 -0.28 1.36 -59.13
CA ALA A 682 0.50 2.55 -58.86
C ALA A 682 -0.43 3.68 -58.43
N THR A 683 0.16 4.84 -58.18
CA THR A 683 -0.59 6.02 -57.73
C THR A 683 0.13 7.27 -58.20
N VAL A 684 -0.46 8.42 -57.88
CA VAL A 684 0.13 9.70 -58.24
C VAL A 684 1.33 9.98 -57.35
N LYS A 685 2.40 10.50 -57.94
CA LYS A 685 3.58 10.90 -57.17
C LYS A 685 3.24 12.05 -56.24
N GLN A 686 3.66 11.90 -54.96
CA GLN A 686 3.44 12.87 -53.89
C GLN A 686 1.95 13.18 -53.70
N SER A 687 1.15 12.13 -53.63
CA SER A 687 -0.29 12.25 -53.39
C SER A 687 -0.60 11.96 -51.93
N SER A 688 -1.81 12.35 -51.52
CA SER A 688 -2.24 12.12 -50.15
C SER A 688 -2.61 10.66 -49.90
N VAL A 689 -2.86 9.89 -50.97
CA VAL A 689 -3.10 8.46 -50.83
C VAL A 689 -1.81 7.77 -50.38
N ASP A 690 -0.66 8.29 -50.81
CA ASP A 690 0.63 7.75 -50.37
C ASP A 690 0.84 7.98 -48.87
N ILE A 691 0.43 9.14 -48.36
CA ILE A 691 0.54 9.41 -46.93
C ILE A 691 -0.47 8.58 -46.15
N TYR A 692 -1.67 8.41 -46.72
CA TYR A 692 -2.72 7.61 -46.08
C TYR A 692 -2.32 6.13 -45.99
N PHE A 693 -1.58 5.64 -46.98
CA PHE A 693 -1.03 4.29 -46.90
C PHE A 693 0.27 4.21 -46.13
N ARG A 694 0.97 5.34 -45.97
CA ARG A 694 2.16 5.37 -45.14
C ARG A 694 1.80 5.30 -43.66
N ARG A 695 0.65 5.87 -43.27
CA ARG A 695 0.17 5.69 -41.90
C ARG A 695 -0.23 4.24 -41.65
N GLN A 696 -0.84 3.60 -42.64
CA GLN A 696 -1.19 2.19 -42.53
C GLN A 696 0.05 1.31 -42.64
N VAL A 697 0.63 0.96 -41.49
CA VAL A 697 1.90 0.22 -41.48
C VAL A 697 1.72 -1.26 -41.78
N GLU A 698 0.48 -1.75 -41.82
CA GLU A 698 0.22 -3.16 -42.09
C GLU A 698 0.28 -3.50 -43.57
N LEU A 699 0.32 -2.52 -44.45
CA LEU A 699 0.46 -2.71 -45.89
C LEU A 699 1.63 -1.91 -46.43
N SER A 700 2.78 -2.01 -45.75
CA SER A 700 3.97 -1.29 -46.18
C SER A 700 4.58 -1.88 -47.44
N THR A 701 4.27 -3.15 -47.76
CA THR A 701 4.75 -3.76 -49.00
C THR A 701 4.15 -3.07 -50.22
N MET A 702 2.89 -2.63 -50.12
CA MET A 702 2.32 -1.78 -51.16
C MET A 702 2.97 -0.41 -51.17
N TYR A 703 3.50 0.04 -50.03
CA TYR A 703 4.22 1.31 -49.99
C TYR A 703 5.58 1.20 -50.68
N ARG A 704 6.18 0.01 -50.67
CA ARG A 704 7.45 -0.23 -51.33
C ARG A 704 7.28 -0.65 -52.79
N HIS A 705 6.05 -0.85 -53.25
CA HIS A 705 5.77 -1.27 -54.61
C HIS A 705 5.32 -0.13 -55.51
N MET A 706 4.50 0.79 -55.00
CA MET A 706 4.05 1.93 -55.79
C MET A 706 5.14 2.98 -55.95
N GLU A 707 6.20 2.91 -55.15
CA GLU A 707 7.29 3.88 -55.24
C GLU A 707 8.12 3.70 -56.51
N LYS A 708 8.04 2.53 -57.14
CA LYS A 708 8.75 2.30 -58.39
C LYS A 708 7.97 2.78 -59.61
N HIS A 709 6.71 3.18 -59.44
CA HIS A 709 5.87 3.54 -60.58
C HIS A 709 5.04 4.79 -60.31
N ASN A 710 5.57 5.72 -59.54
CA ASN A 710 4.85 6.96 -59.25
C ASN A 710 4.81 7.86 -60.48
N TYR A 711 3.60 8.21 -60.91
CA TYR A 711 3.39 9.10 -62.04
C TYR A 711 3.05 10.50 -61.56
N GLU A 712 3.35 11.48 -62.41
CA GLU A 712 3.16 12.89 -62.03
C GLU A 712 1.68 13.26 -62.02
N SER A 713 0.97 12.94 -63.08
CA SER A 713 -0.44 13.27 -63.21
C SER A 713 -1.26 12.01 -63.49
N ALA A 714 -2.57 12.12 -63.24
CA ALA A 714 -3.47 11.01 -63.51
C ALA A 714 -3.70 10.81 -65.00
N ALA A 715 -3.51 11.85 -65.82
CA ALA A 715 -3.61 11.70 -67.27
C ALA A 715 -2.49 10.82 -67.81
N GLU A 716 -1.31 10.89 -67.19
CA GLU A 716 -0.24 9.95 -67.54
C GLU A 716 -0.63 8.52 -67.21
N ALA A 717 -1.35 8.32 -66.10
CA ALA A 717 -1.82 6.99 -65.75
C ALA A 717 -2.89 6.50 -66.71
N ILE A 718 -3.77 7.40 -67.17
CA ILE A 718 -4.78 7.03 -68.17
C ILE A 718 -4.13 6.68 -69.50
N GLN A 719 -3.11 7.45 -69.89
CA GLN A 719 -2.39 7.17 -71.14
C GLN A 719 -1.62 5.86 -71.05
N ALA A 720 -1.07 5.55 -69.88
CA ALA A 720 -0.31 4.31 -69.73
C ALA A 720 -1.23 3.10 -69.60
N VAL A 721 -2.44 3.26 -69.05
CA VAL A 721 -3.35 2.14 -68.93
C VAL A 721 -4.15 1.93 -70.22
N ARG A 722 -4.27 2.95 -71.06
CA ARG A 722 -4.87 2.75 -72.38
C ARG A 722 -3.94 1.99 -73.30
N ASP A 723 -2.63 2.24 -73.19
CA ASP A 723 -1.62 1.55 -73.98
C ASP A 723 -1.18 0.22 -73.34
N ASN A 724 -1.92 -0.26 -72.34
CA ASN A 724 -1.72 -1.55 -71.67
C ASN A 724 -0.34 -1.66 -71.03
N LYS A 725 0.16 -0.56 -70.48
CA LYS A 725 1.39 -0.59 -69.70
C LYS A 725 1.12 -0.76 -68.20
N LEU A 726 -0.02 -0.27 -67.73
CA LEU A 726 -0.42 -0.44 -66.34
C LEU A 726 -1.41 -1.59 -66.22
N HIS A 727 -1.73 -1.92 -64.97
CA HIS A 727 -2.73 -2.93 -64.68
C HIS A 727 -3.74 -2.52 -63.60
N ALA A 728 -3.39 -1.58 -62.73
CA ALA A 728 -4.29 -1.14 -61.67
C ALA A 728 -3.87 0.26 -61.24
N PHE A 729 -4.82 0.99 -60.68
CA PHE A 729 -4.57 2.38 -60.26
C PHE A 729 -5.55 2.75 -59.16
N ILE A 730 -5.04 3.04 -57.98
CA ILE A 730 -5.85 3.46 -56.85
C ILE A 730 -6.29 4.90 -57.06
N TRP A 731 -7.60 5.13 -57.14
CA TRP A 731 -8.09 6.48 -57.38
C TRP A 731 -9.52 6.58 -56.86
N ASP A 732 -10.01 7.81 -56.76
CA ASP A 732 -11.36 8.10 -56.30
C ASP A 732 -12.42 7.55 -57.27
N SER A 733 -13.65 7.50 -56.78
CA SER A 733 -14.71 6.74 -57.43
C SER A 733 -15.28 7.48 -58.64
N ALA A 734 -15.84 8.66 -58.41
CA ALA A 734 -16.65 9.33 -59.43
C ALA A 734 -15.82 9.87 -60.59
N VAL A 735 -14.54 10.17 -60.38
CA VAL A 735 -13.68 10.58 -61.48
C VAL A 735 -13.47 9.41 -62.45
N LEU A 736 -13.21 8.23 -61.91
CA LEU A 736 -13.07 7.05 -62.77
C LEU A 736 -14.41 6.61 -63.34
N GLU A 737 -15.52 6.91 -62.66
CA GLU A 737 -16.83 6.65 -63.25
C GLU A 737 -17.11 7.58 -64.43
N PHE A 738 -16.67 8.83 -64.32
CA PHE A 738 -16.79 9.76 -65.45
C PHE A 738 -15.88 9.34 -66.60
N GLU A 739 -14.68 8.84 -66.29
CA GLU A 739 -13.80 8.36 -67.35
C GLU A 739 -14.33 7.06 -67.96
N ALA A 740 -15.04 6.25 -67.19
CA ALA A 740 -15.73 5.09 -67.75
C ALA A 740 -16.88 5.50 -68.65
N SER A 741 -17.54 6.61 -68.31
CA SER A 741 -18.53 7.19 -69.23
C SER A 741 -17.86 7.73 -70.48
N GLN A 742 -16.62 8.22 -70.36
CA GLN A 742 -15.88 8.65 -71.55
C GLN A 742 -15.45 7.45 -72.40
N LYS A 743 -14.77 6.48 -71.78
CA LYS A 743 -14.25 5.32 -72.47
C LYS A 743 -14.80 4.07 -71.81
N CYS A 744 -15.52 3.24 -72.60
CA CYS A 744 -16.25 2.11 -72.04
C CYS A 744 -15.34 0.99 -71.57
N ASP A 745 -14.08 0.95 -72.00
CA ASP A 745 -13.16 -0.10 -71.55
C ASP A 745 -12.69 0.10 -70.12
N LEU A 746 -12.83 1.30 -69.57
CA LEU A 746 -12.40 1.60 -68.21
C LEU A 746 -13.42 1.03 -67.23
N VAL A 747 -12.95 0.18 -66.31
CA VAL A 747 -13.82 -0.53 -65.37
C VAL A 747 -13.31 -0.28 -63.96
N THR A 748 -14.23 0.05 -63.05
CA THR A 748 -13.91 0.21 -61.64
C THR A 748 -14.05 -1.13 -60.91
N THR A 749 -13.48 -1.20 -59.70
CA THR A 749 -13.49 -2.43 -58.94
C THR A 749 -14.72 -2.49 -58.03
N GLY A 750 -14.88 -3.61 -57.32
CA GLY A 750 -16.06 -3.85 -56.53
C GLY A 750 -16.04 -3.22 -55.14
N GLU A 751 -14.90 -3.23 -54.47
CA GLU A 751 -14.83 -2.73 -53.10
C GLU A 751 -14.89 -1.21 -53.07
N LEU A 752 -15.70 -0.67 -52.17
CA LEU A 752 -15.84 0.77 -51.96
C LEU A 752 -15.43 1.06 -50.51
N PHE A 753 -14.16 1.39 -50.32
CA PHE A 753 -13.62 1.68 -49.00
C PHE A 753 -13.11 3.11 -48.97
N PHE A 754 -12.94 3.62 -47.73
CA PHE A 754 -12.55 4.99 -47.42
C PHE A 754 -13.52 6.00 -48.08
N ARG A 755 -14.76 5.92 -47.60
CA ARG A 755 -15.81 6.82 -48.06
C ARG A 755 -15.58 8.17 -47.39
N SER A 756 -14.85 9.04 -48.07
CA SER A 756 -14.45 10.33 -47.52
C SER A 756 -15.06 11.48 -48.32
N GLY A 757 -14.65 12.68 -47.99
CA GLY A 757 -15.21 13.88 -48.61
C GLY A 757 -14.12 14.88 -48.94
N PHE A 758 -14.38 15.61 -50.02
CA PHE A 758 -13.48 16.66 -50.50
C PHE A 758 -14.16 18.02 -50.35
N GLY A 759 -13.43 18.97 -49.80
CA GLY A 759 -13.92 20.32 -49.61
C GLY A 759 -13.04 21.36 -50.26
N ILE A 760 -13.16 22.61 -49.80
CA ILE A 760 -12.41 23.74 -50.33
C ILE A 760 -11.28 24.05 -49.38
N GLY A 761 -10.06 24.12 -49.90
CA GLY A 761 -8.93 24.48 -49.07
C GLY A 761 -9.00 25.93 -48.60
N MET A 762 -8.83 26.12 -47.30
CA MET A 762 -9.08 27.40 -46.67
C MET A 762 -7.88 27.86 -45.86
N ARG A 763 -7.95 29.11 -45.43
CA ARG A 763 -6.95 29.73 -44.55
C ARG A 763 -7.33 29.46 -43.10
N LYS A 764 -6.73 30.22 -42.18
CA LYS A 764 -7.08 30.19 -40.77
C LYS A 764 -8.37 30.97 -40.50
N ASP A 765 -8.59 31.32 -39.22
CA ASP A 765 -9.77 32.08 -38.78
C ASP A 765 -9.92 33.37 -39.57
N SER A 766 -10.98 33.46 -40.36
CA SER A 766 -11.15 34.45 -41.41
C SER A 766 -12.63 34.81 -41.51
N PRO A 767 -12.96 36.04 -41.92
CA PRO A 767 -14.37 36.37 -42.19
C PRO A 767 -14.96 35.66 -43.40
N TRP A 768 -14.15 34.97 -44.22
CA TRP A 768 -14.66 34.13 -45.29
C TRP A 768 -14.83 32.68 -44.87
N LYS A 769 -15.17 32.44 -43.61
CA LYS A 769 -15.39 31.09 -43.12
C LYS A 769 -16.87 30.79 -42.88
N GLN A 770 -17.56 31.65 -42.14
CA GLN A 770 -18.95 31.36 -41.76
C GLN A 770 -19.92 31.60 -42.91
N ASN A 771 -19.78 32.75 -43.58
CA ASN A 771 -20.60 33.08 -44.75
C ASN A 771 -20.41 32.06 -45.87
N VAL A 772 -19.17 31.63 -46.10
CA VAL A 772 -18.88 30.71 -47.19
C VAL A 772 -19.39 29.31 -46.86
N SER A 773 -19.28 28.89 -45.59
CA SER A 773 -19.82 27.59 -45.20
C SER A 773 -21.35 27.58 -45.24
N LEU A 774 -21.98 28.70 -44.88
CA LEU A 774 -23.44 28.78 -45.01
C LEU A 774 -23.87 28.77 -46.47
N SER A 775 -23.07 29.40 -47.35
CA SER A 775 -23.37 29.34 -48.78
C SER A 775 -23.19 27.94 -49.34
N ILE A 776 -22.18 27.21 -48.87
CA ILE A 776 -21.98 25.82 -49.29
C ILE A 776 -23.13 24.94 -48.80
N LEU A 777 -23.60 25.17 -47.57
CA LEU A 777 -24.73 24.40 -47.07
C LEU A 777 -26.03 24.75 -47.79
N LYS A 778 -26.18 26.01 -48.21
CA LYS A 778 -27.30 26.40 -49.05
C LYS A 778 -27.22 25.73 -50.42
N SER A 779 -26.01 25.53 -50.93
CA SER A 779 -25.85 24.77 -52.16
C SER A 779 -26.12 23.29 -51.95
N HIS A 780 -25.88 22.78 -50.74
CA HIS A 780 -26.18 21.37 -50.45
C HIS A 780 -27.67 21.12 -50.34
N GLU A 781 -28.42 22.04 -49.71
CA GLU A 781 -29.80 21.76 -49.39
C GLU A 781 -30.71 21.79 -50.63
N ASN A 782 -30.37 22.57 -51.64
CA ASN A 782 -31.21 22.67 -52.81
C ASN A 782 -30.73 21.71 -53.91
N GLY A 783 -31.33 21.83 -55.09
CA GLY A 783 -31.00 20.96 -56.19
C GLY A 783 -29.90 21.50 -57.08
N PHE A 784 -29.10 22.41 -56.56
CA PHE A 784 -27.99 22.95 -57.34
C PHE A 784 -26.87 21.93 -57.48
N MET A 785 -26.72 21.04 -56.49
CA MET A 785 -25.82 19.91 -56.64
C MET A 785 -26.29 18.99 -57.76
N GLU A 786 -27.61 18.82 -57.89
CA GLU A 786 -28.17 18.05 -59.00
C GLU A 786 -27.98 18.77 -60.32
N ASP A 787 -27.99 20.11 -60.31
CA ASP A 787 -27.70 20.87 -61.53
C ASP A 787 -26.24 20.70 -61.95
N LEU A 788 -25.33 20.71 -60.98
CA LEU A 788 -23.92 20.45 -61.27
C LEU A 788 -23.69 19.02 -61.71
N ASP A 789 -24.53 18.08 -61.24
CA ASP A 789 -24.49 16.73 -61.79
C ASP A 789 -24.98 16.70 -63.23
N LYS A 790 -26.02 17.49 -63.54
CA LYS A 790 -26.53 17.59 -64.90
C LYS A 790 -25.51 18.22 -65.84
N THR A 791 -24.62 19.07 -65.32
CA THR A 791 -23.56 19.60 -66.17
C THR A 791 -22.56 18.52 -66.57
N TRP A 792 -21.98 17.83 -65.59
CA TRP A 792 -20.92 16.89 -65.94
C TRP A 792 -21.11 15.48 -65.37
N VAL A 793 -21.65 15.36 -64.15
CA VAL A 793 -21.56 14.08 -63.44
C VAL A 793 -22.63 13.12 -63.93
N ARG A 794 -23.89 13.56 -63.97
CA ARG A 794 -24.98 12.67 -64.34
C ARG A 794 -24.96 12.33 -65.83
N TYR A 795 -24.49 13.25 -66.66
CA TYR A 795 -24.41 13.00 -68.09
C TYR A 795 -23.32 11.99 -68.41
N GLN A 796 -23.65 11.03 -69.27
CA GLN A 796 -22.74 9.98 -69.69
C GLN A 796 -22.51 10.06 -71.19
N GLU A 797 -21.46 9.38 -71.65
CA GLU A 797 -21.12 9.37 -73.07
C GLU A 797 -20.94 7.94 -73.57
N LEU B 34 49.35 35.94 -33.82
CA LEU B 34 49.50 37.35 -33.46
C LEU B 34 49.74 37.52 -31.96
N ASN B 35 49.52 38.73 -31.46
CA ASN B 35 49.68 39.02 -30.05
C ASN B 35 48.51 38.39 -29.29
N ILE B 36 48.76 37.22 -28.69
CA ILE B 36 47.74 36.45 -28.01
C ILE B 36 48.23 36.15 -26.59
N ALA B 37 47.38 36.41 -25.60
CA ALA B 37 47.68 36.09 -24.21
C ALA B 37 46.77 34.97 -23.75
N VAL B 38 47.34 33.94 -23.15
CA VAL B 38 46.61 32.82 -22.59
C VAL B 38 46.82 32.85 -21.09
N LEU B 39 45.80 33.26 -20.35
CA LEU B 39 45.82 33.23 -18.90
C LEU B 39 44.95 32.08 -18.42
N LEU B 40 45.38 31.41 -17.37
CA LEU B 40 44.67 30.24 -16.86
C LEU B 40 44.49 30.34 -15.36
N GLY B 41 43.25 30.21 -14.91
CA GLY B 41 42.94 30.12 -13.50
C GLY B 41 42.65 28.70 -13.09
N HIS B 42 43.60 28.04 -12.44
CA HIS B 42 43.47 26.62 -12.16
C HIS B 42 44.07 26.29 -10.80
N SER B 43 43.52 25.24 -10.18
CA SER B 43 44.16 24.58 -9.05
C SER B 43 44.82 23.27 -9.46
N HIS B 44 44.32 22.63 -10.51
CA HIS B 44 45.00 21.52 -11.15
C HIS B 44 46.31 22.01 -11.76
N ASP B 45 47.43 21.45 -11.32
CA ASP B 45 48.75 22.03 -11.57
C ASP B 45 49.16 21.83 -13.02
N VAL B 46 48.68 22.72 -13.88
CA VAL B 46 49.17 22.85 -15.24
C VAL B 46 50.16 23.99 -15.25
N THR B 47 51.44 23.68 -15.38
CA THR B 47 52.51 24.65 -15.23
C THR B 47 52.59 25.56 -16.45
N GLU B 48 53.56 26.48 -16.45
CA GLU B 48 53.63 27.51 -17.47
C GLU B 48 54.59 27.18 -18.61
N ARG B 49 55.59 26.33 -18.39
CA ARG B 49 56.65 26.16 -19.38
C ARG B 49 56.20 25.31 -20.57
N GLU B 50 55.23 24.40 -20.37
CA GLU B 50 54.70 23.67 -21.51
C GLU B 50 53.81 24.55 -22.39
N LEU B 51 53.30 25.66 -21.85
CA LEU B 51 52.61 26.63 -22.67
C LEU B 51 53.60 27.45 -23.49
N ARG B 52 54.79 27.72 -22.94
CA ARG B 52 55.86 28.33 -23.72
C ARG B 52 56.37 27.38 -24.78
N ASN B 53 56.36 26.08 -24.51
CA ASN B 53 56.65 25.08 -25.53
C ASN B 53 55.46 24.78 -26.43
N LEU B 54 54.31 25.43 -26.21
CA LEU B 54 53.14 25.28 -27.06
C LEU B 54 53.07 26.38 -28.12
N TRP B 55 54.23 26.87 -28.56
CA TRP B 55 54.31 27.89 -29.59
C TRP B 55 55.29 27.56 -30.72
N GLY B 56 56.30 26.73 -30.46
CA GLY B 56 57.34 26.42 -31.42
C GLY B 56 56.89 25.68 -32.66
N PRO B 57 56.48 24.41 -32.51
CA PRO B 57 55.97 23.67 -33.68
C PRO B 57 54.62 24.15 -34.16
N GLU B 58 53.87 24.87 -33.34
CA GLU B 58 52.63 25.50 -33.78
C GLU B 58 52.93 26.63 -34.74
N GLN B 59 52.06 26.79 -35.74
CA GLN B 59 52.18 27.73 -36.86
C GLN B 59 53.51 27.50 -37.60
N ALA B 60 53.59 26.32 -38.22
CA ALA B 60 54.78 25.94 -38.96
C ALA B 60 54.92 26.77 -40.23
N THR B 61 53.80 27.17 -40.83
CA THR B 61 53.79 28.07 -41.99
C THR B 61 53.23 29.40 -41.49
N GLY B 62 54.12 30.30 -41.08
CA GLY B 62 53.70 31.53 -40.45
C GLY B 62 53.30 32.62 -41.42
N LEU B 63 52.00 32.79 -41.61
CA LEU B 63 51.48 33.86 -42.45
C LEU B 63 51.45 35.22 -41.73
N PRO B 64 51.06 35.33 -40.45
CA PRO B 64 51.34 36.59 -39.75
C PRO B 64 52.81 36.70 -39.40
N LEU B 65 53.39 37.88 -39.64
CA LEU B 65 54.80 38.09 -39.38
C LEU B 65 55.09 38.33 -37.90
N ASP B 66 54.17 38.95 -37.18
CA ASP B 66 54.35 39.31 -35.78
C ASP B 66 53.40 38.49 -34.91
N VAL B 67 53.88 37.33 -34.46
CA VAL B 67 53.13 36.42 -33.60
C VAL B 67 53.85 36.34 -32.27
N ASN B 68 53.17 36.71 -31.19
CA ASN B 68 53.75 36.69 -29.85
C ASN B 68 52.68 36.23 -28.87
N VAL B 69 52.98 35.15 -28.14
CA VAL B 69 52.06 34.63 -27.14
C VAL B 69 52.63 34.87 -25.75
N VAL B 70 51.73 35.12 -24.80
CA VAL B 70 52.10 35.38 -23.41
C VAL B 70 51.28 34.46 -22.53
N ALA B 71 51.94 33.55 -21.82
CA ALA B 71 51.28 32.59 -20.94
C ALA B 71 51.33 33.09 -19.50
N LEU B 72 50.17 33.10 -18.85
CA LEU B 72 50.06 33.56 -17.48
C LEU B 72 49.19 32.61 -16.66
N LEU B 73 49.54 32.47 -15.39
CA LEU B 73 48.83 31.58 -14.47
C LEU B 73 48.42 32.39 -13.24
N MET B 74 47.14 32.33 -12.89
CA MET B 74 46.60 33.03 -11.73
C MET B 74 45.88 32.02 -10.86
N ASN B 75 46.05 32.15 -9.53
CA ASN B 75 45.39 31.21 -8.62
C ASN B 75 44.08 31.77 -8.09
N ARG B 76 43.98 33.09 -7.91
CA ARG B 76 42.73 33.68 -7.46
C ARG B 76 41.79 33.88 -8.65
N THR B 77 40.49 33.69 -8.40
CA THR B 77 39.48 33.72 -9.44
C THR B 77 38.44 34.80 -9.19
N ASP B 78 38.88 35.95 -8.64
CA ASP B 78 37.92 37.03 -8.48
C ASP B 78 37.90 37.93 -9.72
N PRO B 79 36.78 38.61 -10.00
CA PRO B 79 36.73 39.49 -11.18
C PRO B 79 37.61 40.71 -11.09
N LYS B 80 38.06 41.09 -9.88
CA LYS B 80 39.03 42.16 -9.71
C LYS B 80 40.33 41.85 -10.45
N SER B 81 40.88 40.66 -10.22
CA SER B 81 42.09 40.25 -10.93
C SER B 81 41.83 40.04 -12.42
N LEU B 82 40.60 39.66 -12.79
CA LEU B 82 40.24 39.52 -14.19
C LEU B 82 40.34 40.85 -14.91
N ILE B 83 39.69 41.89 -14.37
CA ILE B 83 39.72 43.22 -14.96
C ILE B 83 41.13 43.79 -14.92
N THR B 84 41.88 43.51 -13.84
CA THR B 84 43.23 44.03 -13.69
C THR B 84 44.17 43.43 -14.73
N HIS B 85 44.15 42.10 -14.90
CA HIS B 85 45.03 41.47 -15.88
C HIS B 85 44.59 41.75 -17.31
N VAL B 86 43.29 41.95 -17.56
CA VAL B 86 42.86 42.36 -18.90
C VAL B 86 43.35 43.76 -19.23
N CYS B 87 43.28 44.69 -18.26
CA CYS B 87 43.77 46.04 -18.52
C CYS B 87 45.29 46.08 -18.56
N ASP B 88 45.96 45.11 -17.92
CA ASP B 88 47.42 45.05 -18.02
C ASP B 88 47.87 44.47 -19.36
N LEU B 89 47.19 43.43 -19.85
CA LEU B 89 47.59 42.78 -21.09
C LEU B 89 47.11 43.53 -22.34
N MET B 90 46.01 44.27 -22.24
CA MET B 90 45.58 45.08 -23.38
C MET B 90 46.50 46.26 -23.59
N SER B 91 46.98 46.87 -22.50
CA SER B 91 48.02 47.87 -22.59
C SER B 91 49.40 47.25 -22.76
N GLY B 92 49.52 45.94 -22.58
CA GLY B 92 50.79 45.25 -22.76
C GLY B 92 51.09 44.98 -24.22
N ALA B 93 51.49 46.04 -24.94
CA ALA B 93 51.89 46.00 -26.35
C ALA B 93 50.78 45.48 -27.26
N ARG B 94 49.53 45.83 -26.93
CA ARG B 94 48.34 45.65 -27.78
C ARG B 94 48.09 44.18 -28.11
N ILE B 95 47.76 43.40 -27.07
CA ILE B 95 47.42 42.00 -27.25
C ILE B 95 45.98 41.90 -27.75
N HIS B 96 45.79 41.15 -28.84
CA HIS B 96 44.49 41.07 -29.51
C HIS B 96 43.74 39.77 -29.23
N GLY B 97 44.42 38.72 -28.78
CA GLY B 97 43.78 37.43 -28.52
C GLY B 97 43.84 37.08 -27.05
N LEU B 98 42.73 36.56 -26.53
CA LEU B 98 42.65 36.18 -25.13
C LEU B 98 42.00 34.80 -25.01
N VAL B 99 42.66 33.91 -24.27
CA VAL B 99 42.22 32.53 -24.08
C VAL B 99 42.24 32.25 -22.58
N PHE B 100 41.10 31.82 -22.04
CA PHE B 100 40.99 31.64 -20.59
C PHE B 100 40.29 30.34 -20.26
N GLY B 101 40.76 29.67 -19.21
CA GLY B 101 40.09 28.50 -18.67
C GLY B 101 39.95 28.62 -17.16
N ASP B 102 39.08 27.77 -16.60
CA ASP B 102 38.76 27.82 -15.19
C ASP B 102 38.63 26.41 -14.65
N ASP B 103 38.95 26.23 -13.37
CA ASP B 103 38.81 24.94 -12.71
C ASP B 103 37.57 24.82 -11.86
N THR B 104 37.00 25.94 -11.39
CA THR B 104 35.85 25.91 -10.51
C THR B 104 34.57 25.79 -11.33
N ASP B 105 33.43 25.99 -10.66
CA ASP B 105 32.14 25.87 -11.33
C ASP B 105 31.33 27.16 -11.18
N GLN B 106 31.98 28.29 -11.42
CA GLN B 106 31.35 29.60 -11.30
C GLN B 106 31.03 30.13 -12.70
N GLU B 107 29.76 30.07 -13.08
CA GLU B 107 29.32 30.47 -14.41
C GLU B 107 29.27 31.98 -14.61
N ALA B 108 29.44 32.77 -13.55
CA ALA B 108 29.42 34.23 -13.69
C ALA B 108 30.71 34.77 -14.31
N VAL B 109 31.79 33.97 -14.30
CA VAL B 109 33.06 34.41 -14.86
C VAL B 109 32.94 34.54 -16.38
N ALA B 110 32.18 33.63 -17.01
CA ALA B 110 31.96 33.72 -18.45
C ALA B 110 31.13 34.94 -18.81
N GLN B 111 30.19 35.32 -17.93
CA GLN B 111 29.40 36.53 -18.19
C GLN B 111 30.24 37.79 -18.00
N MET B 112 31.16 37.77 -17.02
CA MET B 112 32.09 38.88 -16.83
C MET B 112 33.01 39.03 -18.05
N LEU B 113 33.52 37.91 -18.56
CA LEU B 113 34.37 37.97 -19.74
C LEU B 113 33.58 38.35 -20.99
N ASP B 114 32.29 38.01 -21.04
CA ASP B 114 31.44 38.46 -22.13
C ASP B 114 31.25 39.97 -22.09
N PHE B 115 31.08 40.53 -20.89
CA PHE B 115 30.97 41.98 -20.76
C PHE B 115 32.29 42.67 -21.12
N ILE B 116 33.41 42.06 -20.71
CA ILE B 116 34.73 42.62 -21.03
C ILE B 116 34.97 42.59 -22.54
N SER B 117 34.57 41.50 -23.20
CA SER B 117 34.71 41.43 -24.66
C SER B 117 33.75 42.36 -25.37
N SER B 118 32.60 42.66 -24.76
CA SER B 118 31.69 43.65 -25.35
C SER B 118 32.26 45.05 -25.25
N GLN B 119 32.87 45.37 -24.11
CA GLN B 119 33.40 46.73 -23.92
C GLN B 119 34.70 46.95 -24.70
N THR B 120 35.63 46.00 -24.61
CA THR B 120 36.96 46.18 -25.17
C THR B 120 37.06 45.75 -26.63
N PHE B 121 36.03 45.09 -27.17
CA PHE B 121 35.96 44.59 -28.55
C PHE B 121 37.13 43.65 -28.87
N ILE B 122 37.32 42.64 -28.02
CA ILE B 122 38.43 41.71 -28.13
C ILE B 122 37.86 40.30 -28.16
N PRO B 123 38.18 39.47 -29.16
CA PRO B 123 37.71 38.08 -29.16
C PRO B 123 38.34 37.23 -28.07
N ILE B 124 37.52 36.76 -27.14
CA ILE B 124 37.98 36.00 -25.97
C ILE B 124 37.38 34.61 -26.04
N LEU B 125 38.19 33.59 -25.75
CA LEU B 125 37.77 32.20 -25.81
C LEU B 125 37.76 31.59 -24.41
N GLY B 126 36.76 30.75 -24.15
CA GLY B 126 36.67 30.01 -22.90
C GLY B 126 37.01 28.55 -23.13
N ILE B 127 37.64 27.94 -22.12
CA ILE B 127 38.30 26.63 -22.27
C ILE B 127 37.73 25.61 -21.30
N HIS B 128 37.59 25.99 -20.02
CA HIS B 128 37.26 24.99 -19.02
C HIS B 128 36.47 25.63 -17.89
N GLY B 129 35.62 24.82 -17.25
CA GLY B 129 34.96 25.24 -16.04
C GLY B 129 33.80 26.19 -16.28
N GLY B 130 33.53 27.02 -15.26
CA GLY B 130 32.45 27.98 -15.32
C GLY B 130 32.65 29.08 -16.34
N ALA B 131 33.89 29.30 -16.78
CA ALA B 131 34.16 30.22 -17.88
C ALA B 131 33.78 29.64 -19.23
N SER B 132 33.45 28.34 -19.30
CA SER B 132 33.06 27.70 -20.55
C SER B 132 31.69 27.05 -20.47
N MET B 133 30.91 27.37 -19.44
CA MET B 133 29.58 26.81 -19.32
C MET B 133 28.62 27.44 -20.32
N ILE B 134 27.52 26.73 -20.57
CA ILE B 134 26.56 27.14 -21.59
C ILE B 134 25.58 28.13 -20.98
N MET B 135 25.48 29.31 -21.60
CA MET B 135 24.54 30.34 -21.19
C MET B 135 23.46 30.48 -22.26
N ALA B 136 22.51 31.37 -22.00
CA ALA B 136 21.30 31.41 -22.83
C ALA B 136 21.52 32.17 -24.14
N ASP B 137 21.78 33.47 -24.06
CA ASP B 137 21.80 34.33 -25.24
C ASP B 137 22.96 35.31 -25.14
N LYS B 138 23.87 35.25 -26.09
CA LYS B 138 24.94 36.24 -26.19
C LYS B 138 24.42 37.47 -26.93
N ASP B 139 25.29 38.43 -27.18
CA ASP B 139 24.91 39.66 -27.86
C ASP B 139 25.83 39.91 -29.04
N PRO B 140 25.32 40.53 -30.11
CA PRO B 140 26.20 40.95 -31.22
C PRO B 140 27.19 42.03 -30.83
N THR B 141 26.92 42.80 -29.77
CA THR B 141 27.87 43.77 -29.27
C THR B 141 29.06 43.10 -28.59
N SER B 142 28.94 41.84 -28.19
CA SER B 142 30.02 41.10 -27.57
C SER B 142 30.66 40.16 -28.57
N THR B 143 31.99 40.10 -28.55
CA THR B 143 32.76 39.20 -29.42
C THR B 143 33.32 38.02 -28.64
N PHE B 144 32.63 37.61 -27.58
CA PHE B 144 33.04 36.46 -26.80
C PHE B 144 32.52 35.18 -27.44
N PHE B 145 33.34 34.14 -27.42
CA PHE B 145 32.99 32.88 -28.04
C PHE B 145 33.39 31.72 -27.14
N GLN B 146 32.59 30.66 -27.19
CA GLN B 146 32.86 29.41 -26.49
C GLN B 146 33.00 28.29 -27.51
N PHE B 147 33.09 27.07 -27.00
CA PHE B 147 33.17 25.86 -27.80
C PHE B 147 31.99 24.96 -27.42
N GLY B 148 32.00 23.76 -27.98
CA GLY B 148 31.03 22.75 -27.59
C GLY B 148 29.69 22.92 -28.24
N ALA B 149 28.74 22.15 -27.75
CA ALA B 149 27.38 22.14 -28.25
C ALA B 149 26.53 23.14 -27.47
N SER B 150 25.26 23.25 -27.87
CA SER B 150 24.27 24.03 -27.16
C SER B 150 23.33 23.09 -26.41
N ILE B 151 22.31 23.66 -25.79
CA ILE B 151 21.29 22.82 -25.17
C ILE B 151 20.40 22.19 -26.24
N GLN B 152 20.29 22.83 -27.41
CA GLN B 152 19.51 22.26 -28.50
C GLN B 152 20.25 21.09 -29.14
N GLN B 153 21.56 21.22 -29.34
CA GLN B 153 22.33 20.11 -29.89
C GLN B 153 22.44 18.97 -28.88
N GLN B 154 22.47 19.29 -27.59
CA GLN B 154 22.45 18.25 -26.56
C GLN B 154 21.10 17.53 -26.54
N ALA B 155 20.01 18.28 -26.74
CA ALA B 155 18.70 17.65 -26.86
C ALA B 155 18.59 16.79 -28.10
N THR B 156 19.24 17.20 -29.19
CA THR B 156 19.29 16.41 -30.40
C THR B 156 20.06 15.10 -30.18
N VAL B 157 21.17 15.18 -29.44
CA VAL B 157 21.94 13.98 -29.12
C VAL B 157 21.16 13.05 -28.20
N MET B 158 20.42 13.61 -27.23
CA MET B 158 19.64 12.76 -26.32
C MET B 158 18.46 12.12 -27.04
N LEU B 159 17.82 12.83 -27.97
CA LEU B 159 16.77 12.23 -28.77
C LEU B 159 17.34 11.23 -29.77
N LYS B 160 18.59 11.39 -30.18
CA LYS B 160 19.25 10.38 -30.99
C LYS B 160 19.52 9.11 -30.18
N ILE B 161 19.88 9.28 -28.90
CA ILE B 161 20.01 8.14 -27.99
C ILE B 161 18.67 7.42 -27.83
N MET B 162 17.60 8.19 -27.67
CA MET B 162 16.27 7.60 -27.57
C MET B 162 15.82 6.94 -28.87
N GLN B 163 16.27 7.46 -30.01
CA GLN B 163 15.91 6.90 -31.30
C GLN B 163 16.66 5.60 -31.57
N ASP B 164 17.93 5.53 -31.15
CA ASP B 164 18.74 4.34 -31.39
C ASP B 164 18.31 3.16 -30.53
N TYR B 165 17.56 3.41 -29.45
CA TYR B 165 17.10 2.34 -28.57
C TYR B 165 15.60 2.13 -28.65
N ASP B 166 14.90 2.88 -29.52
CA ASP B 166 13.47 2.74 -29.79
C ASP B 166 12.61 2.94 -28.54
N TRP B 167 13.06 3.84 -27.66
CA TRP B 167 12.31 4.18 -26.46
C TRP B 167 11.33 5.31 -26.79
N HIS B 168 10.27 4.92 -27.49
CA HIS B 168 9.35 5.90 -28.09
C HIS B 168 8.29 6.38 -27.12
N VAL B 169 8.04 5.63 -26.04
CA VAL B 169 7.06 6.02 -25.03
C VAL B 169 7.82 6.73 -23.91
N PHE B 170 7.57 8.03 -23.75
CA PHE B 170 8.32 8.83 -22.80
C PHE B 170 7.44 9.94 -22.26
N SER B 171 8.04 10.82 -21.46
CA SER B 171 7.36 11.95 -20.85
C SER B 171 8.32 13.14 -20.84
N LEU B 172 7.88 14.23 -20.21
CA LEU B 172 8.70 15.44 -20.11
C LEU B 172 8.27 16.21 -18.87
N VAL B 173 9.22 16.45 -17.97
CA VAL B 173 8.99 17.17 -16.73
C VAL B 173 9.88 18.41 -16.74
N THR B 174 9.27 19.59 -16.70
CA THR B 174 9.99 20.85 -16.74
C THR B 174 9.71 21.65 -15.48
N THR B 175 10.76 22.22 -14.91
CA THR B 175 10.66 23.10 -13.75
C THR B 175 10.67 24.55 -14.21
N ILE B 176 10.83 25.48 -13.25
CA ILE B 176 10.75 26.91 -13.52
C ILE B 176 12.13 27.48 -13.80
N PHE B 177 13.09 26.62 -14.13
CA PHE B 177 14.39 27.09 -14.59
C PHE B 177 14.23 27.73 -15.96
N PRO B 178 14.81 28.92 -16.20
CA PRO B 178 14.54 29.67 -17.43
C PRO B 178 15.12 28.99 -18.66
N GLY B 179 14.64 29.45 -19.82
CA GLY B 179 14.95 28.77 -21.07
C GLY B 179 14.18 27.49 -21.27
N TYR B 180 13.07 27.31 -20.55
CA TYR B 180 12.34 26.06 -20.59
C TYR B 180 11.31 26.01 -21.72
N ARG B 181 10.71 27.14 -22.08
CA ARG B 181 9.75 27.15 -23.18
C ARG B 181 10.44 26.93 -24.52
N ASP B 182 11.65 27.46 -24.70
CA ASP B 182 12.45 27.12 -25.87
C ASP B 182 12.80 25.64 -25.91
N PHE B 183 13.04 25.04 -24.73
CA PHE B 183 13.33 23.61 -24.65
C PHE B 183 12.14 22.77 -25.05
N ILE B 184 10.95 23.12 -24.55
CA ILE B 184 9.72 22.41 -24.90
C ILE B 184 9.38 22.59 -26.37
N SER B 185 9.53 23.81 -26.90
CA SER B 185 9.25 24.07 -28.30
C SER B 185 10.25 23.38 -29.21
N PHE B 186 11.51 23.26 -28.79
CA PHE B 186 12.50 22.53 -29.57
C PHE B 186 12.20 21.04 -29.59
N ILE B 187 11.74 20.49 -28.46
CA ILE B 187 11.32 19.09 -28.43
C ILE B 187 10.12 18.86 -29.34
N LYS B 188 9.16 19.80 -29.33
CA LYS B 188 7.97 19.67 -30.18
C LYS B 188 8.32 19.75 -31.66
N THR B 189 9.20 20.68 -32.03
CA THR B 189 9.61 20.78 -33.43
C THR B 189 10.52 19.63 -33.85
N THR B 190 11.22 19.00 -32.90
CA THR B 190 12.05 17.86 -33.25
C THR B 190 11.21 16.60 -33.44
N VAL B 191 10.18 16.42 -32.61
CA VAL B 191 9.23 15.33 -32.81
C VAL B 191 8.46 15.54 -34.10
N ASP B 192 8.10 16.80 -34.41
CA ASP B 192 7.45 17.11 -35.67
C ASP B 192 8.37 16.97 -36.88
N ASN B 193 9.68 16.87 -36.68
CA ASN B 193 10.65 16.69 -37.75
C ASN B 193 11.43 15.40 -37.56
N SER B 194 10.73 14.31 -37.25
CA SER B 194 11.35 13.03 -36.96
C SER B 194 10.68 11.92 -37.76
N PHE B 195 11.45 10.90 -38.11
CA PHE B 195 10.94 9.69 -38.75
C PHE B 195 10.31 8.70 -37.78
N VAL B 196 10.21 9.06 -36.50
CA VAL B 196 9.77 8.13 -35.47
C VAL B 196 8.26 8.17 -35.29
N GLY B 197 7.70 9.35 -35.07
CA GLY B 197 6.33 9.43 -34.60
C GLY B 197 6.29 9.17 -33.11
N TRP B 198 6.90 10.06 -32.35
CA TRP B 198 7.14 9.83 -30.93
C TRP B 198 5.86 9.86 -30.12
N ASP B 199 5.79 9.00 -29.10
CA ASP B 199 4.69 8.99 -28.15
C ASP B 199 5.10 9.86 -26.96
N MET B 200 4.72 11.13 -27.01
CA MET B 200 5.09 12.11 -26.00
C MET B 200 3.92 12.36 -25.07
N GLN B 201 4.15 12.20 -23.78
CA GLN B 201 3.15 12.55 -22.78
C GLN B 201 3.17 14.07 -22.55
N ASN B 202 2.11 14.59 -21.94
CA ASN B 202 2.00 16.02 -21.69
C ASN B 202 3.07 16.50 -20.71
N VAL B 203 3.43 17.78 -20.85
CA VAL B 203 4.54 18.35 -20.10
C VAL B 203 4.11 18.63 -18.67
N ILE B 204 4.80 18.01 -17.72
CA ILE B 204 4.53 18.25 -16.30
C ILE B 204 5.32 19.50 -15.89
N THR B 205 4.61 20.61 -15.69
CA THR B 205 5.23 21.88 -15.37
C THR B 205 5.10 22.15 -13.88
N LEU B 206 6.24 22.35 -13.22
CA LEU B 206 6.24 22.71 -11.82
C LEU B 206 5.98 24.21 -11.68
N ASP B 207 5.56 24.60 -10.48
CA ASP B 207 5.25 26.00 -10.20
C ASP B 207 6.19 26.60 -9.16
N THR B 208 6.27 26.01 -7.97
CA THR B 208 7.12 26.51 -6.89
C THR B 208 7.79 25.30 -6.24
N SER B 209 8.35 25.51 -5.05
CA SER B 209 8.71 24.39 -4.18
C SER B 209 7.46 23.61 -3.84
N PHE B 210 7.49 22.31 -4.11
CA PHE B 210 6.26 21.53 -4.20
C PHE B 210 5.64 21.28 -2.82
N GLU B 211 4.33 21.47 -2.75
CA GLU B 211 3.51 21.09 -1.61
C GLU B 211 3.25 19.58 -1.58
N ASP B 212 3.58 18.89 -2.69
CA ASP B 212 3.32 17.46 -2.91
C ASP B 212 1.82 17.17 -2.81
N ALA B 213 1.00 18.11 -3.29
CA ALA B 213 -0.44 17.93 -3.37
C ALA B 213 -0.96 18.02 -4.80
N LYS B 214 -0.61 19.09 -5.52
CA LYS B 214 -1.06 19.24 -6.91
C LYS B 214 -0.03 18.74 -7.90
N THR B 215 1.25 18.80 -7.56
CA THR B 215 2.28 18.23 -8.43
C THR B 215 2.23 16.71 -8.43
N GLN B 216 1.81 16.12 -7.30
CA GLN B 216 1.69 14.67 -7.22
C GLN B 216 0.60 14.13 -8.13
N VAL B 217 -0.42 14.95 -8.41
CA VAL B 217 -1.47 14.55 -9.35
C VAL B 217 -0.90 14.41 -10.75
N GLN B 218 -0.02 15.34 -11.14
CA GLN B 218 0.62 15.24 -12.44
C GLN B 218 1.69 14.14 -12.46
N LEU B 219 2.31 13.86 -11.31
CA LEU B 219 3.30 12.79 -11.26
C LEU B 219 2.66 11.41 -11.32
N LYS B 220 1.45 11.26 -10.79
CA LYS B 220 0.73 9.99 -10.89
C LYS B 220 0.16 9.76 -12.28
N LYS B 221 0.10 10.79 -13.13
CA LYS B 221 -0.30 10.60 -14.51
C LYS B 221 0.79 9.94 -15.34
N ILE B 222 2.02 9.87 -14.83
CA ILE B 222 3.15 9.33 -15.56
C ILE B 222 3.02 7.82 -15.61
N HIS B 223 2.75 7.28 -16.79
CA HIS B 223 2.74 5.85 -17.02
C HIS B 223 3.77 5.41 -18.04
N SER B 224 4.59 6.33 -18.54
CA SER B 224 5.59 6.03 -19.55
C SER B 224 6.85 5.46 -18.89
N SER B 225 7.88 5.21 -19.72
CA SER B 225 9.13 4.64 -19.25
C SER B 225 10.21 5.71 -19.07
N VAL B 226 10.55 6.42 -20.15
CA VAL B 226 11.64 7.39 -20.10
C VAL B 226 11.11 8.71 -19.54
N ILE B 227 11.71 9.17 -18.45
CA ILE B 227 11.32 10.41 -17.80
C ILE B 227 12.37 11.47 -18.11
N LEU B 228 11.95 12.55 -18.74
CA LEU B 228 12.84 13.63 -19.14
C LEU B 228 12.70 14.78 -18.16
N LEU B 229 13.78 15.09 -17.45
CA LEU B 229 13.79 16.10 -16.41
C LEU B 229 14.73 17.23 -16.79
N TYR B 230 14.27 18.47 -16.59
CA TYR B 230 15.05 19.67 -16.89
C TYR B 230 14.96 20.59 -15.67
N CYS B 231 16.03 20.62 -14.86
CA CYS B 231 16.02 21.41 -13.64
C CYS B 231 17.47 21.72 -13.26
N SER B 232 17.63 22.36 -12.11
CA SER B 232 18.93 22.67 -11.55
C SER B 232 19.35 21.59 -10.56
N LYS B 233 20.54 21.75 -9.98
CA LYS B 233 21.10 20.73 -9.11
C LYS B 233 20.38 20.69 -7.75
N ASP B 234 19.90 21.84 -7.28
CA ASP B 234 19.28 21.90 -5.96
C ASP B 234 17.90 21.24 -5.96
N GLU B 235 17.09 21.49 -6.98
CA GLU B 235 15.76 20.91 -7.04
C GLU B 235 15.78 19.44 -7.46
N ALA B 236 16.87 18.99 -8.09
CA ALA B 236 16.95 17.62 -8.57
C ALA B 236 16.97 16.60 -7.43
N VAL B 237 17.57 16.98 -6.30
CA VAL B 237 17.58 16.11 -5.13
C VAL B 237 16.17 15.90 -4.60
N LEU B 238 15.39 16.98 -4.52
CA LEU B 238 14.01 16.89 -4.04
C LEU B 238 13.13 16.13 -5.04
N ILE B 239 13.37 16.32 -6.34
CA ILE B 239 12.59 15.62 -7.36
C ILE B 239 12.88 14.13 -7.35
N LEU B 240 14.16 13.74 -7.23
CA LEU B 240 14.50 12.33 -7.17
C LEU B 240 14.05 11.69 -5.86
N SER B 241 14.07 12.44 -4.75
CA SER B 241 13.56 11.90 -3.50
C SER B 241 12.05 11.70 -3.55
N GLU B 242 11.33 12.64 -4.17
CA GLU B 242 9.89 12.50 -4.33
C GLU B 242 9.55 11.35 -5.27
N ALA B 243 10.34 11.16 -6.32
CA ALA B 243 10.11 10.05 -7.23
C ALA B 243 10.44 8.70 -6.60
N ARG B 244 11.44 8.68 -5.69
CA ARG B 244 11.74 7.45 -4.96
C ARG B 244 10.64 7.14 -3.94
N SER B 245 10.07 8.19 -3.32
CA SER B 245 8.93 7.98 -2.43
C SER B 245 7.70 7.52 -3.20
N LEU B 246 7.53 7.99 -4.44
CA LEU B 246 6.44 7.53 -5.28
C LEU B 246 6.65 6.12 -5.80
N GLY B 247 7.88 5.63 -5.81
CA GLY B 247 8.16 4.38 -6.49
C GLY B 247 8.31 4.53 -7.99
N LEU B 248 8.47 5.75 -8.47
CA LEU B 248 8.64 6.04 -9.89
C LEU B 248 10.11 6.01 -10.31
N THR B 249 10.97 5.35 -9.54
CA THR B 249 12.37 5.15 -9.89
C THR B 249 12.66 3.69 -10.20
N GLY B 250 11.73 3.04 -10.90
CA GLY B 250 11.82 1.62 -11.16
C GLY B 250 12.84 1.28 -12.23
N TYR B 251 12.85 -0.02 -12.58
CA TYR B 251 13.79 -0.55 -13.56
C TYR B 251 13.48 -0.04 -14.97
N ASP B 252 12.21 0.15 -15.29
CA ASP B 252 11.79 0.67 -16.58
C ASP B 252 11.73 2.19 -16.59
N PHE B 253 11.84 2.81 -15.43
CA PHE B 253 11.66 4.26 -15.29
C PHE B 253 13.03 4.91 -15.42
N PHE B 254 13.38 5.30 -16.65
CA PHE B 254 14.68 5.87 -16.93
C PHE B 254 14.74 7.34 -16.54
N TRP B 255 15.96 7.85 -16.43
CA TRP B 255 16.21 9.23 -15.99
C TRP B 255 17.37 9.78 -16.80
N ILE B 256 17.08 10.76 -17.66
CA ILE B 256 18.07 11.40 -18.51
C ILE B 256 18.11 12.88 -18.16
N VAL B 257 19.29 13.38 -17.80
CA VAL B 257 19.43 14.72 -17.25
C VAL B 257 20.36 15.51 -18.16
N PRO B 258 20.22 16.85 -18.20
CA PRO B 258 21.17 17.66 -18.98
C PRO B 258 22.51 17.86 -18.30
N SER B 259 23.36 18.71 -18.89
CA SER B 259 24.73 18.86 -18.42
C SER B 259 24.85 19.82 -17.23
N LEU B 260 23.98 20.83 -17.16
CA LEU B 260 24.13 21.85 -16.14
C LEU B 260 23.72 21.36 -14.76
N VAL B 261 22.75 20.43 -14.70
CA VAL B 261 22.39 19.83 -13.41
C VAL B 261 23.49 18.88 -12.95
N SER B 262 24.24 18.29 -13.88
CA SER B 262 25.39 17.45 -13.54
C SER B 262 26.53 18.37 -13.12
N GLY B 263 26.69 18.55 -11.82
CA GLY B 263 27.65 19.52 -11.31
C GLY B 263 29.02 18.94 -11.04
N ASN B 264 29.42 18.92 -9.77
CA ASN B 264 30.75 18.48 -9.40
C ASN B 264 30.88 16.97 -9.51
N THR B 265 32.02 16.52 -10.02
CA THR B 265 32.31 15.09 -10.05
C THR B 265 32.56 14.55 -8.65
N GLU B 266 33.06 15.39 -7.74
CA GLU B 266 33.31 14.97 -6.37
C GLU B 266 32.02 14.98 -5.56
N LEU B 267 31.27 16.06 -5.62
CA LEU B 267 30.05 16.22 -4.84
C LEU B 267 28.93 15.44 -5.52
N ILE B 268 28.65 14.24 -4.99
CA ILE B 268 27.56 13.41 -5.48
C ILE B 268 26.62 13.12 -4.33
N PRO B 269 25.40 13.66 -4.33
CA PRO B 269 24.44 13.32 -3.28
C PRO B 269 23.97 11.88 -3.40
N LYS B 270 23.45 11.36 -2.28
CA LYS B 270 23.05 9.96 -2.18
C LYS B 270 21.71 9.66 -2.83
N GLU B 271 21.04 10.67 -3.38
CA GLU B 271 19.72 10.48 -4.00
C GLU B 271 19.82 10.22 -5.49
N PHE B 272 20.99 9.86 -6.00
CA PHE B 272 21.06 9.60 -7.44
C PHE B 272 20.84 8.12 -7.72
N PRO B 273 20.01 7.79 -8.71
CA PRO B 273 19.84 6.38 -9.09
C PRO B 273 21.05 5.86 -9.84
N SER B 274 21.50 4.66 -9.45
CA SER B 274 22.69 4.06 -10.04
C SER B 274 22.41 3.60 -11.46
N GLY B 275 22.71 4.45 -12.44
CA GLY B 275 22.26 4.25 -13.81
C GLY B 275 21.71 5.54 -14.39
N LEU B 276 21.99 6.64 -13.71
CA LEU B 276 21.52 7.96 -14.13
C LEU B 276 22.22 8.37 -15.43
N ILE B 277 21.44 8.56 -16.48
CA ILE B 277 21.97 8.91 -17.80
C ILE B 277 22.21 10.41 -17.85
N SER B 278 23.43 10.80 -18.21
CA SER B 278 23.78 12.22 -18.34
C SER B 278 24.60 12.41 -19.60
N VAL B 279 24.51 13.62 -20.17
CA VAL B 279 25.24 14.00 -21.37
C VAL B 279 25.93 15.33 -21.10
N SER B 280 27.26 15.35 -21.25
CA SER B 280 28.03 16.57 -21.07
C SER B 280 29.30 16.47 -21.91
N TYR B 281 29.92 17.63 -22.15
CA TYR B 281 31.13 17.70 -22.95
C TYR B 281 32.40 17.51 -22.12
N ASP B 282 32.29 16.98 -20.91
CA ASP B 282 33.44 16.75 -20.05
C ASP B 282 34.23 15.55 -20.56
N ASP B 283 35.27 15.80 -21.36
CA ASP B 283 36.09 14.75 -21.95
C ASP B 283 37.43 14.73 -21.23
N TRP B 284 37.79 13.56 -20.69
CA TRP B 284 39.07 13.38 -20.03
C TRP B 284 40.16 12.87 -20.96
N ASP B 285 39.80 12.36 -22.14
CA ASP B 285 40.80 11.88 -23.08
C ASP B 285 41.50 13.04 -23.78
N TYR B 286 40.83 14.18 -23.92
CA TYR B 286 41.41 15.38 -24.51
C TYR B 286 41.52 16.44 -23.44
N SER B 287 42.76 16.81 -23.10
CA SER B 287 43.02 17.73 -22.01
C SER B 287 42.89 19.18 -22.49
N LEU B 288 43.29 20.12 -21.63
CA LEU B 288 43.16 21.53 -21.94
C LEU B 288 44.20 22.01 -22.95
N GLU B 289 45.36 21.34 -23.00
CA GLU B 289 46.46 21.81 -23.85
C GLU B 289 46.15 21.61 -25.34
N ALA B 290 45.56 20.46 -25.69
CA ALA B 290 45.15 20.24 -27.07
C ALA B 290 44.02 21.17 -27.48
N ARG B 291 43.14 21.50 -26.53
CA ARG B 291 42.03 22.40 -26.84
C ARG B 291 42.51 23.83 -27.04
N VAL B 292 43.46 24.29 -26.22
CA VAL B 292 43.97 25.63 -26.44
C VAL B 292 44.88 25.68 -27.65
N ARG B 293 45.52 24.56 -28.01
CA ARG B 293 46.29 24.52 -29.26
C ARG B 293 45.38 24.60 -30.48
N ASP B 294 44.23 23.91 -30.42
CA ASP B 294 43.25 24.01 -31.49
C ASP B 294 42.64 25.41 -31.55
N GLY B 295 42.45 26.05 -30.40
CA GLY B 295 41.94 27.41 -30.39
C GLY B 295 42.93 28.40 -30.97
N LEU B 296 44.22 28.22 -30.67
CA LEU B 296 45.27 29.03 -31.29
C LEU B 296 45.33 28.79 -32.80
N GLY B 297 45.11 27.54 -33.22
CA GLY B 297 45.07 27.25 -34.65
C GLY B 297 43.90 27.93 -35.35
N ILE B 298 42.74 27.94 -34.70
CA ILE B 298 41.56 28.63 -35.26
C ILE B 298 41.79 30.14 -35.32
N LEU B 299 42.38 30.72 -34.27
CA LEU B 299 42.62 32.15 -34.24
C LEU B 299 43.66 32.58 -35.28
N THR B 300 44.75 31.81 -35.42
CA THR B 300 45.75 32.14 -36.42
C THR B 300 45.24 31.87 -37.84
N THR B 301 44.36 30.88 -38.02
CA THR B 301 43.76 30.64 -39.32
C THR B 301 42.84 31.79 -39.72
N ALA B 302 42.03 32.28 -38.78
CA ALA B 302 41.16 33.42 -39.04
C ALA B 302 41.97 34.68 -39.30
N ALA B 303 43.06 34.88 -38.57
CA ALA B 303 43.90 36.06 -38.77
C ALA B 303 44.63 36.00 -40.11
N SER B 304 45.07 34.80 -40.53
CA SER B 304 45.78 34.68 -41.80
C SER B 304 44.82 34.81 -42.97
N SER B 305 43.59 34.30 -42.84
CA SER B 305 42.61 34.46 -43.90
C SER B 305 42.01 35.86 -43.94
N MET B 306 42.05 36.59 -42.82
CA MET B 306 41.58 37.97 -42.80
C MET B 306 42.67 38.94 -43.24
N LEU B 307 43.94 38.55 -43.11
CA LEU B 307 45.05 39.38 -43.58
C LEU B 307 45.04 39.51 -45.10
N GLU B 308 44.60 38.48 -45.82
CA GLU B 308 44.48 38.55 -47.26
C GLU B 308 43.32 39.44 -47.70
N LYS B 309 42.32 39.64 -46.84
CA LYS B 309 41.20 40.51 -47.18
C LYS B 309 41.52 41.97 -46.89
N PHE B 310 42.17 42.24 -45.76
CA PHE B 310 42.52 43.60 -45.39
C PHE B 310 43.81 43.56 -44.57
N SER B 311 44.58 44.66 -44.65
CA SER B 311 45.91 44.69 -44.06
C SER B 311 45.89 45.10 -42.59
N TYR B 312 45.25 46.23 -42.26
CA TYR B 312 45.25 46.76 -40.90
C TYR B 312 44.15 46.12 -40.06
N ILE B 313 44.27 44.82 -39.87
CA ILE B 313 43.35 44.05 -39.02
C ILE B 313 43.71 44.18 -37.54
N PRO B 314 44.99 44.00 -37.05
CA PRO B 314 45.21 44.15 -35.61
C PRO B 314 45.15 45.60 -35.14
N GLU B 315 44.03 45.96 -34.50
CA GLU B 315 43.82 47.29 -33.92
C GLU B 315 43.11 47.10 -32.58
N ALA B 316 43.83 47.32 -31.48
CA ALA B 316 43.27 47.17 -30.16
C ALA B 316 43.15 48.52 -29.46
N LYS B 317 42.53 48.50 -28.28
CA LYS B 317 42.38 49.69 -27.45
C LYS B 317 43.67 49.92 -26.68
N ALA B 318 44.01 51.21 -26.48
CA ALA B 318 45.29 51.55 -25.87
C ALA B 318 45.30 51.21 -24.38
N SER B 319 44.37 51.78 -23.61
CA SER B 319 44.32 51.52 -22.18
C SER B 319 42.87 51.62 -21.71
N CYS B 320 42.61 51.03 -20.56
CA CYS B 320 41.25 51.05 -19.99
C CYS B 320 40.87 52.44 -19.48
N TYR B 321 41.85 53.23 -19.05
CA TYR B 321 41.58 54.55 -18.50
C TYR B 321 41.28 55.54 -19.61
N GLY B 322 40.51 56.56 -19.27
CA GLY B 322 40.20 57.62 -20.21
C GLY B 322 38.73 57.59 -20.62
N PRO B 330 36.39 50.17 -34.34
CA PRO B 330 36.70 49.03 -35.20
C PRO B 330 35.62 48.77 -36.25
N LEU B 331 36.05 48.40 -37.46
CA LEU B 331 35.13 48.12 -38.56
C LEU B 331 35.17 46.67 -39.00
N HIS B 332 36.35 46.16 -39.34
CA HIS B 332 36.50 44.78 -39.82
C HIS B 332 37.13 43.94 -38.70
N THR B 333 36.32 43.10 -38.09
CA THR B 333 36.76 42.22 -37.01
C THR B 333 36.54 40.76 -37.42
N LEU B 334 36.96 39.86 -36.54
CA LEU B 334 36.78 38.43 -36.73
C LEU B 334 35.47 37.93 -36.15
N HIS B 335 34.56 38.83 -35.76
CA HIS B 335 33.29 38.43 -35.18
C HIS B 335 32.37 37.82 -36.23
N GLN B 336 32.50 38.25 -37.49
CA GLN B 336 31.68 37.75 -38.58
C GLN B 336 32.53 37.13 -39.68
N PHE B 337 33.64 36.49 -39.32
CA PHE B 337 34.55 35.96 -40.32
C PHE B 337 34.86 34.49 -40.11
N MET B 338 34.97 34.05 -38.86
CA MET B 338 35.44 32.70 -38.55
C MET B 338 34.29 31.73 -38.32
N VAL B 339 33.18 31.92 -39.04
CA VAL B 339 32.12 30.92 -39.09
C VAL B 339 32.61 29.67 -39.80
N ASN B 340 33.38 29.84 -40.87
CA ASN B 340 34.02 28.75 -41.61
C ASN B 340 35.45 28.64 -41.11
N VAL B 341 35.76 27.54 -40.42
CA VAL B 341 37.12 27.24 -40.00
C VAL B 341 37.24 25.74 -39.82
N THR B 342 38.39 25.19 -40.25
CA THR B 342 38.69 23.77 -40.12
C THR B 342 40.18 23.61 -39.98
N TRP B 343 40.62 23.01 -38.88
CA TRP B 343 42.05 22.85 -38.58
C TRP B 343 42.36 21.39 -38.34
N ASP B 344 43.37 20.88 -39.07
CA ASP B 344 43.92 19.52 -38.94
C ASP B 344 42.86 18.45 -39.16
N GLY B 345 41.92 18.70 -40.07
CA GLY B 345 40.87 17.75 -40.40
C GLY B 345 39.64 17.84 -39.53
N LYS B 346 39.80 18.23 -38.26
CA LYS B 346 38.68 18.36 -37.34
C LYS B 346 37.88 19.61 -37.70
N ASP B 347 36.64 19.42 -38.12
CA ASP B 347 35.78 20.54 -38.50
C ASP B 347 35.30 21.23 -37.23
N LEU B 348 35.99 22.30 -36.84
CA LEU B 348 35.67 23.07 -35.66
C LEU B 348 35.01 24.39 -36.03
N SER B 349 34.16 24.36 -37.05
CA SER B 349 33.48 25.56 -37.54
C SER B 349 32.44 26.04 -36.53
N PHE B 350 32.10 27.33 -36.65
CA PHE B 350 31.24 28.00 -35.69
C PHE B 350 29.84 28.22 -36.29
N THR B 351 28.93 28.62 -35.43
CA THR B 351 27.56 28.97 -35.81
C THR B 351 27.37 30.48 -35.72
N GLU B 352 26.18 30.94 -36.10
CA GLU B 352 25.87 32.36 -36.09
C GLU B 352 25.44 32.87 -34.73
N GLU B 353 25.25 31.98 -33.75
CA GLU B 353 24.88 32.40 -32.40
C GLU B 353 26.02 32.32 -31.41
N GLY B 354 27.08 31.57 -31.71
CA GLY B 354 28.24 31.51 -30.84
C GLY B 354 28.66 30.10 -30.46
N TYR B 355 28.00 29.10 -31.04
CA TYR B 355 28.31 27.70 -30.77
C TYR B 355 29.07 27.12 -31.96
N GLN B 356 29.49 25.87 -31.80
CA GLN B 356 30.21 25.18 -32.86
C GLN B 356 29.27 24.33 -33.71
N VAL B 357 29.82 23.82 -34.81
CA VAL B 357 29.08 22.96 -35.72
C VAL B 357 29.27 21.49 -35.38
N HIS B 358 30.52 21.05 -35.22
CA HIS B 358 30.83 19.67 -34.85
C HIS B 358 31.63 19.65 -33.56
N PRO B 359 30.96 19.64 -32.40
CA PRO B 359 31.67 19.49 -31.13
C PRO B 359 31.95 18.05 -30.77
N ARG B 360 32.45 17.82 -29.56
CA ARG B 360 32.68 16.48 -29.02
C ARG B 360 31.79 16.30 -27.79
N LEU B 361 30.85 15.37 -27.88
CA LEU B 361 29.90 15.11 -26.81
C LEU B 361 30.27 13.85 -26.03
N VAL B 362 29.95 13.85 -24.74
CA VAL B 362 30.26 12.76 -23.82
C VAL B 362 28.95 12.27 -23.22
N VAL B 363 28.76 10.96 -23.16
CA VAL B 363 27.59 10.35 -22.54
C VAL B 363 28.08 9.52 -21.36
N ILE B 364 27.70 9.91 -20.16
CA ILE B 364 28.10 9.22 -18.94
C ILE B 364 26.88 8.60 -18.27
N VAL B 365 27.13 7.55 -17.50
CA VAL B 365 26.13 6.92 -16.65
C VAL B 365 26.71 6.83 -15.23
N LEU B 366 25.90 6.34 -14.31
CA LEU B 366 26.30 6.14 -12.92
C LEU B 366 26.38 4.65 -12.65
N ASN B 367 27.52 4.20 -12.12
CA ASN B 367 27.72 2.78 -11.86
C ASN B 367 27.15 2.42 -10.48
N LYS B 368 27.39 1.18 -10.05
CA LYS B 368 27.05 0.78 -8.69
C LYS B 368 28.03 1.30 -7.66
N ASP B 369 29.20 1.80 -8.09
CA ASP B 369 30.20 2.36 -7.21
C ASP B 369 30.07 3.86 -7.05
N ARG B 370 28.92 4.43 -7.44
CA ARG B 370 28.56 5.85 -7.27
C ARG B 370 29.56 6.77 -7.97
N GLU B 371 29.97 6.38 -9.18
CA GLU B 371 30.91 7.15 -9.97
C GLU B 371 30.36 7.37 -11.38
N TRP B 372 30.66 8.54 -11.94
CA TRP B 372 30.17 8.89 -13.27
C TRP B 372 30.93 8.12 -14.33
N GLU B 373 30.36 6.99 -14.78
CA GLU B 373 31.02 6.10 -15.71
C GLU B 373 30.89 6.65 -17.13
N LYS B 374 32.02 7.08 -17.71
CA LYS B 374 32.03 7.58 -19.08
C LYS B 374 31.87 6.43 -20.06
N VAL B 375 30.86 6.52 -20.93
CA VAL B 375 30.55 5.42 -21.84
C VAL B 375 30.62 5.86 -23.29
N GLY B 376 29.78 6.81 -23.69
CA GLY B 376 29.52 7.08 -25.09
C GLY B 376 30.26 8.29 -25.62
N LYS B 377 30.78 8.16 -26.83
CA LYS B 377 31.42 9.25 -27.56
C LYS B 377 30.61 9.55 -28.82
N TRP B 378 30.76 10.77 -29.33
CA TRP B 378 29.95 11.26 -30.44
C TRP B 378 30.82 11.46 -31.66
N GLU B 379 30.30 11.10 -32.83
CA GLU B 379 31.01 11.23 -34.10
C GLU B 379 30.74 12.65 -34.62
N ASN B 380 31.14 12.95 -35.86
CA ASN B 380 30.94 14.30 -36.39
C ASN B 380 29.47 14.55 -36.71
N GLN B 381 28.77 13.53 -37.21
CA GLN B 381 27.34 13.63 -37.46
C GLN B 381 26.53 12.63 -36.66
N THR B 382 26.87 11.35 -36.73
CA THR B 382 26.14 10.31 -36.02
C THR B 382 26.71 10.13 -34.61
N LEU B 383 26.30 9.07 -33.93
CA LEU B 383 26.68 8.80 -32.55
C LEU B 383 27.34 7.43 -32.46
N SER B 384 28.45 7.35 -31.74
CA SER B 384 29.09 6.08 -31.44
C SER B 384 28.61 5.56 -30.09
N LEU B 385 28.65 4.24 -29.93
CA LEU B 385 28.22 3.59 -28.71
C LEU B 385 29.26 2.55 -28.31
N ARG B 386 29.82 2.71 -27.11
CA ARG B 386 30.76 1.71 -26.59
C ARG B 386 30.02 0.43 -26.20
N HIS B 387 28.98 0.56 -25.38
CA HIS B 387 28.12 -0.55 -25.01
C HIS B 387 26.93 -0.55 -25.95
N ALA B 388 27.00 -1.39 -26.99
CA ALA B 388 25.85 -1.53 -27.90
C ALA B 388 24.68 -2.20 -27.19
N VAL B 389 24.96 -3.21 -26.38
CA VAL B 389 23.95 -3.80 -25.51
C VAL B 389 23.76 -2.85 -24.32
N TRP B 390 22.56 -2.33 -24.18
CA TRP B 390 22.29 -1.39 -23.10
C TRP B 390 22.20 -2.13 -21.76
N PRO B 391 22.99 -1.73 -20.76
CA PRO B 391 22.94 -2.44 -19.47
C PRO B 391 21.67 -2.11 -18.70
N ARG B 392 21.24 -3.07 -17.89
CA ARG B 392 19.94 -2.97 -17.23
C ARG B 392 19.95 -1.96 -16.09
N TYR B 393 20.96 -2.04 -15.22
CA TYR B 393 20.98 -1.41 -13.90
C TYR B 393 19.70 -1.73 -13.14
N LYS B 394 19.55 -3.04 -12.85
CA LYS B 394 18.33 -3.58 -12.27
C LYS B 394 18.13 -3.10 -10.84
N SER B 395 19.21 -2.89 -10.10
CA SER B 395 19.15 -2.42 -8.71
C SER B 395 19.80 -1.05 -8.66
N PHE B 396 18.98 0.01 -8.70
CA PHE B 396 19.48 1.36 -8.50
C PHE B 396 19.89 1.58 -7.05
N SER B 397 19.19 0.91 -6.12
CA SER B 397 19.55 0.87 -4.71
C SER B 397 19.52 -0.59 -4.26
N ASP B 398 19.83 -0.81 -2.98
CA ASP B 398 19.82 -2.17 -2.47
C ASP B 398 18.42 -2.69 -2.23
N CYS B 399 17.48 -1.81 -1.87
CA CYS B 399 16.11 -2.21 -1.55
C CYS B 399 15.21 -2.03 -2.78
N GLU B 400 15.55 -2.74 -3.85
CA GLU B 400 14.77 -2.72 -5.09
C GLU B 400 14.56 -4.16 -5.58
N PRO B 401 13.51 -4.83 -5.13
CA PRO B 401 13.22 -6.18 -5.65
C PRO B 401 12.56 -6.10 -7.02
N ASP B 402 13.23 -6.68 -8.02
CA ASP B 402 12.73 -6.71 -9.39
C ASP B 402 12.75 -8.13 -9.91
N ASP B 403 11.70 -8.50 -10.66
CA ASP B 403 11.54 -9.87 -11.14
C ASP B 403 11.05 -9.95 -12.59
N ASN B 404 11.19 -8.89 -13.37
CA ASN B 404 10.56 -8.84 -14.68
C ASN B 404 11.52 -8.93 -15.86
N HIS B 405 12.83 -8.84 -15.63
CA HIS B 405 13.80 -8.93 -16.72
C HIS B 405 13.95 -10.38 -17.13
N LEU B 406 13.62 -10.67 -18.39
CA LEU B 406 13.62 -12.04 -18.90
C LEU B 406 14.42 -12.10 -20.20
N SER B 407 15.38 -13.03 -20.25
CA SER B 407 16.23 -13.21 -21.41
C SER B 407 15.63 -14.29 -22.32
N ILE B 408 15.44 -13.95 -23.59
CA ILE B 408 14.76 -14.82 -24.54
C ILE B 408 15.66 -15.01 -25.76
N VAL B 409 15.89 -16.27 -26.14
CA VAL B 409 16.62 -16.62 -27.35
C VAL B 409 15.65 -17.31 -28.30
N THR B 410 15.92 -17.20 -29.60
CA THR B 410 15.03 -17.78 -30.61
C THR B 410 15.86 -18.21 -31.82
N LEU B 411 15.17 -18.82 -32.78
CA LEU B 411 15.77 -19.35 -34.00
C LEU B 411 14.98 -18.89 -35.20
N GLU B 412 15.69 -18.66 -36.31
CA GLU B 412 15.09 -18.13 -37.53
C GLU B 412 14.21 -19.20 -38.19
N GLU B 413 12.90 -18.99 -38.15
CA GLU B 413 11.94 -19.85 -38.84
C GLU B 413 11.00 -18.96 -39.64
N ALA B 414 10.80 -19.31 -40.92
CA ALA B 414 10.15 -18.39 -41.85
C ALA B 414 8.69 -18.06 -41.56
N PRO B 415 7.80 -18.97 -41.12
CA PRO B 415 6.48 -18.48 -40.68
C PRO B 415 6.46 -17.90 -39.28
N PHE B 416 7.54 -18.02 -38.51
CA PHE B 416 7.53 -17.59 -37.12
C PHE B 416 8.47 -16.42 -36.85
N VAL B 417 9.75 -16.55 -37.18
CA VAL B 417 10.76 -15.55 -36.85
C VAL B 417 11.39 -15.09 -38.16
N ILE B 418 10.96 -13.94 -38.66
CA ILE B 418 11.52 -13.34 -39.85
C ILE B 418 12.51 -12.26 -39.40
N VAL B 419 13.79 -12.48 -39.69
CA VAL B 419 14.86 -11.57 -39.31
C VAL B 419 15.32 -10.84 -40.55
N GLU B 420 15.19 -9.52 -40.54
CA GLU B 420 15.54 -8.69 -41.69
C GLU B 420 16.45 -7.55 -41.26
N ASP B 421 16.95 -6.82 -42.25
CA ASP B 421 17.85 -5.71 -42.00
C ASP B 421 17.11 -4.52 -41.42
N ILE B 422 17.88 -3.61 -40.80
CA ILE B 422 17.32 -2.36 -40.33
C ILE B 422 17.08 -1.45 -41.54
N ASP B 423 16.10 -0.57 -41.43
CA ASP B 423 15.79 0.38 -42.50
C ASP B 423 16.89 1.41 -42.63
N PRO B 424 17.57 1.50 -43.78
CA PRO B 424 18.65 2.50 -43.91
C PRO B 424 18.15 3.92 -44.04
N LEU B 425 16.86 4.12 -44.36
CA LEU B 425 16.33 5.48 -44.49
C LEU B 425 16.06 6.11 -43.14
N THR B 426 15.78 5.30 -42.12
CA THR B 426 15.42 5.80 -40.80
C THR B 426 16.40 5.41 -39.70
N GLU B 427 17.22 4.37 -39.91
CA GLU B 427 18.05 3.73 -38.88
C GLU B 427 17.19 3.31 -37.69
N THR B 428 16.03 2.73 -38.00
CA THR B 428 15.01 2.41 -37.00
C THR B 428 14.17 1.27 -37.54
N CYS B 429 13.96 0.24 -36.73
CA CYS B 429 13.03 -0.83 -37.08
C CYS B 429 11.61 -0.27 -37.14
N VAL B 430 10.82 -0.79 -38.09
CA VAL B 430 9.39 -0.38 -38.21
C VAL B 430 8.66 -0.73 -36.90
N ARG B 431 7.51 -0.11 -36.64
CA ARG B 431 6.79 -0.32 -35.36
C ARG B 431 6.42 -1.79 -35.15
N ASN B 432 6.01 -2.51 -36.21
CA ASN B 432 5.53 -3.87 -35.99
C ASN B 432 6.66 -4.88 -35.93
N THR B 433 7.91 -4.44 -35.82
CA THR B 433 9.08 -5.28 -35.65
C THR B 433 9.78 -4.95 -34.36
N VAL B 434 10.60 -5.88 -33.89
CA VAL B 434 11.33 -5.72 -32.63
C VAL B 434 12.83 -5.80 -32.89
N PRO B 435 13.67 -5.16 -32.08
CA PRO B 435 15.11 -5.30 -32.27
C PRO B 435 15.62 -6.66 -31.83
N CYS B 436 16.76 -7.05 -32.39
CA CYS B 436 17.44 -8.27 -32.01
C CYS B 436 18.93 -8.08 -32.23
N ARG B 437 19.72 -8.97 -31.63
CA ARG B 437 21.15 -9.00 -31.86
C ARG B 437 21.60 -10.42 -32.08
N LYS B 438 22.72 -10.56 -32.79
CA LYS B 438 23.31 -11.87 -33.03
C LYS B 438 24.82 -11.74 -33.07
N PHE B 439 25.51 -12.59 -32.31
CA PHE B 439 26.97 -12.60 -32.26
C PHE B 439 27.48 -13.33 -33.49
N VAL B 440 27.72 -12.58 -34.56
CA VAL B 440 28.23 -13.13 -35.81
C VAL B 440 29.74 -12.92 -35.84
N LYS B 441 30.48 -14.00 -36.06
CA LYS B 441 31.93 -13.92 -36.08
C LYS B 441 32.42 -13.29 -37.38
N ILE B 442 33.62 -12.71 -37.33
CA ILE B 442 34.20 -12.03 -38.48
C ILE B 442 34.89 -13.05 -39.38
N ASN B 443 35.89 -13.74 -38.85
CA ASN B 443 36.63 -14.74 -39.59
C ASN B 443 36.67 -16.05 -38.80
N ASN B 444 37.25 -17.07 -39.44
CA ASN B 444 37.24 -18.44 -38.93
C ASN B 444 38.51 -18.82 -38.20
N SER B 445 39.53 -17.95 -38.19
CA SER B 445 40.74 -18.21 -37.44
C SER B 445 40.59 -17.80 -35.98
N THR B 446 39.95 -16.66 -35.72
CA THR B 446 39.66 -16.19 -34.38
C THR B 446 38.19 -16.40 -34.06
N ASN B 447 37.88 -16.26 -32.77
CA ASN B 447 36.50 -16.41 -32.28
C ASN B 447 35.84 -15.08 -31.96
N GLU B 448 36.50 -13.97 -32.26
CA GLU B 448 35.92 -12.66 -32.00
C GLU B 448 34.85 -12.34 -33.04
N GLY B 449 33.77 -11.70 -32.58
CA GLY B 449 32.69 -11.32 -33.48
C GLY B 449 31.99 -10.05 -33.06
N MET B 450 30.91 -9.71 -33.76
CA MET B 450 30.13 -8.52 -33.50
C MET B 450 28.67 -8.88 -33.27
N ASN B 451 28.03 -8.17 -32.34
CA ASN B 451 26.60 -8.34 -32.09
C ASN B 451 25.85 -7.46 -33.08
N VAL B 452 25.59 -8.04 -34.26
CA VAL B 452 24.84 -7.33 -35.30
C VAL B 452 23.38 -7.24 -34.89
N LYS B 453 22.84 -6.03 -34.91
CA LYS B 453 21.47 -5.77 -34.52
C LYS B 453 20.57 -5.67 -35.75
N LYS B 454 19.48 -6.43 -35.74
CA LYS B 454 18.58 -6.53 -36.89
C LYS B 454 17.13 -6.41 -36.38
N CYS B 455 16.18 -6.48 -37.32
CA CYS B 455 14.76 -6.35 -36.99
C CYS B 455 14.09 -7.71 -37.11
N CYS B 456 13.02 -7.91 -36.33
CA CYS B 456 12.29 -9.17 -36.31
C CYS B 456 10.80 -8.96 -36.40
N LYS B 457 10.17 -9.65 -37.36
CA LYS B 457 8.71 -9.74 -37.42
C LYS B 457 8.30 -11.21 -37.48
N GLY B 458 7.01 -11.48 -37.64
CA GLY B 458 6.54 -12.84 -37.78
C GLY B 458 5.41 -13.13 -36.83
N PHE B 459 5.26 -14.42 -36.52
CA PHE B 459 4.16 -14.90 -35.68
C PHE B 459 4.52 -14.89 -34.20
N CYS B 460 5.67 -15.46 -33.84
CA CYS B 460 6.10 -15.48 -32.44
C CYS B 460 6.43 -14.09 -31.94
N ILE B 461 6.81 -13.18 -32.85
CA ILE B 461 6.96 -11.77 -32.48
C ILE B 461 5.63 -11.18 -32.06
N ASP B 462 4.56 -11.52 -32.78
CA ASP B 462 3.22 -11.07 -32.41
C ASP B 462 2.77 -11.69 -31.09
N ILE B 463 3.14 -12.96 -30.86
CA ILE B 463 2.83 -13.62 -29.60
C ILE B 463 3.53 -12.92 -28.45
N LEU B 464 4.82 -12.57 -28.63
CA LEU B 464 5.58 -11.91 -27.59
C LEU B 464 5.07 -10.49 -27.34
N LYS B 465 4.64 -9.80 -28.40
CA LYS B 465 4.07 -8.47 -28.23
C LYS B 465 2.74 -8.51 -27.49
N LYS B 466 1.91 -9.51 -27.77
CA LYS B 466 0.65 -9.62 -27.04
C LYS B 466 0.87 -10.06 -25.60
N LEU B 467 1.90 -10.87 -25.34
CA LEU B 467 2.26 -11.20 -23.96
C LEU B 467 2.77 -9.97 -23.22
N SER B 468 3.51 -9.10 -23.91
CA SER B 468 3.95 -7.86 -23.28
C SER B 468 2.79 -6.90 -23.06
N ARG B 469 1.75 -6.98 -23.91
CA ARG B 469 0.56 -6.17 -23.68
C ARG B 469 -0.23 -6.67 -22.49
N THR B 470 -0.39 -7.99 -22.35
CA THR B 470 -1.25 -8.56 -21.32
C THR B 470 -0.52 -8.70 -19.98
N VAL B 471 0.58 -9.46 -19.98
CA VAL B 471 1.28 -9.77 -18.73
C VAL B 471 2.06 -8.56 -18.21
N LYS B 472 2.45 -7.65 -19.13
CA LYS B 472 3.19 -6.41 -18.83
C LYS B 472 4.52 -6.70 -18.14
N PHE B 473 5.40 -7.37 -18.88
CA PHE B 473 6.75 -7.68 -18.45
C PHE B 473 7.75 -7.05 -19.43
N THR B 474 9.02 -7.35 -19.22
CA THR B 474 10.10 -6.91 -20.11
C THR B 474 10.81 -8.13 -20.69
N TYR B 475 11.21 -8.02 -21.94
CA TYR B 475 11.83 -9.12 -22.66
C TYR B 475 13.21 -8.70 -23.17
N ASP B 476 14.10 -9.68 -23.31
CA ASP B 476 15.44 -9.49 -23.86
C ASP B 476 15.61 -10.50 -24.99
N LEU B 477 15.20 -10.09 -26.19
CA LEU B 477 15.16 -11.00 -27.33
C LEU B 477 16.46 -10.90 -28.13
N TYR B 478 17.04 -12.07 -28.45
CA TYR B 478 18.22 -12.14 -29.29
C TYR B 478 18.23 -13.49 -30.00
N LEU B 479 19.18 -13.66 -30.90
CA LEU B 479 19.27 -14.85 -31.74
C LEU B 479 20.30 -15.81 -31.18
N VAL B 480 20.15 -17.08 -31.55
CA VAL B 480 21.08 -18.13 -31.15
C VAL B 480 22.24 -18.17 -32.14
N THR B 481 23.44 -18.43 -31.64
CA THR B 481 24.63 -18.49 -32.48
C THR B 481 25.24 -19.87 -32.58
N ASN B 482 24.81 -20.82 -31.73
CA ASN B 482 25.39 -22.16 -31.78
C ASN B 482 24.80 -22.96 -32.92
N GLY B 483 23.50 -22.82 -33.17
CA GLY B 483 22.87 -23.54 -34.27
C GLY B 483 21.38 -23.73 -34.14
N LYS B 484 20.93 -24.98 -34.30
CA LYS B 484 19.53 -25.33 -34.35
C LYS B 484 18.90 -25.45 -32.96
N HIS B 485 17.74 -26.10 -32.90
CA HIS B 485 16.93 -26.17 -31.67
C HIS B 485 17.70 -26.82 -30.52
N GLY B 486 18.14 -28.05 -30.70
CA GLY B 486 18.88 -28.73 -29.65
C GLY B 486 19.15 -30.19 -29.93
N LYS B 487 20.30 -30.68 -29.49
CA LYS B 487 20.67 -32.08 -29.67
C LYS B 487 21.67 -32.48 -28.60
N LYS B 488 21.37 -33.54 -27.87
CA LYS B 488 22.22 -34.03 -26.79
C LYS B 488 23.39 -34.80 -27.40
N VAL B 489 24.56 -34.17 -27.42
CA VAL B 489 25.76 -34.79 -27.97
C VAL B 489 26.56 -35.29 -26.77
N ASN B 490 26.27 -36.53 -26.36
CA ASN B 490 26.90 -37.21 -25.22
C ASN B 490 26.77 -36.40 -23.93
N ASN B 491 25.51 -36.22 -23.51
CA ASN B 491 25.11 -35.46 -22.32
C ASN B 491 25.57 -34.00 -22.40
N VAL B 492 25.64 -33.46 -23.63
CA VAL B 492 25.93 -32.05 -23.86
C VAL B 492 24.91 -31.55 -24.88
N TRP B 493 24.10 -30.58 -24.47
CA TRP B 493 23.11 -29.99 -25.36
C TRP B 493 23.71 -28.83 -26.14
N ASN B 494 22.90 -28.24 -27.02
CA ASN B 494 23.35 -27.14 -27.86
C ASN B 494 22.17 -26.27 -28.24
N GLY B 495 22.48 -25.04 -28.64
CA GLY B 495 21.45 -24.13 -29.13
C GLY B 495 20.59 -23.57 -28.01
N MET B 496 19.29 -23.49 -28.28
CA MET B 496 18.34 -22.93 -27.31
C MET B 496 18.21 -23.81 -26.08
N ILE B 497 18.38 -25.13 -26.24
CA ILE B 497 18.40 -26.03 -25.09
C ILE B 497 19.62 -25.75 -24.23
N GLY B 498 20.78 -25.49 -24.86
CA GLY B 498 21.96 -25.12 -24.11
C GLY B 498 21.87 -23.74 -23.48
N GLU B 499 21.01 -22.88 -24.01
CA GLU B 499 20.82 -21.57 -23.40
C GLU B 499 19.83 -21.62 -22.23
N VAL B 500 18.81 -22.47 -22.33
CA VAL B 500 17.78 -22.52 -21.28
C VAL B 500 18.20 -23.42 -20.13
N VAL B 501 18.74 -24.61 -20.44
CA VAL B 501 19.11 -25.58 -19.41
C VAL B 501 20.28 -25.07 -18.57
N TYR B 502 21.27 -24.46 -19.22
CA TYR B 502 22.38 -23.85 -18.50
C TYR B 502 22.07 -22.44 -17.99
N GLN B 503 20.81 -22.01 -18.13
CA GLN B 503 20.24 -20.83 -17.47
C GLN B 503 20.91 -19.52 -17.90
N ARG B 504 21.45 -19.49 -19.12
CA ARG B 504 21.89 -18.23 -19.69
C ARG B 504 20.72 -17.41 -20.22
N ALA B 505 19.60 -18.06 -20.55
CA ALA B 505 18.38 -17.38 -20.92
C ALA B 505 17.23 -17.88 -20.03
N VAL B 506 16.00 -17.48 -20.34
CA VAL B 506 14.83 -17.86 -19.55
C VAL B 506 13.91 -18.79 -20.35
N MET B 507 13.41 -18.33 -21.49
CA MET B 507 12.45 -19.11 -22.27
C MET B 507 12.66 -18.84 -23.75
N ALA B 508 11.98 -19.64 -24.57
CA ALA B 508 12.03 -19.51 -26.02
C ALA B 508 10.62 -19.31 -26.55
N VAL B 509 10.37 -18.15 -27.14
CA VAL B 509 9.06 -17.86 -27.71
C VAL B 509 8.89 -18.59 -29.04
N GLY B 510 10.00 -18.88 -29.72
CA GLY B 510 9.95 -19.58 -31.00
C GLY B 510 9.46 -21.01 -30.89
N SER B 511 9.15 -21.57 -32.04
CA SER B 511 8.56 -22.92 -32.11
C SER B 511 9.58 -23.98 -31.76
N LEU B 512 9.08 -25.06 -31.15
CA LEU B 512 9.94 -26.14 -30.70
C LEU B 512 9.12 -27.43 -30.61
N THR B 513 9.65 -28.50 -31.19
CA THR B 513 9.03 -29.80 -31.04
C THR B 513 9.25 -30.34 -29.63
N ILE B 514 8.32 -31.18 -29.18
CA ILE B 514 8.33 -31.69 -27.82
C ILE B 514 8.42 -33.21 -27.87
N ASN B 515 9.45 -33.75 -27.21
CA ASN B 515 9.59 -35.19 -27.04
C ASN B 515 9.98 -35.46 -25.58
N GLU B 516 10.43 -36.69 -25.33
CA GLU B 516 10.59 -37.19 -23.96
C GLU B 516 11.68 -36.45 -23.20
N GLU B 517 12.90 -36.44 -23.73
CA GLU B 517 14.03 -35.88 -22.99
C GLU B 517 14.00 -34.36 -22.91
N ARG B 518 13.34 -33.68 -23.87
CA ARG B 518 13.13 -32.25 -23.74
C ARG B 518 12.18 -31.93 -22.60
N SER B 519 11.15 -32.75 -22.41
CA SER B 519 10.29 -32.60 -21.25
C SER B 519 10.99 -33.07 -19.97
N GLU B 520 12.02 -33.89 -20.09
CA GLU B 520 12.82 -34.24 -18.92
C GLU B 520 13.69 -33.07 -18.48
N VAL B 521 14.29 -32.35 -19.43
CA VAL B 521 15.28 -31.35 -19.03
C VAL B 521 14.63 -30.03 -18.61
N VAL B 522 13.51 -29.62 -19.25
CA VAL B 522 12.83 -28.38 -18.92
C VAL B 522 11.33 -28.66 -18.77
N ASP B 523 10.58 -27.60 -18.51
CA ASP B 523 9.14 -27.67 -18.35
C ASP B 523 8.48 -26.89 -19.49
N PHE B 524 7.66 -27.58 -20.28
CA PHE B 524 6.95 -26.93 -21.36
C PHE B 524 5.63 -26.33 -20.85
N SER B 525 5.15 -25.34 -21.60
CA SER B 525 3.85 -24.74 -21.31
C SER B 525 2.76 -25.52 -22.06
N VAL B 526 1.55 -24.99 -22.06
CA VAL B 526 0.45 -25.61 -22.78
C VAL B 526 0.59 -25.31 -24.26
N PRO B 527 0.19 -26.21 -25.15
CA PRO B 527 0.23 -25.90 -26.58
C PRO B 527 -0.89 -24.98 -27.00
N PHE B 528 -0.74 -24.41 -28.18
CA PHE B 528 -1.73 -23.48 -28.73
C PHE B 528 -2.13 -23.77 -30.17
N VAL B 529 -1.36 -24.56 -30.91
CA VAL B 529 -1.63 -24.80 -32.32
C VAL B 529 -1.43 -26.29 -32.59
N GLU B 530 -2.25 -26.84 -33.49
CA GLU B 530 -2.22 -28.27 -33.82
C GLU B 530 -1.30 -28.46 -35.02
N THR B 531 -0.01 -28.66 -34.75
CA THR B 531 1.00 -28.80 -35.79
C THR B 531 1.71 -30.15 -35.61
N GLY B 532 1.28 -31.14 -36.37
CA GLY B 532 1.94 -32.42 -36.42
C GLY B 532 3.04 -32.46 -37.46
N ILE B 533 3.24 -33.64 -38.05
CA ILE B 533 4.19 -33.82 -39.12
C ILE B 533 3.44 -34.19 -40.39
N SER B 534 4.15 -34.11 -41.52
CA SER B 534 3.56 -34.36 -42.83
C SER B 534 4.67 -34.69 -43.82
N VAL B 535 4.26 -35.20 -44.97
CA VAL B 535 5.15 -35.56 -46.07
C VAL B 535 4.72 -34.78 -47.30
N MET B 536 5.64 -34.00 -47.87
CA MET B 536 5.40 -33.28 -49.10
C MET B 536 5.85 -34.12 -50.29
N VAL B 537 4.94 -34.28 -51.25
CA VAL B 537 5.21 -34.95 -52.52
C VAL B 537 4.76 -34.02 -53.65
N SER B 538 4.89 -34.51 -54.88
CA SER B 538 4.46 -33.76 -56.04
C SER B 538 2.94 -33.70 -56.15
N PHE B 658 -8.46 -35.56 -56.94
CA PHE B 658 -7.00 -35.59 -56.92
C PHE B 658 -6.55 -36.96 -56.46
N VAL B 659 -5.41 -37.41 -56.98
CA VAL B 659 -4.87 -38.73 -56.65
C VAL B 659 -3.84 -38.61 -55.54
N ASP B 660 -3.77 -39.64 -54.71
CA ASP B 660 -2.84 -39.69 -53.58
C ASP B 660 -2.14 -41.04 -53.58
N GLN B 661 -0.81 -41.00 -53.63
CA GLN B 661 -0.03 -42.24 -53.60
C GLN B 661 0.18 -42.73 -52.17
N VAL B 662 0.78 -41.88 -51.33
CA VAL B 662 1.08 -42.24 -49.96
C VAL B 662 -0.14 -41.98 -49.10
N THR B 663 -0.55 -42.98 -48.32
CA THR B 663 -1.67 -42.83 -47.41
C THR B 663 -1.23 -42.35 -46.02
N GLY B 664 -0.02 -42.67 -45.61
CA GLY B 664 0.47 -42.25 -44.30
C GLY B 664 1.73 -42.99 -43.92
N LEU B 665 1.90 -43.18 -42.62
CA LEU B 665 3.07 -43.89 -42.10
C LEU B 665 2.99 -45.39 -42.39
N SER B 666 1.79 -45.92 -42.62
CA SER B 666 1.61 -47.33 -42.96
C SER B 666 1.71 -47.60 -44.45
N ASP B 667 2.42 -46.76 -45.19
CA ASP B 667 2.58 -46.93 -46.62
C ASP B 667 3.47 -48.12 -46.93
N LYS B 668 3.18 -48.79 -48.04
CA LYS B 668 4.05 -49.85 -48.55
C LYS B 668 5.34 -49.31 -49.16
N LYS B 669 5.40 -48.00 -49.44
CA LYS B 669 6.63 -47.37 -49.88
C LYS B 669 7.67 -47.30 -48.75
N PHE B 670 7.23 -47.38 -47.50
CA PHE B 670 8.13 -47.24 -46.34
C PHE B 670 8.77 -48.56 -45.93
N GLN B 671 8.84 -49.53 -46.84
CA GLN B 671 9.50 -50.80 -46.56
C GLN B 671 10.79 -50.97 -47.36
N ARG B 672 10.72 -50.84 -48.68
CA ARG B 672 11.88 -50.99 -49.56
C ARG B 672 11.59 -50.31 -50.89
N PRO B 673 12.47 -49.41 -51.35
CA PRO B 673 12.25 -48.79 -52.66
C PRO B 673 12.50 -49.71 -53.84
N HIS B 674 13.04 -50.91 -53.61
CA HIS B 674 13.17 -51.90 -54.67
C HIS B 674 11.84 -52.57 -54.99
N ASP B 675 10.85 -52.45 -54.09
CA ASP B 675 9.53 -53.01 -54.34
C ASP B 675 8.83 -52.26 -55.47
N TYR B 676 9.06 -50.96 -55.56
CA TYR B 676 8.51 -50.15 -56.64
C TYR B 676 9.57 -49.93 -57.72
N SER B 677 9.11 -49.79 -58.96
CA SER B 677 10.01 -49.74 -60.12
C SER B 677 10.83 -48.45 -60.23
N PRO B 678 10.33 -47.25 -59.91
CA PRO B 678 11.26 -46.12 -59.76
C PRO B 678 11.85 -46.08 -58.35
N PRO B 679 13.19 -46.04 -58.24
CA PRO B 679 13.81 -45.84 -56.92
C PRO B 679 13.68 -44.40 -56.46
N PHE B 680 12.79 -44.18 -55.49
CA PHE B 680 12.49 -42.84 -55.02
C PHE B 680 13.41 -42.49 -53.85
N ARG B 681 13.15 -41.34 -53.23
CA ARG B 681 14.06 -40.77 -52.24
C ARG B 681 13.31 -39.78 -51.37
N PHE B 682 13.62 -39.76 -50.08
CA PHE B 682 13.03 -38.82 -49.14
C PHE B 682 13.93 -38.71 -47.92
N GLY B 683 14.13 -37.48 -47.44
CA GLY B 683 14.94 -37.24 -46.27
C GLY B 683 14.36 -36.19 -45.37
N THR B 684 15.14 -35.72 -44.40
CA THR B 684 14.75 -34.66 -43.47
C THR B 684 15.85 -33.62 -43.41
N VAL B 685 15.68 -32.66 -42.51
CA VAL B 685 16.70 -31.64 -42.25
C VAL B 685 17.73 -32.23 -41.29
N PRO B 686 19.01 -31.86 -41.40
CA PRO B 686 20.01 -32.38 -40.45
C PRO B 686 19.85 -31.77 -39.07
N ASN B 687 20.39 -32.48 -38.08
CA ASN B 687 20.39 -32.12 -36.66
C ASN B 687 19.00 -31.85 -36.12
N GLY B 688 18.00 -32.58 -36.61
CA GLY B 688 16.62 -32.31 -36.23
C GLY B 688 16.04 -33.34 -35.29
N SER B 689 14.98 -32.92 -34.57
CA SER B 689 14.28 -33.82 -33.68
C SER B 689 13.39 -34.82 -34.42
N THR B 690 13.05 -34.52 -35.68
CA THR B 690 12.34 -35.49 -36.51
C THR B 690 13.22 -36.70 -36.80
N GLU B 691 14.54 -36.48 -36.94
CA GLU B 691 15.49 -37.58 -37.05
C GLU B 691 15.47 -38.45 -35.81
N ARG B 692 15.41 -37.82 -34.62
CA ARG B 692 15.32 -38.57 -33.38
C ARG B 692 14.01 -39.34 -33.28
N ASN B 693 12.92 -38.74 -33.78
CA ASN B 693 11.63 -39.41 -33.78
C ASN B 693 11.63 -40.64 -34.69
N ILE B 694 12.30 -40.53 -35.84
CA ILE B 694 12.42 -41.68 -36.74
C ILE B 694 13.31 -42.75 -36.14
N ARG B 695 14.42 -42.35 -35.50
CA ARG B 695 15.33 -43.32 -34.88
C ARG B 695 14.69 -44.01 -33.68
N ASN B 696 13.76 -43.34 -33.00
CA ASN B 696 12.97 -44.03 -31.98
C ASN B 696 11.84 -44.85 -32.59
N ASN B 697 11.38 -44.50 -33.79
CA ASN B 697 10.37 -45.31 -34.46
C ASN B 697 10.99 -46.46 -35.23
N TYR B 698 11.86 -46.15 -36.19
CA TYR B 698 12.46 -47.19 -37.02
C TYR B 698 13.93 -46.89 -37.30
N PRO B 699 14.85 -47.68 -36.75
CA PRO B 699 16.28 -47.50 -37.10
C PRO B 699 16.59 -47.88 -38.54
N TYR B 700 15.83 -48.82 -39.12
CA TYR B 700 16.03 -49.16 -40.52
C TYR B 700 15.65 -48.00 -41.43
N MET B 701 14.64 -47.21 -41.02
CA MET B 701 14.30 -46.01 -41.77
C MET B 701 15.40 -44.97 -41.71
N HIS B 702 16.10 -44.88 -40.56
CA HIS B 702 17.28 -44.04 -40.47
C HIS B 702 18.40 -44.56 -41.34
N GLN B 703 18.52 -45.88 -41.47
CA GLN B 703 19.54 -46.47 -42.32
C GLN B 703 19.28 -46.19 -43.79
N TYR B 704 18.00 -46.20 -44.21
CA TYR B 704 17.69 -45.81 -45.58
C TYR B 704 17.79 -44.29 -45.78
N MET B 705 17.51 -43.50 -44.75
CA MET B 705 17.55 -42.04 -44.86
C MET B 705 18.98 -41.51 -44.81
N THR B 706 19.93 -42.32 -44.32
CA THR B 706 21.34 -41.90 -44.25
C THR B 706 21.91 -41.62 -45.63
N ARG B 707 21.49 -42.38 -46.64
CA ARG B 707 21.86 -42.08 -48.02
C ARG B 707 20.93 -41.06 -48.66
N PHE B 708 19.92 -40.57 -47.94
CA PHE B 708 18.90 -39.69 -48.50
C PHE B 708 18.88 -38.32 -47.81
N ASN B 709 19.96 -37.91 -47.17
CA ASN B 709 19.96 -36.65 -46.44
C ASN B 709 20.09 -35.47 -47.38
N GLN B 710 19.86 -34.28 -46.82
CA GLN B 710 19.94 -33.02 -47.56
C GLN B 710 20.36 -31.93 -46.59
N ARG B 711 20.30 -30.67 -47.04
CA ARG B 711 20.84 -29.56 -46.26
C ARG B 711 19.77 -28.57 -45.82
N GLY B 712 19.02 -27.97 -46.74
CA GLY B 712 18.19 -26.81 -46.42
C GLY B 712 16.74 -26.99 -46.80
N VAL B 713 15.86 -26.28 -46.09
CA VAL B 713 14.42 -26.35 -46.35
C VAL B 713 14.10 -25.76 -47.71
N GLU B 714 14.65 -24.59 -48.01
CA GLU B 714 14.52 -24.03 -49.36
C GLU B 714 15.27 -24.84 -50.39
N ASP B 715 16.39 -25.47 -49.99
CA ASP B 715 17.13 -26.35 -50.88
C ASP B 715 16.31 -27.59 -51.21
N ALA B 716 15.64 -28.18 -50.21
CA ALA B 716 14.74 -29.30 -50.45
C ALA B 716 13.52 -28.87 -51.27
N LEU B 717 13.08 -27.62 -51.11
CA LEU B 717 11.96 -27.11 -51.91
C LEU B 717 12.35 -26.99 -53.37
N VAL B 718 13.54 -26.46 -53.65
CA VAL B 718 14.04 -26.39 -55.02
C VAL B 718 14.28 -27.78 -55.59
N SER B 719 14.74 -28.72 -54.75
CA SER B 719 14.93 -30.09 -55.19
C SER B 719 13.61 -30.79 -55.50
N LEU B 720 12.53 -30.42 -54.80
CA LEU B 720 11.22 -30.97 -55.12
C LEU B 720 10.62 -30.33 -56.37
N LYS B 721 10.88 -29.03 -56.58
CA LYS B 721 10.34 -28.35 -57.76
C LYS B 721 11.05 -28.81 -59.04
N THR B 722 12.38 -28.88 -59.01
CA THR B 722 13.11 -29.27 -60.22
C THR B 722 13.04 -30.77 -60.46
N GLY B 723 13.15 -31.58 -59.40
CA GLY B 723 13.11 -33.02 -59.55
C GLY B 723 14.29 -33.73 -58.95
N LYS B 724 15.04 -33.03 -58.09
CA LYS B 724 16.17 -33.60 -57.38
C LYS B 724 15.76 -34.30 -56.09
N LEU B 725 14.46 -34.38 -55.82
CA LEU B 725 13.94 -35.04 -54.62
C LEU B 725 12.50 -35.47 -54.90
N ASP B 726 12.11 -36.62 -54.37
CA ASP B 726 10.78 -37.16 -54.59
C ASP B 726 9.81 -36.75 -53.49
N ALA B 727 10.11 -37.10 -52.25
CA ALA B 727 9.27 -36.77 -51.10
C ALA B 727 10.12 -36.12 -50.02
N PHE B 728 9.45 -35.55 -49.01
CA PHE B 728 10.16 -34.92 -47.90
C PHE B 728 9.31 -35.00 -46.65
N ILE B 729 9.95 -35.17 -45.50
CA ILE B 729 9.26 -35.28 -44.22
C ILE B 729 9.56 -34.03 -43.41
N TYR B 730 8.51 -33.32 -43.01
CA TYR B 730 8.67 -32.09 -42.23
C TYR B 730 7.43 -31.96 -41.35
N ASP B 731 7.20 -30.78 -40.78
CA ASP B 731 5.97 -30.51 -40.05
C ASP B 731 4.86 -30.11 -41.02
N ALA B 732 3.65 -29.96 -40.47
CA ALA B 732 2.46 -29.81 -41.31
C ALA B 732 2.21 -28.37 -41.72
N ALA B 733 2.06 -27.48 -40.73
CA ALA B 733 1.56 -26.13 -41.01
C ALA B 733 2.58 -25.26 -41.71
N VAL B 734 3.87 -25.51 -41.48
CA VAL B 734 4.90 -24.74 -42.17
C VAL B 734 4.93 -25.09 -43.66
N LEU B 735 4.77 -26.38 -43.98
CA LEU B 735 4.63 -26.78 -45.38
C LEU B 735 3.32 -26.29 -45.98
N ASN B 736 2.27 -26.20 -45.16
CA ASN B 736 1.00 -25.63 -45.64
C ASN B 736 1.15 -24.16 -45.99
N TYR B 737 1.92 -23.42 -45.18
CA TYR B 737 2.15 -22.01 -45.46
C TYR B 737 3.07 -21.83 -46.67
N LYS B 738 4.05 -22.73 -46.84
CA LYS B 738 4.92 -22.64 -48.00
C LYS B 738 4.22 -23.05 -49.29
N ALA B 739 3.21 -23.92 -49.19
CA ALA B 739 2.45 -24.32 -50.37
C ALA B 739 1.32 -23.34 -50.67
N GLY B 740 0.82 -22.62 -49.68
CA GLY B 740 -0.23 -21.66 -49.90
C GLY B 740 0.22 -20.38 -50.60
N ARG B 741 1.53 -20.13 -50.65
CA ARG B 741 2.07 -18.96 -51.33
C ARG B 741 2.95 -19.33 -52.51
N ASP B 742 3.01 -20.61 -52.87
CA ASP B 742 3.86 -21.06 -53.98
C ASP B 742 3.14 -20.90 -55.30
N GLU B 743 3.87 -20.39 -56.30
CA GLU B 743 3.31 -20.22 -57.64
C GLU B 743 3.30 -21.55 -58.37
N GLY B 744 2.14 -21.95 -58.87
CA GLY B 744 2.00 -23.19 -59.58
C GLY B 744 1.26 -24.26 -58.80
N CYS B 745 1.58 -24.36 -57.50
CA CYS B 745 0.97 -25.29 -56.55
C CYS B 745 1.09 -26.75 -56.99
N LYS B 746 2.25 -27.10 -57.54
CA LYS B 746 2.45 -28.47 -58.02
C LYS B 746 2.65 -29.44 -56.87
N LEU B 747 3.31 -29.01 -55.80
CA LEU B 747 3.54 -29.87 -54.64
C LEU B 747 2.26 -29.95 -53.82
N VAL B 748 1.80 -31.18 -53.57
CA VAL B 748 0.53 -31.43 -52.90
C VAL B 748 0.81 -32.10 -51.56
N THR B 749 0.17 -31.59 -50.50
CA THR B 749 0.30 -32.17 -49.19
C THR B 749 -0.45 -33.50 -49.10
N ILE B 750 -0.18 -34.26 -48.05
CA ILE B 750 -0.77 -35.57 -47.84
C ILE B 750 -1.57 -35.53 -46.54
N GLY B 751 -2.89 -35.65 -46.65
CA GLY B 751 -3.77 -35.76 -45.50
C GLY B 751 -3.85 -34.48 -44.68
N SER B 752 -4.28 -34.65 -43.43
CA SER B 752 -4.40 -33.55 -42.49
C SER B 752 -3.92 -33.95 -41.09
N GLY B 753 -2.95 -34.86 -41.02
CA GLY B 753 -2.45 -35.30 -39.73
C GLY B 753 -3.21 -36.46 -39.15
N TYR B 754 -3.30 -37.56 -39.90
CA TYR B 754 -4.05 -38.75 -39.49
C TYR B 754 -3.16 -39.91 -39.08
N ILE B 755 -2.11 -40.21 -39.83
CA ILE B 755 -1.24 -41.34 -39.54
C ILE B 755 0.11 -40.71 -39.18
N PHE B 756 0.06 -39.53 -38.58
CA PHE B 756 1.24 -38.73 -38.31
C PHE B 756 1.43 -38.56 -36.79
N ALA B 757 2.38 -37.72 -36.42
CA ALA B 757 2.73 -37.55 -35.01
C ALA B 757 1.64 -36.81 -34.25
N THR B 758 1.15 -35.71 -34.83
CA THR B 758 0.07 -34.86 -34.30
C THR B 758 0.43 -34.33 -32.90
N THR B 759 1.46 -33.49 -32.90
CA THR B 759 1.95 -32.84 -31.69
C THR B 759 1.57 -31.36 -31.73
N GLY B 760 2.08 -30.60 -30.75
CA GLY B 760 1.80 -29.19 -30.66
C GLY B 760 3.07 -28.37 -30.46
N TYR B 761 2.89 -27.05 -30.42
CA TYR B 761 3.96 -26.10 -30.21
C TYR B 761 3.76 -25.43 -28.85
N GLY B 762 4.77 -25.53 -27.99
CA GLY B 762 4.73 -24.94 -26.67
C GLY B 762 5.89 -23.99 -26.42
N ILE B 763 5.89 -23.42 -25.23
CA ILE B 763 6.93 -22.50 -24.79
C ILE B 763 7.68 -23.17 -23.64
N ALA B 764 8.96 -23.47 -23.86
CA ALA B 764 9.76 -24.13 -22.86
C ALA B 764 10.25 -23.13 -21.82
N LEU B 765 9.99 -23.43 -20.55
CA LEU B 765 10.47 -22.63 -19.44
C LEU B 765 11.34 -23.49 -18.54
N GLN B 766 12.06 -22.81 -17.63
CA GLN B 766 12.93 -23.52 -16.69
C GLN B 766 12.10 -24.23 -15.64
N LYS B 767 12.72 -25.22 -14.99
CA LYS B 767 12.05 -26.03 -13.99
C LYS B 767 11.88 -25.21 -12.71
N GLY B 768 10.64 -24.84 -12.41
CA GLY B 768 10.34 -24.02 -11.26
C GLY B 768 10.17 -22.54 -11.56
N SER B 769 9.78 -22.18 -12.77
CA SER B 769 9.61 -20.78 -13.13
C SER B 769 8.27 -20.26 -12.60
N PRO B 770 8.24 -19.08 -11.99
CA PRO B 770 6.94 -18.54 -11.53
C PRO B 770 6.08 -18.01 -12.66
N TRP B 771 6.66 -17.77 -13.84
CA TRP B 771 5.92 -17.24 -14.98
C TRP B 771 5.07 -18.29 -15.69
N LYS B 772 5.22 -19.57 -15.31
CA LYS B 772 4.62 -20.66 -16.07
C LYS B 772 3.09 -20.65 -16.00
N ARG B 773 2.56 -20.41 -14.79
CA ARG B 773 1.10 -20.36 -14.63
C ARG B 773 0.50 -19.15 -15.34
N GLN B 774 1.20 -18.02 -15.31
CA GLN B 774 0.71 -16.82 -15.99
C GLN B 774 0.73 -17.00 -17.50
N ILE B 775 1.76 -17.65 -18.03
CA ILE B 775 1.82 -17.93 -19.46
C ILE B 775 0.75 -18.94 -19.86
N ASP B 776 0.47 -19.93 -19.00
CA ASP B 776 -0.57 -20.90 -19.28
C ASP B 776 -1.95 -20.26 -19.25
N LEU B 777 -2.15 -19.24 -18.41
CA LEU B 777 -3.42 -18.51 -18.44
C LEU B 777 -3.50 -17.60 -19.67
N ALA B 778 -2.36 -16.97 -20.04
CA ALA B 778 -2.36 -16.02 -21.14
C ALA B 778 -2.54 -16.68 -22.49
N LEU B 779 -2.02 -17.89 -22.67
CA LEU B 779 -2.23 -18.61 -23.92
C LEU B 779 -3.68 -19.02 -24.10
N LEU B 780 -4.33 -19.47 -23.02
CA LEU B 780 -5.74 -19.82 -23.10
C LEU B 780 -6.62 -18.59 -23.23
N GLN B 781 -6.14 -17.43 -22.75
CA GLN B 781 -6.85 -16.19 -23.02
C GLN B 781 -6.70 -15.78 -24.48
N PHE B 782 -5.51 -15.97 -25.06
CA PHE B 782 -5.27 -15.59 -26.45
C PHE B 782 -5.96 -16.51 -27.44
N VAL B 783 -6.13 -17.77 -27.11
CA VAL B 783 -6.82 -18.68 -28.01
C VAL B 783 -8.34 -18.55 -27.85
N GLY B 784 -8.81 -18.43 -26.61
CA GLY B 784 -10.24 -18.48 -26.33
C GLY B 784 -11.06 -17.26 -26.65
N ASP B 785 -10.54 -16.36 -27.49
CA ASP B 785 -11.31 -15.18 -27.90
C ASP B 785 -11.21 -14.90 -29.40
N GLY B 786 -10.68 -15.84 -30.19
CA GLY B 786 -10.52 -15.63 -31.60
C GLY B 786 -9.34 -14.78 -32.01
N GLU B 787 -8.53 -14.34 -31.06
CA GLU B 787 -7.36 -13.53 -31.39
C GLU B 787 -6.26 -14.39 -31.98
N MET B 788 -6.14 -15.64 -31.51
CA MET B 788 -5.26 -16.60 -32.16
C MET B 788 -5.73 -16.92 -33.57
N GLU B 789 -7.05 -16.96 -33.78
CA GLU B 789 -7.59 -17.12 -35.12
C GLU B 789 -7.29 -15.90 -35.99
N GLU B 790 -7.28 -14.71 -35.39
CA GLU B 790 -6.89 -13.51 -36.13
C GLU B 790 -5.42 -13.56 -36.52
N LEU B 791 -4.56 -14.06 -35.64
CA LEU B 791 -3.15 -14.20 -35.99
C LEU B 791 -2.92 -15.30 -37.03
N GLU B 792 -3.74 -16.35 -37.00
CA GLU B 792 -3.66 -17.38 -38.04
C GLU B 792 -4.15 -16.85 -39.37
N THR B 793 -5.15 -15.97 -39.36
CA THR B 793 -5.60 -15.32 -40.59
C THR B 793 -4.52 -14.38 -41.12
N LEU B 794 -3.78 -13.73 -40.21
CA LEU B 794 -2.72 -12.82 -40.62
C LEU B 794 -1.52 -13.57 -41.18
N TRP B 795 -1.18 -14.73 -40.60
CA TRP B 795 0.07 -15.40 -40.93
C TRP B 795 -0.11 -16.75 -41.61
N LEU B 796 -1.33 -17.08 -42.05
CA LEU B 796 -1.54 -18.25 -42.90
C LEU B 796 -2.52 -17.90 -44.00
N THR B 797 -2.37 -18.55 -45.14
CA THR B 797 -3.23 -18.33 -46.30
C THR B 797 -3.75 -19.69 -46.77
N GLY B 798 -4.97 -20.03 -46.38
CA GLY B 798 -5.58 -21.27 -46.80
C GLY B 798 -6.23 -21.18 -48.16
N ILE B 799 -5.57 -21.72 -49.18
CA ILE B 799 -6.08 -21.68 -50.54
C ILE B 799 -6.74 -23.01 -50.86
N CYS B 800 -7.66 -22.97 -51.83
CA CYS B 800 -8.47 -24.11 -52.31
C CYS B 800 -9.23 -24.82 -51.17
N LYS C 25 -0.48 12.39 44.64
CA LYS C 25 0.84 11.79 44.71
C LYS C 25 0.76 10.31 45.06
N ILE C 26 -0.41 9.71 44.86
CA ILE C 26 -0.64 8.31 45.17
C ILE C 26 -1.12 7.59 43.92
N VAL C 27 -0.81 6.31 43.85
CA VAL C 27 -1.24 5.42 42.77
C VAL C 27 -1.84 4.18 43.42
N ASN C 28 -3.10 3.90 43.12
CA ASN C 28 -3.81 2.76 43.68
C ASN C 28 -3.81 1.62 42.67
N ILE C 29 -3.63 0.40 43.17
CA ILE C 29 -3.62 -0.81 42.35
C ILE C 29 -4.64 -1.79 42.91
N GLY C 30 -5.62 -2.16 42.10
CA GLY C 30 -6.64 -3.12 42.51
C GLY C 30 -6.27 -4.52 42.06
N ALA C 31 -6.66 -5.50 42.87
CA ALA C 31 -6.35 -6.89 42.60
C ALA C 31 -7.46 -7.79 43.13
N VAL C 32 -7.73 -8.87 42.40
CA VAL C 32 -8.67 -9.89 42.84
C VAL C 32 -7.83 -11.13 43.13
N LEU C 33 -7.43 -11.29 44.38
CA LEU C 33 -6.52 -12.36 44.75
C LEU C 33 -7.01 -13.02 46.04
N SER C 34 -6.83 -14.34 46.13
CA SER C 34 -7.41 -15.13 47.21
C SER C 34 -6.46 -15.38 48.38
N THR C 35 -5.32 -16.01 48.11
CA THR C 35 -4.48 -16.55 49.18
C THR C 35 -3.70 -15.44 49.88
N ARG C 36 -3.58 -15.57 51.20
CA ARG C 36 -2.94 -14.53 52.00
C ARG C 36 -1.43 -14.48 51.78
N LYS C 37 -0.82 -15.62 51.44
CA LYS C 37 0.62 -15.65 51.18
C LYS C 37 0.96 -14.89 49.91
N HIS C 38 0.17 -15.07 48.85
CA HIS C 38 0.40 -14.31 47.63
C HIS C 38 -0.04 -12.85 47.76
N GLU C 39 -0.99 -12.55 48.66
CA GLU C 39 -1.28 -11.15 48.98
C GLU C 39 -0.09 -10.49 49.68
N GLN C 40 0.56 -11.22 50.58
CA GLN C 40 1.75 -10.71 51.24
C GLN C 40 2.90 -10.55 50.25
N MET C 41 3.01 -11.49 49.29
CA MET C 41 4.03 -11.37 48.25
C MET C 41 3.74 -10.19 47.32
N PHE C 42 2.46 -9.92 47.04
CA PHE C 42 2.08 -8.78 46.22
C PHE C 42 2.37 -7.47 46.93
N ARG C 43 2.07 -7.38 48.23
CA ARG C 43 2.39 -6.19 49.00
C ARG C 43 3.90 -6.00 49.16
N GLU C 44 4.64 -7.10 49.26
CA GLU C 44 6.09 -7.03 49.32
C GLU C 44 6.67 -6.53 48.00
N ALA C 45 6.07 -6.96 46.87
CA ALA C 45 6.52 -6.47 45.57
C ALA C 45 6.18 -5.00 45.36
N VAL C 46 5.04 -4.56 45.90
CA VAL C 46 4.70 -3.13 45.88
C VAL C 46 5.68 -2.33 46.72
N ASN C 47 6.07 -2.87 47.88
CA ASN C 47 7.02 -2.19 48.76
C ASN C 47 8.41 -2.14 48.14
N GLN C 48 8.83 -3.22 47.47
CA GLN C 48 10.13 -3.27 46.81
C GLN C 48 10.15 -2.55 45.46
N ALA C 49 8.98 -2.19 44.92
CA ALA C 49 8.96 -1.45 43.67
C ALA C 49 9.48 -0.03 43.84
N ASN C 50 9.34 0.55 45.02
CA ASN C 50 9.82 1.90 45.31
C ASN C 50 11.26 1.91 45.82
N LYS C 51 11.99 0.80 45.69
CA LYS C 51 13.35 0.74 46.22
C LYS C 51 14.34 1.43 45.30
N ARG C 52 14.44 0.96 44.06
CA ARG C 52 15.44 1.48 43.12
C ARG C 52 14.95 2.72 42.38
N HIS C 53 13.72 3.16 42.60
CA HIS C 53 13.18 4.35 41.93
C HIS C 53 13.42 5.62 42.74
N GLY C 54 14.41 5.63 43.62
CA GLY C 54 14.78 6.82 44.34
C GLY C 54 13.82 7.19 45.46
N SER C 55 14.00 8.40 45.96
CA SER C 55 13.20 8.95 47.05
C SER C 55 12.13 9.90 46.54
N TRP C 56 11.54 9.59 45.38
CA TRP C 56 10.47 10.42 44.82
C TRP C 56 9.20 10.27 45.66
N LYS C 57 8.41 11.35 45.69
CA LYS C 57 7.27 11.46 46.58
C LYS C 57 6.03 10.74 46.10
N ILE C 58 6.13 9.85 45.11
CA ILE C 58 4.98 9.05 44.69
C ILE C 58 4.76 7.94 45.71
N GLN C 59 3.50 7.58 45.92
CA GLN C 59 3.13 6.51 46.83
C GLN C 59 2.36 5.43 46.07
N LEU C 60 2.41 4.22 46.58
CA LEU C 60 1.76 3.07 45.94
C LEU C 60 0.91 2.36 46.98
N ASN C 61 -0.40 2.31 46.76
CA ASN C 61 -1.31 1.57 47.62
C ASN C 61 -1.90 0.42 46.84
N ALA C 62 -2.21 -0.69 47.53
CA ALA C 62 -2.75 -1.88 46.93
C ALA C 62 -4.02 -2.29 47.65
N THR C 63 -5.03 -2.71 46.89
CA THR C 63 -6.29 -3.17 47.43
C THR C 63 -6.68 -4.49 46.78
N SER C 64 -6.74 -5.55 47.57
CA SER C 64 -7.05 -6.89 47.08
C SER C 64 -8.39 -7.35 47.65
N VAL C 65 -9.18 -8.02 46.82
CA VAL C 65 -10.50 -8.50 47.20
C VAL C 65 -10.54 -10.02 47.08
N THR C 66 -11.44 -10.65 47.86
CA THR C 66 -11.55 -12.14 47.82
C THR C 66 -12.49 -12.55 46.70
N HIS C 67 -13.28 -13.62 46.90
CA HIS C 67 -14.17 -14.11 45.83
C HIS C 67 -15.43 -14.78 46.42
N LYS C 68 -16.62 -14.28 46.05
CA LYS C 68 -17.88 -14.94 46.49
C LYS C 68 -18.26 -15.93 45.38
N PRO C 69 -18.81 -17.13 45.69
CA PRO C 69 -19.08 -18.13 44.65
C PRO C 69 -19.96 -17.66 43.49
N ASN C 70 -20.64 -16.53 43.63
CA ASN C 70 -21.46 -15.99 42.54
C ASN C 70 -20.57 -15.16 41.62
N ALA C 71 -21.19 -14.51 40.62
CA ALA C 71 -20.46 -13.68 39.68
C ALA C 71 -21.09 -12.31 39.46
N ILE C 72 -22.37 -12.12 39.73
CA ILE C 72 -23.00 -10.81 39.56
C ILE C 72 -22.62 -9.90 40.72
N GLN C 73 -22.80 -10.38 41.96
CA GLN C 73 -22.49 -9.57 43.14
C GLN C 73 -21.00 -9.45 43.35
N MET C 74 -20.21 -10.41 42.86
CA MET C 74 -18.76 -10.23 42.80
C MET C 74 -18.40 -9.05 41.90
N ALA C 75 -19.01 -8.98 40.71
CA ALA C 75 -18.75 -7.88 39.80
C ALA C 75 -19.20 -6.55 40.40
N LEU C 76 -20.32 -6.56 41.14
CA LEU C 76 -20.80 -5.36 41.82
C LEU C 76 -19.82 -4.91 42.90
N SER C 77 -19.40 -5.83 43.78
CA SER C 77 -18.50 -5.48 44.88
C SER C 77 -17.16 -4.99 44.36
N VAL C 78 -16.61 -5.67 43.34
CA VAL C 78 -15.32 -5.27 42.81
C VAL C 78 -15.41 -3.94 42.06
N CYS C 79 -16.49 -3.72 41.29
CA CYS C 79 -16.57 -2.49 40.51
C CYS C 79 -16.78 -1.27 41.39
N GLU C 80 -17.68 -1.35 42.39
CA GLU C 80 -17.82 -0.18 43.26
C GLU C 80 -16.64 -0.02 44.22
N ASP C 81 -15.94 -1.10 44.60
CA ASP C 81 -14.75 -0.92 45.43
C ASP C 81 -13.61 -0.28 44.65
N LEU C 82 -13.48 -0.61 43.36
CA LEU C 82 -12.43 0.01 42.57
C LEU C 82 -12.82 1.40 42.06
N ILE C 83 -14.11 1.72 42.02
CA ILE C 83 -14.51 3.11 41.81
C ILE C 83 -14.21 3.93 43.05
N SER C 84 -14.53 3.41 44.24
CA SER C 84 -14.23 4.11 45.49
C SER C 84 -12.74 4.16 45.79
N SER C 85 -11.95 3.26 45.20
CA SER C 85 -10.50 3.27 45.40
C SER C 85 -9.75 4.06 44.34
N GLN C 86 -10.34 4.24 43.15
CA GLN C 86 -9.77 4.96 42.01
C GLN C 86 -8.42 4.38 41.60
N VAL C 87 -8.44 3.09 41.26
CA VAL C 87 -7.22 2.36 40.92
C VAL C 87 -6.85 2.61 39.47
N TYR C 88 -5.63 2.22 39.09
CA TYR C 88 -5.14 2.34 37.73
C TYR C 88 -4.95 1.01 37.03
N ALA C 89 -4.64 -0.05 37.78
CA ALA C 89 -4.44 -1.38 37.22
C ALA C 89 -5.28 -2.38 37.99
N ILE C 90 -5.94 -3.28 37.27
CA ILE C 90 -6.82 -4.28 37.86
C ILE C 90 -6.33 -5.66 37.45
N LEU C 91 -6.09 -6.52 38.44
CA LEU C 91 -5.47 -7.81 38.20
C LEU C 91 -6.35 -8.94 38.73
N VAL C 92 -6.51 -9.98 37.92
CA VAL C 92 -7.23 -11.19 38.31
C VAL C 92 -6.25 -12.36 38.16
N SER C 93 -6.03 -13.09 39.25
CA SER C 93 -4.97 -14.09 39.33
C SER C 93 -5.48 -15.39 39.93
N HIS C 94 -6.58 -15.92 39.38
CA HIS C 94 -7.20 -17.14 39.90
C HIS C 94 -7.21 -18.25 38.84
N PRO C 95 -6.16 -19.06 38.76
CA PRO C 95 -6.23 -20.27 37.92
C PRO C 95 -7.19 -21.35 38.42
N PRO C 96 -7.12 -21.87 39.75
CA PRO C 96 -7.80 -23.13 40.07
C PRO C 96 -9.29 -22.98 40.41
N THR C 97 -10.00 -22.22 39.58
CA THR C 97 -11.41 -21.98 39.85
C THR C 97 -12.24 -23.21 39.49
N PRO C 98 -13.21 -23.60 40.34
CA PRO C 98 -14.02 -24.77 40.02
C PRO C 98 -14.99 -24.53 38.86
N ASN C 99 -15.42 -23.29 38.65
CA ASN C 99 -16.24 -22.97 37.49
C ASN C 99 -15.36 -22.93 36.25
N ASP C 100 -15.78 -23.65 35.21
CA ASP C 100 -15.01 -23.74 33.97
C ASP C 100 -15.31 -22.60 33.00
N HIS C 101 -16.00 -21.55 33.45
CA HIS C 101 -16.27 -20.41 32.59
C HIS C 101 -15.04 -19.54 32.38
N PHE C 102 -14.30 -19.29 33.46
CA PHE C 102 -13.06 -18.47 33.48
C PHE C 102 -13.32 -17.07 32.92
N THR C 103 -14.23 -16.35 33.57
CA THR C 103 -14.72 -15.06 33.07
C THR C 103 -14.41 -13.93 34.04
N PRO C 104 -13.28 -13.23 33.87
CA PRO C 104 -13.10 -11.92 34.52
C PRO C 104 -13.68 -10.78 33.69
N THR C 105 -14.55 -11.12 32.73
CA THR C 105 -15.14 -10.15 31.82
C THR C 105 -15.86 -8.93 32.42
N PRO C 106 -16.71 -9.02 33.47
CA PRO C 106 -17.49 -7.83 33.84
C PRO C 106 -16.67 -6.71 34.46
N VAL C 107 -15.63 -7.04 35.24
CA VAL C 107 -14.76 -6.01 35.80
C VAL C 107 -13.97 -5.33 34.69
N SER C 108 -13.55 -6.11 33.69
CA SER C 108 -12.86 -5.53 32.54
C SER C 108 -13.79 -4.64 31.71
N TYR C 109 -15.07 -5.01 31.64
CA TYR C 109 -16.04 -4.19 30.91
C TYR C 109 -16.33 -2.90 31.66
N THR C 110 -16.41 -2.97 33.00
CA THR C 110 -16.64 -1.78 33.80
C THR C 110 -15.45 -0.84 33.75
N ALA C 111 -14.23 -1.39 33.72
CA ALA C 111 -13.06 -0.55 33.54
C ALA C 111 -12.96 -0.01 32.11
N GLY C 112 -13.45 -0.75 31.13
CA GLY C 112 -13.52 -0.28 29.76
C GLY C 112 -14.59 0.77 29.53
N PHE C 113 -15.54 0.90 30.46
CA PHE C 113 -16.45 2.04 30.43
C PHE C 113 -15.71 3.34 30.67
N TYR C 114 -14.63 3.31 31.45
CA TYR C 114 -13.76 4.47 31.64
C TYR C 114 -12.38 4.27 31.04
N ARG C 115 -12.19 3.20 30.26
CA ARG C 115 -10.94 2.90 29.53
C ARG C 115 -9.75 2.76 30.48
N ILE C 116 -9.86 1.79 31.40
CA ILE C 116 -8.83 1.51 32.40
C ILE C 116 -8.27 0.13 32.11
N PRO C 117 -6.96 -0.02 31.96
CA PRO C 117 -6.39 -1.33 31.55
C PRO C 117 -6.48 -2.36 32.66
N VAL C 118 -7.13 -3.48 32.35
CA VAL C 118 -7.18 -4.65 33.22
C VAL C 118 -6.17 -5.66 32.69
N LEU C 119 -5.23 -6.06 33.52
CA LEU C 119 -4.18 -7.01 33.15
C LEU C 119 -4.62 -8.41 33.55
N GLY C 120 -5.21 -9.14 32.60
CA GLY C 120 -5.52 -10.53 32.82
C GLY C 120 -4.26 -11.38 32.83
N LEU C 121 -4.26 -12.38 33.70
CA LEU C 121 -3.06 -13.15 33.98
C LEU C 121 -3.21 -14.65 33.81
N THR C 122 -4.43 -15.18 33.79
CA THR C 122 -4.66 -16.62 33.85
C THR C 122 -5.19 -17.20 32.55
N THR C 123 -6.31 -16.68 32.05
CA THR C 123 -6.98 -17.29 30.91
C THR C 123 -6.27 -16.94 29.61
N ARG C 124 -6.54 -17.76 28.59
CA ARG C 124 -5.95 -17.59 27.26
C ARG C 124 -7.01 -17.68 26.17
N MET C 125 -8.22 -17.22 26.46
CA MET C 125 -9.31 -17.30 25.49
C MET C 125 -9.15 -16.25 24.41
N SER C 126 -9.56 -16.61 23.19
CA SER C 126 -9.45 -15.72 22.06
C SER C 126 -10.53 -14.64 22.03
N ILE C 127 -11.55 -14.73 22.89
CA ILE C 127 -12.55 -13.68 22.98
C ILE C 127 -11.97 -12.44 23.63
N TYR C 128 -10.91 -12.60 24.42
CA TYR C 128 -10.21 -11.46 25.01
C TYR C 128 -9.26 -10.80 24.02
N SER C 129 -8.93 -11.48 22.93
CA SER C 129 -8.04 -10.92 21.92
C SER C 129 -8.71 -9.83 21.10
N ASP C 130 -10.04 -9.83 21.01
CA ASP C 130 -10.77 -8.80 20.29
C ASP C 130 -10.76 -7.52 21.11
N LYS C 131 -9.99 -6.52 20.65
CA LYS C 131 -9.96 -5.24 21.33
C LYS C 131 -11.19 -4.39 21.04
N SER C 132 -12.00 -4.74 20.03
CA SER C 132 -13.26 -4.07 19.82
C SER C 132 -14.27 -4.42 20.91
N ILE C 133 -14.19 -5.63 21.45
CA ILE C 133 -15.05 -6.06 22.55
C ILE C 133 -14.40 -5.63 23.86
N HIS C 134 -13.17 -6.07 24.08
CA HIS C 134 -12.42 -5.74 25.29
C HIS C 134 -11.58 -4.51 24.98
N LEU C 135 -12.13 -3.33 25.27
CA LEU C 135 -11.53 -2.08 24.83
C LEU C 135 -10.25 -1.75 25.60
N SER C 136 -10.20 -2.11 26.88
CA SER C 136 -9.07 -1.79 27.74
C SER C 136 -8.59 -3.02 28.49
N PHE C 137 -8.36 -4.11 27.76
CA PHE C 137 -7.84 -5.33 28.34
C PHE C 137 -6.43 -5.59 27.81
N LEU C 138 -5.49 -5.82 28.74
CA LEU C 138 -4.15 -6.25 28.40
C LEU C 138 -3.88 -7.57 29.10
N ARG C 139 -2.86 -8.27 28.63
CA ARG C 139 -2.50 -9.57 29.19
C ARG C 139 -1.06 -9.89 28.83
N THR C 140 -0.45 -10.77 29.62
CA THR C 140 0.92 -11.20 29.40
C THR C 140 0.99 -12.65 28.93
N VAL C 141 -0.13 -13.24 28.55
CA VAL C 141 -0.16 -14.61 28.02
C VAL C 141 -0.79 -14.58 26.62
N PRO C 142 -0.28 -15.36 25.68
CA PRO C 142 -0.86 -15.40 24.34
C PRO C 142 -1.99 -16.42 24.28
N PRO C 143 -2.86 -16.33 23.27
CA PRO C 143 -3.81 -17.41 23.03
C PRO C 143 -3.12 -18.61 22.39
N TYR C 144 -3.89 -19.69 22.24
CA TYR C 144 -3.34 -20.96 21.79
C TYR C 144 -3.05 -20.96 20.29
N SER C 145 -3.59 -20.01 19.53
CA SER C 145 -3.35 -19.94 18.10
C SER C 145 -1.90 -19.64 17.77
N HIS C 146 -1.21 -18.90 18.65
CA HIS C 146 0.23 -18.70 18.52
C HIS C 146 1.00 -20.01 18.63
N GLN C 147 0.45 -20.98 19.39
CA GLN C 147 1.02 -22.32 19.42
C GLN C 147 0.99 -22.99 18.06
N SER C 148 -0.01 -22.65 17.24
CA SER C 148 -0.05 -23.13 15.86
C SER C 148 1.14 -22.60 15.06
N SER C 149 1.58 -21.38 15.37
CA SER C 149 2.82 -20.87 14.80
C SER C 149 4.01 -21.71 15.23
N VAL C 150 3.99 -22.15 16.50
CA VAL C 150 4.96 -23.13 16.98
C VAL C 150 4.81 -24.42 16.19
N TRP C 151 3.57 -24.80 15.90
CA TRP C 151 3.31 -25.95 15.04
C TRP C 151 3.72 -25.64 13.61
N PHE C 152 3.65 -24.37 13.20
CA PHE C 152 4.23 -23.97 11.93
C PHE C 152 5.74 -24.09 11.96
N GLU C 153 6.34 -23.92 13.15
CA GLU C 153 7.75 -24.24 13.34
C GLU C 153 8.02 -25.72 13.10
N MET C 154 7.04 -26.58 13.44
CA MET C 154 7.09 -27.99 13.05
C MET C 154 7.17 -28.11 11.53
N MET C 155 6.39 -27.29 10.81
CA MET C 155 6.47 -27.24 9.36
C MET C 155 7.81 -26.68 8.90
N ARG C 156 8.47 -25.88 9.74
CA ARG C 156 9.82 -25.43 9.43
C ARG C 156 10.87 -26.48 9.71
N VAL C 157 10.53 -27.53 10.47
CA VAL C 157 11.49 -28.56 10.85
C VAL C 157 11.22 -29.87 10.13
N TYR C 158 10.00 -30.38 10.23
CA TYR C 158 9.67 -31.70 9.73
C TYR C 158 9.19 -31.69 8.29
N ASN C 159 9.03 -30.50 7.69
CA ASN C 159 8.74 -30.30 6.26
C ASN C 159 7.44 -30.99 5.85
N TRP C 160 6.36 -30.64 6.53
CA TRP C 160 5.04 -31.22 6.29
C TRP C 160 4.09 -30.13 5.83
N ASN C 161 3.34 -30.42 4.77
CA ASN C 161 2.56 -29.40 4.09
C ASN C 161 1.05 -29.54 4.27
N HIS C 162 0.51 -30.76 4.21
CA HIS C 162 -0.92 -31.00 4.26
C HIS C 162 -1.31 -31.32 5.70
N ILE C 163 -2.31 -30.61 6.21
CA ILE C 163 -2.74 -30.74 7.60
C ILE C 163 -4.23 -31.07 7.63
N ILE C 164 -4.68 -31.50 8.80
CA ILE C 164 -6.08 -31.82 9.06
C ILE C 164 -6.49 -31.08 10.33
N LEU C 165 -7.35 -30.08 10.19
CA LEU C 165 -7.78 -29.22 11.29
C LEU C 165 -9.05 -29.76 11.92
N LEU C 166 -9.13 -29.67 13.25
CA LEU C 166 -10.32 -30.08 13.99
C LEU C 166 -10.48 -29.14 15.18
N VAL C 167 -11.44 -28.22 15.08
CA VAL C 167 -11.72 -27.23 16.12
C VAL C 167 -13.18 -27.35 16.50
N SER C 168 -13.44 -27.57 17.79
CA SER C 168 -14.81 -27.60 18.30
C SER C 168 -15.26 -26.26 18.86
N ASP C 169 -14.37 -25.55 19.56
CA ASP C 169 -14.69 -24.25 20.16
C ASP C 169 -14.79 -23.20 19.06
N ASP C 170 -16.02 -22.83 18.70
CA ASP C 170 -16.23 -21.89 17.60
C ASP C 170 -15.99 -20.44 17.99
N HIS C 171 -15.87 -20.14 19.28
CA HIS C 171 -15.52 -18.78 19.69
C HIS C 171 -14.08 -18.45 19.34
N GLU C 172 -13.19 -19.45 19.37
CA GLU C 172 -11.81 -19.30 18.93
C GLU C 172 -11.56 -19.94 17.59
N GLY C 173 -12.57 -20.57 16.98
CA GLY C 173 -12.35 -21.29 15.74
C GLY C 173 -12.10 -20.37 14.56
N ARG C 174 -12.81 -19.24 14.49
CA ARG C 174 -12.58 -18.27 13.43
C ARG C 174 -11.21 -17.61 13.58
N ALA C 175 -10.78 -17.36 14.81
CA ALA C 175 -9.44 -16.82 15.04
C ALA C 175 -8.36 -17.84 14.71
N ALA C 176 -8.62 -19.13 14.98
CA ALA C 176 -7.67 -20.17 14.63
C ALA C 176 -7.57 -20.33 13.11
N GLN C 177 -8.71 -20.24 12.40
CA GLN C 177 -8.69 -20.28 10.95
C GLN C 177 -7.97 -19.06 10.37
N LYS C 178 -8.16 -17.90 10.99
CA LYS C 178 -7.47 -16.68 10.57
C LYS C 178 -5.97 -16.80 10.75
N ARG C 179 -5.53 -17.32 11.90
CA ARG C 179 -4.12 -17.49 12.16
C ARG C 179 -3.52 -18.56 11.26
N LEU C 180 -4.29 -19.59 10.93
CA LEU C 180 -3.83 -20.64 10.03
C LEU C 180 -3.66 -20.12 8.61
N GLU C 181 -4.61 -19.29 8.14
CA GLU C 181 -4.46 -18.68 6.83
C GLU C 181 -3.31 -17.67 6.81
N THR C 182 -3.07 -16.98 7.93
CA THR C 182 -1.94 -16.08 8.02
C THR C 182 -0.62 -16.83 7.95
N LEU C 183 -0.55 -18.01 8.58
CA LEU C 183 0.65 -18.84 8.49
C LEU C 183 0.83 -19.43 7.10
N LEU C 184 -0.27 -19.86 6.47
CA LEU C 184 -0.21 -20.44 5.14
C LEU C 184 -0.12 -19.41 4.03
N GLU C 185 -0.19 -18.12 4.35
CA GLU C 185 0.01 -17.08 3.34
C GLU C 185 1.44 -17.09 2.80
N GLU C 186 2.41 -17.51 3.62
CA GLU C 186 3.81 -17.49 3.20
C GLU C 186 4.09 -18.58 2.17
N ARG C 187 3.82 -19.84 2.52
CA ARG C 187 4.07 -20.95 1.60
C ARG C 187 3.05 -21.01 0.47
N GLU C 188 1.89 -20.35 0.64
CA GLU C 188 0.76 -20.38 -0.29
C GLU C 188 0.28 -21.79 -0.57
N SER C 189 0.18 -22.59 0.50
CA SER C 189 -0.43 -23.90 0.46
C SER C 189 -1.83 -23.82 1.05
N LYS C 190 -2.54 -24.95 1.05
CA LYS C 190 -3.92 -25.00 1.53
C LYS C 190 -4.09 -26.14 2.52
N ALA C 191 -4.90 -25.91 3.54
CA ALA C 191 -5.28 -26.97 4.47
C ALA C 191 -6.23 -27.93 3.78
N GLU C 192 -6.01 -29.23 4.00
CA GLU C 192 -6.77 -30.24 3.28
C GLU C 192 -8.19 -30.38 3.82
N LYS C 193 -8.36 -30.29 5.15
CA LYS C 193 -9.66 -30.50 5.75
C LYS C 193 -9.79 -29.66 7.01
N VAL C 194 -10.85 -28.87 7.09
CA VAL C 194 -11.17 -28.08 8.28
C VAL C 194 -12.54 -28.51 8.78
N LEU C 195 -12.72 -28.47 10.10
CA LEU C 195 -13.95 -28.94 10.73
C LEU C 195 -14.34 -28.03 11.89
N GLN C 196 -15.60 -27.61 11.91
CA GLN C 196 -16.17 -26.87 13.01
C GLN C 196 -17.56 -27.42 13.30
N PHE C 197 -17.85 -27.71 14.57
CA PHE C 197 -19.14 -28.27 14.95
C PHE C 197 -19.44 -27.91 16.40
N ASP C 198 -20.59 -28.35 16.86
CA ASP C 198 -21.06 -28.02 18.20
C ASP C 198 -20.41 -28.96 19.22
N PRO C 199 -19.72 -28.44 20.24
CA PRO C 199 -19.18 -29.32 21.29
C PRO C 199 -20.29 -29.96 22.11
N GLY C 200 -20.13 -31.25 22.37
CA GLY C 200 -21.11 -32.02 23.13
C GLY C 200 -21.55 -33.30 22.44
N THR C 201 -21.48 -33.37 21.12
CA THR C 201 -21.88 -34.56 20.40
C THR C 201 -20.77 -35.62 20.47
N LYS C 202 -21.10 -36.82 19.99
CA LYS C 202 -20.18 -37.95 20.05
C LYS C 202 -19.94 -38.64 18.72
N ASN C 203 -20.85 -38.49 17.74
CA ASN C 203 -20.74 -39.24 16.49
C ASN C 203 -20.02 -38.39 15.44
N VAL C 204 -18.76 -38.08 15.73
CA VAL C 204 -17.90 -37.37 14.78
C VAL C 204 -16.92 -38.32 14.10
N THR C 205 -17.13 -39.62 14.21
CA THR C 205 -16.17 -40.59 13.68
C THR C 205 -16.27 -40.71 12.17
N ALA C 206 -17.40 -40.27 11.59
CA ALA C 206 -17.55 -40.29 10.14
C ALA C 206 -16.59 -39.32 9.47
N LEU C 207 -16.48 -38.11 10.02
CA LEU C 207 -15.50 -37.15 9.50
C LEU C 207 -14.08 -37.57 9.82
N LEU C 208 -13.88 -38.33 10.91
CA LEU C 208 -12.57 -38.89 11.19
C LEU C 208 -12.17 -39.94 10.16
N MET C 209 -13.13 -40.75 9.71
CA MET C 209 -12.84 -41.72 8.66
C MET C 209 -12.66 -41.04 7.30
N GLU C 210 -13.37 -39.92 7.08
CA GLU C 210 -13.15 -39.16 5.85
C GLU C 210 -11.79 -38.50 5.83
N ALA C 211 -11.30 -38.07 7.00
CA ALA C 211 -9.92 -37.58 7.09
C ALA C 211 -8.91 -38.73 7.02
N ARG C 212 -9.31 -39.93 7.43
CA ARG C 212 -8.43 -41.10 7.34
C ARG C 212 -8.23 -41.53 5.90
N GLU C 213 -9.24 -41.36 5.05
CA GLU C 213 -9.12 -41.68 3.64
C GLU C 213 -8.27 -40.69 2.86
N LEU C 214 -7.96 -39.54 3.45
CA LEU C 214 -7.11 -38.55 2.81
C LEU C 214 -5.65 -38.99 2.88
N GLU C 215 -4.80 -38.25 2.16
CA GLU C 215 -3.39 -38.62 2.08
C GLU C 215 -2.64 -38.24 3.34
N ALA C 216 -2.98 -37.11 3.95
CA ALA C 216 -2.24 -36.60 5.09
C ALA C 216 -2.62 -37.34 6.37
N ARG C 217 -1.76 -37.22 7.38
CA ARG C 217 -2.01 -37.77 8.71
C ARG C 217 -1.84 -36.72 9.80
N VAL C 218 -1.62 -35.46 9.44
CA VAL C 218 -1.39 -34.40 10.42
C VAL C 218 -2.72 -34.05 11.09
N ILE C 219 -2.76 -34.16 12.41
CA ILE C 219 -3.98 -33.93 13.18
C ILE C 219 -3.73 -32.74 14.10
N ILE C 220 -4.43 -31.64 13.83
CA ILE C 220 -4.42 -30.46 14.68
C ILE C 220 -5.76 -30.39 15.40
N LEU C 221 -5.72 -30.30 16.74
CA LEU C 221 -6.91 -30.33 17.56
C LEU C 221 -6.97 -29.09 18.43
N SER C 222 -8.14 -28.45 18.49
CA SER C 222 -8.34 -27.29 19.36
C SER C 222 -9.74 -27.39 19.97
N ALA C 223 -9.80 -27.88 21.20
CA ALA C 223 -11.06 -28.03 21.91
C ALA C 223 -10.78 -28.04 23.42
N SER C 224 -11.80 -28.37 24.20
CA SER C 224 -11.67 -28.50 25.65
C SER C 224 -11.21 -29.92 25.99
N GLU C 225 -11.29 -30.27 27.27
CA GLU C 225 -10.82 -31.59 27.69
C GLU C 225 -11.80 -32.69 27.31
N ASP C 226 -13.10 -32.41 27.31
CA ASP C 226 -14.11 -33.43 27.08
C ASP C 226 -14.11 -33.89 25.62
N ASP C 227 -14.07 -32.93 24.68
CA ASP C 227 -14.04 -33.29 23.27
C ASP C 227 -12.70 -33.92 22.88
N ALA C 228 -11.62 -33.51 23.54
CA ALA C 228 -10.32 -34.14 23.31
C ALA C 228 -10.31 -35.58 23.78
N ALA C 229 -10.89 -35.86 24.95
CA ALA C 229 -11.00 -37.24 25.42
C ALA C 229 -11.95 -38.05 24.54
N THR C 230 -13.00 -37.40 24.01
CA THR C 230 -13.92 -38.08 23.11
C THR C 230 -13.24 -38.48 21.80
N VAL C 231 -12.45 -37.59 21.21
CA VAL C 231 -11.76 -37.95 19.98
C VAL C 231 -10.58 -38.88 20.23
N TYR C 232 -10.00 -38.87 21.45
CA TYR C 232 -9.00 -39.88 21.80
C TYR C 232 -9.63 -41.27 21.89
N ARG C 233 -10.82 -41.37 22.50
CA ARG C 233 -11.52 -42.64 22.55
C ARG C 233 -11.98 -43.08 21.17
N ALA C 234 -12.36 -42.12 20.31
CA ALA C 234 -12.77 -42.45 18.95
C ALA C 234 -11.60 -42.93 18.11
N ALA C 235 -10.41 -42.36 18.33
CA ALA C 235 -9.23 -42.84 17.63
C ALA C 235 -8.73 -44.15 18.21
N ALA C 236 -9.01 -44.41 19.49
CA ALA C 236 -8.56 -45.66 20.10
C ALA C 236 -9.43 -46.82 19.68
N MET C 237 -10.75 -46.60 19.56
CA MET C 237 -11.64 -47.68 19.15
C MET C 237 -11.50 -48.01 17.67
N LEU C 238 -11.24 -47.02 16.82
CA LEU C 238 -11.10 -47.23 15.39
C LEU C 238 -9.66 -47.45 14.95
N ASN C 239 -8.72 -47.45 15.91
CA ASN C 239 -7.28 -47.60 15.70
C ASN C 239 -6.73 -46.57 14.69
N MET C 240 -6.99 -45.30 14.97
CA MET C 240 -6.38 -44.22 14.22
C MET C 240 -5.09 -43.71 14.87
N THR C 241 -4.52 -44.48 15.78
CA THR C 241 -3.28 -44.12 16.48
C THR C 241 -2.16 -45.10 16.16
N GLY C 242 -2.19 -45.68 14.97
CA GLY C 242 -1.19 -46.66 14.59
C GLY C 242 0.09 -46.05 14.05
N SER C 243 0.56 -46.54 12.92
CA SER C 243 1.81 -46.08 12.34
C SER C 243 1.57 -44.91 11.38
N GLY C 244 2.40 -43.89 11.52
CA GLY C 244 2.34 -42.73 10.64
C GLY C 244 1.33 -41.68 11.02
N TYR C 245 0.42 -41.96 11.94
CA TYR C 245 -0.61 -41.00 12.33
C TYR C 245 0.00 -39.90 13.18
N VAL C 246 0.07 -38.69 12.64
CA VAL C 246 0.71 -37.56 13.31
C VAL C 246 -0.27 -36.98 14.33
N TRP C 247 0.14 -36.93 15.59
CA TRP C 247 -0.63 -36.34 16.67
C TRP C 247 0.14 -35.17 17.26
N LEU C 248 -0.55 -34.05 17.47
CA LEU C 248 0.12 -32.82 17.89
C LEU C 248 -0.90 -31.96 18.65
N VAL C 249 -0.80 -31.98 19.98
CA VAL C 249 -1.78 -31.34 20.86
C VAL C 249 -1.11 -30.31 21.75
N GLY C 250 -1.90 -29.68 22.63
CA GLY C 250 -1.39 -28.66 23.52
C GLY C 250 -1.60 -28.97 25.00
N GLU C 251 -1.66 -27.92 25.82
CA GLU C 251 -1.73 -28.10 27.27
C GLU C 251 -3.13 -28.47 27.74
N ARG C 252 -4.17 -27.97 27.06
CA ARG C 252 -5.53 -28.29 27.45
C ARG C 252 -5.89 -29.74 27.13
N GLU C 253 -5.20 -30.35 26.17
CA GLU C 253 -5.52 -31.68 25.71
C GLU C 253 -4.71 -32.76 26.42
N ILE C 254 -3.85 -32.38 27.37
CA ILE C 254 -3.03 -33.34 28.10
C ILE C 254 -3.37 -33.30 29.59
N SER C 255 -4.60 -32.87 29.90
CA SER C 255 -5.04 -32.75 31.28
C SER C 255 -6.37 -33.48 31.47
N GLY C 256 -6.60 -33.93 32.70
CA GLY C 256 -7.86 -34.59 33.01
C GLY C 256 -7.90 -36.00 32.47
N ASN C 257 -9.10 -36.43 32.05
CA ASN C 257 -9.25 -37.76 31.47
C ASN C 257 -8.69 -37.84 30.05
N ALA C 258 -8.43 -36.71 29.40
CA ALA C 258 -7.77 -36.72 28.11
C ALA C 258 -6.32 -37.19 28.23
N LEU C 259 -5.66 -36.90 29.35
CA LEU C 259 -4.34 -37.45 29.61
C LEU C 259 -4.41 -38.95 29.86
N ARG C 260 -5.49 -39.43 30.48
CA ARG C 260 -5.67 -40.86 30.69
C ARG C 260 -5.99 -41.57 29.38
N TYR C 261 -6.76 -40.93 28.50
CA TYR C 261 -7.16 -41.51 27.24
C TYR C 261 -6.14 -41.25 26.13
N ALA C 262 -5.01 -40.63 26.44
CA ALA C 262 -4.03 -40.29 25.41
C ALA C 262 -3.20 -41.52 25.06
N PRO C 263 -2.92 -41.74 23.77
CA PRO C 263 -2.02 -42.83 23.39
C PRO C 263 -0.58 -42.48 23.69
N ASP C 264 0.24 -43.53 23.83
CA ASP C 264 1.65 -43.35 24.09
C ASP C 264 2.38 -42.86 22.84
N GLY C 265 3.31 -41.93 23.05
CA GLY C 265 4.05 -41.34 21.96
C GLY C 265 3.47 -40.06 21.40
N ILE C 266 2.48 -39.48 22.05
CA ILE C 266 1.87 -38.24 21.56
C ILE C 266 2.75 -37.05 21.95
N ILE C 267 2.82 -36.07 21.07
CA ILE C 267 3.64 -34.88 21.26
C ILE C 267 2.75 -33.73 21.69
N GLY C 268 3.08 -33.10 22.81
CA GLY C 268 2.31 -32.00 23.34
C GLY C 268 3.20 -30.82 23.70
N LEU C 269 2.55 -29.74 24.12
CA LEU C 269 3.23 -28.52 24.50
C LEU C 269 3.07 -28.26 26.00
N GLN C 270 3.97 -27.45 26.54
CA GLN C 270 3.95 -27.07 27.94
C GLN C 270 4.32 -25.61 28.09
N LEU C 271 3.49 -24.88 28.82
CA LEU C 271 3.76 -23.48 29.14
C LEU C 271 4.72 -23.41 30.31
N ILE C 272 5.91 -22.86 30.09
CA ILE C 272 6.87 -22.70 31.16
C ILE C 272 6.42 -21.58 32.08
N ASN C 273 6.25 -21.90 33.38
CA ASN C 273 5.68 -21.03 34.40
C ASN C 273 4.28 -20.52 34.00
N GLY C 274 3.49 -21.42 33.41
CA GLY C 274 2.13 -21.05 33.03
C GLY C 274 1.20 -21.00 34.22
N LYS C 275 1.41 -21.89 35.19
CA LYS C 275 0.61 -21.91 36.41
C LYS C 275 1.40 -21.44 37.63
N ASN C 276 2.67 -21.07 37.46
CA ASN C 276 3.50 -20.63 38.58
C ASN C 276 3.20 -19.15 38.82
N GLU C 277 2.45 -18.91 39.91
CA GLU C 277 1.82 -17.62 40.11
C GLU C 277 2.76 -16.62 40.78
N SER C 278 3.71 -17.12 41.59
CA SER C 278 4.46 -16.26 42.50
C SER C 278 5.43 -15.34 41.76
N ALA C 279 6.16 -15.87 40.79
CA ALA C 279 7.00 -15.03 39.96
C ALA C 279 6.20 -14.21 38.95
N HIS C 280 5.02 -14.72 38.57
CA HIS C 280 4.17 -14.01 37.61
C HIS C 280 3.60 -12.74 38.21
N ILE C 281 3.27 -12.79 39.51
CA ILE C 281 2.81 -11.60 40.23
C ILE C 281 3.90 -10.54 40.29
N SER C 282 5.15 -10.96 40.56
CA SER C 282 6.26 -10.01 40.63
C SER C 282 6.57 -9.42 39.26
N ASP C 283 6.44 -10.22 38.20
CA ASP C 283 6.59 -9.71 36.84
C ASP C 283 5.52 -8.68 36.51
N ALA C 284 4.27 -8.95 36.92
CA ALA C 284 3.18 -8.00 36.69
C ALA C 284 3.39 -6.71 37.47
N VAL C 285 3.90 -6.82 38.71
CA VAL C 285 4.19 -5.65 39.52
C VAL C 285 5.29 -4.82 38.88
N GLY C 286 6.33 -5.46 38.34
CA GLY C 286 7.38 -4.73 37.65
C GLY C 286 6.90 -4.04 36.40
N VAL C 287 6.04 -4.71 35.63
CA VAL C 287 5.47 -4.12 34.42
C VAL C 287 4.61 -2.90 34.75
N VAL C 288 3.70 -3.04 35.73
CA VAL C 288 2.82 -1.95 36.11
C VAL C 288 3.61 -0.80 36.73
N ALA C 289 4.64 -1.11 37.51
CA ALA C 289 5.42 -0.08 38.18
C ALA C 289 6.25 0.72 37.19
N GLN C 290 6.87 0.06 36.20
CA GLN C 290 7.62 0.82 35.21
C GLN C 290 6.69 1.56 34.26
N ALA C 291 5.47 1.04 34.02
CA ALA C 291 4.50 1.80 33.24
C ALA C 291 4.04 3.06 33.97
N VAL C 292 3.84 2.98 35.29
CA VAL C 292 3.43 4.15 36.06
C VAL C 292 4.56 5.17 36.15
N HIS C 293 5.80 4.71 36.38
CA HIS C 293 6.93 5.64 36.40
C HIS C 293 7.26 6.20 35.02
N GLU C 294 6.84 5.53 33.94
CA GLU C 294 6.94 6.14 32.62
C GLU C 294 5.86 7.18 32.42
N LEU C 295 4.65 6.91 32.92
CA LEU C 295 3.53 7.85 32.74
C LEU C 295 3.70 9.10 33.60
N LEU C 296 4.43 9.01 34.72
CA LEU C 296 4.65 10.17 35.57
C LEU C 296 5.57 11.20 34.94
N GLU C 297 6.33 10.84 33.91
CA GLU C 297 7.26 11.77 33.28
C GLU C 297 6.61 12.63 32.20
N LYS C 298 5.30 12.49 31.97
CA LYS C 298 4.62 13.24 30.91
C LYS C 298 3.48 14.05 31.49
N GLU C 299 2.91 14.91 30.66
CA GLU C 299 1.90 15.88 31.06
C GLU C 299 0.51 15.31 30.84
N ASN C 300 -0.51 16.16 31.02
CA ASN C 300 -1.93 15.83 30.90
C ASN C 300 -2.33 14.67 31.83
N ILE C 301 -2.21 14.93 33.13
CA ILE C 301 -2.56 13.93 34.13
C ILE C 301 -4.04 14.04 34.47
N THR C 302 -4.76 12.93 34.30
CA THR C 302 -6.18 12.87 34.63
C THR C 302 -6.41 11.77 35.65
N ASP C 303 -7.55 11.85 36.33
CA ASP C 303 -7.89 10.92 37.40
C ASP C 303 -9.27 10.35 37.18
N PRO C 304 -9.50 9.10 37.57
CA PRO C 304 -10.84 8.52 37.49
C PRO C 304 -11.77 9.14 38.53
N PRO C 305 -12.95 9.60 38.12
CA PRO C 305 -13.86 10.26 39.05
C PRO C 305 -14.63 9.23 39.88
N ARG C 306 -15.54 9.75 40.71
CA ARG C 306 -16.42 8.92 41.53
C ARG C 306 -17.61 8.50 40.67
N GLY C 307 -17.36 7.52 39.80
CA GLY C 307 -18.32 7.13 38.77
C GLY C 307 -19.53 6.37 39.27
N CYS C 308 -19.59 6.05 40.57
CA CYS C 308 -20.74 5.32 41.09
C CYS C 308 -21.95 6.23 41.23
N VAL C 309 -21.76 7.47 41.66
CA VAL C 309 -22.85 8.41 41.90
C VAL C 309 -22.58 9.66 41.07
N GLY C 310 -23.38 9.86 40.03
CA GLY C 310 -23.43 11.14 39.33
C GLY C 310 -22.22 11.51 38.50
N ASN C 311 -21.47 10.52 38.00
CA ASN C 311 -20.31 10.78 37.16
C ASN C 311 -20.29 9.77 36.02
N THR C 312 -20.65 10.24 34.82
CA THR C 312 -20.56 9.44 33.61
C THR C 312 -19.50 9.96 32.65
N ASN C 313 -18.73 10.95 33.06
CA ASN C 313 -17.67 11.49 32.21
C ASN C 313 -16.50 10.53 32.15
N ILE C 314 -16.06 10.21 30.93
CA ILE C 314 -15.03 9.19 30.74
C ILE C 314 -13.66 9.75 31.11
N TRP C 315 -12.75 8.84 31.44
CA TRP C 315 -11.36 9.20 31.74
C TRP C 315 -10.66 9.50 30.42
N LYS C 316 -10.25 10.76 30.24
CA LYS C 316 -9.88 11.29 28.93
C LYS C 316 -8.57 10.73 28.41
N THR C 317 -7.68 10.27 29.29
CA THR C 317 -6.38 9.73 28.88
C THR C 317 -6.38 8.22 28.84
N GLY C 318 -7.50 7.62 28.43
CA GLY C 318 -7.61 6.19 28.24
C GLY C 318 -6.72 5.66 27.13
N PRO C 319 -6.97 6.08 25.89
CA PRO C 319 -6.07 5.70 24.79
C PRO C 319 -4.67 6.25 24.91
N LEU C 320 -4.48 7.36 25.64
CA LEU C 320 -3.13 7.87 25.87
C LEU C 320 -2.33 6.93 26.76
N PHE C 321 -2.92 6.48 27.87
CA PHE C 321 -2.26 5.51 28.74
C PHE C 321 -2.15 4.15 28.05
N LYS C 322 -3.09 3.83 27.17
CA LYS C 322 -2.96 2.63 26.33
C LYS C 322 -1.76 2.72 25.40
N ARG C 323 -1.53 3.92 24.83
CA ARG C 323 -0.37 4.13 23.96
C ARG C 323 0.93 4.08 24.76
N VAL C 324 0.88 4.52 26.02
CA VAL C 324 2.01 4.32 26.94
C VAL C 324 2.27 2.83 27.13
N LEU C 325 1.21 2.04 27.28
CA LEU C 325 1.37 0.60 27.46
C LEU C 325 1.72 -0.13 26.16
N MET C 326 1.57 0.50 25.00
CA MET C 326 1.93 -0.16 23.75
C MET C 326 3.44 -0.27 23.61
N SER C 327 4.17 0.81 23.87
CA SER C 327 5.61 0.84 23.71
C SER C 327 6.36 0.40 24.97
N SER C 328 5.74 -0.41 25.82
CA SER C 328 6.35 -0.86 27.07
C SER C 328 7.36 -1.96 26.75
N LYS C 329 8.63 -1.69 27.02
CA LYS C 329 9.72 -2.62 26.78
C LYS C 329 10.46 -2.89 28.08
N TYR C 330 10.68 -4.16 28.38
CA TYR C 330 11.19 -4.55 29.69
C TYR C 330 12.42 -5.44 29.57
N ALA C 331 13.17 -5.51 30.67
CA ALA C 331 14.41 -6.29 30.72
C ALA C 331 14.57 -7.04 32.04
N ASP C 332 13.52 -7.10 32.86
CA ASP C 332 13.59 -7.74 34.17
C ASP C 332 12.57 -8.87 34.22
N GLY C 333 12.91 -9.92 34.97
CA GLY C 333 12.01 -11.04 35.16
C GLY C 333 12.67 -12.39 34.99
N VAL C 334 12.10 -13.41 35.64
CA VAL C 334 12.63 -14.77 35.50
C VAL C 334 12.22 -15.35 34.15
N THR C 335 11.06 -14.94 33.64
CA THR C 335 10.60 -15.43 32.35
C THR C 335 11.45 -14.88 31.20
N GLY C 336 11.67 -13.58 31.18
CA GLY C 336 12.59 -13.00 30.23
C GLY C 336 12.02 -11.75 29.59
N ARG C 337 12.21 -11.67 28.27
CA ARG C 337 11.89 -10.49 27.48
C ARG C 337 10.39 -10.42 27.27
N VAL C 338 9.68 -9.87 28.26
CA VAL C 338 8.26 -9.61 28.09
C VAL C 338 8.07 -8.38 27.22
N GLU C 339 7.22 -8.49 26.21
CA GLU C 339 7.04 -7.42 25.24
C GLU C 339 5.67 -7.55 24.59
N PHE C 340 5.01 -6.42 24.37
CA PHE C 340 3.68 -6.38 23.79
C PHE C 340 3.75 -6.14 22.29
N ASN C 341 2.89 -6.83 21.55
CA ASN C 341 2.73 -6.61 20.12
C ASN C 341 1.61 -5.60 19.90
N GLU C 342 1.12 -5.50 18.66
CA GLU C 342 -0.04 -4.66 18.39
C GLU C 342 -1.33 -5.21 19.01
N ASP C 343 -1.36 -6.51 19.32
CA ASP C 343 -2.47 -7.12 20.03
C ASP C 343 -2.27 -7.16 21.53
N GLY C 344 -1.13 -6.68 22.03
CA GLY C 344 -0.84 -6.74 23.44
C GLY C 344 -0.52 -8.13 23.96
N ASP C 345 0.06 -8.98 23.12
CA ASP C 345 0.36 -10.35 23.50
C ASP C 345 1.76 -10.44 24.08
N ARG C 346 2.27 -11.67 24.23
CA ARG C 346 3.57 -11.93 24.83
C ARG C 346 4.56 -12.31 23.74
N LYS C 347 5.67 -11.58 23.67
CA LYS C 347 6.74 -11.89 22.74
C LYS C 347 7.83 -12.68 23.45
N PHE C 348 8.53 -13.51 22.68
CA PHE C 348 9.72 -14.27 23.09
C PHE C 348 9.42 -15.18 24.28
N ALA C 349 8.55 -16.15 24.04
CA ALA C 349 8.07 -17.04 25.08
C ALA C 349 8.77 -18.40 25.00
N ASN C 350 9.44 -18.78 26.08
CA ASN C 350 9.98 -20.12 26.22
C ASN C 350 8.85 -21.14 26.36
N TYR C 351 8.83 -22.11 25.46
CA TYR C 351 7.87 -23.21 25.50
C TYR C 351 8.62 -24.54 25.66
N SER C 352 7.94 -25.55 26.19
CA SER C 352 8.48 -26.89 26.26
C SER C 352 7.67 -27.82 25.36
N ILE C 353 8.33 -28.85 24.85
CA ILE C 353 7.71 -29.85 23.98
C ILE C 353 7.88 -31.20 24.68
N MET C 354 6.75 -31.80 25.05
CA MET C 354 6.71 -33.00 25.87
C MET C 354 6.27 -34.20 25.02
N ASN C 355 6.66 -35.38 25.47
CA ASN C 355 6.26 -36.63 24.85
C ASN C 355 5.72 -37.57 25.93
N LEU C 356 4.77 -38.40 25.54
CA LEU C 356 4.14 -39.35 26.46
C LEU C 356 4.71 -40.73 26.16
N GLN C 357 5.76 -41.10 26.90
CA GLN C 357 6.44 -42.39 26.72
C GLN C 357 5.98 -43.32 27.83
N ASN C 358 5.10 -44.25 27.48
CA ASN C 358 4.55 -45.28 28.37
C ASN C 358 3.87 -44.65 29.59
N ARG C 359 2.92 -43.74 29.32
CA ARG C 359 2.16 -42.98 30.32
C ARG C 359 3.08 -42.18 31.25
N LYS C 360 4.17 -41.64 30.69
CA LYS C 360 5.09 -40.79 31.43
C LYS C 360 5.44 -39.60 30.55
N LEU C 361 5.36 -38.40 31.13
CA LEU C 361 5.67 -37.17 30.41
C LEU C 361 7.19 -37.03 30.27
N VAL C 362 7.68 -37.07 29.04
CA VAL C 362 9.11 -36.98 28.75
C VAL C 362 9.34 -35.75 27.90
N GLN C 363 10.24 -34.88 28.35
CA GLN C 363 10.56 -33.66 27.62
C GLN C 363 11.45 -33.97 26.43
N VAL C 364 11.03 -33.54 25.24
CA VAL C 364 11.76 -33.79 24.01
C VAL C 364 12.14 -32.52 23.26
N GLY C 365 11.74 -31.35 23.74
CA GLY C 365 12.18 -30.15 23.05
C GLY C 365 12.00 -28.89 23.86
N ILE C 366 12.77 -27.87 23.49
CA ILE C 366 12.65 -26.52 24.05
C ILE C 366 12.43 -25.56 22.90
N TYR C 367 11.84 -24.41 23.19
CA TYR C 367 11.49 -23.42 22.18
C TYR C 367 11.71 -22.01 22.72
N ASN C 368 12.62 -21.27 22.07
CA ASN C 368 12.80 -19.84 22.27
C ASN C 368 11.77 -19.13 21.38
N GLY C 369 11.84 -17.81 21.25
CA GLY C 369 10.78 -17.08 20.55
C GLY C 369 10.76 -17.30 19.04
N THR C 370 11.80 -17.94 18.49
CA THR C 370 11.89 -18.14 17.05
C THR C 370 12.33 -19.54 16.63
N HIS C 371 12.86 -20.37 17.52
CA HIS C 371 13.50 -21.59 17.06
C HIS C 371 13.27 -22.73 18.05
N VAL C 372 13.13 -23.94 17.49
CA VAL C 372 12.92 -25.17 18.24
C VAL C 372 14.26 -25.91 18.31
N ILE C 373 14.63 -26.37 19.49
CA ILE C 373 15.78 -27.26 19.66
C ILE C 373 15.36 -28.49 20.44
N PRO C 374 15.47 -29.69 19.89
CA PRO C 374 15.26 -30.90 20.69
C PRO C 374 16.42 -31.12 21.65
N ASN C 375 16.11 -31.69 22.81
CA ASN C 375 17.11 -31.94 23.84
C ASN C 375 17.89 -33.21 23.55
N ASP C 376 18.66 -33.69 24.54
CA ASP C 376 19.41 -34.93 24.41
C ASP C 376 18.51 -36.17 24.43
N ARG C 377 17.26 -36.05 24.86
CA ARG C 377 16.33 -37.17 24.85
C ARG C 377 15.88 -37.46 23.43
N LYS C 378 15.57 -38.74 23.19
CA LYS C 378 15.17 -39.18 21.86
C LYS C 378 13.67 -38.92 21.66
N ILE C 379 13.25 -39.01 20.40
CA ILE C 379 11.86 -38.80 20.01
C ILE C 379 11.31 -40.15 19.57
N ILE C 380 10.60 -40.81 20.47
CA ILE C 380 10.00 -42.11 20.20
C ILE C 380 8.55 -41.89 19.78
N TRP C 381 8.22 -42.35 18.60
CA TRP C 381 6.97 -42.21 17.87
C TRP C 381 6.06 -43.39 18.13
N PRO C 382 4.74 -43.21 18.01
CA PRO C 382 3.81 -44.35 18.20
C PRO C 382 3.87 -45.39 17.10
N GLY C 383 4.52 -45.12 15.97
CA GLY C 383 4.59 -46.06 14.88
C GLY C 383 5.85 -46.89 14.89
N GLY C 384 6.76 -46.60 13.97
CA GLY C 384 7.96 -47.40 13.81
C GLY C 384 9.22 -46.80 14.41
N GLU C 385 10.06 -46.23 13.55
CA GLU C 385 11.37 -45.74 13.95
C GLU C 385 11.25 -44.42 14.71
N THR C 386 12.39 -43.96 15.24
CA THR C 386 12.47 -42.72 15.99
C THR C 386 12.57 -41.50 15.09
N GLU C 387 12.74 -41.67 13.79
CA GLU C 387 12.73 -40.57 12.85
C GLU C 387 11.28 -40.17 12.54
N LYS C 388 11.11 -39.11 11.75
CA LYS C 388 9.77 -38.60 11.48
C LYS C 388 9.03 -39.55 10.54
N PRO C 389 7.78 -39.90 10.85
CA PRO C 389 6.98 -40.71 9.91
C PRO C 389 6.40 -39.81 8.83
N ARG C 390 6.76 -40.08 7.58
CA ARG C 390 6.21 -39.33 6.46
C ARG C 390 4.76 -39.79 6.26
N GLY C 391 3.82 -39.06 6.85
CA GLY C 391 2.43 -39.43 6.79
C GLY C 391 1.69 -38.89 5.58
N TYR C 392 2.40 -38.77 4.46
CA TYR C 392 1.82 -38.33 3.19
C TYR C 392 1.88 -39.53 2.24
N GLN C 393 0.87 -40.38 2.35
CA GLN C 393 0.76 -41.56 1.50
C GLN C 393 -0.29 -41.28 0.43
N MET C 394 0.15 -41.28 -0.83
CA MET C 394 -0.75 -41.00 -1.95
C MET C 394 -1.76 -42.14 -2.12
N SER C 395 -2.90 -41.79 -2.72
CA SER C 395 -4.00 -42.73 -2.87
C SER C 395 -3.66 -43.75 -3.93
N THR C 396 -3.48 -45.02 -3.51
CA THR C 396 -3.22 -46.09 -4.47
C THR C 396 -4.45 -46.47 -5.25
N ARG C 397 -5.64 -46.09 -4.78
CA ARG C 397 -6.91 -46.33 -5.48
C ARG C 397 -7.50 -44.97 -5.83
N LEU C 398 -7.22 -44.51 -7.06
CA LEU C 398 -7.67 -43.19 -7.49
C LEU C 398 -9.13 -43.24 -7.90
N LYS C 399 -9.97 -42.46 -7.22
CA LYS C 399 -11.40 -42.41 -7.53
C LYS C 399 -11.62 -41.71 -8.86
N ILE C 400 -12.13 -42.45 -9.84
CA ILE C 400 -12.30 -41.96 -11.20
C ILE C 400 -13.78 -41.64 -11.41
N VAL C 401 -14.06 -40.41 -11.82
CA VAL C 401 -15.41 -40.00 -12.19
C VAL C 401 -15.38 -39.56 -13.65
N THR C 402 -16.49 -39.80 -14.34
CA THR C 402 -16.58 -39.45 -15.76
C THR C 402 -18.03 -39.18 -16.11
N ILE C 403 -18.23 -38.62 -17.29
CA ILE C 403 -19.55 -38.38 -17.84
C ILE C 403 -19.77 -39.41 -18.96
N HIS C 404 -21.03 -39.70 -19.24
CA HIS C 404 -21.34 -40.66 -20.30
C HIS C 404 -21.11 -40.03 -21.67
N GLN C 405 -19.87 -40.09 -22.15
CA GLN C 405 -19.57 -39.67 -23.51
C GLN C 405 -19.92 -40.81 -24.46
N GLU C 406 -20.61 -40.47 -25.55
CA GLU C 406 -21.22 -41.52 -26.38
C GLU C 406 -20.21 -42.36 -27.17
N PRO C 407 -19.20 -41.80 -27.87
CA PRO C 407 -18.22 -42.70 -28.49
C PRO C 407 -17.08 -43.11 -27.59
N PHE C 408 -16.99 -42.55 -26.39
CA PHE C 408 -15.82 -42.77 -25.54
C PHE C 408 -16.13 -43.60 -24.30
N VAL C 409 -17.28 -43.37 -23.67
CA VAL C 409 -17.66 -44.05 -22.43
C VAL C 409 -18.90 -44.87 -22.74
N TYR C 410 -18.72 -46.13 -23.10
CA TYR C 410 -19.84 -47.02 -23.36
C TYR C 410 -20.24 -47.71 -22.06
N VAL C 411 -21.50 -47.52 -21.66
CA VAL C 411 -22.04 -48.08 -20.44
C VAL C 411 -23.10 -49.10 -20.82
N LYS C 412 -22.93 -50.33 -20.36
CA LYS C 412 -23.80 -51.44 -20.70
C LYS C 412 -24.37 -52.06 -19.44
N PRO C 413 -25.67 -52.38 -19.40
CA PRO C 413 -26.23 -53.07 -18.23
C PRO C 413 -25.69 -54.48 -18.09
N THR C 414 -25.68 -54.96 -16.85
CA THR C 414 -25.14 -56.28 -16.55
C THR C 414 -26.07 -57.38 -17.05
N MET C 415 -25.50 -58.55 -17.29
CA MET C 415 -26.27 -59.66 -17.85
C MET C 415 -27.14 -60.33 -16.80
N SER C 416 -26.52 -60.90 -15.77
CA SER C 416 -27.27 -61.61 -14.73
C SER C 416 -27.17 -60.92 -13.38
N ASP C 417 -25.95 -60.74 -12.83
CA ASP C 417 -25.79 -60.08 -11.55
C ASP C 417 -24.36 -59.53 -11.50
N GLY C 418 -24.22 -58.24 -11.79
CA GLY C 418 -22.95 -57.54 -11.68
C GLY C 418 -21.86 -58.04 -12.60
N THR C 419 -22.22 -58.69 -13.70
CA THR C 419 -21.24 -59.30 -14.60
C THR C 419 -21.18 -58.54 -15.92
N CYS C 420 -20.10 -58.78 -16.65
CA CYS C 420 -19.86 -58.16 -17.95
C CYS C 420 -19.67 -59.25 -18.99
N LYS C 421 -20.46 -59.20 -20.05
CA LYS C 421 -20.33 -60.17 -21.14
C LYS C 421 -19.06 -59.88 -21.92
N GLU C 422 -18.09 -60.78 -21.82
CA GLU C 422 -16.77 -60.59 -22.45
C GLU C 422 -16.89 -60.86 -23.95
N GLU C 423 -17.42 -59.88 -24.66
CA GLU C 423 -17.53 -59.98 -26.11
C GLU C 423 -16.22 -59.57 -26.78
N PHE C 424 -16.02 -60.06 -28.00
CA PHE C 424 -14.81 -59.84 -28.75
C PHE C 424 -15.09 -58.96 -29.96
N THR C 425 -14.13 -58.10 -30.29
CA THR C 425 -14.28 -57.22 -31.44
C THR C 425 -13.93 -57.96 -32.73
N VAL C 426 -14.11 -57.27 -33.85
CA VAL C 426 -13.82 -57.85 -35.16
C VAL C 426 -12.34 -57.87 -35.48
N ASN C 427 -11.51 -57.15 -34.72
CA ASN C 427 -10.08 -57.11 -34.94
C ASN C 427 -9.30 -57.95 -33.94
N GLY C 428 -9.98 -58.91 -33.29
CA GLY C 428 -9.31 -59.78 -32.35
C GLY C 428 -8.92 -59.14 -31.04
N ASP C 429 -9.55 -58.00 -30.68
CA ASP C 429 -9.22 -57.31 -29.45
C ASP C 429 -10.31 -57.57 -28.43
N PRO C 430 -10.02 -58.24 -27.32
CA PRO C 430 -11.04 -58.42 -26.28
C PRO C 430 -11.28 -57.12 -25.52
N VAL C 431 -12.56 -56.83 -25.28
CA VAL C 431 -12.95 -55.62 -24.59
C VAL C 431 -12.74 -55.83 -23.09
N LYS C 432 -11.84 -55.06 -22.50
CA LYS C 432 -11.57 -55.13 -21.07
C LYS C 432 -12.44 -54.09 -20.38
N LYS C 433 -13.62 -54.52 -19.93
CA LYS C 433 -14.57 -53.63 -19.29
C LYS C 433 -14.16 -53.40 -17.84
N VAL C 434 -14.98 -52.62 -17.12
CA VAL C 434 -14.77 -52.40 -15.70
C VAL C 434 -16.14 -52.24 -15.04
N ILE C 435 -16.24 -52.63 -13.78
CA ILE C 435 -17.49 -52.51 -13.02
C ILE C 435 -17.56 -51.09 -12.48
N CYS C 436 -18.35 -50.25 -13.12
CA CYS C 436 -18.57 -48.88 -12.69
C CYS C 436 -19.93 -48.77 -12.00
N THR C 437 -20.14 -47.66 -11.31
CA THR C 437 -21.40 -47.41 -10.61
C THR C 437 -22.00 -46.12 -11.14
N GLY C 438 -23.28 -46.16 -11.52
CA GLY C 438 -23.92 -45.02 -12.11
C GLY C 438 -25.41 -44.94 -11.82
N PRO C 439 -25.94 -43.72 -11.75
CA PRO C 439 -27.39 -43.55 -11.65
C PRO C 439 -28.10 -43.92 -12.94
N ASN C 440 -29.42 -44.03 -12.84
CA ASN C 440 -30.19 -44.55 -13.98
C ASN C 440 -30.62 -43.42 -14.91
N ASP C 441 -31.34 -42.43 -14.37
CA ASP C 441 -31.90 -41.35 -15.17
C ASP C 441 -31.72 -40.05 -14.40
N THR C 442 -32.43 -39.01 -14.84
CA THR C 442 -32.36 -37.71 -14.18
C THR C 442 -33.11 -37.73 -12.85
N SER C 443 -32.92 -36.68 -12.06
CA SER C 443 -33.51 -36.64 -10.72
C SER C 443 -35.05 -36.50 -10.69
N PRO C 444 -35.72 -35.73 -11.57
CA PRO C 444 -37.19 -35.87 -11.62
C PRO C 444 -37.64 -37.21 -12.19
N GLY C 445 -36.87 -37.80 -13.10
CA GLY C 445 -37.22 -39.10 -13.64
C GLY C 445 -36.94 -40.23 -12.68
N SER C 446 -35.68 -40.39 -12.29
CA SER C 446 -35.27 -41.42 -11.36
C SER C 446 -35.00 -40.80 -9.99
N PRO C 447 -35.80 -41.10 -8.96
CA PRO C 447 -35.52 -40.56 -7.63
C PRO C 447 -34.24 -41.10 -7.01
N ARG C 448 -34.09 -42.43 -6.96
CA ARG C 448 -32.88 -43.05 -6.45
C ARG C 448 -32.76 -44.43 -7.10
N HIS C 449 -31.97 -44.51 -8.17
CA HIS C 449 -31.67 -45.79 -8.82
C HIS C 449 -30.23 -45.71 -9.34
N THR C 450 -29.30 -46.19 -8.52
CA THR C 450 -27.88 -46.21 -8.86
C THR C 450 -27.40 -47.65 -8.83
N VAL C 451 -27.00 -48.16 -9.99
CA VAL C 451 -26.62 -49.57 -10.11
C VAL C 451 -25.18 -49.68 -10.61
N PRO C 452 -24.49 -50.79 -10.31
CA PRO C 452 -23.21 -51.05 -10.98
C PRO C 452 -23.43 -51.71 -12.34
N GLN C 453 -22.86 -51.10 -13.37
CA GLN C 453 -22.91 -51.61 -14.73
C GLN C 453 -21.51 -51.70 -15.31
N CYS C 454 -21.40 -51.98 -16.62
CA CYS C 454 -20.11 -52.23 -17.26
C CYS C 454 -19.71 -51.01 -18.07
N CYS C 455 -18.59 -50.39 -17.71
CA CYS C 455 -18.04 -49.26 -18.44
C CYS C 455 -16.83 -49.70 -19.26
N TYR C 456 -16.77 -49.27 -20.52
CA TYR C 456 -15.63 -49.53 -21.37
C TYR C 456 -15.52 -48.42 -22.40
N GLY C 457 -14.57 -48.57 -23.32
CA GLY C 457 -14.43 -47.62 -24.41
C GLY C 457 -13.05 -47.03 -24.58
N PHE C 458 -12.99 -45.72 -24.83
CA PHE C 458 -11.76 -45.03 -25.19
C PHE C 458 -10.93 -44.67 -23.97
N CYS C 459 -11.50 -43.83 -23.09
CA CYS C 459 -10.78 -43.39 -21.90
C CYS C 459 -10.61 -44.51 -20.89
N ILE C 460 -11.46 -45.53 -20.94
CA ILE C 460 -11.25 -46.71 -20.12
C ILE C 460 -9.98 -47.44 -20.55
N ASP C 461 -9.76 -47.56 -21.85
CA ASP C 461 -8.49 -48.14 -22.34
C ASP C 461 -7.32 -47.22 -22.07
N LEU C 462 -7.55 -45.90 -22.04
CA LEU C 462 -6.51 -44.96 -21.63
C LEU C 462 -6.12 -45.20 -20.17
N LEU C 463 -7.11 -45.44 -19.31
CA LEU C 463 -6.85 -45.73 -17.91
C LEU C 463 -6.18 -47.11 -17.74
N ILE C 464 -6.51 -48.05 -18.62
CA ILE C 464 -5.82 -49.35 -18.64
C ILE C 464 -4.35 -49.17 -19.00
N LYS C 465 -4.07 -48.29 -19.96
CA LYS C 465 -2.68 -47.97 -20.32
C LYS C 465 -1.96 -47.28 -19.17
N LEU C 466 -2.66 -46.39 -18.45
CA LEU C 466 -2.05 -45.71 -17.30
C LEU C 466 -1.76 -46.69 -16.16
N ALA C 467 -2.67 -47.64 -15.93
CA ALA C 467 -2.45 -48.66 -14.91
C ALA C 467 -1.41 -49.68 -15.33
N ARG C 468 -1.19 -49.85 -16.64
CA ARG C 468 -0.13 -50.72 -17.11
C ARG C 468 1.24 -50.04 -16.98
N THR C 469 1.29 -48.74 -17.23
CA THR C 469 2.54 -47.99 -17.11
C THR C 469 2.94 -47.85 -15.64
N MET C 470 2.10 -47.20 -14.85
CA MET C 470 2.34 -47.04 -13.41
C MET C 470 1.39 -47.95 -12.65
N ASN C 471 1.91 -48.62 -11.62
CA ASN C 471 1.11 -49.52 -10.80
C ASN C 471 0.28 -48.72 -9.81
N PHE C 472 -1.02 -48.59 -10.11
CA PHE C 472 -1.97 -48.00 -9.18
C PHE C 472 -3.34 -48.57 -9.50
N THR C 473 -4.11 -48.85 -8.45
CA THR C 473 -5.50 -49.25 -8.61
C THR C 473 -6.38 -48.02 -8.77
N TYR C 474 -7.66 -48.24 -8.98
CA TYR C 474 -8.57 -47.13 -9.30
C TYR C 474 -9.99 -47.50 -8.88
N GLU C 475 -10.89 -46.53 -9.03
CA GLU C 475 -12.29 -46.72 -8.66
C GLU C 475 -13.12 -45.86 -9.61
N VAL C 476 -13.67 -46.49 -10.64
CA VAL C 476 -14.44 -45.79 -11.66
C VAL C 476 -15.90 -45.70 -11.21
N HIS C 477 -16.38 -44.47 -11.05
CA HIS C 477 -17.79 -44.19 -10.83
C HIS C 477 -18.22 -43.12 -11.82
N LEU C 478 -19.47 -42.70 -11.74
CA LEU C 478 -20.02 -41.77 -12.71
C LEU C 478 -20.54 -40.53 -11.99
N VAL C 479 -20.57 -39.42 -12.74
CA VAL C 479 -21.13 -38.18 -12.23
C VAL C 479 -22.65 -38.30 -12.20
N ALA C 480 -23.28 -37.60 -11.23
CA ALA C 480 -24.70 -37.77 -10.98
C ALA C 480 -25.58 -37.15 -12.08
N ASP C 481 -25.04 -36.25 -12.89
CA ASP C 481 -25.84 -35.59 -13.91
C ASP C 481 -25.21 -35.72 -15.29
N GLY C 482 -25.75 -35.00 -16.26
CA GLY C 482 -25.19 -35.00 -17.60
C GLY C 482 -24.61 -33.65 -17.98
N LYS C 483 -23.96 -32.99 -17.01
CA LYS C 483 -23.41 -31.66 -17.20
C LYS C 483 -21.93 -31.65 -16.86
N PHE C 484 -21.20 -30.75 -17.51
CA PHE C 484 -19.78 -30.59 -17.20
C PHE C 484 -19.59 -29.87 -15.87
N GLY C 485 -20.23 -28.73 -15.71
CA GLY C 485 -20.16 -27.95 -14.49
C GLY C 485 -19.89 -26.48 -14.74
N THR C 486 -20.77 -25.61 -14.25
CA THR C 486 -20.65 -24.17 -14.46
C THR C 486 -20.61 -23.43 -13.14
N GLN C 487 -20.28 -22.15 -13.23
CA GLN C 487 -20.03 -21.32 -12.06
C GLN C 487 -21.30 -20.53 -11.75
N GLU C 488 -22.07 -21.00 -10.77
CA GLU C 488 -23.44 -20.56 -10.57
C GLU C 488 -23.61 -20.03 -9.15
N ARG C 489 -24.44 -19.00 -9.02
CA ARG C 489 -24.80 -18.46 -7.71
C ARG C 489 -25.62 -19.48 -6.93
N VAL C 490 -25.15 -19.81 -5.72
CA VAL C 490 -25.97 -20.58 -4.80
C VAL C 490 -27.05 -19.66 -4.23
N ASN C 491 -28.16 -20.26 -3.79
CA ASN C 491 -29.38 -19.49 -3.56
C ASN C 491 -29.38 -18.79 -2.20
N ASN C 492 -28.25 -18.77 -1.49
CA ASN C 492 -28.11 -18.04 -0.24
C ASN C 492 -26.75 -17.36 -0.16
N SER C 493 -26.73 -16.19 0.51
CA SER C 493 -25.53 -15.44 0.90
C SER C 493 -24.64 -14.96 -0.24
N ASN C 494 -25.12 -15.09 -1.49
CA ASN C 494 -24.43 -14.62 -2.71
C ASN C 494 -23.02 -15.21 -2.85
N LYS C 495 -22.97 -16.53 -2.98
CA LYS C 495 -21.72 -17.26 -3.03
C LYS C 495 -21.61 -18.05 -4.33
N LYS C 496 -20.43 -18.03 -4.95
CA LYS C 496 -20.17 -18.86 -6.11
C LYS C 496 -19.99 -20.31 -5.71
N GLU C 497 -20.57 -21.22 -6.49
CA GLU C 497 -20.34 -22.65 -6.33
C GLU C 497 -20.22 -23.30 -7.70
N TRP C 498 -19.57 -24.47 -7.71
CA TRP C 498 -19.50 -25.31 -8.88
C TRP C 498 -20.40 -26.53 -8.71
N ASN C 499 -20.58 -27.26 -9.80
CA ASN C 499 -21.41 -28.46 -9.80
C ASN C 499 -20.86 -29.45 -10.82
N GLY C 500 -21.56 -30.57 -10.99
CA GLY C 500 -21.16 -31.56 -11.97
C GLY C 500 -19.89 -32.28 -11.56
N MET C 501 -19.01 -32.50 -12.55
CA MET C 501 -17.74 -33.16 -12.28
C MET C 501 -16.81 -32.29 -11.45
N MET C 502 -16.83 -30.98 -11.66
CA MET C 502 -16.03 -30.09 -10.83
C MET C 502 -16.58 -30.01 -9.41
N GLY C 503 -17.90 -30.04 -9.27
CA GLY C 503 -18.51 -30.03 -7.95
C GLY C 503 -18.27 -31.32 -7.18
N GLU C 504 -18.18 -32.44 -7.89
CA GLU C 504 -17.83 -33.70 -7.22
C GLU C 504 -16.34 -33.84 -7.00
N LEU C 505 -15.50 -33.15 -7.78
CA LEU C 505 -14.06 -33.24 -7.59
C LEU C 505 -13.60 -32.34 -6.44
N LEU C 506 -14.09 -31.10 -6.40
CA LEU C 506 -13.64 -30.16 -5.38
C LEU C 506 -14.21 -30.48 -4.00
N SER C 507 -15.25 -31.31 -3.92
CA SER C 507 -15.78 -31.73 -2.64
C SER C 507 -14.98 -32.84 -1.99
N GLY C 508 -13.97 -33.38 -2.67
CA GLY C 508 -13.17 -34.46 -2.13
C GLY C 508 -13.72 -35.85 -2.39
N GLN C 509 -14.93 -35.96 -2.95
CA GLN C 509 -15.50 -37.27 -3.24
C GLN C 509 -14.86 -37.91 -4.47
N ALA C 510 -14.24 -37.12 -5.33
CA ALA C 510 -13.57 -37.63 -6.52
C ALA C 510 -12.08 -37.29 -6.46
N ASP C 511 -11.29 -38.02 -7.25
CA ASP C 511 -9.85 -37.85 -7.27
C ASP C 511 -9.31 -37.41 -8.63
N MET C 512 -9.76 -38.02 -9.72
CA MET C 512 -9.25 -37.69 -11.03
C MET C 512 -10.37 -37.79 -12.05
N ILE C 513 -10.65 -36.69 -12.75
CA ILE C 513 -11.68 -36.68 -13.78
C ILE C 513 -11.04 -37.15 -15.08
N VAL C 514 -11.42 -38.35 -15.52
CA VAL C 514 -10.98 -38.88 -16.81
C VAL C 514 -12.13 -38.66 -17.77
N ALA C 515 -12.04 -37.57 -18.53
CA ALA C 515 -13.13 -37.11 -19.40
C ALA C 515 -12.55 -36.16 -20.42
N PRO C 516 -13.20 -36.00 -21.59
CA PRO C 516 -12.73 -34.98 -22.54
C PRO C 516 -13.00 -33.57 -22.04
N LEU C 517 -12.14 -33.08 -21.16
CA LEU C 517 -12.32 -31.80 -20.49
C LEU C 517 -12.01 -30.66 -21.46
N THR C 518 -12.96 -29.74 -21.61
CA THR C 518 -12.75 -28.56 -22.45
C THR C 518 -11.84 -27.59 -21.71
N ILE C 519 -10.62 -27.43 -22.21
CA ILE C 519 -9.62 -26.59 -21.55
C ILE C 519 -9.92 -25.13 -21.84
N ASN C 520 -10.10 -24.34 -20.79
CA ASN C 520 -10.33 -22.91 -20.90
C ASN C 520 -9.53 -22.17 -19.82
N ASN C 521 -9.63 -20.85 -19.84
CA ASN C 521 -8.87 -20.01 -18.92
C ASN C 521 -9.48 -19.96 -17.52
N GLU C 522 -10.80 -20.15 -17.41
CA GLU C 522 -11.46 -20.05 -16.10
C GLU C 522 -11.10 -21.24 -15.21
N ARG C 523 -11.18 -22.45 -15.75
CA ARG C 523 -10.86 -23.64 -14.97
C ARG C 523 -9.37 -23.80 -14.74
N ALA C 524 -8.53 -23.15 -15.56
CA ALA C 524 -7.10 -23.18 -15.31
C ALA C 524 -6.72 -22.35 -14.09
N GLN C 525 -7.52 -21.33 -13.76
CA GLN C 525 -7.28 -20.53 -12.58
C GLN C 525 -7.54 -21.29 -11.29
N TYR C 526 -8.39 -22.32 -11.34
CA TYR C 526 -8.82 -23.02 -10.13
C TYR C 526 -8.12 -24.35 -9.92
N ILE C 527 -7.89 -25.12 -10.99
CA ILE C 527 -7.19 -26.39 -10.89
C ILE C 527 -6.04 -26.39 -11.90
N GLU C 528 -5.17 -27.39 -11.77
CA GLU C 528 -4.06 -27.57 -12.68
C GLU C 528 -4.46 -28.52 -13.81
N PHE C 529 -3.85 -28.31 -14.97
CA PHE C 529 -4.16 -29.09 -16.16
C PHE C 529 -2.99 -29.95 -16.58
N SER C 530 -3.30 -31.03 -17.29
CA SER C 530 -2.30 -31.94 -17.84
C SER C 530 -2.14 -31.66 -19.34
N LYS C 531 -1.38 -32.52 -20.00
CA LYS C 531 -1.22 -32.38 -21.43
C LYS C 531 -2.45 -32.93 -22.16
N PRO C 532 -2.91 -32.27 -23.22
CA PRO C 532 -4.10 -32.76 -23.94
C PRO C 532 -3.78 -34.01 -24.75
N PHE C 533 -4.67 -35.00 -24.67
CA PHE C 533 -4.52 -36.19 -25.50
C PHE C 533 -5.28 -36.07 -26.80
N LYS C 534 -6.37 -35.31 -26.84
CA LYS C 534 -7.17 -35.11 -28.03
C LYS C 534 -6.93 -33.70 -28.58
N TYR C 535 -6.90 -33.56 -29.89
CA TYR C 535 -6.73 -32.25 -30.52
C TYR C 535 -7.72 -32.14 -31.67
N GLN C 536 -8.71 -31.26 -31.51
CA GLN C 536 -9.78 -31.14 -32.49
C GLN C 536 -10.44 -29.78 -32.34
N GLY C 537 -11.41 -29.51 -33.22
CA GLY C 537 -12.12 -28.25 -33.22
C GLY C 537 -13.62 -28.39 -33.07
N LEU C 538 -14.38 -27.44 -33.62
CA LEU C 538 -15.83 -27.44 -33.53
C LEU C 538 -16.44 -27.53 -34.92
N THR C 539 -17.70 -27.96 -34.95
CA THR C 539 -18.40 -28.26 -36.19
C THR C 539 -19.90 -28.24 -35.92
N ILE C 540 -20.67 -28.31 -37.00
CA ILE C 540 -22.12 -28.13 -36.99
C ILE C 540 -22.76 -29.41 -37.52
N LEU C 541 -23.67 -29.98 -36.73
CA LEU C 541 -24.38 -31.19 -37.12
C LEU C 541 -25.66 -30.83 -37.86
N VAL C 542 -25.74 -31.19 -39.15
CA VAL C 542 -26.92 -30.98 -39.97
C VAL C 542 -27.34 -32.32 -40.57
N LYS C 543 -28.49 -32.31 -41.23
CA LYS C 543 -29.08 -33.50 -41.82
C LYS C 543 -29.21 -33.31 -43.33
N LYS C 544 -28.78 -34.31 -44.10
CA LYS C 544 -28.95 -34.28 -45.54
C LYS C 544 -29.55 -35.59 -46.04
N PRO C 660 -30.42 -25.35 -53.00
CA PRO C 660 -30.66 -24.73 -51.70
C PRO C 660 -29.54 -25.04 -50.71
N GLU C 661 -29.17 -24.03 -49.93
CA GLU C 661 -28.00 -24.11 -49.07
C GLU C 661 -28.25 -25.00 -47.86
N GLU C 662 -27.92 -26.29 -47.99
CA GLU C 662 -28.05 -27.21 -46.88
C GLU C 662 -26.90 -27.06 -45.88
N ARG C 663 -25.84 -26.36 -46.25
CA ARG C 663 -24.71 -26.10 -45.36
C ARG C 663 -24.77 -24.68 -44.81
N ILE C 664 -24.05 -24.47 -43.72
CA ILE C 664 -24.03 -23.18 -43.04
C ILE C 664 -22.65 -22.51 -43.13
N THR C 665 -21.57 -23.30 -43.17
CA THR C 665 -20.18 -22.84 -43.18
C THR C 665 -19.88 -21.93 -41.98
N GLY C 666 -20.15 -22.43 -40.78
CA GLY C 666 -19.63 -21.84 -39.58
C GLY C 666 -20.46 -20.70 -39.01
N ILE C 667 -19.79 -19.90 -38.19
CA ILE C 667 -20.44 -18.82 -37.46
C ILE C 667 -20.69 -17.60 -38.35
N ASN C 668 -20.02 -17.53 -39.50
CA ASN C 668 -20.07 -16.35 -40.36
C ASN C 668 -21.32 -16.30 -41.25
N ASP C 669 -22.33 -17.11 -40.97
CA ASP C 669 -23.61 -17.00 -41.67
C ASP C 669 -24.36 -15.79 -41.11
N PRO C 670 -24.73 -14.81 -41.94
CA PRO C 670 -25.45 -13.64 -41.41
C PRO C 670 -26.85 -13.94 -40.92
N ARG C 671 -27.48 -15.03 -41.38
CA ARG C 671 -28.78 -15.41 -40.86
C ARG C 671 -28.69 -15.97 -39.46
N LEU C 672 -27.55 -16.52 -39.06
CA LEU C 672 -27.35 -16.96 -37.69
C LEU C 672 -26.93 -15.81 -36.77
N ARG C 673 -26.49 -14.68 -37.34
CA ARG C 673 -26.21 -13.50 -36.53
C ARG C 673 -27.49 -12.91 -35.98
N ASN C 674 -28.52 -12.80 -36.83
CA ASN C 674 -29.86 -12.38 -36.43
C ASN C 674 -30.81 -13.54 -36.72
N PRO C 675 -30.98 -14.47 -35.78
CA PRO C 675 -31.76 -15.68 -36.05
C PRO C 675 -33.27 -15.41 -35.96
N SER C 676 -34.04 -16.47 -36.13
CA SER C 676 -35.49 -16.43 -36.05
C SER C 676 -35.97 -17.78 -35.54
N ASP C 677 -37.26 -18.06 -35.71
CA ASP C 677 -37.84 -19.32 -35.30
C ASP C 677 -37.60 -20.46 -36.29
N LYS C 678 -36.91 -20.20 -37.39
CA LYS C 678 -36.66 -21.22 -38.40
C LYS C 678 -35.36 -21.99 -38.13
N PHE C 679 -34.24 -21.28 -38.09
CA PHE C 679 -32.94 -21.90 -37.85
C PHE C 679 -32.83 -22.19 -36.36
N ILE C 680 -33.17 -23.41 -35.97
CA ILE C 680 -33.14 -23.83 -34.57
C ILE C 680 -31.76 -24.40 -34.27
N TYR C 681 -30.99 -23.68 -33.48
CA TYR C 681 -29.66 -24.11 -33.08
C TYR C 681 -29.49 -23.88 -31.58
N ALA C 682 -28.86 -24.85 -30.91
CA ALA C 682 -28.66 -24.79 -29.47
C ALA C 682 -27.46 -25.66 -29.11
N THR C 683 -27.27 -25.88 -27.81
CA THR C 683 -26.16 -26.69 -27.32
C THR C 683 -26.59 -27.37 -26.03
N VAL C 684 -25.65 -28.10 -25.42
CA VAL C 684 -25.91 -28.77 -24.15
C VAL C 684 -26.00 -27.73 -23.04
N LYS C 685 -27.00 -27.90 -22.17
CA LYS C 685 -27.16 -27.00 -21.04
C LYS C 685 -25.99 -27.13 -20.07
N GLN C 686 -25.50 -25.98 -19.61
CA GLN C 686 -24.36 -25.85 -18.69
C GLN C 686 -23.10 -26.50 -19.25
N SER C 687 -22.80 -26.19 -20.50
CA SER C 687 -21.60 -26.69 -21.17
C SER C 687 -20.54 -25.60 -21.24
N SER C 688 -19.30 -26.02 -21.47
CA SER C 688 -18.20 -25.07 -21.58
C SER C 688 -18.23 -24.31 -22.90
N VAL C 689 -18.95 -24.81 -23.90
CA VAL C 689 -19.15 -24.08 -25.15
C VAL C 689 -19.95 -22.81 -24.88
N ASP C 690 -20.93 -22.89 -23.97
CA ASP C 690 -21.68 -21.70 -23.57
C ASP C 690 -20.81 -20.71 -22.82
N ILE C 691 -19.82 -21.19 -22.05
CA ILE C 691 -18.91 -20.29 -21.37
C ILE C 691 -17.97 -19.62 -22.37
N TYR C 692 -17.52 -20.38 -23.37
CA TYR C 692 -16.68 -19.82 -24.44
C TYR C 692 -17.42 -18.80 -25.28
N PHE C 693 -18.73 -19.00 -25.47
CA PHE C 693 -19.54 -17.99 -26.13
C PHE C 693 -19.88 -16.82 -25.20
N ARG C 694 -19.89 -17.06 -23.89
CA ARG C 694 -20.13 -15.98 -22.93
C ARG C 694 -18.93 -15.06 -22.83
N ARG C 695 -17.73 -15.59 -23.02
CA ARG C 695 -16.55 -14.73 -23.14
C ARG C 695 -16.61 -13.87 -24.39
N GLN C 696 -17.16 -14.42 -25.48
CA GLN C 696 -17.35 -13.67 -26.72
C GLN C 696 -18.41 -12.60 -26.50
N VAL C 697 -17.96 -11.34 -26.38
CA VAL C 697 -18.86 -10.23 -26.08
C VAL C 697 -19.52 -9.66 -27.31
N GLU C 698 -19.33 -10.28 -28.48
CA GLU C 698 -19.94 -9.83 -29.72
C GLU C 698 -20.96 -10.82 -30.28
N LEU C 699 -21.25 -11.89 -29.55
CA LEU C 699 -22.28 -12.87 -29.93
C LEU C 699 -23.26 -13.07 -28.79
N SER C 700 -23.76 -11.98 -28.22
CA SER C 700 -24.78 -12.08 -27.18
C SER C 700 -26.13 -12.50 -27.73
N THR C 701 -26.36 -12.31 -29.04
CA THR C 701 -27.62 -12.69 -29.65
C THR C 701 -27.78 -14.21 -29.68
N MET C 702 -26.70 -14.93 -30.01
CA MET C 702 -26.74 -16.39 -29.94
C MET C 702 -26.87 -16.88 -28.50
N TYR C 703 -26.29 -16.15 -27.54
CA TYR C 703 -26.41 -16.53 -26.14
C TYR C 703 -27.84 -16.35 -25.65
N ARG C 704 -28.54 -15.31 -26.14
CA ARG C 704 -29.94 -15.13 -25.81
C ARG C 704 -30.85 -16.07 -26.60
N HIS C 705 -30.41 -16.56 -27.76
CA HIS C 705 -31.26 -17.43 -28.57
C HIS C 705 -31.17 -18.88 -28.11
N MET C 706 -29.97 -19.37 -27.82
CA MET C 706 -29.78 -20.78 -27.50
C MET C 706 -30.23 -21.16 -26.10
N GLU C 707 -30.53 -20.17 -25.24
CA GLU C 707 -30.92 -20.48 -23.87
C GLU C 707 -32.33 -21.04 -23.77
N LYS C 708 -33.15 -20.87 -24.81
CA LYS C 708 -34.51 -21.39 -24.81
C LYS C 708 -34.61 -22.83 -25.31
N HIS C 709 -33.49 -23.42 -25.77
CA HIS C 709 -33.55 -24.75 -26.34
C HIS C 709 -32.40 -25.65 -25.88
N ASN C 710 -31.78 -25.36 -24.74
CA ASN C 710 -30.68 -26.18 -24.26
C ASN C 710 -31.19 -27.52 -23.73
N TYR C 711 -30.56 -28.60 -24.17
CA TYR C 711 -30.95 -29.96 -23.80
C TYR C 711 -30.05 -30.47 -22.68
N GLU C 712 -30.44 -31.63 -22.13
CA GLU C 712 -29.69 -32.22 -21.04
C GLU C 712 -28.40 -32.88 -21.54
N SER C 713 -28.52 -33.79 -22.50
CA SER C 713 -27.38 -34.50 -23.06
C SER C 713 -27.31 -34.26 -24.56
N ALA C 714 -26.16 -34.64 -25.13
CA ALA C 714 -25.97 -34.50 -26.57
C ALA C 714 -26.78 -35.53 -27.34
N ALA C 715 -27.05 -36.69 -26.73
CA ALA C 715 -27.86 -37.71 -27.38
C ALA C 715 -29.31 -37.25 -27.55
N GLU C 716 -29.79 -36.39 -26.64
CA GLU C 716 -31.08 -35.75 -26.83
C GLU C 716 -31.09 -34.88 -28.08
N ALA C 717 -29.99 -34.15 -28.32
CA ALA C 717 -29.88 -33.35 -29.54
C ALA C 717 -29.76 -34.22 -30.78
N ILE C 718 -29.08 -35.37 -30.67
CA ILE C 718 -28.99 -36.31 -31.79
C ILE C 718 -30.35 -36.88 -32.13
N GLN C 719 -31.15 -37.24 -31.11
CA GLN C 719 -32.49 -37.75 -31.35
C GLN C 719 -33.42 -36.66 -31.86
N ALA C 720 -33.25 -35.42 -31.42
CA ALA C 720 -34.12 -34.33 -31.87
C ALA C 720 -33.81 -33.94 -33.30
N VAL C 721 -32.54 -33.90 -33.69
CA VAL C 721 -32.21 -33.61 -35.08
C VAL C 721 -32.44 -34.83 -35.97
N ARG C 722 -32.52 -36.03 -35.37
CA ARG C 722 -32.90 -37.23 -36.12
C ARG C 722 -34.35 -37.17 -36.54
N ASP C 723 -35.21 -36.54 -35.75
CA ASP C 723 -36.60 -36.32 -36.09
C ASP C 723 -36.82 -35.02 -36.86
N ASN C 724 -35.73 -34.42 -37.37
CA ASN C 724 -35.74 -33.16 -38.14
C ASN C 724 -36.38 -32.01 -37.38
N LYS C 725 -36.19 -31.97 -36.07
CA LYS C 725 -36.70 -30.88 -35.25
C LYS C 725 -35.64 -29.82 -34.96
N LEU C 726 -34.36 -30.19 -34.94
CA LEU C 726 -33.28 -29.24 -34.83
C LEU C 726 -32.75 -28.88 -36.22
N HIS C 727 -31.86 -27.90 -36.27
CA HIS C 727 -31.25 -27.48 -37.53
C HIS C 727 -29.75 -27.31 -37.48
N ALA C 728 -29.17 -27.08 -36.30
CA ALA C 728 -27.72 -26.94 -36.16
C ALA C 728 -27.34 -27.24 -34.72
N PHE C 729 -26.10 -27.67 -34.53
CA PHE C 729 -25.62 -28.07 -33.20
C PHE C 729 -24.11 -27.94 -33.18
N ILE C 730 -23.60 -27.03 -32.35
CA ILE C 730 -22.16 -26.84 -32.21
C ILE C 730 -21.61 -27.98 -31.35
N TRP C 731 -20.65 -28.71 -31.88
CA TRP C 731 -20.10 -29.85 -31.16
C TRP C 731 -18.69 -30.12 -31.65
N ASP C 732 -17.97 -30.96 -30.91
CA ASP C 732 -16.60 -31.36 -31.24
C ASP C 732 -16.57 -32.16 -32.55
N SER C 733 -15.37 -32.26 -33.11
CA SER C 733 -15.22 -32.72 -34.49
C SER C 733 -15.33 -34.23 -34.62
N ALA C 734 -14.44 -34.96 -33.96
CA ALA C 734 -14.29 -36.40 -34.22
C ALA C 734 -15.47 -37.23 -33.70
N VAL C 735 -16.20 -36.72 -32.71
CA VAL C 735 -17.40 -37.41 -32.25
C VAL C 735 -18.46 -37.42 -33.34
N LEU C 736 -18.69 -36.26 -33.96
CA LEU C 736 -19.63 -36.20 -35.08
C LEU C 736 -19.07 -36.86 -36.33
N GLU C 737 -17.74 -36.94 -36.48
CA GLU C 737 -17.17 -37.73 -37.56
C GLU C 737 -17.46 -39.21 -37.39
N PHE C 738 -17.33 -39.71 -36.15
CA PHE C 738 -17.66 -41.11 -35.87
C PHE C 738 -19.16 -41.37 -36.03
N GLU C 739 -20.00 -40.41 -35.64
CA GLU C 739 -21.43 -40.58 -35.82
C GLU C 739 -21.84 -40.46 -37.29
N ALA C 740 -21.07 -39.71 -38.10
CA ALA C 740 -21.29 -39.69 -39.53
C ALA C 740 -20.85 -40.99 -40.18
N SER C 741 -19.81 -41.62 -39.63
CA SER C 741 -19.43 -42.95 -40.07
C SER C 741 -20.49 -43.99 -39.68
N GLN C 742 -21.16 -43.78 -38.55
CA GLN C 742 -22.26 -44.68 -38.16
C GLN C 742 -23.52 -44.42 -38.98
N LYS C 743 -23.92 -43.16 -39.10
CA LYS C 743 -25.13 -42.79 -39.82
C LYS C 743 -24.78 -41.78 -40.91
N CYS C 744 -25.06 -42.13 -42.16
CA CYS C 744 -24.64 -41.29 -43.30
C CYS C 744 -25.45 -40.00 -43.42
N ASP C 745 -26.64 -39.94 -42.83
CA ASP C 745 -27.43 -38.72 -42.89
C ASP C 745 -26.88 -37.61 -42.00
N LEU C 746 -26.08 -37.96 -41.01
CA LEU C 746 -25.44 -36.98 -40.13
C LEU C 746 -24.28 -36.33 -40.89
N VAL C 747 -24.38 -35.02 -41.12
CA VAL C 747 -23.42 -34.28 -41.95
C VAL C 747 -22.79 -33.18 -41.10
N THR C 748 -21.46 -33.12 -41.12
CA THR C 748 -20.73 -32.05 -40.46
C THR C 748 -20.49 -30.89 -41.42
N THR C 749 -20.08 -29.76 -40.86
CA THR C 749 -19.79 -28.58 -41.68
C THR C 749 -18.32 -28.60 -42.13
N GLY C 750 -17.97 -27.63 -42.96
CA GLY C 750 -16.65 -27.60 -43.58
C GLY C 750 -15.58 -26.88 -42.78
N GLU C 751 -15.95 -25.84 -42.05
CA GLU C 751 -14.96 -25.04 -41.33
C GLU C 751 -14.46 -25.76 -40.09
N LEU C 752 -13.32 -25.30 -39.58
CA LEU C 752 -12.67 -25.88 -38.40
C LEU C 752 -12.18 -24.72 -37.54
N PHE C 753 -13.00 -24.31 -36.59
CA PHE C 753 -12.66 -23.25 -35.66
C PHE C 753 -12.57 -23.80 -34.25
N PHE C 754 -11.97 -23.00 -33.37
CA PHE C 754 -11.64 -23.35 -31.97
C PHE C 754 -10.82 -24.64 -31.94
N ARG C 755 -9.65 -24.58 -32.57
CA ARG C 755 -8.74 -25.72 -32.60
C ARG C 755 -8.07 -25.88 -31.25
N SER C 756 -8.65 -26.71 -30.39
CA SER C 756 -8.20 -26.85 -29.02
C SER C 756 -7.88 -28.31 -28.71
N GLY C 757 -7.62 -28.58 -27.44
CA GLY C 757 -7.23 -29.91 -27.00
C GLY C 757 -7.98 -30.32 -25.75
N PHE C 758 -8.15 -31.62 -25.61
CA PHE C 758 -8.83 -32.24 -24.48
C PHE C 758 -7.84 -33.11 -23.73
N GLY C 759 -7.73 -32.88 -22.42
CA GLY C 759 -6.85 -33.63 -21.56
C GLY C 759 -7.58 -34.28 -20.40
N ILE C 760 -6.87 -34.52 -19.30
CA ILE C 760 -7.42 -35.19 -18.12
C ILE C 760 -7.64 -34.14 -17.04
N GLY C 761 -8.85 -34.13 -16.48
CA GLY C 761 -9.14 -33.23 -15.38
C GLY C 761 -8.37 -33.62 -14.13
N MET C 762 -7.66 -32.66 -13.55
CA MET C 762 -6.70 -32.93 -12.49
C MET C 762 -6.97 -32.04 -11.28
N ARG C 763 -6.25 -32.35 -10.20
CA ARG C 763 -6.28 -31.59 -8.95
C ARG C 763 -5.23 -30.48 -9.00
N LYS C 764 -4.90 -29.93 -7.84
CA LYS C 764 -3.82 -28.96 -7.69
C LYS C 764 -2.45 -29.63 -7.70
N ASP C 765 -1.42 -28.91 -7.22
CA ASP C 765 -0.05 -29.41 -7.12
C ASP C 765 0.00 -30.71 -6.33
N SER C 766 0.37 -31.79 -7.01
CA SER C 766 0.23 -33.16 -6.52
C SER C 766 1.30 -34.01 -7.19
N PRO C 767 1.76 -35.08 -6.52
CA PRO C 767 2.70 -36.00 -7.19
C PRO C 767 2.08 -36.88 -8.26
N TRP C 768 0.76 -36.79 -8.49
CA TRP C 768 0.12 -37.50 -9.59
C TRP C 768 0.05 -36.67 -10.87
N LYS C 769 0.97 -35.73 -11.06
CA LYS C 769 0.96 -34.86 -12.22
C LYS C 769 2.10 -35.16 -13.18
N GLN C 770 3.34 -35.18 -12.70
CA GLN C 770 4.49 -35.24 -13.59
C GLN C 770 4.65 -36.61 -14.23
N ASN C 771 4.55 -37.67 -13.41
CA ASN C 771 4.72 -39.03 -13.92
C ASN C 771 3.55 -39.40 -14.84
N VAL C 772 2.36 -38.91 -14.52
CA VAL C 772 1.18 -39.17 -15.36
C VAL C 772 1.30 -38.42 -16.69
N SER C 773 1.82 -37.20 -16.65
CA SER C 773 2.03 -36.45 -17.89
C SER C 773 3.13 -37.07 -18.75
N LEU C 774 4.16 -37.62 -18.12
CA LEU C 774 5.19 -38.34 -18.87
C LEU C 774 4.64 -39.62 -19.48
N SER C 775 3.73 -40.29 -18.77
CA SER C 775 3.07 -41.47 -19.33
C SER C 775 2.17 -41.11 -20.51
N ILE C 776 1.48 -39.98 -20.42
CA ILE C 776 0.66 -39.49 -21.54
C ILE C 776 1.53 -39.15 -22.74
N LEU C 777 2.66 -38.49 -22.51
CA LEU C 777 3.58 -38.18 -23.60
C LEU C 777 4.21 -39.43 -24.20
N LYS C 778 4.45 -40.46 -23.36
CA LYS C 778 4.90 -41.75 -23.85
C LYS C 778 3.84 -42.40 -24.72
N SER C 779 2.56 -42.20 -24.37
CA SER C 779 1.48 -42.67 -25.24
C SER C 779 1.39 -41.85 -26.52
N HIS C 780 1.79 -40.58 -26.47
CA HIS C 780 1.80 -39.75 -27.67
C HIS C 780 2.90 -40.19 -28.64
N GLU C 781 4.08 -40.51 -28.13
CA GLU C 781 5.23 -40.71 -29.02
C GLU C 781 5.16 -42.03 -29.78
N ASN C 782 4.56 -43.06 -29.20
CA ASN C 782 4.49 -44.34 -29.85
C ASN C 782 3.20 -44.45 -30.68
N GLY C 783 2.89 -45.63 -31.17
CA GLY C 783 1.72 -45.83 -32.00
C GLY C 783 0.48 -46.22 -31.21
N PHE C 784 0.49 -45.96 -29.90
CA PHE C 784 -0.67 -46.28 -29.09
C PHE C 784 -1.84 -45.34 -29.39
N MET C 785 -1.55 -44.10 -29.77
CA MET C 785 -2.59 -43.23 -30.29
C MET C 785 -3.16 -43.78 -31.59
N GLU C 786 -2.29 -44.34 -32.43
CA GLU C 786 -2.76 -45.00 -33.65
C GLU C 786 -3.51 -46.29 -33.32
N ASP C 787 -3.16 -46.95 -32.21
CA ASP C 787 -3.91 -48.12 -31.77
C ASP C 787 -5.31 -47.72 -31.33
N LEU C 788 -5.42 -46.61 -30.59
CA LEU C 788 -6.73 -46.10 -30.19
C LEU C 788 -7.52 -45.59 -31.39
N ASP C 789 -6.83 -45.13 -32.44
CA ASP C 789 -7.50 -44.82 -33.69
C ASP C 789 -8.03 -46.10 -34.36
N LYS C 790 -7.25 -47.17 -34.31
CA LYS C 790 -7.68 -48.46 -34.86
C LYS C 790 -8.86 -49.03 -34.09
N THR C 791 -8.99 -48.71 -32.81
CA THR C 791 -10.16 -49.17 -32.06
C THR C 791 -11.43 -48.44 -32.52
N TRP C 792 -11.40 -47.12 -32.54
CA TRP C 792 -12.65 -46.41 -32.80
C TRP C 792 -12.57 -45.36 -33.90
N VAL C 793 -11.44 -44.66 -34.03
CA VAL C 793 -11.40 -43.50 -34.92
C VAL C 793 -11.22 -43.92 -36.37
N ARG C 794 -10.20 -44.74 -36.66
CA ARG C 794 -9.94 -45.17 -38.02
C ARG C 794 -10.97 -46.20 -38.50
N TYR C 795 -11.59 -46.93 -37.57
CA TYR C 795 -12.60 -47.92 -37.93
C TYR C 795 -13.86 -47.25 -38.47
N GLN C 796 -14.23 -47.59 -39.70
CA GLN C 796 -15.41 -47.05 -40.35
C GLN C 796 -16.32 -48.20 -40.78
N GLU C 797 -17.45 -47.84 -41.38
CA GLU C 797 -18.42 -48.83 -41.83
C GLU C 797 -18.76 -48.64 -43.30
N LEU D 34 -46.23 -10.93 28.72
CA LEU D 34 -46.01 -11.07 30.16
C LEU D 34 -45.47 -9.78 30.76
N ASN D 35 -44.78 -9.91 31.89
CA ASN D 35 -44.19 -8.76 32.58
C ASN D 35 -42.95 -8.31 31.82
N ILE D 36 -43.01 -7.12 31.23
CA ILE D 36 -41.91 -6.56 30.46
C ILE D 36 -41.59 -5.17 31.01
N ALA D 37 -40.32 -4.93 31.29
CA ALA D 37 -39.86 -3.64 31.79
C ALA D 37 -39.08 -2.92 30.70
N VAL D 38 -39.46 -1.68 30.44
CA VAL D 38 -38.78 -0.83 29.46
C VAL D 38 -38.15 0.32 30.22
N LEU D 39 -36.83 0.28 30.38
CA LEU D 39 -36.08 1.34 31.00
C LEU D 39 -35.32 2.11 29.92
N LEU D 40 -35.36 3.44 30.01
CA LEU D 40 -34.74 4.29 29.00
C LEU D 40 -33.82 5.30 29.64
N GLY D 41 -32.57 5.34 29.18
CA GLY D 41 -31.63 6.35 29.58
C GLY D 41 -31.47 7.41 28.50
N HIS D 42 -32.08 8.57 28.69
CA HIS D 42 -32.14 9.60 27.67
C HIS D 42 -31.75 10.95 28.24
N SER D 43 -31.19 11.79 27.38
CA SER D 43 -30.91 13.20 27.69
C SER D 43 -31.97 14.14 27.13
N HIS D 44 -32.50 13.82 25.95
CA HIS D 44 -33.63 14.55 25.40
C HIS D 44 -34.88 14.27 26.22
N ASP D 45 -35.78 15.27 26.29
CA ASP D 45 -36.98 15.18 27.11
C ASP D 45 -37.99 14.24 26.45
N VAL D 46 -37.77 12.94 26.64
CA VAL D 46 -38.71 11.91 26.23
C VAL D 46 -39.45 11.46 27.48
N THR D 47 -40.75 11.73 27.52
CA THR D 47 -41.55 11.49 28.72
C THR D 47 -41.86 10.00 28.86
N GLU D 48 -42.61 9.65 29.91
CA GLU D 48 -42.90 8.26 30.21
C GLU D 48 -44.34 7.86 29.94
N ARG D 49 -45.27 8.81 29.87
CA ARG D 49 -46.69 8.46 29.78
C ARG D 49 -47.09 7.94 28.41
N GLU D 50 -46.30 8.23 27.36
CA GLU D 50 -46.58 7.62 26.07
C GLU D 50 -46.21 6.15 26.05
N LEU D 51 -45.35 5.72 26.98
CA LEU D 51 -45.11 4.29 27.16
C LEU D 51 -46.23 3.65 27.97
N ARG D 52 -46.87 4.42 28.85
CA ARG D 52 -48.06 3.94 29.54
C ARG D 52 -49.23 3.80 28.58
N ASN D 53 -49.30 4.67 27.58
CA ASN D 53 -50.31 4.53 26.53
C ASN D 53 -49.91 3.51 25.47
N LEU D 54 -48.71 2.93 25.57
CA LEU D 54 -48.26 1.92 24.62
C LEU D 54 -48.73 0.52 25.02
N TRP D 55 -49.52 0.39 26.08
CA TRP D 55 -50.04 -0.89 26.56
C TRP D 55 -51.49 -1.13 26.16
N GLY D 56 -52.30 -0.08 26.06
CA GLY D 56 -53.73 -0.23 25.90
C GLY D 56 -54.19 -0.77 24.56
N PRO D 57 -54.05 0.03 23.48
CA PRO D 57 -54.49 -0.46 22.17
C PRO D 57 -53.54 -1.46 21.54
N GLU D 58 -52.27 -1.48 21.96
CA GLU D 58 -51.34 -2.48 21.47
C GLU D 58 -51.68 -3.84 22.05
N GLN D 59 -51.40 -4.89 21.25
CA GLN D 59 -51.75 -6.29 21.54
C GLN D 59 -53.25 -6.43 21.80
N ALA D 60 -54.00 -6.17 20.72
CA ALA D 60 -55.45 -6.30 20.79
C ALA D 60 -55.87 -7.77 20.88
N THR D 61 -55.14 -8.65 20.21
CA THR D 61 -55.37 -10.09 20.29
C THR D 61 -54.38 -10.65 21.30
N GLY D 62 -54.70 -10.49 22.58
CA GLY D 62 -53.80 -10.87 23.64
C GLY D 62 -53.89 -12.34 24.01
N LEU D 63 -52.93 -13.12 23.54
CA LEU D 63 -52.86 -14.54 23.87
C LEU D 63 -52.30 -14.81 25.28
N PRO D 64 -51.30 -14.08 25.80
CA PRO D 64 -51.05 -14.18 27.24
C PRO D 64 -52.15 -13.48 28.03
N LEU D 65 -52.60 -14.14 29.10
CA LEU D 65 -53.69 -13.62 29.91
C LEU D 65 -53.26 -12.49 30.84
N ASP D 66 -51.96 -12.29 31.05
CA ASP D 66 -51.45 -11.25 31.95
C ASP D 66 -50.24 -10.56 31.32
N VAL D 67 -50.50 -9.50 30.56
CA VAL D 67 -49.47 -8.70 29.92
C VAL D 67 -49.36 -7.38 30.67
N ASN D 68 -48.19 -7.12 31.24
CA ASN D 68 -47.96 -5.90 32.01
C ASN D 68 -46.64 -5.28 31.59
N VAL D 69 -46.58 -3.95 31.59
CA VAL D 69 -45.38 -3.21 31.25
C VAL D 69 -45.01 -2.29 32.41
N VAL D 70 -43.71 -2.10 32.58
CA VAL D 70 -43.15 -1.22 33.61
C VAL D 70 -42.24 -0.22 32.91
N ALA D 71 -42.68 1.02 32.79
CA ALA D 71 -41.91 2.06 32.12
C ALA D 71 -41.07 2.82 33.13
N LEU D 72 -39.76 2.86 32.92
CA LEU D 72 -38.85 3.55 33.82
C LEU D 72 -37.86 4.39 33.03
N LEU D 73 -37.42 5.49 33.63
CA LEU D 73 -36.48 6.40 33.02
C LEU D 73 -35.28 6.57 33.96
N MET D 74 -34.08 6.49 33.40
CA MET D 74 -32.85 6.62 34.17
C MET D 74 -32.05 7.80 33.64
N ASN D 75 -31.46 8.58 34.55
CA ASN D 75 -30.73 9.78 34.17
C ASN D 75 -29.24 9.52 34.06
N ARG D 76 -28.71 8.62 34.89
CA ARG D 76 -27.30 8.26 34.85
C ARG D 76 -27.07 7.06 33.94
N THR D 77 -25.82 6.89 33.51
CA THR D 77 -25.44 5.83 32.58
C THR D 77 -24.33 4.97 33.13
N ASP D 78 -24.28 4.81 34.48
CA ASP D 78 -23.24 3.94 34.99
C ASP D 78 -23.74 2.50 35.14
N PRO D 79 -22.85 1.49 35.03
CA PRO D 79 -23.31 0.10 35.16
C PRO D 79 -23.76 -0.29 36.56
N LYS D 80 -23.42 0.51 37.58
CA LYS D 80 -23.97 0.30 38.92
C LYS D 80 -25.48 0.44 38.92
N SER D 81 -25.99 1.46 38.22
CA SER D 81 -27.44 1.60 38.07
C SER D 81 -28.03 0.49 37.23
N LEU D 82 -27.28 -0.04 36.28
CA LEU D 82 -27.74 -1.18 35.49
C LEU D 82 -27.94 -2.41 36.38
N ILE D 83 -26.95 -2.72 37.22
CA ILE D 83 -27.04 -3.85 38.13
C ILE D 83 -28.16 -3.62 39.15
N THR D 84 -28.30 -2.38 39.62
CA THR D 84 -29.30 -2.06 40.63
C THR D 84 -30.72 -2.21 40.06
N HIS D 85 -30.96 -1.68 38.87
CA HIS D 85 -32.30 -1.80 38.28
C HIS D 85 -32.60 -3.21 37.80
N VAL D 86 -31.58 -3.98 37.41
CA VAL D 86 -31.82 -5.39 37.09
C VAL D 86 -32.20 -6.18 38.33
N CYS D 87 -31.50 -5.93 39.45
CA CYS D 87 -31.88 -6.59 40.70
C CYS D 87 -33.21 -6.09 41.26
N ASP D 88 -33.62 -4.87 40.92
CA ASP D 88 -34.93 -4.38 41.34
C ASP D 88 -36.04 -5.01 40.51
N LEU D 89 -35.89 -5.02 39.19
CA LEU D 89 -36.98 -5.43 38.31
C LEU D 89 -37.07 -6.94 38.14
N MET D 90 -35.94 -7.65 38.30
CA MET D 90 -35.99 -9.11 38.26
C MET D 90 -36.69 -9.67 39.50
N SER D 91 -36.44 -9.05 40.65
CA SER D 91 -37.21 -9.34 41.85
C SER D 91 -38.56 -8.65 41.87
N GLY D 92 -38.80 -7.71 40.96
CA GLY D 92 -40.07 -7.03 40.86
C GLY D 92 -41.13 -7.85 40.15
N ALA D 93 -41.64 -8.87 40.87
CA ALA D 93 -42.70 -9.77 40.41
C ALA D 93 -42.32 -10.51 39.12
N ARG D 94 -41.02 -10.84 39.01
CA ARG D 94 -40.44 -11.73 37.99
C ARG D 94 -40.71 -11.22 36.57
N ILE D 95 -40.11 -10.08 36.26
CA ILE D 95 -40.20 -9.49 34.93
C ILE D 95 -39.32 -10.29 33.98
N HIS D 96 -39.90 -10.73 32.86
CA HIS D 96 -39.21 -11.57 31.89
C HIS D 96 -38.76 -10.82 30.66
N GLY D 97 -39.00 -9.51 30.57
CA GLY D 97 -38.60 -8.75 29.40
C GLY D 97 -37.96 -7.43 29.74
N LEU D 98 -36.76 -7.19 29.23
CA LEU D 98 -36.04 -5.94 29.45
C LEU D 98 -35.76 -5.26 28.12
N VAL D 99 -36.12 -3.99 28.03
CA VAL D 99 -35.93 -3.17 26.83
C VAL D 99 -35.18 -1.92 27.24
N PHE D 100 -34.03 -1.67 26.61
CA PHE D 100 -33.21 -0.53 26.96
C PHE D 100 -32.78 0.23 25.71
N GLY D 101 -32.83 1.56 25.80
CA GLY D 101 -32.26 2.43 24.79
C GLY D 101 -31.26 3.37 25.43
N ASP D 102 -30.28 3.80 24.64
CA ASP D 102 -29.19 4.62 25.13
C ASP D 102 -29.07 5.88 24.29
N ASP D 103 -28.65 6.97 24.93
CA ASP D 103 -28.39 8.24 24.25
C ASP D 103 -26.91 8.58 24.13
N THR D 104 -26.04 7.93 24.90
CA THR D 104 -24.63 8.27 24.93
C THR D 104 -23.90 7.55 23.79
N ASP D 105 -22.57 7.60 23.83
CA ASP D 105 -21.72 6.99 22.82
C ASP D 105 -20.81 5.93 23.45
N GLN D 106 -21.40 5.09 24.31
CA GLN D 106 -20.65 4.07 25.03
C GLN D 106 -21.12 2.70 24.56
N GLU D 107 -20.23 1.96 23.88
CA GLU D 107 -20.55 0.62 23.41
C GLU D 107 -20.38 -0.45 24.48
N ALA D 108 -19.82 -0.11 25.64
CA ALA D 108 -19.65 -1.10 26.70
C ALA D 108 -20.94 -1.38 27.45
N VAL D 109 -21.94 -0.50 27.32
CA VAL D 109 -23.22 -0.70 28.01
C VAL D 109 -23.96 -1.90 27.43
N ALA D 110 -23.87 -2.08 26.10
CA ALA D 110 -24.45 -3.25 25.46
C ALA D 110 -23.72 -4.53 25.87
N GLN D 111 -22.41 -4.45 26.10
CA GLN D 111 -21.67 -5.62 26.58
C GLN D 111 -22.04 -5.95 28.02
N MET D 112 -22.28 -4.92 28.85
CA MET D 112 -22.78 -5.15 30.20
C MET D 112 -24.16 -5.78 30.19
N LEU D 113 -25.04 -5.32 29.30
CA LEU D 113 -26.36 -5.92 29.20
C LEU D 113 -26.31 -7.33 28.63
N ASP D 114 -25.33 -7.62 27.78
CA ASP D 114 -25.13 -8.99 27.31
C ASP D 114 -24.66 -9.89 28.46
N PHE D 115 -23.80 -9.37 29.33
CA PHE D 115 -23.40 -10.15 30.51
C PHE D 115 -24.57 -10.35 31.47
N ILE D 116 -25.44 -9.33 31.60
CA ILE D 116 -26.63 -9.45 32.44
C ILE D 116 -27.59 -10.49 31.86
N SER D 117 -27.74 -10.51 30.54
CA SER D 117 -28.59 -11.52 29.90
C SER D 117 -27.97 -12.91 29.99
N SER D 118 -26.64 -13.01 30.05
CA SER D 118 -26.00 -14.30 30.25
C SER D 118 -26.19 -14.81 31.67
N GLN D 119 -26.12 -13.92 32.65
CA GLN D 119 -26.25 -14.33 34.05
C GLN D 119 -27.70 -14.60 34.45
N THR D 120 -28.63 -13.73 34.05
CA THR D 120 -30.01 -13.81 34.49
C THR D 120 -30.90 -14.64 33.58
N PHE D 121 -30.41 -14.98 32.39
CA PHE D 121 -31.14 -15.78 31.38
C PHE D 121 -32.46 -15.13 30.99
N ILE D 122 -32.42 -13.82 30.74
CA ILE D 122 -33.60 -13.04 30.41
C ILE D 122 -33.37 -12.41 29.04
N PRO D 123 -34.33 -12.51 28.10
CA PRO D 123 -34.18 -11.84 26.80
C PRO D 123 -34.20 -10.33 26.91
N ILE D 124 -33.07 -9.69 26.58
CA ILE D 124 -32.90 -8.25 26.70
C ILE D 124 -32.67 -7.68 25.31
N LEU D 125 -33.31 -6.56 25.02
CA LEU D 125 -33.27 -5.93 23.71
C LEU D 125 -32.61 -4.55 23.80
N GLY D 126 -31.77 -4.25 22.82
CA GLY D 126 -31.11 -2.95 22.72
C GLY D 126 -31.71 -2.15 21.57
N ILE D 127 -32.02 -0.89 21.84
CA ILE D 127 -32.85 -0.07 20.95
C ILE D 127 -32.02 0.98 20.21
N HIS D 128 -31.40 1.90 20.94
CA HIS D 128 -30.85 3.09 20.34
C HIS D 128 -29.51 3.43 21.00
N GLY D 129 -28.62 4.04 20.23
CA GLY D 129 -27.37 4.54 20.79
C GLY D 129 -26.42 3.42 21.11
N GLY D 130 -25.80 3.51 22.30
CA GLY D 130 -24.87 2.50 22.76
C GLY D 130 -25.51 1.14 23.03
N ALA D 131 -26.82 1.11 23.25
CA ALA D 131 -27.54 -0.15 23.33
C ALA D 131 -27.69 -0.82 21.98
N SER D 132 -27.49 -0.08 20.88
CA SER D 132 -27.65 -0.63 19.54
C SER D 132 -26.33 -0.64 18.76
N MET D 133 -25.22 -0.41 19.43
CA MET D 133 -23.92 -0.45 18.75
C MET D 133 -23.49 -1.89 18.50
N ILE D 134 -22.84 -2.10 17.37
CA ILE D 134 -22.61 -3.45 16.87
C ILE D 134 -21.43 -4.09 17.60
N MET D 135 -21.67 -5.26 18.18
CA MET D 135 -20.63 -6.06 18.81
C MET D 135 -20.37 -7.30 17.96
N ALA D 136 -19.24 -7.96 18.24
CA ALA D 136 -18.74 -8.98 17.31
C ALA D 136 -19.44 -10.32 17.47
N ASP D 137 -19.28 -10.94 18.64
CA ASP D 137 -19.71 -12.33 18.82
C ASP D 137 -20.45 -12.47 20.14
N LYS D 138 -21.62 -13.10 20.09
CA LYS D 138 -22.43 -13.35 21.27
C LYS D 138 -22.07 -14.71 21.87
N ASP D 139 -22.86 -15.13 22.85
CA ASP D 139 -22.68 -16.41 23.54
C ASP D 139 -24.01 -17.16 23.56
N PRO D 140 -23.97 -18.50 23.57
CA PRO D 140 -25.23 -19.26 23.75
C PRO D 140 -25.84 -19.08 25.13
N THR D 141 -25.06 -18.71 26.14
CA THR D 141 -25.61 -18.45 27.46
C THR D 141 -26.35 -17.12 27.53
N SER D 142 -26.08 -16.20 26.60
CA SER D 142 -26.69 -14.88 26.60
C SER D 142 -27.79 -14.82 25.55
N THR D 143 -28.92 -14.21 25.93
CA THR D 143 -30.07 -14.03 25.06
C THR D 143 -30.30 -12.55 24.76
N PHE D 144 -29.22 -11.79 24.64
CA PHE D 144 -29.30 -10.37 24.32
C PHE D 144 -29.38 -10.18 22.80
N PHE D 145 -30.15 -9.18 22.38
CA PHE D 145 -30.36 -8.92 20.97
C PHE D 145 -30.38 -7.42 20.72
N GLN D 146 -30.01 -7.04 19.50
CA GLN D 146 -29.94 -5.64 19.10
C GLN D 146 -30.82 -5.38 17.89
N PHE D 147 -31.37 -4.17 17.84
CA PHE D 147 -32.11 -3.70 16.67
C PHE D 147 -31.18 -2.77 15.89
N GLY D 148 -30.29 -3.38 15.11
CA GLY D 148 -29.32 -2.61 14.35
C GLY D 148 -28.90 -3.26 13.05
N ALA D 149 -27.76 -2.82 12.52
CA ALA D 149 -27.23 -3.34 11.26
C ALA D 149 -25.74 -3.57 11.41
N SER D 150 -25.32 -4.82 11.23
CA SER D 150 -23.93 -5.20 11.47
C SER D 150 -23.03 -4.68 10.34
N ILE D 151 -21.72 -4.82 10.56
CA ILE D 151 -20.75 -4.33 9.59
C ILE D 151 -20.67 -5.24 8.37
N GLN D 152 -21.08 -6.50 8.49
CA GLN D 152 -21.04 -7.42 7.36
C GLN D 152 -22.13 -7.11 6.36
N GLN D 153 -23.36 -6.92 6.85
CA GLN D 153 -24.45 -6.50 5.97
C GLN D 153 -24.22 -5.09 5.42
N GLN D 154 -23.55 -4.23 6.20
CA GLN D 154 -23.22 -2.90 5.71
C GLN D 154 -22.17 -2.96 4.61
N ALA D 155 -21.20 -3.87 4.73
CA ALA D 155 -20.22 -4.08 3.66
C ALA D 155 -20.89 -4.68 2.44
N THR D 156 -21.90 -5.53 2.64
CA THR D 156 -22.68 -6.06 1.53
C THR D 156 -23.42 -4.94 0.80
N VAL D 157 -24.01 -4.01 1.54
CA VAL D 157 -24.72 -2.88 0.94
C VAL D 157 -23.74 -1.95 0.22
N MET D 158 -22.56 -1.73 0.78
CA MET D 158 -21.59 -0.85 0.14
C MET D 158 -21.00 -1.47 -1.13
N LEU D 159 -20.79 -2.78 -1.13
CA LEU D 159 -20.35 -3.44 -2.36
C LEU D 159 -21.49 -3.54 -3.37
N LYS D 160 -22.74 -3.54 -2.90
CA LYS D 160 -23.88 -3.42 -3.82
C LYS D 160 -23.92 -2.05 -4.47
N ILE D 161 -23.58 -1.00 -3.71
CA ILE D 161 -23.46 0.36 -4.25
C ILE D 161 -22.35 0.41 -5.29
N MET D 162 -21.20 -0.21 -4.98
CA MET D 162 -20.08 -0.22 -5.92
C MET D 162 -20.39 -1.05 -7.17
N GLN D 163 -21.22 -2.10 -7.03
CA GLN D 163 -21.64 -2.86 -8.20
C GLN D 163 -22.62 -2.08 -9.05
N ASP D 164 -23.50 -1.31 -8.42
CA ASP D 164 -24.49 -0.53 -9.16
C ASP D 164 -23.91 0.70 -9.85
N TYR D 165 -22.64 1.03 -9.59
CA TYR D 165 -22.00 2.19 -10.20
C TYR D 165 -20.86 1.82 -11.13
N ASP D 166 -20.58 0.52 -11.31
CA ASP D 166 -19.45 0.00 -12.10
C ASP D 166 -18.11 0.56 -11.64
N TRP D 167 -17.97 0.73 -10.32
CA TRP D 167 -16.72 1.20 -9.73
C TRP D 167 -15.88 0.00 -9.33
N HIS D 168 -15.32 -0.65 -10.36
CA HIS D 168 -14.68 -1.95 -10.18
C HIS D 168 -13.21 -1.84 -9.82
N VAL D 169 -12.56 -0.74 -10.17
CA VAL D 169 -11.16 -0.51 -9.83
C VAL D 169 -11.13 0.31 -8.55
N PHE D 170 -10.68 -0.30 -7.46
CA PHE D 170 -10.73 0.34 -6.15
C PHE D 170 -9.53 -0.11 -5.33
N SER D 171 -9.51 0.31 -4.06
CA SER D 171 -8.43 -0.03 -3.15
C SER D 171 -9.02 -0.33 -1.77
N LEU D 172 -8.13 -0.60 -0.81
CA LEU D 172 -8.56 -0.91 0.55
C LEU D 172 -7.43 -0.53 1.50
N VAL D 173 -7.73 0.35 2.45
CA VAL D 173 -6.77 0.78 3.47
C VAL D 173 -7.31 0.35 4.83
N THR D 174 -6.56 -0.50 5.53
CA THR D 174 -6.96 -1.01 6.84
C THR D 174 -5.94 -0.57 7.88
N THR D 175 -6.45 0.01 8.96
CA THR D 175 -5.62 0.46 10.07
C THR D 175 -5.54 -0.64 11.13
N ILE D 176 -5.05 -0.28 12.31
CA ILE D 176 -4.97 -1.21 13.44
C ILE D 176 -6.21 -1.12 14.32
N PHE D 177 -7.29 -0.52 13.81
CA PHE D 177 -8.57 -0.55 14.52
C PHE D 177 -9.11 -1.97 14.51
N PRO D 178 -9.56 -2.49 15.66
CA PRO D 178 -9.88 -3.92 15.75
C PRO D 178 -11.14 -4.29 14.98
N GLY D 179 -11.31 -5.60 14.79
CA GLY D 179 -12.36 -6.10 13.92
C GLY D 179 -12.06 -5.91 12.46
N TYR D 180 -10.79 -5.92 12.08
CA TYR D 180 -10.37 -5.58 10.73
C TYR D 180 -10.05 -6.78 9.86
N ARG D 181 -9.58 -7.88 10.45
CA ARG D 181 -9.26 -9.06 9.65
C ARG D 181 -10.53 -9.77 9.18
N ASP D 182 -11.59 -9.72 9.99
CA ASP D 182 -12.89 -10.21 9.55
C ASP D 182 -13.41 -9.39 8.38
N PHE D 183 -13.16 -8.08 8.40
CA PHE D 183 -13.56 -7.20 7.31
C PHE D 183 -12.82 -7.52 6.02
N ILE D 184 -11.50 -7.75 6.12
CA ILE D 184 -10.69 -8.13 4.96
C ILE D 184 -11.12 -9.48 4.41
N SER D 185 -11.36 -10.45 5.30
CA SER D 185 -11.79 -11.78 4.86
C SER D 185 -13.18 -11.75 4.23
N PHE D 186 -14.08 -10.91 4.75
CA PHE D 186 -15.40 -10.78 4.17
C PHE D 186 -15.34 -10.13 2.79
N ILE D 187 -14.46 -9.14 2.62
CA ILE D 187 -14.25 -8.55 1.31
C ILE D 187 -13.68 -9.58 0.33
N LYS D 188 -12.74 -10.41 0.79
CA LYS D 188 -12.14 -11.43 -0.06
C LYS D 188 -13.16 -12.47 -0.50
N THR D 189 -13.97 -12.96 0.43
CA THR D 189 -15.03 -13.91 0.08
C THR D 189 -16.12 -13.28 -0.80
N THR D 190 -16.42 -12.00 -0.61
CA THR D 190 -17.45 -11.36 -1.42
C THR D 190 -16.96 -11.11 -2.84
N VAL D 191 -15.69 -10.74 -3.01
CA VAL D 191 -15.10 -10.62 -4.34
C VAL D 191 -15.02 -11.99 -5.00
N ASP D 192 -14.69 -13.03 -4.24
CA ASP D 192 -14.67 -14.38 -4.79
C ASP D 192 -16.07 -14.94 -5.04
N ASN D 193 -17.13 -14.32 -4.52
CA ASN D 193 -18.50 -14.77 -4.75
C ASN D 193 -19.36 -13.65 -5.32
N SER D 194 -18.86 -12.97 -6.35
CA SER D 194 -19.62 -11.96 -7.06
C SER D 194 -19.28 -12.00 -8.54
N PHE D 195 -20.29 -11.70 -9.37
CA PHE D 195 -20.15 -11.76 -10.83
C PHE D 195 -19.31 -10.63 -11.42
N VAL D 196 -18.81 -9.71 -10.61
CA VAL D 196 -18.05 -8.58 -11.13
C VAL D 196 -16.65 -9.02 -11.54
N GLY D 197 -15.94 -9.71 -10.66
CA GLY D 197 -14.52 -9.88 -10.86
C GLY D 197 -13.79 -8.60 -10.55
N TRP D 198 -13.80 -8.23 -9.26
CA TRP D 198 -13.38 -6.91 -8.81
C TRP D 198 -11.88 -6.69 -9.01
N ASP D 199 -11.52 -5.57 -9.64
CA ASP D 199 -10.13 -5.15 -9.77
C ASP D 199 -9.74 -4.46 -8.46
N MET D 200 -9.24 -5.25 -7.52
CA MET D 200 -8.94 -4.77 -6.18
C MET D 200 -7.43 -4.56 -6.04
N GLN D 201 -7.04 -3.35 -5.67
CA GLN D 201 -5.64 -3.09 -5.33
C GLN D 201 -5.34 -3.71 -3.97
N ASN D 202 -4.07 -4.02 -3.74
CA ASN D 202 -3.63 -4.69 -2.52
C ASN D 202 -3.86 -3.80 -1.29
N VAL D 203 -3.97 -4.45 -0.14
CA VAL D 203 -4.43 -3.81 1.08
C VAL D 203 -3.30 -2.99 1.68
N ILE D 204 -3.54 -1.70 1.87
CA ILE D 204 -2.59 -0.82 2.56
C ILE D 204 -2.78 -1.02 4.06
N THR D 205 -1.80 -1.63 4.70
CA THR D 205 -1.87 -1.97 6.11
C THR D 205 -1.10 -0.96 6.94
N LEU D 206 -1.47 -0.85 8.21
CA LEU D 206 -0.81 0.04 9.17
C LEU D 206 -0.32 -0.77 10.36
N ASP D 207 0.61 -0.18 11.11
CA ASP D 207 1.15 -0.79 12.32
C ASP D 207 0.92 0.08 13.55
N THR D 208 1.22 1.37 13.45
CA THR D 208 1.02 2.33 14.54
C THR D 208 0.44 3.60 13.92
N SER D 209 0.49 4.69 14.67
CA SER D 209 0.31 6.02 14.09
C SER D 209 1.42 6.24 13.06
N PHE D 210 1.06 6.79 11.91
CA PHE D 210 1.94 6.75 10.76
C PHE D 210 3.13 7.69 10.91
N GLU D 211 4.32 7.16 10.62
CA GLU D 211 5.56 7.92 10.60
C GLU D 211 5.66 8.81 9.36
N ASP D 212 4.83 8.54 8.34
CA ASP D 212 4.89 9.15 7.01
C ASP D 212 6.25 8.87 6.36
N ALA D 213 6.80 7.68 6.64
CA ALA D 213 8.01 7.18 6.01
C ALA D 213 7.78 5.87 5.28
N LYS D 214 7.22 4.87 5.95
CA LYS D 214 6.89 3.60 5.32
C LYS D 214 5.46 3.52 4.85
N THR D 215 4.54 4.19 5.55
CA THR D 215 3.16 4.28 5.09
C THR D 215 3.04 5.20 3.88
N GLN D 216 4.01 6.10 3.71
CA GLN D 216 4.02 7.00 2.55
C GLN D 216 4.20 6.23 1.26
N VAL D 217 5.01 5.17 1.27
CA VAL D 217 5.23 4.36 0.08
C VAL D 217 3.96 3.61 -0.30
N GLN D 218 3.24 3.10 0.70
CA GLN D 218 2.00 2.37 0.44
C GLN D 218 0.88 3.32 0.00
N LEU D 219 0.88 4.55 0.51
CA LEU D 219 -0.12 5.52 0.05
C LEU D 219 0.21 6.04 -1.34
N LYS D 220 1.48 6.11 -1.70
CA LYS D 220 1.86 6.52 -3.05
C LYS D 220 1.71 5.41 -4.08
N LYS D 221 1.40 4.17 -3.64
CA LYS D 221 1.01 3.14 -4.58
C LYS D 221 -0.41 3.32 -5.09
N ILE D 222 -1.20 4.14 -4.42
CA ILE D 222 -2.61 4.30 -4.74
C ILE D 222 -2.74 5.18 -5.98
N HIS D 223 -3.41 4.66 -7.00
CA HIS D 223 -3.76 5.43 -8.19
C HIS D 223 -5.19 5.21 -8.62
N SER D 224 -5.97 4.46 -7.84
CA SER D 224 -7.36 4.15 -8.14
C SER D 224 -8.27 5.20 -7.54
N SER D 225 -9.56 5.13 -7.89
CA SER D 225 -10.52 6.16 -7.52
C SER D 225 -11.19 5.87 -6.18
N VAL D 226 -11.89 4.73 -6.09
CA VAL D 226 -12.67 4.41 -4.90
C VAL D 226 -11.74 3.89 -3.81
N ILE D 227 -11.78 4.53 -2.65
CA ILE D 227 -10.92 4.19 -1.52
C ILE D 227 -11.80 3.79 -0.35
N LEU D 228 -11.56 2.58 0.17
CA LEU D 228 -12.28 2.06 1.32
C LEU D 228 -11.40 2.14 2.56
N LEU D 229 -12.03 2.35 3.72
CA LEU D 229 -11.29 2.61 4.94
C LEU D 229 -12.09 2.07 6.12
N TYR D 230 -11.37 1.52 7.10
CA TYR D 230 -11.96 0.96 8.31
C TYR D 230 -11.09 1.39 9.50
N CYS D 231 -11.54 2.40 10.24
CA CYS D 231 -10.75 2.96 11.34
C CYS D 231 -11.70 3.69 12.29
N SER D 232 -11.12 4.40 13.25
CA SER D 232 -11.85 5.25 14.17
C SER D 232 -11.78 6.70 13.70
N LYS D 233 -12.51 7.57 14.39
CA LYS D 233 -12.64 8.95 13.94
C LYS D 233 -11.35 9.74 14.13
N ASP D 234 -10.69 9.58 15.29
CA ASP D 234 -9.45 10.29 15.56
C ASP D 234 -8.32 9.78 14.67
N GLU D 235 -8.39 8.54 14.22
CA GLU D 235 -7.47 8.06 13.19
C GLU D 235 -7.83 8.64 11.84
N ALA D 236 -9.14 8.76 11.56
CA ALA D 236 -9.61 9.22 10.25
C ALA D 236 -9.29 10.69 10.02
N VAL D 237 -9.19 11.48 11.09
CA VAL D 237 -8.77 12.88 10.96
C VAL D 237 -7.35 12.96 10.40
N LEU D 238 -6.43 12.16 10.97
CA LEU D 238 -5.06 12.14 10.47
C LEU D 238 -4.96 11.49 9.10
N ILE D 239 -5.81 10.50 8.81
CA ILE D 239 -5.81 9.87 7.49
C ILE D 239 -6.26 10.86 6.41
N LEU D 240 -7.33 11.61 6.68
CA LEU D 240 -7.78 12.60 5.71
C LEU D 240 -6.84 13.79 5.61
N SER D 241 -6.14 14.13 6.71
CA SER D 241 -5.13 15.17 6.64
C SER D 241 -3.94 14.75 5.78
N GLU D 242 -3.52 13.48 5.90
CA GLU D 242 -2.47 12.96 5.04
C GLU D 242 -2.93 12.83 3.59
N ALA D 243 -4.21 12.49 3.38
CA ALA D 243 -4.74 12.35 2.03
C ALA D 243 -4.87 13.70 1.34
N ARG D 244 -5.24 14.74 2.08
CA ARG D 244 -5.22 16.09 1.53
C ARG D 244 -3.78 16.57 1.32
N SER D 245 -2.86 16.17 2.21
CA SER D 245 -1.47 16.53 2.04
C SER D 245 -0.83 15.81 0.86
N LEU D 246 -1.29 14.60 0.55
CA LEU D 246 -0.82 13.85 -0.60
C LEU D 246 -1.73 14.00 -1.81
N GLY D 247 -2.79 14.80 -1.70
CA GLY D 247 -3.67 15.04 -2.83
C GLY D 247 -4.54 13.86 -3.22
N LEU D 248 -5.03 13.11 -2.25
CA LEU D 248 -5.91 11.98 -2.52
C LEU D 248 -7.39 12.34 -2.45
N THR D 249 -7.71 13.64 -2.39
CA THR D 249 -9.09 14.11 -2.30
C THR D 249 -9.53 14.78 -3.60
N GLY D 250 -9.12 14.22 -4.73
CA GLY D 250 -9.47 14.77 -6.02
C GLY D 250 -10.91 14.47 -6.40
N TYR D 251 -11.29 15.01 -7.56
CA TYR D 251 -12.64 14.80 -8.08
C TYR D 251 -12.87 13.37 -8.53
N ASP D 252 -11.82 12.72 -9.04
CA ASP D 252 -11.94 11.33 -9.43
C ASP D 252 -11.97 10.41 -8.23
N PHE D 253 -11.22 10.76 -7.17
CA PHE D 253 -11.03 9.87 -6.04
C PHE D 253 -12.25 9.87 -5.14
N PHE D 254 -12.70 8.68 -4.75
CA PHE D 254 -13.87 8.51 -3.91
C PHE D 254 -13.46 8.07 -2.50
N TRP D 255 -14.38 8.28 -1.55
CA TRP D 255 -14.13 7.98 -0.15
C TRP D 255 -15.42 7.46 0.47
N ILE D 256 -15.43 6.19 0.85
CA ILE D 256 -16.60 5.54 1.42
C ILE D 256 -16.23 5.02 2.80
N VAL D 257 -16.94 5.49 3.83
CA VAL D 257 -16.63 5.17 5.21
C VAL D 257 -17.82 4.46 5.86
N PRO D 258 -17.59 3.63 6.88
CA PRO D 258 -18.74 3.00 7.57
C PRO D 258 -19.39 3.91 8.60
N SER D 259 -20.36 3.36 9.33
CA SER D 259 -21.10 4.13 10.33
C SER D 259 -20.37 4.23 11.66
N LEU D 260 -19.41 3.35 11.93
CA LEU D 260 -18.73 3.36 13.21
C LEU D 260 -17.73 4.50 13.31
N VAL D 261 -17.12 4.89 12.18
CA VAL D 261 -16.21 6.03 12.19
C VAL D 261 -16.99 7.35 12.17
N SER D 262 -18.19 7.36 11.59
CA SER D 262 -19.02 8.57 11.53
C SER D 262 -19.85 8.63 12.80
N GLY D 263 -19.46 9.49 13.74
CA GLY D 263 -20.08 9.50 15.04
C GLY D 263 -21.26 10.43 15.16
N ASN D 264 -21.12 11.49 15.96
CA ASN D 264 -22.23 12.39 16.21
C ASN D 264 -22.51 13.25 14.97
N THR D 265 -23.80 13.54 14.76
CA THR D 265 -24.19 14.39 13.64
C THR D 265 -23.80 15.83 13.87
N GLU D 266 -23.68 16.24 15.13
CA GLU D 266 -23.29 17.62 15.44
C GLU D 266 -21.78 17.81 15.30
N LEU D 267 -20.99 16.87 15.79
CA LEU D 267 -19.54 16.98 15.77
C LEU D 267 -19.03 16.58 14.39
N ILE D 268 -18.86 17.57 13.51
CA ILE D 268 -18.27 17.34 12.20
C ILE D 268 -17.06 18.26 12.06
N PRO D 269 -15.84 17.74 12.12
CA PRO D 269 -14.66 18.57 11.88
C PRO D 269 -14.57 19.01 10.43
N LYS D 270 -13.82 20.09 10.21
CA LYS D 270 -13.71 20.71 8.89
C LYS D 270 -12.78 19.95 7.94
N GLU D 271 -12.11 18.91 8.40
CA GLU D 271 -11.21 18.14 7.55
C GLU D 271 -11.92 17.07 6.74
N PHE D 272 -13.25 16.99 6.82
CA PHE D 272 -13.97 15.98 6.05
C PHE D 272 -14.23 16.49 4.64
N PRO D 273 -14.04 15.65 3.62
CA PRO D 273 -14.35 16.06 2.25
C PRO D 273 -15.85 16.07 2.01
N SER D 274 -16.34 17.16 1.40
CA SER D 274 -17.76 17.32 1.11
C SER D 274 -18.15 16.38 -0.01
N GLY D 275 -18.78 15.27 0.34
CA GLY D 275 -19.05 14.21 -0.60
C GLY D 275 -18.69 12.85 -0.03
N LEU D 276 -18.44 12.83 1.28
CA LEU D 276 -18.05 11.61 1.97
C LEU D 276 -19.24 10.66 2.07
N ILE D 277 -19.08 9.46 1.49
CA ILE D 277 -20.16 8.49 1.43
C ILE D 277 -20.19 7.70 2.73
N SER D 278 -21.35 7.69 3.40
CA SER D 278 -21.53 6.93 4.62
C SER D 278 -22.83 6.15 4.53
N VAL D 279 -22.88 5.03 5.26
CA VAL D 279 -24.06 4.18 5.34
C VAL D 279 -24.34 3.91 6.81
N SER D 280 -25.44 4.44 7.32
CA SER D 280 -25.84 4.26 8.70
C SER D 280 -27.33 4.00 8.77
N TYR D 281 -27.74 3.17 9.73
CA TYR D 281 -29.14 2.82 9.90
C TYR D 281 -29.90 3.81 10.78
N ASP D 282 -29.33 4.97 11.06
CA ASP D 282 -29.98 5.99 11.87
C ASP D 282 -31.08 6.68 11.06
N ASP D 283 -32.31 6.18 11.17
CA ASP D 283 -33.44 6.73 10.44
C ASP D 283 -34.21 7.68 11.35
N TRP D 284 -34.27 8.96 10.96
CA TRP D 284 -35.02 9.95 11.72
C TRP D 284 -36.51 9.86 11.49
N ASP D 285 -36.96 9.13 10.46
CA ASP D 285 -38.40 9.00 10.22
C ASP D 285 -39.05 8.06 11.23
N TYR D 286 -38.31 7.06 11.70
CA TYR D 286 -38.81 6.10 12.69
C TYR D 286 -38.20 6.47 14.04
N SER D 287 -39.05 6.92 14.96
CA SER D 287 -38.60 7.35 16.28
C SER D 287 -38.34 6.15 17.18
N LEU D 288 -37.91 6.44 18.40
CA LEU D 288 -37.61 5.39 19.36
C LEU D 288 -38.88 4.71 19.86
N GLU D 289 -40.00 5.44 19.88
CA GLU D 289 -41.26 4.87 20.37
C GLU D 289 -41.79 3.81 19.41
N ALA D 290 -41.66 4.04 18.10
CA ALA D 290 -42.08 3.03 17.12
C ALA D 290 -41.16 1.81 17.18
N ARG D 291 -39.88 2.01 17.46
CA ARG D 291 -38.94 0.90 17.53
C ARG D 291 -39.19 0.06 18.79
N VAL D 292 -39.48 0.70 19.92
CA VAL D 292 -39.80 -0.09 21.11
C VAL D 292 -41.19 -0.70 21.02
N ARG D 293 -42.11 -0.10 20.24
CA ARG D 293 -43.39 -0.74 19.98
C ARG D 293 -43.22 -1.99 19.14
N ASP D 294 -42.33 -1.93 18.14
CA ASP D 294 -42.01 -3.13 17.35
C ASP D 294 -41.29 -4.17 18.20
N GLY D 295 -40.45 -3.74 19.14
CA GLY D 295 -39.80 -4.68 20.03
C GLY D 295 -40.77 -5.37 20.97
N LEU D 296 -41.75 -4.62 21.49
CA LEU D 296 -42.81 -5.22 22.28
C LEU D 296 -43.66 -6.17 21.46
N GLY D 297 -43.88 -5.84 20.18
CA GLY D 297 -44.60 -6.74 19.30
C GLY D 297 -43.85 -8.04 19.06
N ILE D 298 -42.52 -7.96 18.90
CA ILE D 298 -41.71 -9.16 18.75
C ILE D 298 -41.71 -9.99 20.03
N LEU D 299 -41.64 -9.33 21.20
CA LEU D 299 -41.67 -10.05 22.47
C LEU D 299 -43.00 -10.75 22.70
N THR D 300 -44.11 -10.07 22.42
CA THR D 300 -45.42 -10.70 22.58
C THR D 300 -45.66 -11.77 21.54
N THR D 301 -45.10 -11.62 20.33
CA THR D 301 -45.20 -12.65 19.30
C THR D 301 -44.44 -13.91 19.71
N ALA D 302 -43.24 -13.74 20.25
CA ALA D 302 -42.45 -14.88 20.73
C ALA D 302 -43.12 -15.54 21.92
N ALA D 303 -43.71 -14.75 22.82
CA ALA D 303 -44.38 -15.32 23.99
C ALA D 303 -45.64 -16.07 23.60
N SER D 304 -46.42 -15.53 22.65
CA SER D 304 -47.64 -16.20 22.21
C SER D 304 -47.34 -17.44 21.39
N SER D 305 -46.27 -17.43 20.60
CA SER D 305 -45.92 -18.61 19.82
C SER D 305 -45.25 -19.68 20.66
N MET D 306 -44.58 -19.29 21.75
CA MET D 306 -43.96 -20.28 22.62
C MET D 306 -44.95 -20.84 23.63
N LEU D 307 -45.99 -20.06 23.96
CA LEU D 307 -47.03 -20.56 24.85
C LEU D 307 -47.89 -21.63 24.18
N GLU D 308 -48.02 -21.56 22.84
CA GLU D 308 -48.77 -22.58 22.11
C GLU D 308 -48.02 -23.91 22.04
N LYS D 309 -46.69 -23.90 22.22
CA LYS D 309 -45.91 -25.13 22.19
C LYS D 309 -45.74 -25.73 23.59
N PHE D 310 -45.32 -24.92 24.55
CA PHE D 310 -45.08 -25.38 25.91
C PHE D 310 -45.91 -24.55 26.88
N SER D 311 -46.26 -25.15 28.02
CA SER D 311 -47.15 -24.49 28.97
C SER D 311 -46.39 -23.55 29.91
N TYR D 312 -45.46 -24.08 30.70
CA TYR D 312 -44.78 -23.30 31.74
C TYR D 312 -43.71 -22.41 31.12
N ILE D 313 -44.16 -21.34 30.48
CA ILE D 313 -43.28 -20.39 29.80
C ILE D 313 -42.64 -19.39 30.77
N PRO D 314 -43.38 -18.68 31.71
CA PRO D 314 -42.65 -17.73 32.57
C PRO D 314 -41.77 -18.40 33.61
N GLU D 315 -40.45 -18.39 33.36
CA GLU D 315 -39.47 -18.96 34.28
C GLU D 315 -38.27 -18.00 34.33
N ALA D 316 -38.12 -17.30 35.44
CA ALA D 316 -37.01 -16.37 35.64
C ALA D 316 -36.32 -16.65 36.97
N LYS D 317 -35.34 -15.81 37.28
CA LYS D 317 -34.61 -15.89 38.54
C LYS D 317 -35.29 -15.03 39.58
N ALA D 318 -35.29 -15.52 40.83
CA ALA D 318 -36.03 -14.85 41.90
C ALA D 318 -35.37 -13.54 42.30
N SER D 319 -34.13 -13.63 42.79
CA SER D 319 -33.42 -12.44 43.23
C SER D 319 -31.93 -12.60 42.93
N CYS D 320 -31.20 -11.49 42.99
CA CYS D 320 -29.77 -11.51 42.72
C CYS D 320 -29.00 -12.21 43.83
N TYR D 321 -29.40 -12.02 45.07
CA TYR D 321 -28.71 -12.63 46.20
C TYR D 321 -29.09 -14.11 46.29
N GLY D 322 -28.08 -14.96 46.39
CA GLY D 322 -28.30 -16.39 46.47
C GLY D 322 -27.26 -17.20 45.72
N GLN D 323 -26.81 -18.29 46.32
CA GLN D 323 -25.79 -19.15 45.72
C GLN D 323 -26.26 -20.60 45.65
N PRO D 330 -32.09 -23.73 32.82
CA PRO D 330 -33.17 -23.39 31.89
C PRO D 330 -33.15 -24.24 30.63
N LEU D 331 -34.33 -24.71 30.20
CA LEU D 331 -34.45 -25.54 29.01
C LEU D 331 -35.24 -24.85 27.91
N HIS D 332 -36.46 -24.41 28.20
CA HIS D 332 -37.31 -23.75 27.20
C HIS D 332 -36.96 -22.27 27.16
N THR D 333 -36.11 -21.89 26.21
CA THR D 333 -35.65 -20.52 26.07
C THR D 333 -36.07 -19.97 24.72
N LEU D 334 -36.10 -18.64 24.63
CA LEU D 334 -36.42 -17.93 23.41
C LEU D 334 -35.16 -17.55 22.62
N HIS D 335 -34.05 -18.24 22.86
CA HIS D 335 -32.80 -17.87 22.20
C HIS D 335 -32.78 -18.28 20.73
N GLN D 336 -33.33 -19.45 20.41
CA GLN D 336 -33.37 -19.94 19.04
C GLN D 336 -34.80 -20.18 18.57
N PHE D 337 -35.75 -19.41 19.12
CA PHE D 337 -37.16 -19.59 18.81
C PHE D 337 -37.74 -18.50 17.93
N MET D 338 -37.36 -17.24 18.13
CA MET D 338 -37.97 -16.11 17.43
C MET D 338 -37.17 -15.71 16.18
N VAL D 339 -36.50 -16.66 15.54
CA VAL D 339 -35.97 -16.42 14.20
C VAL D 339 -37.11 -16.20 13.22
N ASN D 340 -38.15 -17.02 13.30
CA ASN D 340 -39.39 -16.82 12.56
C ASN D 340 -40.24 -15.82 13.33
N VAL D 341 -40.24 -14.57 12.88
CA VAL D 341 -41.09 -13.53 13.48
C VAL D 341 -41.38 -12.50 12.40
N THR D 342 -42.62 -12.01 12.39
CA THR D 342 -43.06 -10.96 11.48
C THR D 342 -44.16 -10.17 12.16
N TRP D 343 -43.91 -8.89 12.42
CA TRP D 343 -44.83 -8.04 13.15
C TRP D 343 -45.46 -7.03 12.19
N ASP D 344 -46.77 -7.19 11.98
CA ASP D 344 -47.60 -6.27 11.18
C ASP D 344 -47.11 -6.13 9.74
N GLY D 345 -46.54 -7.19 9.18
CA GLY D 345 -45.99 -7.18 7.85
C GLY D 345 -44.54 -6.74 7.76
N LYS D 346 -44.01 -6.12 8.81
CA LYS D 346 -42.61 -5.69 8.81
C LYS D 346 -41.71 -6.91 9.00
N ASP D 347 -40.76 -7.09 8.07
CA ASP D 347 -39.85 -8.24 8.12
C ASP D 347 -38.79 -7.95 9.18
N LEU D 348 -39.14 -8.29 10.42
CA LEU D 348 -38.28 -8.06 11.58
C LEU D 348 -37.65 -9.37 12.07
N SER D 349 -37.31 -10.26 11.14
CA SER D 349 -36.76 -11.56 11.50
C SER D 349 -35.31 -11.41 12.01
N PHE D 350 -34.87 -12.42 12.75
CA PHE D 350 -33.59 -12.39 13.43
C PHE D 350 -32.61 -13.39 12.82
N THR D 351 -31.33 -13.04 12.87
CA THR D 351 -30.29 -13.86 12.27
C THR D 351 -29.77 -14.90 13.27
N GLU D 352 -28.81 -15.69 12.84
CA GLU D 352 -28.17 -16.65 13.72
C GLU D 352 -27.22 -15.95 14.69
N GLU D 353 -26.62 -14.84 14.27
CA GLU D 353 -25.74 -14.06 15.14
C GLU D 353 -26.49 -13.19 16.12
N GLY D 354 -27.79 -12.98 15.92
CA GLY D 354 -28.59 -12.18 16.82
C GLY D 354 -29.01 -10.83 16.30
N TYR D 355 -28.70 -10.51 15.04
CA TYR D 355 -29.10 -9.25 14.45
C TYR D 355 -30.31 -9.45 13.56
N GLN D 356 -30.75 -8.36 12.93
CA GLN D 356 -31.91 -8.41 12.06
C GLN D 356 -31.53 -8.99 10.70
N VAL D 357 -32.49 -9.69 10.08
CA VAL D 357 -32.25 -10.22 8.74
C VAL D 357 -32.29 -9.12 7.71
N HIS D 358 -33.34 -8.29 7.74
CA HIS D 358 -33.49 -7.17 6.83
C HIS D 358 -33.66 -5.88 7.63
N PRO D 359 -32.57 -5.21 8.00
CA PRO D 359 -32.68 -3.92 8.69
C PRO D 359 -32.96 -2.76 7.74
N ARG D 360 -32.91 -1.54 8.26
CA ARG D 360 -33.23 -0.33 7.50
C ARG D 360 -31.97 0.52 7.37
N LEU D 361 -31.19 0.27 6.33
CA LEU D 361 -29.97 1.02 6.10
C LEU D 361 -30.27 2.34 5.39
N VAL D 362 -29.50 3.37 5.73
CA VAL D 362 -29.66 4.71 5.17
C VAL D 362 -28.32 5.15 4.59
N VAL D 363 -28.32 5.44 3.29
CA VAL D 363 -27.13 5.92 2.59
C VAL D 363 -27.16 7.45 2.60
N ILE D 364 -26.14 8.05 3.21
CA ILE D 364 -26.01 9.50 3.31
C ILE D 364 -24.69 9.93 2.70
N VAL D 365 -24.63 11.20 2.31
CA VAL D 365 -23.41 11.84 1.86
C VAL D 365 -23.22 13.14 2.66
N LEU D 366 -22.13 13.83 2.37
CA LEU D 366 -21.82 15.12 2.98
C LEU D 366 -21.95 16.19 1.91
N ASN D 367 -22.89 17.12 2.10
CA ASN D 367 -23.15 18.13 1.09
C ASN D 367 -22.11 19.27 1.17
N LYS D 368 -22.30 20.28 0.34
CA LYS D 368 -21.45 21.46 0.38
C LYS D 368 -21.73 22.35 1.59
N ASP D 369 -22.87 22.16 2.25
CA ASP D 369 -23.21 22.91 3.45
C ASP D 369 -22.76 22.21 4.73
N ARG D 370 -21.86 21.23 4.60
CA ARG D 370 -21.22 20.51 5.72
C ARG D 370 -22.25 19.80 6.61
N GLU D 371 -23.21 19.12 5.97
CA GLU D 371 -24.26 18.40 6.68
C GLU D 371 -24.39 16.99 6.12
N TRP D 372 -24.68 16.04 6.99
CA TRP D 372 -24.90 14.67 6.56
C TRP D 372 -26.26 14.55 5.89
N GLU D 373 -26.29 14.69 4.56
CA GLU D 373 -27.55 14.77 3.83
C GLU D 373 -28.12 13.37 3.60
N LYS D 374 -29.36 13.16 4.02
CA LYS D 374 -30.05 11.90 3.80
C LYS D 374 -30.36 11.72 2.33
N VAL D 375 -29.93 10.60 1.75
CA VAL D 375 -30.06 10.39 0.32
C VAL D 375 -30.94 9.19 0.01
N GLY D 376 -30.53 7.99 0.43
CA GLY D 376 -31.18 6.78 -0.01
C GLY D 376 -31.55 5.86 1.14
N LYS D 377 -32.54 5.01 0.89
CA LYS D 377 -33.00 4.00 1.82
C LYS D 377 -32.83 2.62 1.20
N TRP D 378 -32.94 1.58 2.03
CA TRP D 378 -32.70 0.22 1.60
C TRP D 378 -33.96 -0.62 1.77
N GLU D 379 -34.19 -1.51 0.79
CA GLU D 379 -35.37 -2.37 0.76
C GLU D 379 -35.02 -3.67 1.50
N ASN D 380 -35.80 -4.74 1.29
CA ASN D 380 -35.53 -6.03 1.93
C ASN D 380 -34.13 -6.56 1.59
N GLN D 381 -33.90 -6.84 0.32
CA GLN D 381 -32.60 -7.34 -0.12
C GLN D 381 -32.02 -6.40 -1.18
N THR D 382 -32.88 -5.90 -2.06
CA THR D 382 -32.48 -4.96 -3.09
C THR D 382 -32.27 -3.57 -2.48
N LEU D 383 -31.64 -2.70 -3.25
CA LEU D 383 -31.32 -1.36 -2.81
C LEU D 383 -32.15 -0.33 -3.57
N SER D 384 -32.74 0.61 -2.84
CA SER D 384 -33.43 1.74 -3.42
C SER D 384 -32.50 2.95 -3.49
N LEU D 385 -32.72 3.80 -4.49
CA LEU D 385 -31.94 5.02 -4.65
C LEU D 385 -32.90 6.15 -5.00
N ARG D 386 -33.09 7.08 -4.06
CA ARG D 386 -33.87 8.29 -4.37
C ARG D 386 -33.12 9.19 -5.34
N HIS D 387 -31.81 9.33 -5.15
CA HIS D 387 -30.96 10.06 -6.08
C HIS D 387 -30.17 9.03 -6.90
N ALA D 388 -30.80 8.54 -7.97
CA ALA D 388 -30.12 7.62 -8.87
C ALA D 388 -29.06 8.34 -9.70
N VAL D 389 -29.28 9.62 -9.99
CA VAL D 389 -28.24 10.44 -10.60
C VAL D 389 -27.15 10.67 -9.57
N TRP D 390 -25.95 10.17 -9.86
CA TRP D 390 -24.85 10.32 -8.92
C TRP D 390 -24.31 11.74 -8.96
N PRO D 391 -24.33 12.48 -7.86
CA PRO D 391 -23.84 13.86 -7.87
C PRO D 391 -22.32 13.91 -7.93
N ARG D 392 -21.83 15.05 -8.41
CA ARG D 392 -20.39 15.22 -8.57
C ARG D 392 -19.73 15.59 -7.25
N TYR D 393 -20.16 16.71 -6.66
CA TYR D 393 -19.46 17.41 -5.57
C TYR D 393 -17.98 17.61 -5.94
N LYS D 394 -17.78 18.23 -7.10
CA LYS D 394 -16.46 18.26 -7.72
C LYS D 394 -15.52 19.24 -7.01
N SER D 395 -16.08 20.23 -6.31
CA SER D 395 -15.28 21.19 -5.53
C SER D 395 -15.33 20.74 -4.07
N PHE D 396 -14.40 19.85 -3.71
CA PHE D 396 -14.32 19.39 -2.34
C PHE D 396 -13.77 20.48 -1.42
N SER D 397 -12.82 21.25 -1.91
CA SER D 397 -12.28 22.40 -1.21
C SER D 397 -12.54 23.66 -2.05
N ASP D 398 -11.99 24.79 -1.60
CA ASP D 398 -12.20 26.03 -2.32
C ASP D 398 -11.31 26.12 -3.55
N CYS D 399 -10.04 25.76 -3.43
CA CYS D 399 -9.09 25.87 -4.53
C CYS D 399 -8.94 24.52 -5.24
N GLU D 400 -9.99 24.18 -6.00
CA GLU D 400 -9.98 22.99 -6.86
C GLU D 400 -10.53 23.35 -8.24
N PRO D 401 -9.70 23.96 -9.12
CA PRO D 401 -10.16 24.28 -10.48
C PRO D 401 -10.17 23.03 -11.36
N ASP D 402 -11.35 22.49 -11.61
CA ASP D 402 -11.50 21.24 -12.33
C ASP D 402 -12.72 21.31 -13.23
N ASP D 403 -12.51 21.07 -14.54
CA ASP D 403 -13.58 21.14 -15.54
C ASP D 403 -13.48 19.98 -16.54
N ASN D 404 -13.29 18.75 -16.05
CA ASN D 404 -12.99 17.63 -16.94
C ASN D 404 -14.20 16.77 -17.30
N HIS D 405 -15.29 16.86 -16.56
CA HIS D 405 -16.47 16.06 -16.89
C HIS D 405 -17.21 16.63 -18.10
N LEU D 406 -17.88 15.75 -18.84
CA LEU D 406 -18.60 16.12 -20.05
C LEU D 406 -19.99 15.50 -20.03
N SER D 407 -21.01 16.33 -20.17
CA SER D 407 -22.39 15.87 -20.19
C SER D 407 -22.78 15.45 -21.60
N ILE D 408 -23.22 14.20 -21.75
CA ILE D 408 -23.47 13.59 -23.06
C ILE D 408 -24.86 12.98 -23.06
N VAL D 409 -25.66 13.34 -24.06
CA VAL D 409 -27.00 12.78 -24.24
C VAL D 409 -27.11 12.25 -25.66
N THR D 410 -27.96 11.23 -25.84
CA THR D 410 -28.17 10.61 -27.14
C THR D 410 -29.66 10.26 -27.28
N LEU D 411 -29.98 9.63 -28.40
CA LEU D 411 -31.37 9.29 -28.74
C LEU D 411 -31.43 7.82 -29.16
N GLU D 412 -32.57 7.19 -28.86
CA GLU D 412 -32.78 5.77 -29.10
C GLU D 412 -32.99 5.52 -30.59
N GLU D 413 -31.96 5.02 -31.26
CA GLU D 413 -32.08 4.54 -32.63
C GLU D 413 -31.50 3.13 -32.71
N ALA D 414 -32.12 2.28 -33.54
CA ALA D 414 -31.81 0.85 -33.51
C ALA D 414 -30.41 0.49 -34.05
N PRO D 415 -29.95 0.96 -35.22
CA PRO D 415 -28.58 0.58 -35.62
C PRO D 415 -27.48 1.35 -34.91
N PHE D 416 -27.81 2.36 -34.10
CA PHE D 416 -26.81 3.19 -33.46
C PHE D 416 -26.73 2.96 -31.96
N VAL D 417 -27.84 3.13 -31.24
CA VAL D 417 -27.86 3.01 -29.79
C VAL D 417 -28.90 1.96 -29.44
N ILE D 418 -28.45 0.71 -29.33
CA ILE D 418 -29.30 -0.38 -28.87
C ILE D 418 -29.48 -0.22 -27.37
N VAL D 419 -30.71 0.03 -26.94
CA VAL D 419 -31.05 0.30 -25.55
C VAL D 419 -31.81 -0.91 -25.03
N GLU D 420 -31.18 -1.65 -24.12
CA GLU D 420 -31.79 -2.85 -23.57
C GLU D 420 -31.82 -2.78 -22.04
N ASP D 421 -32.53 -3.73 -21.45
CA ASP D 421 -32.63 -3.82 -20.00
C ASP D 421 -31.31 -4.32 -19.40
N ILE D 422 -31.18 -4.12 -18.10
CA ILE D 422 -30.04 -4.70 -17.37
C ILE D 422 -30.26 -6.20 -17.25
N ASP D 423 -29.15 -6.94 -17.21
CA ASP D 423 -29.21 -8.39 -17.09
C ASP D 423 -29.71 -8.78 -15.70
N PRO D 424 -30.82 -9.50 -15.58
CA PRO D 424 -31.32 -9.86 -14.25
C PRO D 424 -30.49 -10.92 -13.55
N LEU D 425 -29.66 -11.66 -14.28
CA LEU D 425 -28.81 -12.68 -13.66
C LEU D 425 -27.60 -12.07 -12.96
N THR D 426 -27.08 -10.97 -13.50
CA THR D 426 -25.86 -10.35 -12.98
C THR D 426 -26.09 -9.00 -12.31
N GLU D 427 -27.16 -8.28 -12.68
CA GLU D 427 -27.44 -6.89 -12.27
C GLU D 427 -26.24 -6.00 -12.60
N THR D 428 -25.72 -6.17 -13.81
CA THR D 428 -24.52 -5.47 -14.26
C THR D 428 -24.54 -5.43 -15.78
N CYS D 429 -24.31 -4.25 -16.36
CA CYS D 429 -24.13 -4.15 -17.80
C CYS D 429 -22.84 -4.85 -18.22
N VAL D 430 -22.93 -5.61 -19.31
CA VAL D 430 -21.74 -6.40 -19.79
C VAL D 430 -20.61 -5.44 -20.16
N ARG D 431 -19.43 -5.98 -20.50
CA ARG D 431 -18.24 -5.14 -20.78
C ARG D 431 -18.52 -4.11 -21.89
N ASN D 432 -19.14 -4.50 -23.01
CA ASN D 432 -19.26 -3.56 -24.10
C ASN D 432 -20.44 -2.61 -23.92
N THR D 433 -21.44 -3.01 -23.14
CA THR D 433 -22.57 -2.13 -22.86
C THR D 433 -22.23 -1.16 -21.75
N VAL D 434 -22.81 0.03 -21.82
CA VAL D 434 -22.61 1.05 -20.79
C VAL D 434 -23.95 1.40 -20.17
N PRO D 435 -23.99 1.73 -18.87
CA PRO D 435 -25.25 2.09 -18.24
C PRO D 435 -25.66 3.52 -18.59
N CYS D 436 -26.96 3.76 -18.51
CA CYS D 436 -27.53 5.10 -18.65
C CYS D 436 -28.84 5.12 -17.88
N ARG D 437 -29.45 6.30 -17.80
CA ARG D 437 -30.71 6.50 -17.11
C ARG D 437 -31.79 6.93 -18.09
N LYS D 438 -33.04 6.73 -17.67
CA LYS D 438 -34.19 7.20 -18.43
C LYS D 438 -35.27 7.61 -17.45
N PHE D 439 -35.69 8.88 -17.53
CA PHE D 439 -36.70 9.41 -16.63
C PHE D 439 -38.08 9.03 -17.17
N VAL D 440 -38.61 7.91 -16.71
CA VAL D 440 -39.91 7.41 -17.13
C VAL D 440 -40.94 7.87 -16.11
N LYS D 441 -41.98 8.56 -16.57
CA LYS D 441 -43.03 9.04 -15.69
C LYS D 441 -44.00 7.91 -15.37
N ILE D 442 -44.69 8.05 -14.23
CA ILE D 442 -45.65 7.03 -13.81
C ILE D 442 -46.94 7.16 -14.60
N ASN D 443 -47.48 8.38 -14.69
CA ASN D 443 -48.75 8.59 -15.36
C ASN D 443 -48.69 9.95 -16.04
N ASN D 444 -49.86 10.42 -16.51
CA ASN D 444 -49.97 11.81 -16.92
C ASN D 444 -50.57 12.66 -15.80
N SER D 445 -50.96 12.04 -14.70
CA SER D 445 -51.57 12.78 -13.59
C SER D 445 -50.53 13.60 -12.84
N THR D 446 -49.34 13.03 -12.61
CA THR D 446 -48.26 13.70 -11.92
C THR D 446 -47.06 13.81 -12.85
N ASN D 447 -46.16 14.74 -12.54
CA ASN D 447 -44.95 14.92 -13.33
C ASN D 447 -43.79 14.15 -12.71
N GLU D 448 -44.07 13.42 -11.63
CA GLU D 448 -43.05 12.65 -10.94
C GLU D 448 -42.76 11.36 -11.72
N GLY D 449 -41.49 11.02 -11.84
CA GLY D 449 -41.09 9.80 -12.49
C GLY D 449 -39.91 9.12 -11.81
N MET D 450 -39.35 8.11 -12.46
CA MET D 450 -38.21 7.37 -11.94
C MET D 450 -37.12 7.28 -12.99
N ASN D 451 -35.87 7.37 -12.56
CA ASN D 451 -34.72 7.26 -13.45
C ASN D 451 -34.32 5.80 -13.52
N VAL D 452 -34.95 5.06 -14.43
CA VAL D 452 -34.64 3.65 -14.62
C VAL D 452 -33.32 3.52 -15.35
N LYS D 453 -32.42 2.71 -14.79
CA LYS D 453 -31.10 2.51 -15.37
C LYS D 453 -31.12 1.30 -16.31
N LYS D 454 -30.61 1.52 -17.52
CA LYS D 454 -30.61 0.50 -18.57
C LYS D 454 -29.23 0.42 -19.19
N CYS D 455 -29.02 -0.60 -20.01
CA CYS D 455 -27.74 -0.82 -20.69
C CYS D 455 -27.85 -0.41 -22.15
N CYS D 456 -26.73 -0.02 -22.74
CA CYS D 456 -26.71 0.41 -24.12
C CYS D 456 -25.47 -0.11 -24.83
N LYS D 457 -25.64 -0.44 -26.11
CA LYS D 457 -24.54 -0.84 -26.98
C LYS D 457 -24.82 -0.27 -28.37
N GLY D 458 -24.03 -0.69 -29.36
CA GLY D 458 -24.28 -0.33 -30.74
C GLY D 458 -23.11 0.41 -31.36
N PHE D 459 -23.44 1.29 -32.30
CA PHE D 459 -22.42 2.00 -33.06
C PHE D 459 -21.86 3.19 -32.29
N CYS D 460 -22.72 4.13 -31.92
CA CYS D 460 -22.29 5.35 -31.23
C CYS D 460 -21.75 5.07 -29.83
N ILE D 461 -22.19 3.96 -29.20
CA ILE D 461 -21.61 3.54 -27.93
C ILE D 461 -20.15 3.15 -28.13
N ASP D 462 -19.86 2.41 -29.20
CA ASP D 462 -18.47 2.04 -29.51
C ASP D 462 -17.65 3.26 -29.88
N ILE D 463 -18.25 4.22 -30.58
CA ILE D 463 -17.58 5.46 -30.92
C ILE D 463 -17.21 6.24 -29.67
N LEU D 464 -18.15 6.34 -28.72
CA LEU D 464 -17.91 7.06 -27.48
C LEU D 464 -16.89 6.35 -26.60
N LYS D 465 -16.90 5.01 -26.60
CA LYS D 465 -15.89 4.28 -25.84
C LYS D 465 -14.51 4.44 -26.43
N LYS D 466 -14.39 4.47 -27.76
CA LYS D 466 -13.08 4.70 -28.35
C LYS D 466 -12.61 6.13 -28.18
N LEU D 467 -13.55 7.09 -28.13
CA LEU D 467 -13.18 8.46 -27.78
C LEU D 467 -12.71 8.56 -26.35
N SER D 468 -13.32 7.79 -25.44
CA SER D 468 -12.85 7.76 -24.06
C SER D 468 -11.52 7.04 -23.94
N ARG D 469 -11.23 6.11 -24.85
CA ARG D 469 -9.92 5.47 -24.86
C ARG D 469 -8.84 6.43 -25.35
N THR D 470 -9.14 7.20 -26.39
CA THR D 470 -8.12 8.07 -26.98
C THR D 470 -7.92 9.35 -26.16
N VAL D 471 -9.00 10.07 -25.87
CA VAL D 471 -8.87 11.36 -25.22
C VAL D 471 -8.61 11.20 -23.72
N LYS D 472 -9.12 10.12 -23.13
CA LYS D 472 -9.00 9.78 -21.70
C LYS D 472 -9.59 10.89 -20.82
N PHE D 473 -10.91 11.05 -20.96
CA PHE D 473 -11.70 12.00 -20.20
C PHE D 473 -12.73 11.24 -19.36
N THR D 474 -13.62 11.99 -18.72
CA THR D 474 -14.74 11.44 -17.97
C THR D 474 -16.03 11.93 -18.60
N TYR D 475 -16.97 11.01 -18.81
CA TYR D 475 -18.21 11.31 -19.50
C TYR D 475 -19.40 11.16 -18.57
N ASP D 476 -20.50 11.82 -18.93
CA ASP D 476 -21.76 11.77 -18.18
C ASP D 476 -22.85 11.42 -19.20
N LEU D 477 -23.13 10.13 -19.34
CA LEU D 477 -24.06 9.65 -20.36
C LEU D 477 -25.45 9.47 -19.77
N TYR D 478 -26.46 10.02 -20.46
CA TYR D 478 -27.85 9.84 -20.07
C TYR D 478 -28.71 9.97 -21.33
N LEU D 479 -30.03 9.83 -21.15
CA LEU D 479 -30.98 9.89 -22.24
C LEU D 479 -31.88 11.11 -22.09
N VAL D 480 -32.43 11.56 -23.21
CA VAL D 480 -33.37 12.67 -23.23
C VAL D 480 -34.78 12.11 -23.14
N THR D 481 -35.66 12.83 -22.45
CA THR D 481 -37.05 12.43 -22.32
C THR D 481 -38.02 13.42 -22.94
N ASN D 482 -37.52 14.47 -23.59
CA ASN D 482 -38.41 15.44 -24.23
C ASN D 482 -38.99 14.88 -25.51
N GLY D 483 -38.17 14.22 -26.33
CA GLY D 483 -38.67 13.61 -27.54
C GLY D 483 -37.63 13.38 -28.62
N LYS D 484 -37.93 13.84 -29.83
CA LYS D 484 -37.14 13.59 -31.02
C LYS D 484 -35.93 14.52 -31.12
N HIS D 485 -35.34 14.59 -32.33
CA HIS D 485 -34.08 15.31 -32.55
C HIS D 485 -34.20 16.80 -32.22
N GLY D 486 -35.08 17.51 -32.94
CA GLY D 486 -35.22 18.93 -32.69
C GLY D 486 -36.19 19.65 -33.61
N LYS D 487 -36.99 20.54 -33.04
CA LYS D 487 -37.97 21.32 -33.80
C LYS D 487 -38.30 22.58 -33.02
N LYS D 488 -38.18 23.73 -33.66
CA LYS D 488 -38.41 25.01 -33.00
C LYS D 488 -39.89 25.36 -33.06
N VAL D 489 -40.50 25.54 -31.91
CA VAL D 489 -41.90 25.96 -31.79
C VAL D 489 -41.88 27.29 -31.05
N ASN D 490 -41.92 28.40 -31.81
CA ASN D 490 -41.91 29.77 -31.30
C ASN D 490 -40.68 30.04 -30.41
N ASN D 491 -39.49 29.89 -31.03
CA ASN D 491 -38.18 30.10 -30.41
C ASN D 491 -37.98 29.17 -29.20
N VAL D 492 -38.56 27.97 -29.25
CA VAL D 492 -38.39 26.94 -28.23
C VAL D 492 -38.05 25.64 -28.93
N TRP D 493 -36.83 25.15 -28.73
CA TRP D 493 -36.38 23.89 -29.29
C TRP D 493 -36.72 22.74 -28.33
N ASN D 494 -36.69 21.53 -28.88
CA ASN D 494 -37.03 20.34 -28.12
C ASN D 494 -35.99 19.25 -28.36
N GLY D 495 -35.93 18.31 -27.41
CA GLY D 495 -35.05 17.16 -27.57
C GLY D 495 -33.60 17.51 -27.34
N MET D 496 -32.73 16.91 -28.16
CA MET D 496 -31.29 17.11 -28.02
C MET D 496 -30.87 18.54 -28.36
N ILE D 497 -31.60 19.19 -29.28
CA ILE D 497 -31.34 20.59 -29.58
C ILE D 497 -31.69 21.46 -28.38
N GLY D 498 -32.80 21.14 -27.70
CA GLY D 498 -33.16 21.86 -26.50
C GLY D 498 -32.22 21.58 -25.33
N GLU D 499 -31.54 20.43 -25.35
CA GLU D 499 -30.58 20.13 -24.28
C GLU D 499 -29.23 20.81 -24.54
N VAL D 500 -28.82 20.90 -25.80
CA VAL D 500 -27.50 21.43 -26.12
C VAL D 500 -27.51 22.95 -26.26
N VAL D 501 -28.50 23.50 -26.97
CA VAL D 501 -28.56 24.94 -27.21
C VAL D 501 -28.82 25.70 -25.90
N TYR D 502 -29.70 25.17 -25.06
CA TYR D 502 -29.95 25.76 -23.75
C TYR D 502 -28.94 25.32 -22.70
N GLN D 503 -27.87 24.63 -23.12
CA GLN D 503 -26.68 24.34 -22.31
C GLN D 503 -26.98 23.48 -21.09
N ARG D 504 -27.96 22.59 -21.20
CA ARG D 504 -28.15 21.57 -20.17
C ARG D 504 -27.25 20.36 -20.38
N ALA D 505 -26.55 20.30 -21.52
CA ALA D 505 -25.54 19.28 -21.77
C ALA D 505 -24.31 19.94 -22.39
N VAL D 506 -23.38 19.14 -22.90
CA VAL D 506 -22.16 19.64 -23.52
C VAL D 506 -22.15 19.37 -25.02
N MET D 507 -22.35 18.13 -25.42
CA MET D 507 -22.28 17.76 -26.83
C MET D 507 -23.24 16.61 -27.11
N ALA D 508 -23.59 16.48 -28.39
CA ALA D 508 -24.47 15.42 -28.86
C ALA D 508 -23.65 14.42 -29.67
N VAL D 509 -23.36 13.27 -29.06
CA VAL D 509 -22.58 12.24 -29.73
C VAL D 509 -23.46 11.38 -30.65
N GLY D 510 -24.73 11.22 -30.30
CA GLY D 510 -25.65 10.37 -31.04
C GLY D 510 -26.00 10.92 -32.41
N SER D 511 -26.88 10.18 -33.09
CA SER D 511 -27.21 10.47 -34.47
C SER D 511 -28.08 11.72 -34.58
N LEU D 512 -27.75 12.56 -35.56
CA LEU D 512 -28.45 13.83 -35.74
C LEU D 512 -28.24 14.30 -37.17
N THR D 513 -29.34 14.64 -37.86
CA THR D 513 -29.25 15.23 -39.18
C THR D 513 -28.75 16.66 -39.09
N ILE D 514 -28.15 17.14 -40.18
CA ILE D 514 -27.53 18.46 -40.22
C ILE D 514 -28.18 19.27 -41.33
N ASN D 515 -28.73 20.43 -40.97
CA ASN D 515 -29.25 21.39 -41.93
C ASN D 515 -28.79 22.78 -41.52
N GLU D 516 -29.41 23.80 -42.11
CA GLU D 516 -28.90 25.17 -42.02
C GLU D 516 -29.03 25.73 -40.61
N GLU D 517 -30.23 25.69 -40.03
CA GLU D 517 -30.45 26.35 -38.75
C GLU D 517 -29.80 25.60 -37.59
N ARG D 518 -29.63 24.28 -37.71
CA ARG D 518 -28.88 23.53 -36.71
C ARG D 518 -27.40 23.91 -36.75
N SER D 519 -26.85 24.14 -37.95
CA SER D 519 -25.50 24.65 -38.05
C SER D 519 -25.40 26.11 -37.66
N GLU D 520 -26.52 26.84 -37.64
CA GLU D 520 -26.52 28.19 -37.11
C GLU D 520 -26.50 28.22 -35.60
N VAL D 521 -27.25 27.32 -34.95
CA VAL D 521 -27.38 27.42 -33.50
C VAL D 521 -26.18 26.80 -32.77
N VAL D 522 -25.59 25.73 -33.30
CA VAL D 522 -24.43 25.09 -32.69
C VAL D 522 -23.36 24.88 -33.77
N ASP D 523 -22.24 24.29 -33.38
CA ASP D 523 -21.12 24.04 -34.26
C ASP D 523 -20.92 22.54 -34.39
N PHE D 524 -21.28 21.98 -35.54
CA PHE D 524 -21.05 20.57 -35.79
C PHE D 524 -19.58 20.30 -36.04
N SER D 525 -19.21 19.04 -35.89
CA SER D 525 -17.85 18.59 -36.20
C SER D 525 -17.77 18.23 -37.68
N VAL D 526 -16.67 17.58 -38.07
CA VAL D 526 -16.53 17.07 -39.43
C VAL D 526 -17.40 15.83 -39.57
N PRO D 527 -17.98 15.58 -40.74
CA PRO D 527 -18.77 14.35 -40.91
C PRO D 527 -17.86 13.13 -41.04
N PHE D 528 -18.32 12.03 -40.46
CA PHE D 528 -17.56 10.78 -40.47
C PHE D 528 -18.25 9.66 -41.25
N VAL D 529 -19.57 9.61 -41.25
CA VAL D 529 -20.32 8.57 -41.95
C VAL D 529 -21.17 9.24 -43.03
N GLU D 530 -21.33 8.53 -44.16
CA GLU D 530 -22.06 9.05 -45.31
C GLU D 530 -23.47 8.48 -45.26
N THR D 531 -24.38 9.23 -44.64
CA THR D 531 -25.76 8.81 -44.43
C THR D 531 -26.70 9.84 -45.05
N GLY D 532 -27.27 9.52 -46.19
CA GLY D 532 -28.25 10.35 -46.84
C GLY D 532 -29.66 9.89 -46.58
N ILE D 533 -30.55 10.19 -47.53
CA ILE D 533 -31.95 9.77 -47.45
C ILE D 533 -32.22 8.79 -48.58
N SER D 534 -33.30 8.05 -48.44
CA SER D 534 -33.70 7.04 -49.41
C SER D 534 -35.19 6.76 -49.28
N VAL D 535 -35.70 5.99 -50.24
CA VAL D 535 -37.10 5.60 -50.28
C VAL D 535 -37.15 4.08 -50.37
N MET D 536 -37.87 3.45 -49.43
CA MET D 536 -38.05 2.01 -49.41
C MET D 536 -39.30 1.64 -50.20
N VAL D 537 -39.14 0.73 -51.15
CA VAL D 537 -40.22 0.12 -51.91
C VAL D 537 -40.09 -1.40 -51.81
N SER D 538 -40.96 -2.10 -52.53
CA SER D 538 -40.93 -3.56 -52.54
C SER D 538 -39.71 -4.08 -53.32
N PHE D 658 -32.86 -6.84 -61.67
CA PHE D 658 -33.23 -6.07 -60.48
C PHE D 658 -33.88 -4.78 -60.99
N VAL D 659 -35.21 -4.81 -61.13
CA VAL D 659 -35.94 -3.70 -61.71
C VAL D 659 -36.03 -2.55 -60.70
N ASP D 660 -36.16 -1.33 -61.24
CA ASP D 660 -36.25 -0.11 -60.44
C ASP D 660 -37.43 0.70 -60.95
N GLN D 661 -38.50 0.75 -60.16
CA GLN D 661 -39.68 1.52 -60.55
C GLN D 661 -39.43 3.02 -60.41
N VAL D 662 -39.12 3.45 -59.20
CA VAL D 662 -38.82 4.86 -58.93
C VAL D 662 -37.32 5.07 -58.99
N THR D 663 -36.88 6.06 -59.76
CA THR D 663 -35.45 6.35 -59.83
C THR D 663 -34.99 7.22 -58.67
N GLY D 664 -35.81 8.17 -58.25
CA GLY D 664 -35.44 9.03 -57.15
C GLY D 664 -36.51 10.05 -56.87
N LEU D 665 -36.08 11.19 -56.30
CA LEU D 665 -37.01 12.24 -55.92
C LEU D 665 -37.58 12.98 -57.13
N SER D 666 -36.89 12.91 -58.28
CA SER D 666 -37.36 13.54 -59.52
C SER D 666 -38.23 12.61 -60.35
N ASP D 667 -38.92 11.66 -59.73
CA ASP D 667 -39.73 10.70 -60.45
C ASP D 667 -40.99 11.37 -60.99
N LYS D 668 -41.51 10.80 -62.09
CA LYS D 668 -42.80 11.25 -62.62
C LYS D 668 -43.94 10.79 -61.72
N LYS D 669 -43.72 9.74 -60.93
CA LYS D 669 -44.71 9.31 -59.94
C LYS D 669 -44.84 10.33 -58.81
N PHE D 670 -43.76 11.05 -58.50
CA PHE D 670 -43.73 11.98 -57.39
C PHE D 670 -44.26 13.37 -57.74
N GLN D 671 -45.04 13.48 -58.81
CA GLN D 671 -45.76 14.70 -59.13
C GLN D 671 -47.21 14.63 -58.68
N ARG D 672 -47.94 13.60 -59.13
CA ARG D 672 -49.33 13.37 -58.74
C ARG D 672 -49.68 11.91 -58.97
N PRO D 673 -50.18 11.20 -57.95
CA PRO D 673 -50.58 9.79 -58.15
C PRO D 673 -51.87 9.62 -58.93
N HIS D 674 -52.55 10.71 -59.30
CA HIS D 674 -53.72 10.62 -60.18
C HIS D 674 -53.32 10.32 -61.62
N ASP D 675 -52.04 10.49 -61.96
CA ASP D 675 -51.55 10.17 -63.31
C ASP D 675 -51.65 8.67 -63.58
N TYR D 676 -51.41 7.84 -62.57
CA TYR D 676 -51.64 6.41 -62.67
C TYR D 676 -53.00 6.05 -62.08
N SER D 677 -53.53 4.91 -62.53
CA SER D 677 -54.89 4.51 -62.15
C SER D 677 -55.01 4.02 -60.70
N PRO D 678 -54.06 3.31 -60.10
CA PRO D 678 -54.08 3.18 -58.64
C PRO D 678 -53.35 4.34 -57.97
N PRO D 679 -54.04 5.07 -57.09
CA PRO D 679 -53.35 6.13 -56.31
C PRO D 679 -52.54 5.55 -55.17
N PHE D 680 -51.22 5.57 -55.32
CA PHE D 680 -50.33 5.04 -54.31
C PHE D 680 -50.16 6.03 -53.17
N ARG D 681 -49.46 5.62 -52.11
CA ARG D 681 -49.33 6.42 -50.91
C ARG D 681 -47.97 6.21 -50.29
N PHE D 682 -47.45 7.28 -49.68
CA PHE D 682 -46.14 7.26 -49.03
C PHE D 682 -46.08 8.40 -48.02
N GLY D 683 -45.39 8.17 -46.91
CA GLY D 683 -45.26 9.18 -45.88
C GLY D 683 -43.89 9.20 -45.25
N THR D 684 -43.71 10.07 -44.25
CA THR D 684 -42.44 10.18 -43.54
C THR D 684 -42.63 10.00 -42.05
N VAL D 685 -41.58 10.23 -41.27
CA VAL D 685 -41.66 10.18 -39.81
C VAL D 685 -42.20 11.52 -39.31
N PRO D 686 -43.03 11.52 -38.27
CA PRO D 686 -43.60 12.79 -37.80
C PRO D 686 -42.59 13.57 -36.98
N ASN D 687 -42.74 14.90 -37.01
CA ASN D 687 -41.88 15.89 -36.35
C ASN D 687 -40.41 15.71 -36.70
N GLY D 688 -40.12 15.36 -37.95
CA GLY D 688 -38.76 15.05 -38.36
C GLY D 688 -38.14 16.14 -39.22
N SER D 689 -36.82 16.07 -39.33
CA SER D 689 -36.08 16.99 -40.19
C SER D 689 -36.25 16.66 -41.66
N THR D 690 -36.64 15.42 -41.98
CA THR D 690 -37.01 15.08 -43.36
C THR D 690 -38.24 15.85 -43.80
N GLU D 691 -39.20 16.05 -42.88
CA GLU D 691 -40.36 16.89 -43.15
C GLU D 691 -39.94 18.33 -43.39
N ARG D 692 -38.94 18.82 -42.65
CA ARG D 692 -38.44 20.18 -42.86
C ARG D 692 -37.74 20.29 -44.21
N ASN D 693 -37.00 19.25 -44.62
CA ASN D 693 -36.34 19.26 -45.92
C ASN D 693 -37.36 19.22 -47.05
N ILE D 694 -38.47 18.51 -46.86
CA ILE D 694 -39.54 18.49 -47.85
C ILE D 694 -40.21 19.86 -47.93
N ARG D 695 -40.53 20.46 -46.77
CA ARG D 695 -41.19 21.76 -46.75
C ARG D 695 -40.29 22.89 -47.26
N ASN D 696 -38.97 22.72 -47.19
CA ASN D 696 -38.07 23.66 -47.84
C ASN D 696 -37.80 23.31 -49.30
N ASN D 697 -38.07 22.08 -49.73
CA ASN D 697 -37.95 21.70 -51.13
C ASN D 697 -39.27 21.81 -51.88
N TYR D 698 -40.31 21.11 -51.41
CA TYR D 698 -41.60 21.08 -52.08
C TYR D 698 -42.72 21.13 -51.05
N PRO D 699 -43.37 22.28 -50.88
CA PRO D 699 -44.51 22.34 -49.95
C PRO D 699 -45.72 21.57 -50.43
N TYR D 700 -45.88 21.41 -51.75
CA TYR D 700 -46.96 20.58 -52.27
C TYR D 700 -46.77 19.11 -51.93
N MET D 701 -45.51 18.66 -51.85
CA MET D 701 -45.22 17.31 -51.36
C MET D 701 -45.66 17.14 -49.92
N HIS D 702 -45.46 18.17 -49.09
CA HIS D 702 -45.97 18.14 -47.72
C HIS D 702 -47.49 18.18 -47.70
N GLN D 703 -48.12 18.86 -48.66
CA GLN D 703 -49.58 18.87 -48.73
C GLN D 703 -50.14 17.49 -49.09
N TYR D 704 -49.48 16.77 -50.01
CA TYR D 704 -49.91 15.41 -50.31
C TYR D 704 -49.51 14.41 -49.23
N MET D 705 -48.49 14.73 -48.43
CA MET D 705 -48.07 13.86 -47.34
C MET D 705 -48.92 14.08 -46.08
N THR D 706 -49.61 15.23 -46.00
CA THR D 706 -50.46 15.55 -44.85
C THR D 706 -51.58 14.54 -44.67
N ARG D 707 -52.13 14.02 -45.77
CA ARG D 707 -53.10 12.94 -45.67
C ARG D 707 -52.45 11.57 -45.51
N PHE D 708 -51.12 11.49 -45.58
CA PHE D 708 -50.39 10.22 -45.57
C PHE D 708 -49.40 10.13 -44.40
N ASN D 709 -49.73 10.73 -43.26
CA ASN D 709 -48.82 10.69 -42.13
C ASN D 709 -48.93 9.36 -41.39
N GLN D 710 -47.91 9.07 -40.58
CA GLN D 710 -47.85 7.87 -39.77
C GLN D 710 -47.08 8.19 -38.49
N ARG D 711 -46.92 7.19 -37.62
CA ARG D 711 -46.26 7.40 -36.33
C ARG D 711 -44.98 6.58 -36.19
N GLY D 712 -45.04 5.26 -36.33
CA GLY D 712 -43.97 4.39 -35.90
C GLY D 712 -43.13 3.84 -37.05
N VAL D 713 -41.82 3.74 -36.79
CA VAL D 713 -40.90 3.20 -37.78
C VAL D 713 -41.16 1.71 -38.00
N GLU D 714 -41.34 0.96 -36.92
CA GLU D 714 -41.75 -0.44 -37.03
C GLU D 714 -43.17 -0.56 -37.57
N ASP D 715 -44.03 0.42 -37.26
CA ASP D 715 -45.37 0.45 -37.84
C ASP D 715 -45.32 0.65 -39.34
N ALA D 716 -44.43 1.53 -39.80
CA ALA D 716 -44.22 1.72 -41.24
C ALA D 716 -43.61 0.49 -41.88
N LEU D 717 -42.75 -0.23 -41.15
CA LEU D 717 -42.17 -1.47 -41.68
C LEU D 717 -43.24 -2.55 -41.85
N VAL D 718 -44.12 -2.71 -40.86
CA VAL D 718 -45.22 -3.65 -40.97
C VAL D 718 -46.20 -3.22 -42.07
N SER D 719 -46.40 -1.91 -42.24
CA SER D 719 -47.26 -1.41 -43.31
C SER D 719 -46.66 -1.66 -44.70
N LEU D 720 -45.33 -1.63 -44.82
CA LEU D 720 -44.70 -1.95 -46.09
C LEU D 720 -44.71 -3.45 -46.36
N LYS D 721 -44.56 -4.27 -45.31
CA LYS D 721 -44.54 -5.71 -45.51
C LYS D 721 -45.93 -6.26 -45.83
N THR D 722 -46.92 -5.91 -45.00
CA THR D 722 -48.26 -6.47 -45.18
C THR D 722 -48.98 -5.83 -46.37
N GLY D 723 -48.63 -4.60 -46.72
CA GLY D 723 -49.23 -3.91 -47.83
C GLY D 723 -50.07 -2.69 -47.47
N LYS D 724 -49.94 -2.15 -46.26
CA LYS D 724 -50.67 -0.95 -45.87
C LYS D 724 -49.96 0.33 -46.29
N LEU D 725 -48.83 0.23 -46.98
CA LEU D 725 -48.08 1.39 -47.45
C LEU D 725 -47.25 0.96 -48.65
N ASP D 726 -47.17 1.84 -49.64
CA ASP D 726 -46.44 1.52 -50.87
C ASP D 726 -44.94 1.79 -50.73
N ALA D 727 -44.58 3.04 -50.40
CA ALA D 727 -43.19 3.43 -50.26
C ALA D 727 -43.03 4.21 -48.97
N PHE D 728 -41.79 4.37 -48.52
CA PHE D 728 -41.53 5.12 -47.30
C PHE D 728 -40.22 5.88 -47.41
N ILE D 729 -40.27 7.18 -47.09
CA ILE D 729 -39.11 8.05 -47.17
C ILE D 729 -38.43 8.08 -45.80
N TYR D 730 -37.16 7.73 -45.75
CA TYR D 730 -36.42 7.67 -44.49
C TYR D 730 -34.95 7.94 -44.80
N ASP D 731 -34.08 7.75 -43.81
CA ASP D 731 -32.65 7.85 -44.06
C ASP D 731 -32.13 6.59 -44.75
N ALA D 732 -30.90 6.68 -45.24
CA ALA D 732 -30.38 5.64 -46.14
C ALA D 732 -29.79 4.47 -45.37
N ALA D 733 -28.85 4.72 -44.47
CA ALA D 733 -28.05 3.65 -43.88
C ALA D 733 -28.86 2.82 -42.89
N VAL D 734 -29.86 3.42 -42.23
CA VAL D 734 -30.71 2.66 -41.32
C VAL D 734 -31.57 1.67 -42.10
N LEU D 735 -32.09 2.10 -43.24
CA LEU D 735 -32.82 1.18 -44.11
C LEU D 735 -31.90 0.15 -44.76
N ASN D 736 -30.62 0.51 -44.97
CA ASN D 736 -29.66 -0.47 -45.47
C ASN D 736 -29.37 -1.53 -44.43
N TYR D 737 -29.32 -1.14 -43.14
CA TYR D 737 -29.11 -2.11 -42.08
C TYR D 737 -30.35 -2.97 -41.86
N LYS D 738 -31.54 -2.38 -42.00
CA LYS D 738 -32.77 -3.15 -41.83
C LYS D 738 -32.99 -4.11 -43.00
N ALA D 739 -32.56 -3.72 -44.20
CA ALA D 739 -32.65 -4.62 -45.34
C ALA D 739 -31.57 -5.71 -45.28
N GLY D 740 -30.46 -5.43 -44.62
CA GLY D 740 -29.39 -6.40 -44.45
C GLY D 740 -29.64 -7.45 -43.40
N ARG D 741 -30.74 -7.33 -42.65
CA ARG D 741 -31.13 -8.33 -41.67
C ARG D 741 -32.57 -8.78 -41.87
N ASP D 742 -33.21 -8.39 -42.98
CA ASP D 742 -34.60 -8.70 -43.19
C ASP D 742 -34.79 -10.15 -43.63
N GLU D 743 -35.89 -10.75 -43.21
CA GLU D 743 -36.21 -12.14 -43.54
C GLU D 743 -36.65 -12.22 -44.98
N GLY D 744 -35.77 -12.73 -45.85
CA GLY D 744 -36.08 -12.97 -47.23
C GLY D 744 -35.73 -11.83 -48.17
N CYS D 745 -35.48 -10.63 -47.63
CA CYS D 745 -35.15 -9.41 -48.39
C CYS D 745 -36.21 -9.07 -49.42
N LYS D 746 -37.45 -8.89 -48.95
CA LYS D 746 -38.56 -8.57 -49.85
C LYS D 746 -38.53 -7.11 -50.27
N LEU D 747 -38.30 -6.20 -49.32
CA LEU D 747 -38.24 -4.78 -49.65
C LEU D 747 -36.89 -4.44 -50.27
N VAL D 748 -36.91 -3.62 -51.31
CA VAL D 748 -35.73 -3.29 -52.10
C VAL D 748 -35.49 -1.78 -52.00
N THR D 749 -34.25 -1.39 -51.72
CA THR D 749 -33.88 0.02 -51.66
C THR D 749 -33.78 0.59 -53.07
N ILE D 750 -33.55 1.90 -53.15
CA ILE D 750 -33.45 2.62 -54.42
C ILE D 750 -32.07 3.26 -54.49
N GLY D 751 -31.16 2.64 -55.24
CA GLY D 751 -29.88 3.25 -55.55
C GLY D 751 -28.96 3.35 -54.35
N SER D 752 -28.17 4.43 -54.32
CA SER D 752 -27.27 4.72 -53.21
C SER D 752 -27.28 6.20 -52.87
N GLY D 753 -28.41 6.88 -53.05
CA GLY D 753 -28.48 8.30 -52.83
C GLY D 753 -28.15 9.15 -54.03
N TYR D 754 -28.52 8.71 -55.23
CA TYR D 754 -28.13 9.43 -56.45
C TYR D 754 -29.02 10.62 -56.71
N ILE D 755 -30.33 10.48 -56.47
CA ILE D 755 -31.28 11.56 -56.69
C ILE D 755 -31.80 11.94 -55.31
N PHE D 756 -30.92 11.84 -54.31
CA PHE D 756 -31.27 12.13 -52.93
C PHE D 756 -30.33 13.21 -52.38
N ALA D 757 -30.44 13.45 -51.07
CA ALA D 757 -29.65 14.50 -50.44
C ALA D 757 -28.18 14.10 -50.31
N THR D 758 -27.94 12.88 -49.80
CA THR D 758 -26.62 12.29 -49.59
C THR D 758 -25.75 13.20 -48.69
N THR D 759 -26.20 13.33 -47.45
CA THR D 759 -25.53 14.14 -46.46
C THR D 759 -24.72 13.24 -45.51
N GLY D 760 -24.20 13.82 -44.43
CA GLY D 760 -23.43 13.08 -43.46
C GLY D 760 -23.84 13.44 -42.04
N TYR D 761 -23.29 12.69 -41.10
CA TYR D 761 -23.54 12.90 -39.67
C TYR D 761 -22.25 13.35 -39.00
N GLY D 762 -22.35 14.40 -38.19
CA GLY D 762 -21.23 14.86 -37.40
C GLY D 762 -21.51 14.81 -35.92
N ILE D 763 -20.72 15.50 -35.11
CA ILE D 763 -20.92 15.58 -33.67
C ILE D 763 -21.20 17.03 -33.33
N ALA D 764 -22.37 17.29 -32.77
CA ALA D 764 -22.78 18.65 -32.46
C ALA D 764 -22.11 19.13 -31.17
N LEU D 765 -21.39 20.24 -31.26
CA LEU D 765 -20.80 20.89 -30.10
C LEU D 765 -21.28 22.33 -30.02
N GLN D 766 -21.22 22.89 -28.82
CA GLN D 766 -21.66 24.26 -28.62
C GLN D 766 -20.64 25.23 -29.19
N LYS D 767 -21.11 26.46 -29.44
CA LYS D 767 -20.28 27.49 -30.06
C LYS D 767 -19.27 28.01 -29.04
N GLY D 768 -17.99 27.74 -29.28
CA GLY D 768 -16.94 28.15 -28.38
C GLY D 768 -16.36 27.07 -27.50
N SER D 769 -16.65 25.80 -27.79
CA SER D 769 -16.10 24.72 -26.99
C SER D 769 -14.67 24.41 -27.43
N PRO D 770 -13.73 24.31 -26.50
CA PRO D 770 -12.34 24.00 -26.89
C PRO D 770 -12.10 22.53 -27.23
N TRP D 771 -13.09 21.67 -27.03
CA TRP D 771 -12.93 20.23 -27.26
C TRP D 771 -13.06 19.84 -28.72
N LYS D 772 -13.34 20.79 -29.62
CA LYS D 772 -13.68 20.44 -31.00
C LYS D 772 -12.46 19.91 -31.76
N ARG D 773 -11.29 20.50 -31.53
CA ARG D 773 -10.09 20.11 -32.27
C ARG D 773 -9.64 18.71 -31.91
N GLN D 774 -9.70 18.35 -30.61
CA GLN D 774 -9.30 17.03 -30.18
C GLN D 774 -10.25 15.95 -30.67
N ILE D 775 -11.55 16.26 -30.70
CA ILE D 775 -12.54 15.33 -31.23
C ILE D 775 -12.35 15.15 -32.74
N ASP D 776 -12.01 16.23 -33.44
CA ASP D 776 -11.75 16.12 -34.89
C ASP D 776 -10.50 15.30 -35.17
N LEU D 777 -9.44 15.50 -34.37
CA LEU D 777 -8.23 14.69 -34.53
C LEU D 777 -8.49 13.22 -34.20
N ALA D 778 -9.34 12.96 -33.20
CA ALA D 778 -9.66 11.58 -32.86
C ALA D 778 -10.51 10.92 -33.93
N LEU D 779 -11.43 11.66 -34.55
CA LEU D 779 -12.22 11.12 -35.65
C LEU D 779 -11.35 10.84 -36.88
N LEU D 780 -10.40 11.74 -37.16
CA LEU D 780 -9.49 11.49 -38.29
C LEU D 780 -8.52 10.37 -37.99
N GLN D 781 -8.22 10.12 -36.72
CA GLN D 781 -7.44 8.94 -36.36
C GLN D 781 -8.27 7.66 -36.53
N PHE D 782 -9.57 7.74 -36.18
CA PHE D 782 -10.42 6.56 -36.24
C PHE D 782 -10.76 6.18 -37.69
N VAL D 783 -10.88 7.17 -38.57
CA VAL D 783 -11.14 6.86 -39.97
C VAL D 783 -9.87 6.43 -40.68
N GLY D 784 -8.76 7.10 -40.42
CA GLY D 784 -7.53 6.89 -41.17
C GLY D 784 -6.70 5.67 -40.81
N ASP D 785 -7.31 4.63 -40.21
CA ASP D 785 -6.58 3.40 -39.94
C ASP D 785 -7.41 2.15 -40.20
N GLY D 786 -8.61 2.27 -40.74
CA GLY D 786 -9.48 1.14 -40.96
C GLY D 786 -10.25 0.66 -39.75
N GLU D 787 -10.09 1.34 -38.60
CA GLU D 787 -10.83 0.94 -37.41
C GLU D 787 -12.30 1.33 -37.53
N MET D 788 -12.58 2.47 -38.17
CA MET D 788 -13.96 2.83 -38.49
C MET D 788 -14.55 1.85 -39.49
N GLU D 789 -13.74 1.38 -40.45
CA GLU D 789 -14.19 0.35 -41.38
C GLU D 789 -14.46 -0.97 -40.67
N GLU D 790 -13.67 -1.27 -39.64
CA GLU D 790 -13.92 -2.48 -38.84
C GLU D 790 -15.21 -2.36 -38.04
N LEU D 791 -15.48 -1.17 -37.49
CA LEU D 791 -16.73 -0.96 -36.77
C LEU D 791 -17.94 -1.01 -37.71
N GLU D 792 -17.79 -0.49 -38.92
CA GLU D 792 -18.87 -0.58 -39.90
C GLU D 792 -19.06 -2.01 -40.41
N THR D 793 -17.99 -2.79 -40.47
CA THR D 793 -18.13 -4.21 -40.81
C THR D 793 -18.82 -4.96 -39.68
N LEU D 794 -18.55 -4.57 -38.44
CA LEU D 794 -19.17 -5.21 -37.28
C LEU D 794 -20.65 -4.87 -37.19
N TRP D 795 -21.02 -3.61 -37.41
CA TRP D 795 -22.38 -3.17 -37.15
C TRP D 795 -23.21 -2.97 -38.41
N LEU D 796 -22.72 -3.37 -39.58
CA LEU D 796 -23.51 -3.40 -40.80
C LEU D 796 -23.23 -4.68 -41.56
N THR D 797 -24.23 -5.16 -42.29
CA THR D 797 -24.12 -6.40 -43.05
C THR D 797 -24.86 -6.17 -44.37
N GLY D 798 -24.10 -5.94 -45.44
CA GLY D 798 -24.68 -5.59 -46.72
C GLY D 798 -25.00 -6.78 -47.61
N ILE D 799 -25.83 -7.69 -47.13
CA ILE D 799 -26.29 -8.82 -47.95
C ILE D 799 -27.45 -8.35 -48.81
N CYS D 800 -27.83 -9.18 -49.78
CA CYS D 800 -28.95 -9.01 -50.74
C CYS D 800 -29.11 -7.60 -51.33
N UNK E 1 -24.41 -47.94 39.97
CA UNK E 1 -23.09 -47.34 39.95
C UNK E 1 -22.14 -48.30 39.25
N UNK E 2 -21.29 -47.79 38.38
CA UNK E 2 -20.31 -48.61 37.69
C UNK E 2 -19.44 -49.37 38.70
N UNK E 3 -19.26 -50.66 38.47
CA UNK E 3 -18.46 -51.53 39.32
C UNK E 3 -17.48 -52.35 38.50
N UNK E 4 -16.33 -52.61 39.08
CA UNK E 4 -15.29 -53.47 38.53
C UNK E 4 -14.85 -54.44 39.62
N UNK E 5 -15.03 -55.74 39.39
CA UNK E 5 -14.69 -56.79 40.34
C UNK E 5 -13.56 -57.64 39.80
N UNK E 6 -12.42 -57.62 40.48
CA UNK E 6 -11.25 -58.39 40.08
C UNK E 6 -11.24 -59.80 40.71
N UNK E 7 -10.47 -60.69 40.10
CA UNK E 7 -10.19 -62.02 40.64
C UNK E 7 -9.42 -61.95 41.97
N UNK E 8 -9.40 -63.07 42.69
CA UNK E 8 -8.71 -63.19 43.97
C UNK E 8 -7.19 -63.16 43.87
N UNK E 9 -6.52 -63.10 45.01
CA UNK E 9 -5.08 -63.11 45.11
C UNK E 9 -4.46 -64.38 44.50
N UNK E 10 -3.30 -64.23 43.86
CA UNK E 10 -2.60 -65.29 43.14
C UNK E 10 -1.19 -65.50 43.68
N UNK E 11 -0.82 -66.76 43.88
CA UNK E 11 0.56 -67.18 44.10
C UNK E 11 1.08 -67.87 42.84
N UNK E 12 2.13 -67.32 42.24
CA UNK E 12 2.68 -67.80 40.98
C UNK E 12 4.17 -68.08 41.14
N UNK E 13 4.64 -69.17 40.54
CA UNK E 13 6.06 -69.51 40.57
C UNK E 13 6.83 -68.60 39.60
N UNK E 14 8.10 -68.26 39.90
CA UNK E 14 8.98 -67.60 38.95
C UNK E 14 9.01 -68.33 37.60
N UNK E 15 8.95 -67.57 36.50
CA UNK E 15 8.90 -68.08 35.12
C UNK E 15 7.50 -68.49 34.63
N UNK E 16 6.53 -68.67 35.52
CA UNK E 16 5.17 -69.02 35.14
C UNK E 16 4.37 -67.80 34.62
N UNK E 17 3.13 -68.06 34.20
CA UNK E 17 2.18 -67.04 33.78
C UNK E 17 0.97 -67.01 34.71
N UNK E 18 0.30 -65.86 34.78
CA UNK E 18 -0.97 -65.69 35.50
C UNK E 18 -1.95 -64.95 34.60
N UNK E 19 -3.24 -65.26 34.72
CA UNK E 19 -4.31 -64.55 34.03
C UNK E 19 -5.26 -63.93 35.06
N UNK E 20 -5.26 -62.61 35.14
CA UNK E 20 -6.13 -61.85 36.01
C UNK E 20 -7.43 -61.49 35.29
N UNK E 21 -8.55 -61.46 36.00
CA UNK E 21 -9.85 -61.05 35.45
C UNK E 21 -10.38 -59.80 36.13
N UNK E 22 -11.18 -59.02 35.37
CA UNK E 22 -11.88 -57.84 35.83
C UNK E 22 -13.28 -57.83 35.23
N UNK E 23 -14.28 -58.27 36.01
CA UNK E 23 -15.67 -58.25 35.61
C UNK E 23 -16.27 -56.87 35.85
N UNK E 24 -16.96 -56.33 34.85
CA UNK E 24 -17.52 -54.99 34.89
C UNK E 24 -19.04 -55.03 34.90
N UNK E 25 -19.67 -54.00 35.48
CA UNK E 25 -21.13 -53.80 35.48
C UNK E 25 -21.48 -52.32 35.64
N UNK E 26 -22.73 -51.95 35.35
CA UNK E 26 -23.23 -50.59 35.56
C UNK E 26 -22.79 -49.54 34.52
N UNK E 27 -22.08 -49.94 33.48
CA UNK E 27 -21.74 -49.10 32.33
C UNK E 27 -21.62 -49.94 31.05
N UNK E 28 -21.64 -49.29 29.88
CA UNK E 28 -21.44 -49.96 28.61
C UNK E 28 -20.01 -50.50 28.50
N UNK E 29 -19.88 -51.81 28.40
CA UNK E 29 -18.57 -52.46 28.28
C UNK E 29 -17.92 -52.16 26.93
N UNK E 30 -10.66 -50.19 29.11
CA UNK E 30 -10.28 -50.88 30.35
C UNK E 30 -8.76 -50.82 30.48
N UNK E 31 -8.32 -50.12 31.50
CA UNK E 31 -6.91 -49.91 31.81
C UNK E 31 -6.46 -50.89 32.88
N UNK E 32 -5.19 -51.26 32.83
CA UNK E 32 -4.53 -52.05 33.85
C UNK E 32 -3.34 -51.27 34.42
N UNK E 33 -3.21 -51.31 35.73
CA UNK E 33 -2.17 -50.61 36.46
C UNK E 33 -1.51 -51.54 37.48
N UNK E 34 -0.22 -51.32 37.71
CA UNK E 34 0.59 -52.01 38.72
C UNK E 34 0.92 -51.06 39.86
N UNK E 35 0.84 -51.54 41.09
CA UNK E 35 1.33 -50.81 42.26
C UNK E 35 2.06 -51.75 43.21
N UNK E 36 3.34 -51.51 43.40
CA UNK E 36 4.11 -52.19 44.46
C UNK E 36 3.79 -51.57 45.83
N UNK E 37 3.90 -52.32 46.93
CA UNK E 37 3.68 -51.77 48.27
C UNK E 37 4.50 -50.52 48.53
N UNK E 38 3.85 -49.45 49.00
CA UNK E 38 4.50 -48.16 49.28
C UNK E 38 5.00 -47.37 48.08
N UNK E 39 4.74 -47.84 46.85
CA UNK E 39 5.14 -47.17 45.61
C UNK E 39 3.96 -46.48 44.91
N UNK E 40 4.28 -45.64 43.93
CA UNK E 40 3.30 -45.04 43.03
C UNK E 40 2.71 -46.06 42.05
N UNK E 41 1.72 -45.65 41.28
CA UNK E 41 1.11 -46.46 40.24
C UNK E 41 1.92 -46.40 38.95
N UNK E 42 1.97 -47.52 38.24
CA UNK E 42 2.52 -47.64 36.90
C UNK E 42 1.42 -48.15 35.96
N UNK E 43 1.13 -47.39 34.91
CA UNK E 43 0.18 -47.80 33.88
C UNK E 43 0.81 -48.87 32.99
N UNK E 44 0.07 -49.95 32.76
CA UNK E 44 0.52 -51.10 31.97
C UNK E 44 0.04 -50.98 30.53
N UNK E 45 -1.27 -50.87 30.35
CA UNK E 45 -1.92 -50.84 29.05
C UNK E 45 -3.39 -50.47 29.18
N UNK E 46 -4.03 -50.17 28.05
CA UNK E 46 -5.48 -50.19 27.92
C UNK E 46 -5.94 -51.11 26.78
N UNK E 47 -7.18 -51.59 26.88
CA UNK E 47 -7.92 -52.25 25.81
C UNK E 47 -9.26 -51.55 25.62
N UNK E 48 -5.73 -52.22 21.42
CA UNK E 48 -4.87 -52.10 22.61
C UNK E 48 -3.80 -51.05 22.45
N UNK E 49 -3.33 -50.51 23.55
CA UNK E 49 -2.10 -49.73 23.63
C UNK E 49 -1.35 -50.12 24.91
N UNK E 50 -0.08 -50.53 24.81
CA UNK E 50 0.57 -51.08 26.04
C UNK E 50 1.91 -50.43 26.41
N UNK E 51 2.26 -50.44 27.71
CA UNK E 51 3.52 -49.85 28.21
C UNK E 51 4.72 -50.41 27.45
N UNK E 52 5.41 -49.55 26.68
CA UNK E 52 6.63 -50.02 25.99
C UNK E 52 7.34 -50.92 27.00
N UNK E 53 7.15 -50.64 28.28
CA UNK E 53 7.72 -51.51 29.33
C UNK E 53 7.01 -52.87 29.27
N UNK E 54 5.66 -52.89 29.29
CA UNK E 54 4.90 -54.16 29.34
C UNK E 54 4.35 -54.59 27.97
N UNK E 55 5.19 -54.62 26.93
CA UNK E 55 4.75 -55.14 25.62
C UNK E 55 4.95 -56.65 25.48
N UNK E 56 6.09 -57.18 25.90
CA UNK E 56 6.41 -58.61 25.81
C UNK E 56 5.92 -59.43 27.02
N UNK E 57 5.26 -58.78 27.96
CA UNK E 57 4.91 -59.37 29.25
C UNK E 57 3.41 -59.41 29.54
N UNK E 58 2.71 -58.37 29.14
CA UNK E 58 1.27 -58.25 29.32
C UNK E 58 0.54 -58.52 28.01
N UNK E 59 -0.53 -59.30 28.07
CA UNK E 59 -1.48 -59.46 26.97
C UNK E 59 -2.90 -59.20 27.48
N UNK E 60 -3.54 -58.19 26.91
CA UNK E 60 -4.91 -57.85 27.25
C UNK E 60 -5.89 -58.55 26.30
N UNK E 61 -6.98 -59.04 26.84
CA UNK E 61 -8.11 -59.60 26.11
C UNK E 61 -9.41 -59.24 26.79
N UNK E 62 -10.53 -59.37 26.08
CA UNK E 62 -11.88 -59.18 26.64
C UNK E 62 -12.78 -60.34 26.30
N UNK E 63 -13.79 -60.57 27.11
CA UNK E 63 -14.96 -61.37 26.80
C UNK E 63 -16.19 -60.46 26.93
N UNK E 64 -16.73 -60.06 25.78
CA UNK E 64 -17.89 -59.17 25.70
C UNK E 64 -19.15 -59.82 26.24
N UNK E 65 -19.29 -61.14 26.15
CA UNK E 65 -20.47 -61.88 26.61
C UNK E 65 -20.65 -61.80 28.13
N UNK E 66 -19.54 -61.81 28.86
CA UNK E 66 -19.51 -61.70 30.32
C UNK E 66 -19.12 -60.31 30.84
N UNK E 67 -18.88 -59.34 29.94
CA UNK E 67 -18.36 -58.00 30.26
C UNK E 67 -17.09 -58.05 31.11
N UNK E 68 -16.19 -58.96 30.77
CA UNK E 68 -14.98 -59.23 31.56
C UNK E 68 -13.73 -58.91 30.74
N UNK E 69 -12.84 -58.13 31.32
CA UNK E 69 -11.50 -57.90 30.80
C UNK E 69 -10.50 -58.84 31.48
N UNK E 70 -9.47 -59.23 30.75
CA UNK E 70 -8.41 -60.09 31.24
C UNK E 70 -7.04 -59.48 30.93
N UNK E 71 -6.10 -59.71 31.84
CA UNK E 71 -4.69 -59.46 31.61
C UNK E 71 -3.90 -60.72 31.93
N UNK E 72 -3.21 -61.26 30.94
CA UNK E 72 -2.24 -62.32 31.14
C UNK E 72 -0.86 -61.72 31.30
N UNK E 73 -0.16 -62.10 32.35
CA UNK E 73 1.25 -61.81 32.56
C UNK E 73 2.08 -63.08 32.39
N UNK E 74 3.16 -62.99 31.63
CA UNK E 74 4.06 -64.10 31.32
C UNK E 74 5.46 -63.89 31.90
N UNK E 75 6.21 -64.98 32.01
CA UNK E 75 7.61 -64.96 32.45
C UNK E 75 7.83 -64.16 33.75
N UNK E 76 6.99 -64.45 34.75
CA UNK E 76 6.94 -63.68 35.98
C UNK E 76 8.23 -63.80 36.79
N UNK E 77 8.62 -62.68 37.37
CA UNK E 77 9.77 -62.57 38.29
C UNK E 77 9.30 -62.01 39.63
N UNK E 78 10.15 -62.07 40.65
CA UNK E 78 9.82 -61.47 41.95
C UNK E 78 9.50 -59.97 41.85
N UNK E 79 10.04 -59.26 40.84
CA UNK E 79 9.73 -57.86 40.61
C UNK E 79 8.29 -57.62 40.12
N UNK E 80 7.60 -58.66 39.66
CA UNK E 80 6.18 -58.58 39.28
C UNK E 80 5.23 -58.76 40.47
N UNK E 81 5.75 -59.04 41.66
CA UNK E 81 4.93 -59.06 42.89
C UNK E 81 4.42 -57.65 43.19
N UNK E 82 3.11 -57.48 43.06
CA UNK E 82 2.43 -56.19 43.18
C UNK E 82 0.91 -56.38 43.32
N UNK E 83 0.22 -55.29 43.64
CA UNK E 83 -1.22 -55.20 43.41
C UNK E 83 -1.44 -54.72 41.97
N UNK E 84 -2.29 -55.42 41.24
CA UNK E 84 -2.74 -55.04 39.91
C UNK E 84 -4.17 -54.56 39.97
N UNK E 85 -4.43 -53.37 39.44
CA UNK E 85 -5.79 -52.79 39.54
C UNK E 85 -6.36 -52.49 38.15
N UNK E 86 -7.62 -52.89 37.91
CA UNK E 86 -8.27 -52.58 36.62
C UNK E 86 -9.08 -51.29 36.78
N UNK E 87 -9.02 -50.40 35.78
CA UNK E 87 -9.71 -49.13 35.90
C UNK E 87 -10.40 -48.75 34.59
N UNK E 88 -11.55 -48.08 34.69
CA UNK E 88 -12.26 -47.53 33.53
C UNK E 88 -12.08 -46.03 33.49
N UNK E 89 -13.66 -45.36 37.66
CA UNK E 89 -14.00 -46.64 38.25
C UNK E 89 -12.75 -47.50 38.37
N UNK E 90 -12.61 -48.17 39.51
CA UNK E 90 -11.49 -49.03 39.84
C UNK E 90 -11.99 -50.37 40.36
N UNK E 91 -11.30 -51.45 39.97
CA UNK E 91 -11.68 -52.81 40.41
C UNK E 91 -11.22 -53.04 41.86
N UNK E 92 -11.46 -54.25 42.38
CA UNK E 92 -11.01 -54.58 43.75
C UNK E 92 -9.51 -54.84 43.74
N UNK E 93 -8.87 -54.75 42.57
CA UNK E 93 -7.42 -55.00 42.44
C UNK E 93 -7.13 -56.48 42.67
N UNK E 94 -5.86 -56.88 42.63
CA UNK E 94 -5.49 -58.31 42.79
C UNK E 94 -4.02 -58.44 43.20
N UNK E 95 -3.76 -58.90 44.43
CA UNK E 95 -2.38 -59.12 44.86
C UNK E 95 -1.81 -60.34 44.13
N UNK E 96 -0.73 -60.13 43.38
CA UNK E 96 0.06 -61.20 42.77
C UNK E 96 1.36 -61.33 43.55
N UNK E 97 1.62 -62.53 44.06
CA UNK E 97 2.88 -62.87 44.72
C UNK E 97 3.65 -63.86 43.84
N UNK E 98 4.85 -63.49 43.41
CA UNK E 98 5.72 -64.37 42.64
C UNK E 98 6.77 -64.97 43.56
N UNK E 99 6.63 -66.25 43.87
CA UNK E 99 7.51 -66.96 44.80
C UNK E 99 7.51 -68.47 44.52
N UNK E 100 8.64 -69.11 44.82
CA UNK E 100 8.74 -70.57 44.82
C UNK E 100 8.23 -71.23 46.11
N UNK E 101 7.95 -70.44 47.15
CA UNK E 101 7.42 -70.93 48.42
C UNK E 101 6.03 -71.56 48.25
N UNK E 102 5.67 -72.47 49.15
CA UNK E 102 4.42 -73.20 49.08
C UNK E 102 3.31 -72.45 49.82
N UNK E 103 2.10 -72.54 49.28
CA UNK E 103 0.90 -72.12 50.01
C UNK E 103 0.81 -72.88 51.32
N UNK E 104 0.68 -72.15 52.41
CA UNK E 104 0.56 -72.71 53.77
C UNK E 104 -0.61 -72.03 54.48
N UNK E 105 -1.59 -72.78 54.99
CA UNK E 105 -2.70 -72.20 55.73
C UNK E 105 -2.24 -71.65 57.09
N UNK E 106 -2.87 -70.57 57.57
CA UNK E 106 -2.41 -69.92 58.81
C UNK E 106 -2.93 -70.64 60.06
N UNK E 107 -2.16 -70.63 61.15
CA UNK E 107 -2.65 -71.20 62.43
C UNK E 107 -3.28 -70.06 63.23
N UNK E 108 -4.50 -70.25 63.73
CA UNK E 108 -5.19 -69.14 64.41
C UNK E 108 -5.29 -69.43 65.90
N UNK E 109 -4.68 -68.56 66.71
CA UNK E 109 -4.65 -68.70 68.15
C UNK E 109 -5.41 -67.56 68.84
N UNK E 110 -6.28 -67.86 69.82
CA UNK E 110 -6.99 -66.85 70.58
C UNK E 110 -6.04 -66.13 71.55
N UNK E 111 -6.20 -64.82 71.68
CA UNK E 111 -5.50 -63.99 72.65
C UNK E 111 -6.52 -63.46 73.68
N UNK E 112 -6.70 -64.21 74.75
CA UNK E 112 -7.52 -63.83 75.89
C UNK E 112 -6.64 -63.31 77.03
N UNK E 113 -7.11 -62.34 77.83
CA UNK E 113 -6.36 -61.82 78.97
C UNK E 113 -6.01 -62.93 79.98
N UNK E 114 -4.89 -62.75 80.67
CA UNK E 114 -4.63 -63.53 81.88
C UNK E 114 -5.62 -63.15 83.00
N UNK E 115 -5.74 -64.01 84.00
CA UNK E 115 -6.70 -63.86 85.10
C UNK E 115 -6.66 -62.49 85.79
N UNK E 116 -5.49 -61.91 86.01
CA UNK E 116 -5.30 -60.65 86.72
C UNK E 116 -5.79 -59.39 85.97
N UNK E 117 -6.08 -59.46 84.68
CA UNK E 117 -6.31 -58.27 83.84
C UNK E 117 -7.77 -57.77 83.81
N UNK E 118 -8.71 -58.43 84.47
CA UNK E 118 -10.16 -58.20 84.29
C UNK E 118 -10.75 -56.95 84.95
N UNK E 119 -9.95 -56.11 85.65
CA UNK E 119 -10.52 -55.03 86.49
C UNK E 119 -10.89 -53.75 85.74
N UNK E 120 -10.59 -53.62 84.46
CA UNK E 120 -10.86 -52.40 83.70
C UNK E 120 -12.26 -52.43 83.06
N UNK E 121 -12.82 -51.23 82.82
CA UNK E 121 -14.12 -51.07 82.14
C UNK E 121 -14.12 -51.54 80.69
N UNK E 122 -12.94 -51.62 80.07
CA UNK E 122 -12.73 -52.12 78.72
C UNK E 122 -11.77 -53.32 78.77
N UNK E 123 -12.02 -54.31 77.93
CA UNK E 123 -11.17 -55.47 77.77
C UNK E 123 -10.67 -55.55 76.32
N UNK E 124 -9.36 -55.77 76.17
CA UNK E 124 -8.75 -56.03 74.87
C UNK E 124 -8.59 -57.53 74.68
N UNK E 125 -9.03 -58.03 73.54
CA UNK E 125 -8.88 -59.39 73.05
C UNK E 125 -8.07 -59.37 71.76
N UNK E 126 -7.64 -60.54 71.30
CA UNK E 126 -6.97 -60.62 70.01
C UNK E 126 -7.04 -62.00 69.37
N UNK E 127 -6.59 -62.07 68.13
CA UNK E 127 -6.27 -63.30 67.43
C UNK E 127 -4.89 -63.18 66.79
N UNK E 128 -4.07 -64.20 67.00
CA UNK E 128 -2.77 -64.36 66.36
C UNK E 128 -2.92 -65.32 65.17
N UNK E 129 -2.59 -64.84 63.98
CA UNK E 129 -2.68 -65.58 62.72
C UNK E 129 -1.26 -65.85 62.26
N UNK E 130 -0.79 -67.08 62.48
CA UNK E 130 0.63 -67.41 62.39
C UNK E 130 0.94 -68.45 61.31
N UNK E 131 2.05 -68.22 60.61
CA UNK E 131 2.67 -69.24 59.76
C UNK E 131 1.92 -69.52 58.47
N UNK E 132 1.45 -68.49 57.78
CA UNK E 132 0.75 -68.63 56.51
C UNK E 132 1.56 -68.07 55.34
N UNK E 133 1.18 -68.46 54.11
CA UNK E 133 1.86 -67.90 52.91
C UNK E 133 1.12 -68.36 51.64
N UNK E 134 0.66 -67.45 50.76
CA UNK E 134 1.11 -66.05 50.82
C UNK E 134 -0.04 -65.09 51.17
N UNK E 135 0.27 -63.82 51.44
CA UNK E 135 -0.77 -62.82 51.78
C UNK E 135 -1.72 -62.62 50.60
N UNK E 136 -2.87 -61.89 50.73
CA UNK E 136 -3.34 -61.40 52.05
C UNK E 136 -4.39 -62.21 52.83
N UNK E 137 -4.34 -62.15 54.16
CA UNK E 137 -5.29 -62.81 55.10
C UNK E 137 -6.25 -61.76 55.66
N UNK E 138 -7.56 -62.04 55.61
CA UNK E 138 -8.55 -61.09 56.13
C UNK E 138 -9.01 -61.52 57.53
N UNK E 139 -9.14 -60.55 58.42
CA UNK E 139 -9.66 -60.76 59.78
C UNK E 139 -10.85 -59.85 60.01
N UNK E 140 -11.97 -60.45 60.43
CA UNK E 140 -13.14 -59.73 60.93
C UNK E 140 -13.46 -60.18 62.35
N UNK E 141 -14.30 -59.43 63.05
CA UNK E 141 -14.78 -59.76 64.39
C UNK E 141 -16.30 -59.82 64.40
N UNK E 142 -16.86 -60.87 64.94
CA UNK E 142 -18.29 -61.18 64.92
C UNK E 142 -18.90 -61.01 63.51
N UNK E 143 -18.39 -61.79 62.55
CA UNK E 143 -18.96 -61.77 61.18
C UNK E 143 -18.88 -60.35 60.62
N UNK E 144 -17.70 -59.74 60.69
CA UNK E 144 -17.52 -58.38 60.12
C UNK E 144 -18.54 -57.42 60.74
N UNK E 145 -18.98 -57.66 61.97
CA UNK E 145 -19.87 -56.68 62.64
C UNK E 145 -18.98 -55.82 63.54
N UNK E 146 -18.71 -56.28 64.76
CA UNK E 146 -17.78 -55.61 65.65
C UNK E 146 -16.63 -55.02 64.81
N UNK E 147 -16.73 -53.72 64.52
CA UNK E 147 -15.77 -52.99 63.67
C UNK E 147 -15.10 -51.81 64.37
N UNK E 148 -15.71 -51.26 65.42
CA UNK E 148 -15.12 -50.24 66.25
C UNK E 148 -14.10 -50.83 67.22
N UNK E 149 -12.98 -50.12 67.46
CA UNK E 149 -11.96 -50.57 68.41
C UNK E 149 -11.15 -51.78 67.90
N UNK E 150 -11.16 -52.04 66.59
CA UNK E 150 -10.39 -53.10 65.96
C UNK E 150 -9.10 -52.53 65.38
N UNK E 151 -7.99 -53.19 65.65
CA UNK E 151 -6.69 -52.94 65.01
C UNK E 151 -6.18 -54.25 64.42
N UNK E 152 -6.14 -54.33 63.09
CA UNK E 152 -5.48 -55.43 62.38
C UNK E 152 -4.12 -54.95 61.91
N UNK E 153 -3.07 -55.56 62.42
CA UNK E 153 -1.70 -55.15 62.16
C UNK E 153 -1.21 -55.71 60.83
N UNK E 154 -0.35 -54.99 60.09
CA UNK E 154 0.31 -55.54 58.90
C UNK E 154 1.06 -56.83 59.20
N UNK E 155 1.02 -57.76 58.25
CA UNK E 155 1.74 -59.01 58.36
C UNK E 155 3.26 -58.80 58.32
N UNK E 156 3.98 -59.63 59.09
CA UNK E 156 5.45 -59.65 59.08
C UNK E 156 5.90 -61.01 58.54
N UNK E 157 6.80 -60.97 57.56
CA UNK E 157 7.39 -62.18 56.97
C UNK E 157 8.58 -62.64 57.81
N UNK E 158 8.58 -63.93 58.20
CA UNK E 158 9.69 -64.58 58.88
C UNK E 158 9.82 -66.03 58.38
N UNK E 159 10.99 -66.38 57.87
CA UNK E 159 11.27 -67.73 57.35
C UNK E 159 10.22 -68.22 56.33
N UNK E 160 9.95 -67.38 55.33
CA UNK E 160 8.96 -67.61 54.25
C UNK E 160 7.50 -67.77 54.71
N UNK E 161 7.21 -67.42 55.96
CA UNK E 161 5.85 -67.47 56.50
C UNK E 161 5.47 -66.12 57.11
N UNK E 162 4.24 -65.68 56.84
CA UNK E 162 3.69 -64.48 57.42
C UNK E 162 3.10 -64.74 58.82
N UNK E 163 3.17 -63.74 59.66
CA UNK E 163 2.45 -63.67 60.94
C UNK E 163 1.75 -62.33 61.04
N UNK E 164 0.47 -62.35 61.38
CA UNK E 164 -0.37 -61.18 61.57
C UNK E 164 -1.12 -61.32 62.90
N UNK E 165 -1.43 -60.20 63.53
CA UNK E 165 -2.33 -60.17 64.69
C UNK E 165 -3.44 -59.15 64.47
N UNK E 166 -4.57 -59.38 65.12
CA UNK E 166 -5.66 -58.41 65.22
C UNK E 166 -6.10 -58.29 66.67
N UNK E 167 -6.30 -57.06 67.14
CA UNK E 167 -6.88 -56.79 68.45
C UNK E 167 -8.28 -56.18 68.32
N UNK E 168 -9.12 -56.45 69.31
CA UNK E 168 -10.41 -55.77 69.48
C UNK E 168 -10.57 -55.37 70.94
N UNK E 169 -11.09 -54.17 71.17
CA UNK E 169 -11.38 -53.67 72.52
C UNK E 169 -12.89 -53.49 72.67
N UNK E 170 -13.45 -54.14 73.67
CA UNK E 170 -14.89 -54.12 73.97
C UNK E 170 -15.13 -53.77 75.43
N UNK E 171 -16.33 -53.29 75.82
CA UNK E 171 -16.69 -53.11 77.23
C UNK E 171 -16.61 -54.44 78.00
N UNK E 172 -16.08 -54.42 79.23
CA UNK E 172 -16.02 -55.61 80.07
C UNK E 172 -17.41 -56.17 80.44
N UNK E 173 -18.46 -55.37 80.30
CA UNK E 173 -19.84 -55.81 80.46
C UNK E 173 -20.34 -56.70 79.32
N UNK E 174 -19.68 -56.68 78.15
CA UNK E 174 -20.11 -57.46 76.98
C UNK E 174 -19.33 -58.75 76.79
N UNK E 175 -18.13 -58.87 77.38
CA UNK E 175 -17.34 -60.09 77.32
C UNK E 175 -16.89 -60.51 78.73
N UNK E 176 -17.03 -61.79 79.13
CA UNK E 176 -17.40 -62.94 78.29
C UNK E 176 -18.90 -63.25 78.22
N UNK E 177 -19.78 -62.40 78.75
CA UNK E 177 -21.24 -62.64 78.73
C UNK E 177 -21.79 -62.75 77.30
N UNK E 178 -21.24 -61.95 76.38
CA UNK E 178 -21.52 -62.04 74.96
C UNK E 178 -20.35 -62.69 74.22
N UNK E 179 -20.66 -63.36 73.11
CA UNK E 179 -19.66 -64.04 72.31
C UNK E 179 -18.85 -63.05 71.47
N UNK E 180 -17.53 -63.15 71.56
CA UNK E 180 -16.61 -62.49 70.64
C UNK E 180 -15.85 -63.56 69.87
N UNK E 181 -15.88 -63.47 68.54
CA UNK E 181 -15.24 -64.43 67.63
C UNK E 181 -14.44 -63.67 66.59
N UNK E 182 -13.19 -64.05 66.35
CA UNK E 182 -12.47 -63.60 65.18
C UNK E 182 -12.71 -64.56 64.01
N UNK E 183 -12.97 -64.00 62.83
CA UNK E 183 -13.15 -64.75 61.59
C UNK E 183 -11.92 -64.49 60.71
N UNK E 184 -11.17 -65.54 60.44
CA UNK E 184 -9.95 -65.45 59.64
C UNK E 184 -10.17 -66.17 58.32
N UNK E 185 -9.89 -65.50 57.20
CA UNK E 185 -9.92 -66.11 55.89
C UNK E 185 -8.57 -65.96 55.19
N UNK E 186 -8.07 -67.07 54.63
CA UNK E 186 -6.88 -67.11 53.79
C UNK E 186 -7.26 -67.65 52.41
N UNK E 187 -7.56 -66.76 51.43
CA UNK E 187 -8.09 -67.15 50.13
C UNK E 187 -7.19 -68.13 49.37
N UNK E 188 -5.88 -67.93 49.41
CA UNK E 188 -4.93 -68.76 48.67
C UNK E 188 -4.93 -70.25 49.06
N UNK E 189 -5.30 -70.58 50.30
CA UNK E 189 -5.48 -71.97 50.76
C UNK E 189 -6.95 -72.37 50.92
N UNK E 190 -7.88 -71.53 50.47
CA UNK E 190 -9.33 -71.69 50.69
C UNK E 190 -9.72 -71.93 52.17
N UNK E 191 -8.93 -71.39 53.10
CA UNK E 191 -9.10 -71.61 54.54
C UNK E 191 -9.99 -70.52 55.13
N UNK E 192 -10.98 -70.94 55.95
CA UNK E 192 -11.76 -70.07 56.82
C UNK E 192 -11.76 -70.67 58.22
N UNK E 193 -11.43 -69.87 59.22
CA UNK E 193 -11.37 -70.29 60.63
C UNK E 193 -12.09 -69.27 61.47
N UNK E 194 -13.05 -69.73 62.27
CA UNK E 194 -13.71 -68.94 63.29
C UNK E 194 -13.16 -69.34 64.66
N UNK E 195 -12.64 -68.36 65.41
CA UNK E 195 -12.05 -68.59 66.73
C UNK E 195 -12.79 -67.81 67.79
N UNK E 196 -13.58 -68.51 68.60
CA UNK E 196 -14.26 -67.92 69.75
C UNK E 196 -13.25 -67.58 70.84
N UNK E 197 -13.32 -66.35 71.36
CA UNK E 197 -12.52 -65.91 72.48
C UNK E 197 -13.21 -66.32 73.78
N UNK E 198 -12.56 -67.21 74.53
CA UNK E 198 -13.02 -67.68 75.84
C UNK E 198 -12.05 -67.23 76.92
N UNK E 199 -12.51 -66.97 78.17
CA UNK E 199 -11.61 -66.71 79.28
C UNK E 199 -10.61 -67.84 79.47
N UNK E 200 -9.42 -67.52 79.98
CA UNK E 200 -8.44 -68.54 80.37
C UNK E 200 -8.91 -69.26 81.63
N UNK E 201 -8.64 -70.56 81.70
CA UNK E 201 -9.01 -71.40 82.85
C UNK E 201 -10.47 -71.88 82.86
N UNK E 202 -11.26 -71.54 81.85
CA UNK E 202 -12.59 -72.10 81.63
C UNK E 202 -12.56 -73.35 80.77
N UNK F 1 11.56 -37.34 34.85
CA UNK F 1 11.74 -37.60 36.27
C UNK F 1 10.65 -36.89 37.05
N UNK F 2 9.89 -37.66 37.85
CA UNK F 2 8.89 -37.17 38.75
C UNK F 2 9.44 -37.16 40.19
N UNK F 3 9.54 -35.98 40.79
CA UNK F 3 10.07 -35.82 42.15
C UNK F 3 8.95 -35.43 43.11
N UNK F 4 8.72 -36.25 44.14
CA UNK F 4 7.73 -35.95 45.17
C UNK F 4 8.37 -35.49 46.48
N UNK F 5 7.68 -34.58 47.17
CA UNK F 5 8.09 -34.12 48.50
C UNK F 5 6.90 -33.78 49.38
N UNK F 6 6.98 -34.02 50.71
CA UNK F 6 8.01 -34.80 51.38
C UNK F 6 7.90 -36.30 51.05
N UNK F 7 8.88 -37.10 51.44
CA UNK F 7 8.79 -38.57 51.31
C UNK F 7 7.81 -39.19 52.32
N UNK F 8 7.68 -38.55 53.48
CA UNK F 8 6.70 -38.92 54.50
C UNK F 8 6.23 -37.69 55.27
N UNK F 9 5.02 -37.75 55.81
CA UNK F 9 4.49 -36.74 56.71
C UNK F 9 3.51 -37.40 57.70
N UNK F 10 3.44 -36.84 58.90
CA UNK F 10 2.55 -37.33 59.96
C UNK F 10 1.70 -36.17 60.48
N UNK F 11 0.38 -36.35 60.47
CA UNK F 11 -0.60 -35.32 60.84
C UNK F 11 -1.73 -35.88 61.70
N UNK F 12 -2.32 -35.04 62.52
CA UNK F 12 -3.51 -35.38 63.30
C UNK F 12 -4.74 -35.37 62.38
N UNK F 13 -5.71 -36.26 62.63
CA UNK F 13 -6.98 -36.20 61.92
C UNK F 13 -7.64 -34.82 62.10
N UNK F 14 -8.21 -34.29 61.03
CA UNK F 14 -8.75 -32.93 60.97
C UNK F 14 -7.78 -31.88 60.41
N UNK F 15 -6.48 -32.15 60.41
CA UNK F 15 -5.50 -31.21 59.87
C UNK F 15 -5.48 -31.20 58.34
N UNK F 16 -4.90 -30.13 57.78
CA UNK F 16 -4.65 -29.98 56.35
C UNK F 16 -3.23 -30.46 56.02
N UNK F 17 -3.10 -31.23 54.95
CA UNK F 17 -1.80 -31.63 54.41
C UNK F 17 -1.63 -31.18 52.96
N UNK F 18 -0.38 -30.97 52.58
CA UNK F 18 0.00 -30.61 51.22
C UNK F 18 1.20 -31.43 50.80
N UNK F 19 1.08 -32.09 49.65
CA UNK F 19 2.11 -32.90 49.01
C UNK F 19 2.46 -32.27 47.68
N UNK F 20 3.73 -32.24 47.31
CA UNK F 20 4.20 -31.66 46.05
C UNK F 20 4.72 -32.73 45.11
N UNK F 21 4.57 -32.47 43.81
CA UNK F 21 5.14 -33.27 42.74
C UNK F 21 5.72 -32.33 41.68
N UNK F 22 6.96 -32.58 41.28
CA UNK F 22 7.65 -31.82 40.25
C UNK F 22 8.07 -32.75 39.13
N UNK F 23 7.78 -32.37 37.88
CA UNK F 23 8.25 -33.06 36.67
C UNK F 23 9.48 -32.36 36.10
N UNK F 24 -1.46 -37.35 36.78
CA UNK F 24 -2.39 -38.09 37.63
C UNK F 24 -1.83 -38.29 39.03
N UNK F 25 -2.73 -38.32 40.02
CA UNK F 25 -2.43 -38.71 41.39
C UNK F 25 -3.12 -40.03 41.72
N UNK F 26 -2.42 -40.88 42.44
CA UNK F 26 -2.92 -42.17 42.90
C UNK F 26 -2.82 -42.25 44.43
N UNK F 27 -3.81 -42.92 45.04
CA UNK F 27 -3.75 -43.39 46.42
C UNK F 27 -3.49 -44.88 46.41
N UNK F 28 -2.46 -45.35 47.12
CA UNK F 28 -2.21 -46.76 47.36
C UNK F 28 -2.25 -47.06 48.86
N UNK F 29 -3.23 -47.88 49.26
CA UNK F 29 -3.33 -48.43 50.61
C UNK F 29 -2.54 -49.74 50.69
N UNK F 30 -2.13 -50.11 51.90
CA UNK F 30 -1.37 -51.34 52.11
C UNK F 30 -2.09 -52.57 51.56
N UNK F 31 -1.34 -53.43 50.87
CA UNK F 31 -1.86 -54.67 50.29
C UNK F 31 -2.88 -54.49 49.16
N UNK F 32 -3.06 -53.27 48.64
CA UNK F 32 -4.00 -52.98 47.56
C UNK F 32 -3.26 -52.40 46.33
N UNK F 33 -3.82 -52.58 45.13
CA UNK F 33 -3.35 -51.82 43.97
C UNK F 33 -3.58 -50.32 44.17
N UNK F 34 -2.86 -49.47 43.44
CA UNK F 34 -3.16 -48.04 43.39
C UNK F 34 -4.60 -47.78 42.91
N UNK F 35 -5.17 -46.66 43.34
CA UNK F 35 -6.46 -46.16 42.84
C UNK F 35 -6.25 -44.75 42.28
N UNK F 36 -6.76 -44.50 41.09
CA UNK F 36 -6.75 -43.15 40.52
C UNK F 36 -7.57 -42.22 41.41
N UNK F 37 -6.95 -41.13 41.84
CA UNK F 37 -7.53 -40.13 42.73
C UNK F 37 -7.87 -38.86 41.94
N UNK F 38 -6.92 -38.36 41.18
CA UNK F 38 -7.02 -37.12 40.40
C UNK F 38 -6.32 -37.35 39.05
N UNK F 39 -11.02 -34.62 39.98
CA UNK F 39 -11.24 -35.78 40.85
C UNK F 39 -11.96 -36.89 40.13
N UNK F 40 -11.58 -38.13 40.40
CA UNK F 40 -12.42 -39.28 40.08
C UNK F 40 -13.74 -39.21 40.86
N UNK F 41 -14.80 -39.82 40.31
CA UNK F 41 -16.18 -39.67 40.82
C UNK F 41 -16.37 -40.15 42.26
N UNK F 42 -15.55 -41.12 42.71
CA UNK F 42 -15.60 -41.69 44.06
C UNK F 42 -14.78 -40.88 45.08
N UNK F 43 -14.00 -39.93 44.64
CA UNK F 43 -13.02 -39.22 45.48
C UNK F 43 -13.71 -38.10 46.27
N UNK F 44 -13.57 -38.09 47.61
CA UNK F 44 -14.12 -37.03 48.45
C UNK F 44 -13.59 -35.63 48.07
N UNK F 45 -14.42 -34.61 48.30
CA UNK F 45 -14.12 -33.22 47.99
C UNK F 45 -12.96 -32.63 48.79
N UNK F 46 -12.59 -33.24 49.93
CA UNK F 46 -11.43 -32.88 50.73
C UNK F 46 -10.10 -33.03 49.98
N UNK F 47 -10.07 -33.84 48.92
CA UNK F 47 -8.92 -33.97 48.04
C UNK F 47 -8.95 -32.93 46.94
N UNK F 48 -7.89 -32.17 46.76
CA UNK F 48 -7.75 -31.15 45.71
C UNK F 48 -6.39 -31.24 45.05
N UNK F 49 -6.37 -31.61 43.77
CA UNK F 49 -5.08 -31.83 43.07
C UNK F 49 -4.81 -30.68 42.11
N UNK F 50 -4.25 -29.59 42.63
CA UNK F 50 -3.93 -28.43 41.76
C UNK F 50 -2.60 -28.68 41.03
N UNK F 51 -2.61 -29.59 40.06
CA UNK F 51 -1.39 -29.91 39.28
C UNK F 51 -1.32 -29.01 38.04
N UNK F 52 4.73 -28.58 37.94
CA UNK F 52 4.35 -28.44 39.36
C UNK F 52 2.99 -29.13 39.58
N UNK F 53 2.83 -29.83 40.70
CA UNK F 53 1.57 -30.57 40.95
C UNK F 53 1.36 -30.74 42.46
N UNK F 54 0.49 -29.92 43.06
CA UNK F 54 0.20 -30.08 44.48
C UNK F 54 -1.06 -30.91 44.68
N UNK F 55 -1.00 -31.87 45.59
CA UNK F 55 -2.15 -32.54 46.16
C UNK F 55 -2.38 -32.02 47.58
N UNK F 56 -3.59 -31.56 47.86
CA UNK F 56 -4.00 -31.09 49.16
C UNK F 56 -5.13 -31.96 49.71
N UNK F 57 -5.05 -32.33 50.97
CA UNK F 57 -6.15 -32.92 51.73
C UNK F 57 -6.52 -31.91 52.82
N UNK F 58 -7.73 -31.32 52.73
CA UNK F 58 -8.12 -30.18 53.57
C UNK F 58 -8.50 -30.57 55.00
N UNK F 59 -8.99 -31.79 55.20
CA UNK F 59 -9.42 -32.35 56.47
C UNK F 59 -9.08 -33.84 56.44
N UNK F 60 -7.91 -34.20 56.97
CA UNK F 60 -7.41 -35.56 56.91
C UNK F 60 -8.26 -36.47 57.79
N UNK F 61 -8.65 -37.62 57.25
CA UNK F 61 -9.30 -38.70 57.99
C UNK F 61 -8.31 -39.85 58.24
N UNK F 62 -8.58 -40.66 59.27
CA UNK F 62 -7.75 -41.83 59.56
C UNK F 62 -7.64 -42.81 58.37
N UNK F 63 -8.72 -42.91 57.58
CA UNK F 63 -8.76 -43.74 56.36
C UNK F 63 -7.93 -43.19 55.18
N UNK F 64 -7.41 -41.97 55.27
CA UNK F 64 -6.54 -41.37 54.26
C UNK F 64 -5.09 -41.86 54.39
N UNK F 65 -4.80 -42.66 55.41
CA UNK F 65 -3.53 -43.39 55.57
C UNK F 65 -3.22 -44.20 54.30
N UNK F 66 -2.20 -43.76 53.56
CA UNK F 66 -1.85 -44.46 52.30
C UNK F 66 -0.60 -43.82 51.67
N UNK F 67 -0.09 -44.42 50.58
CA UNK F 67 1.07 -43.85 49.86
C UNK F 67 0.56 -43.12 48.61
N UNK F 68 0.78 -41.80 48.52
CA UNK F 68 0.28 -41.04 47.40
C UNK F 68 1.37 -40.93 46.33
N UNK F 69 1.07 -41.29 45.09
CA UNK F 69 1.98 -41.19 43.95
C UNK F 69 1.45 -40.18 42.94
N UNK F 70 2.34 -39.37 42.37
CA UNK F 70 2.06 -38.69 41.12
C UNK F 70 2.62 -39.50 39.94
N UNK F 71 1.98 -39.40 38.78
CA UNK F 71 2.40 -40.03 37.53
C UNK F 71 2.29 -39.03 36.40
N UNK F 72 6.51 -42.50 37.54
CA UNK F 72 5.77 -42.10 38.75
C UNK F 72 6.70 -41.37 39.73
N UNK F 73 6.13 -40.60 40.65
CA UNK F 73 6.94 -39.88 41.67
C UNK F 73 7.49 -40.89 42.69
N UNK F 74 8.51 -40.51 43.46
CA UNK F 74 9.13 -41.45 44.41
C UNK F 74 8.06 -42.04 45.34
N UNK F 75 7.36 -41.18 46.09
CA UNK F 75 6.30 -41.65 47.03
C UNK F 75 5.87 -40.47 47.92
N UNK F 76 4.89 -40.70 48.81
CA UNK F 76 4.44 -39.65 49.74
C UNK F 76 3.64 -40.34 50.84
N UNK F 77 4.34 -40.90 51.84
CA UNK F 77 3.64 -41.69 52.86
C UNK F 77 2.93 -40.77 53.85
N UNK F 78 1.61 -40.90 53.96
CA UNK F 78 0.83 -40.21 54.97
C UNK F 78 0.63 -41.11 56.18
N UNK F 79 1.08 -40.66 57.35
CA UNK F 79 0.86 -41.29 58.65
C UNK F 79 -0.06 -40.41 59.50
N UNK F 80 -0.83 -41.04 60.39
CA UNK F 80 -1.80 -40.35 61.24
C UNK F 80 -1.27 -40.30 62.68
N UNK F 81 -1.22 -39.08 63.24
CA UNK F 81 -0.95 -38.90 64.68
C UNK F 81 -2.24 -39.12 65.47
N UNK F 82 -2.10 -39.75 66.65
CA UNK F 82 -3.17 -39.96 67.61
C UNK F 82 -2.65 -39.83 69.04
N UNK F 83 -3.56 -39.92 70.01
CA UNK F 83 -3.17 -40.04 71.41
C UNK F 83 -2.38 -41.33 71.65
N UNK F 84 -1.45 -41.28 72.61
CA UNK F 84 -0.68 -42.44 73.05
C UNK F 84 -1.63 -43.54 73.54
N UNK F 85 -1.32 -44.79 73.21
CA UNK F 85 -2.07 -45.97 73.61
C UNK F 85 -1.09 -47.07 74.04
N UNK F 86 -1.34 -47.67 75.20
CA UNK F 86 -0.54 -48.78 75.69
C UNK F 86 -0.87 -50.08 74.93
N UNK F 87 0.13 -50.95 74.68
CA UNK F 87 -0.13 -52.23 74.03
C UNK F 87 -0.95 -53.17 74.91
N UNK F 88 -1.85 -53.92 74.29
CA UNK F 88 -2.45 -55.11 74.91
C UNK F 88 -1.54 -56.30 74.64
N UNK F 89 -0.93 -56.85 75.69
CA UNK F 89 0.08 -57.91 75.58
C UNK F 89 -0.53 -59.27 75.91
N UNK F 90 -0.29 -60.27 75.06
CA UNK F 90 -0.75 -61.65 75.21
C UNK F 90 0.39 -62.61 74.89
N UNK F 91 0.65 -63.58 75.77
CA UNK F 91 1.68 -64.61 75.56
C UNK F 91 1.02 -65.98 75.33
N UNK F 92 1.59 -66.76 74.42
CA UNK F 92 1.09 -68.08 74.06
C UNK F 92 2.21 -69.11 74.16
N UNK F 93 2.04 -70.17 74.98
CA UNK F 93 2.98 -71.29 74.98
C UNK F 93 2.96 -72.03 73.63
N UNK F 94 3.96 -72.87 73.35
CA UNK F 94 3.95 -73.73 72.16
C UNK F 94 2.71 -74.61 72.12
N UNK F 95 2.17 -74.85 70.92
CA UNK F 95 1.09 -75.82 70.75
C UNK F 95 1.59 -77.25 70.95
N UNK F 96 0.74 -78.14 71.41
CA UNK F 96 1.03 -79.57 71.53
C UNK F 96 1.43 -80.18 70.19
N UNK F 97 0.81 -79.71 69.10
CA UNK F 97 1.10 -80.15 67.74
C UNK F 97 2.53 -79.77 67.30
N UNK F 98 2.97 -78.55 67.62
CA UNK F 98 4.34 -78.15 67.33
C UNK F 98 5.35 -78.94 68.17
N UNK F 99 5.07 -79.15 69.45
CA UNK F 99 5.92 -79.94 70.33
C UNK F 99 6.08 -81.37 69.82
N UNK F 100 5.03 -81.96 69.27
CA UNK F 100 5.10 -83.29 68.65
C UNK F 100 6.04 -83.32 67.44
N UNK F 101 6.20 -82.20 66.73
CA UNK F 101 7.14 -82.08 65.61
C UNK F 101 8.59 -81.76 66.04
N UNK F 102 8.87 -81.64 67.34
CA UNK F 102 10.21 -81.35 67.86
C UNK F 102 10.58 -79.87 67.93
N UNK F 103 9.67 -78.97 67.60
CA UNK F 103 9.84 -77.52 67.72
C UNK F 103 8.99 -76.92 68.83
N UNK F 104 9.40 -75.74 69.33
CA UNK F 104 8.67 -74.98 70.32
C UNK F 104 8.75 -73.49 70.03
N UNK F 105 7.67 -72.89 69.54
CA UNK F 105 7.56 -71.44 69.36
C UNK F 105 6.67 -70.85 70.43
N UNK F 106 7.22 -69.90 71.20
CA UNK F 106 6.49 -69.06 72.14
C UNK F 106 6.17 -67.76 71.43
N UNK F 107 4.90 -67.35 71.42
CA UNK F 107 4.45 -66.15 70.70
C UNK F 107 3.94 -65.12 71.69
N UNK F 108 4.31 -63.85 71.46
CA UNK F 108 3.81 -62.71 72.19
C UNK F 108 3.23 -61.69 71.21
N UNK F 109 1.95 -61.35 71.38
CA UNK F 109 1.32 -60.27 70.66
C UNK F 109 1.29 -59.00 71.52
N UNK F 110 1.63 -57.88 70.91
CA UNK F 110 1.56 -56.54 71.48
C UNK F 110 0.69 -55.71 70.56
N UNK F 111 -0.59 -55.57 70.90
CA UNK F 111 -1.59 -55.07 69.96
C UNK F 111 -2.09 -53.67 70.33
N UNK F 112 -2.42 -52.89 69.30
CA UNK F 112 -3.13 -51.62 69.36
C UNK F 112 -2.43 -50.55 70.21
N UNK F 113 -1.15 -50.31 69.97
CA UNK F 113 -0.36 -49.30 70.66
C UNK F 113 -0.01 -48.09 69.77
N UNK F 114 0.27 -46.96 70.40
CA UNK F 114 0.80 -45.75 69.74
C UNK F 114 1.63 -44.94 70.74
N UNK F 115 2.81 -44.36 70.34
CA UNK F 115 3.43 -44.40 69.01
C UNK F 115 4.02 -45.77 68.67
N UNK F 116 4.57 -45.92 67.45
CA UNK F 116 5.07 -47.20 66.95
C UNK F 116 6.33 -47.73 67.63
N UNK F 117 7.07 -46.87 68.34
CA UNK F 117 8.31 -47.25 69.00
C UNK F 117 8.00 -48.11 70.24
N UNK F 118 8.43 -49.37 70.18
CA UNK F 118 8.22 -50.34 71.24
C UNK F 118 9.43 -51.28 71.32
N UNK F 119 9.76 -51.75 72.51
CA UNK F 119 10.79 -52.76 72.71
C UNK F 119 10.19 -54.00 73.35
N UNK F 120 10.63 -55.17 72.90
CA UNK F 120 10.25 -56.46 73.46
C UNK F 120 11.51 -57.19 73.93
N UNK F 121 11.43 -57.69 75.15
CA UNK F 121 12.45 -58.54 75.75
C UNK F 121 11.85 -59.89 76.13
N UNK F 122 12.55 -60.96 75.77
CA UNK F 122 12.23 -62.30 76.23
C UNK F 122 13.12 -62.69 77.40
N UNK F 123 12.54 -63.34 78.41
CA UNK F 123 13.27 -63.97 79.50
C UNK F 123 12.86 -65.43 79.63
N UNK F 124 13.85 -66.28 79.85
CA UNK F 124 13.68 -67.70 80.14
C UNK F 124 14.29 -67.95 81.51
N UNK F 125 13.52 -68.40 82.47
CA UNK F 125 13.91 -68.54 83.89
C UNK F 125 14.64 -67.29 84.43
N UNK F 126 14.04 -66.12 84.16
CA UNK F 126 14.64 -64.84 84.62
C UNK F 126 16.03 -64.65 83.99
N UNK F 127 16.14 -64.92 82.69
CA UNK F 127 17.41 -64.72 81.97
C UNK F 127 17.12 -64.23 80.55
N UNK F 128 17.66 -63.08 80.15
CA UNK F 128 17.32 -62.53 78.84
C UNK F 128 17.74 -63.46 77.70
N UNK F 129 16.87 -63.62 76.71
CA UNK F 129 17.10 -64.41 75.51
C UNK F 129 16.87 -63.55 74.27
N UNK F 130 17.90 -63.46 73.40
CA UNK F 130 17.82 -62.74 72.12
C UNK F 130 17.83 -63.70 70.91
N UNK F 131 18.57 -64.80 71.00
CA UNK F 131 18.66 -65.77 69.90
C UNK F 131 17.32 -66.49 69.68
N UNK F 132 16.94 -66.65 68.42
CA UNK F 132 15.70 -67.31 68.02
C UNK F 132 14.46 -66.41 68.09
N UNK F 133 14.63 -65.10 68.31
CA UNK F 133 13.54 -64.13 68.31
C UNK F 133 13.34 -63.56 66.91
N UNK F 134 12.10 -63.61 66.43
CA UNK F 134 11.65 -62.96 65.20
C UNK F 134 10.51 -62.00 65.53
N UNK F 135 10.67 -60.76 65.09
CA UNK F 135 9.69 -59.71 65.31
C UNK F 135 9.06 -59.28 63.98
N UNK F 136 7.78 -58.95 64.02
CA UNK F 136 7.04 -58.41 62.88
C UNK F 136 6.07 -57.33 63.36
N UNK F 137 5.96 -56.25 62.59
CA UNK F 137 5.08 -55.12 62.90
C UNK F 137 4.05 -54.95 61.79
N UNK F 138 2.81 -54.65 62.17
CA UNK F 138 1.75 -54.38 61.17
C UNK F 138 1.69 -52.87 60.91
N UNK F 139 1.46 -52.47 59.65
CA UNK F 139 1.40 -51.02 59.29
C UNK F 139 0.30 -50.34 60.10
N UNK F 140 0.32 -49.00 60.17
CA UNK F 140 -0.67 -48.29 60.96
C UNK F 140 -2.10 -48.73 60.57
N UNK F 141 -2.96 -48.95 61.55
CA UNK F 141 -4.35 -49.32 61.32
C UNK F 141 -5.13 -48.12 60.73
N UNK F 142 -5.94 -48.39 59.71
CA UNK F 142 -6.68 -47.35 59.00
C UNK F 142 -7.90 -46.81 59.76
N UNK F 143 -8.31 -47.45 60.86
CA UNK F 143 -9.50 -47.08 61.65
C UNK F 143 -9.10 -46.40 62.96
N UNK F 144 -8.23 -47.05 63.74
CA UNK F 144 -7.86 -46.56 65.07
C UNK F 144 -6.46 -45.93 65.12
N UNK F 145 -5.73 -45.94 64.00
CA UNK F 145 -4.39 -45.36 63.85
C UNK F 145 -3.33 -45.95 64.78
N UNK F 146 -3.55 -47.16 65.30
CA UNK F 146 -2.58 -47.86 66.14
C UNK F 146 -1.62 -48.74 65.34
N UNK F 147 -0.60 -49.24 66.02
CA UNK F 147 0.30 -50.26 65.51
C UNK F 147 0.14 -51.54 66.32
N UNK F 148 0.53 -52.67 65.75
CA UNK F 148 0.64 -53.94 66.47
C UNK F 148 1.95 -54.62 66.14
N UNK F 149 2.42 -55.47 67.05
CA UNK F 149 3.65 -56.22 66.92
C UNK F 149 3.45 -57.67 67.34
N UNK F 150 4.06 -58.59 66.60
CA UNK F 150 4.23 -59.99 66.99
C UNK F 150 5.70 -60.25 67.26
N UNK F 151 5.99 -60.92 68.38
CA UNK F 151 7.32 -61.44 68.68
C UNK F 151 7.23 -62.94 68.88
N UNK F 152 8.08 -63.70 68.17
CA UNK F 152 8.11 -65.16 68.23
C UNK F 152 9.49 -65.64 68.65
N UNK F 153 9.57 -66.29 69.80
CA UNK F 153 10.77 -66.99 70.27
C UNK F 153 10.66 -68.45 69.85
N UNK F 154 11.55 -68.92 68.97
CA UNK F 154 11.59 -70.32 68.55
C UNK F 154 12.78 -71.03 69.19
N UNK F 155 12.48 -72.15 69.83
CA UNK F 155 13.40 -73.07 70.46
C UNK F 155 13.21 -74.47 69.89
N UNK F 156 14.16 -75.39 70.16
CA UNK F 156 13.89 -76.82 70.04
C UNK F 156 12.99 -77.26 71.19
N UNK F 157 12.28 -78.37 71.02
CA UNK F 157 11.51 -79.00 72.10
C UNK F 157 12.38 -79.28 73.32
N UNK F 158 13.56 -79.86 73.11
CA UNK F 158 14.49 -80.21 74.19
C UNK F 158 14.96 -78.98 74.98
N UNK F 159 15.19 -77.87 74.32
CA UNK F 159 15.56 -76.62 75.00
C UNK F 159 14.37 -76.04 75.76
N UNK F 160 13.18 -76.05 75.16
CA UNK F 160 11.96 -75.60 75.81
C UNK F 160 11.63 -76.39 77.09
N UNK F 161 11.88 -77.70 77.07
CA UNK F 161 11.58 -78.59 78.19
C UNK F 161 12.60 -78.50 79.33
N UNK F 162 13.79 -77.90 79.09
CA UNK F 162 14.80 -77.66 80.14
C UNK F 162 14.49 -76.48 81.05
N UNK F 163 13.58 -75.62 80.65
CA UNK F 163 13.24 -74.40 81.38
C UNK F 163 11.75 -74.40 81.78
N UNK F 164 11.38 -73.52 82.71
CA UNK F 164 10.01 -73.47 83.21
C UNK F 164 9.32 -72.13 82.95
N UNK F 165 9.94 -71.01 83.36
CA UNK F 165 9.35 -69.69 83.24
C UNK F 165 9.69 -69.05 81.89
N UNK F 166 8.68 -68.65 81.14
CA UNK F 166 8.80 -67.91 79.89
C UNK F 166 8.08 -66.58 80.01
N UNK F 167 8.81 -65.48 79.75
CA UNK F 167 8.32 -64.12 79.95
C UNK F 167 8.55 -63.27 78.70
N UNK F 168 7.51 -62.53 78.30
CA UNK F 168 7.55 -61.45 77.33
C UNK F 168 7.36 -60.12 78.06
N UNK F 169 8.34 -59.21 77.95
CA UNK F 169 8.32 -57.87 78.55
C UNK F 169 8.23 -56.82 77.45
N UNK F 170 7.20 -56.01 77.47
CA UNK F 170 7.01 -54.90 76.55
C UNK F 170 7.32 -53.56 77.23
N UNK F 171 8.27 -52.81 76.70
CA UNK F 171 8.59 -51.44 77.13
C UNK F 171 8.08 -50.47 76.08
N UNK F 172 7.21 -49.57 76.50
CA UNK F 172 6.56 -48.58 75.64
C UNK F 172 6.46 -47.24 76.37
N UNK F 173 6.44 -46.13 75.61
CA UNK F 173 6.38 -44.76 76.14
C UNK F 173 5.25 -44.53 77.16
N UNK F 174 4.16 -45.25 77.05
CA UNK F 174 2.96 -45.10 77.89
C UNK F 174 3.13 -45.54 79.35
N UNK F 175 4.22 -46.24 79.68
CA UNK F 175 4.49 -46.67 81.05
C UNK F 175 6.00 -46.68 81.34
N UNK F 176 6.36 -46.27 82.56
CA UNK F 176 7.75 -46.38 83.03
C UNK F 176 8.13 -47.83 83.37
N UNK F 177 7.15 -48.65 83.78
CA UNK F 177 7.34 -50.07 84.05
C UNK F 177 6.99 -50.90 82.81
N UNK F 178 7.75 -51.96 82.50
CA UNK F 178 7.39 -52.88 81.44
C UNK F 178 6.04 -53.56 81.70
N UNK F 179 5.30 -53.82 80.64
CA UNK F 179 4.13 -54.73 80.69
C UNK F 179 4.67 -56.15 80.55
N UNK F 180 4.48 -56.95 81.59
CA UNK F 180 5.03 -58.30 81.69
C UNK F 180 3.91 -59.32 81.53
N UNK F 181 4.10 -60.30 80.63
CA UNK F 181 3.26 -61.49 80.52
C UNK F 181 4.13 -62.74 80.55
N UNK F 182 3.74 -63.69 81.40
CA UNK F 182 4.50 -64.90 81.65
C UNK F 182 3.60 -66.12 81.72
N UNK F 183 4.20 -67.29 81.52
CA UNK F 183 3.61 -68.58 81.88
C UNK F 183 4.70 -69.51 82.38
N UNK F 184 4.31 -70.53 83.18
CA UNK F 184 5.17 -71.63 83.58
C UNK F 184 4.82 -72.86 82.75
N UNK F 185 5.84 -73.50 82.15
CA UNK F 185 5.65 -74.69 81.31
C UNK F 185 4.93 -75.81 82.05
N UNK F 186 5.25 -76.00 83.33
CA UNK F 186 4.67 -77.06 84.16
C UNK F 186 3.17 -76.90 84.41
N UNK F 187 2.62 -75.68 84.24
CA UNK F 187 1.20 -75.41 84.37
C UNK F 187 0.43 -75.62 83.05
N UNK F 188 1.16 -75.78 81.93
CA UNK F 188 0.58 -75.98 80.60
C UNK F 188 0.42 -77.46 80.21
N UNK F 189 1.00 -78.37 80.98
CA UNK F 189 1.03 -79.80 80.68
C UNK F 189 -0.13 -80.60 81.28
N UNK F 190 -0.95 -79.97 82.09
CA UNK F 190 -2.12 -80.59 82.69
C UNK F 190 -3.39 -80.35 81.87
N UNK G 1 27.59 5.85 58.64
CA UNK G 1 27.77 6.11 57.22
C UNK G 1 28.30 7.53 57.00
N UNK G 2 29.32 7.65 56.16
CA UNK G 2 29.95 8.92 55.84
C UNK G 2 30.10 9.08 54.33
N UNK G 3 29.98 10.31 53.88
CA UNK G 3 30.20 10.71 52.49
C UNK G 3 31.12 11.94 52.50
N UNK G 4 32.29 11.81 51.88
CA UNK G 4 33.29 12.87 51.82
C UNK G 4 33.47 13.34 50.39
N UNK G 5 33.14 14.60 50.13
CA UNK G 5 33.26 15.20 48.80
C UNK G 5 34.63 15.83 48.57
N UNK G 6 34.97 16.02 47.32
CA UNK G 6 36.16 16.78 46.89
C UNK G 6 36.08 18.25 47.31
N UNK G 7 37.21 18.94 47.27
CA UNK G 7 37.32 20.35 47.62
C UNK G 7 36.65 21.30 46.63
N UNK G 8 36.58 22.58 46.98
CA UNK G 8 36.01 23.61 46.14
C UNK G 8 36.76 23.75 44.80
N UNK G 9 36.00 24.05 43.74
CA UNK G 9 36.50 24.12 42.37
C UNK G 9 36.23 25.50 41.75
N UNK G 10 37.24 26.04 41.10
CA UNK G 10 37.09 27.19 40.19
C UNK G 10 37.22 26.71 38.75
N UNK G 11 36.17 26.91 37.97
CA UNK G 11 36.08 26.42 36.60
C UNK G 11 35.77 27.58 35.65
N UNK G 12 36.40 27.59 34.49
CA UNK G 12 36.13 28.60 33.47
C UNK G 12 34.80 28.31 32.78
N UNK G 13 34.05 29.33 32.34
CA UNK G 13 32.89 29.15 31.47
C UNK G 13 33.22 28.28 30.26
N UNK G 14 32.33 27.33 29.92
CA UNK G 14 32.50 26.36 28.83
C UNK G 14 33.33 25.12 29.20
N UNK G 15 34.08 25.14 30.29
CA UNK G 15 34.86 23.99 30.72
C UNK G 15 33.99 22.92 31.42
N UNK G 16 34.63 21.81 31.80
CA UNK G 16 34.02 20.74 32.58
C UNK G 16 34.70 20.59 33.94
N UNK G 17 33.98 20.06 34.90
CA UNK G 17 34.51 19.70 36.24
C UNK G 17 34.05 18.29 36.59
N UNK G 18 34.88 17.55 37.33
CA UNK G 18 34.52 16.23 37.86
C UNK G 18 34.60 16.27 39.38
N UNK G 19 33.45 16.15 40.03
CA UNK G 19 33.32 16.12 41.48
C UNK G 19 33.37 14.66 41.96
N UNK G 20 33.96 14.43 43.13
CA UNK G 20 34.01 13.11 43.75
C UNK G 20 33.26 13.07 45.09
N UNK G 21 32.74 11.90 45.43
CA UNK G 21 32.08 11.61 46.69
C UNK G 21 32.51 10.22 47.16
N UNK G 22 33.48 10.18 48.10
CA UNK G 22 33.95 8.94 48.71
C UNK G 22 33.02 8.54 49.85
N UNK G 23 32.60 7.28 49.86
CA UNK G 23 31.67 6.75 50.84
C UNK G 23 32.33 5.74 51.77
N UNK G 24 31.79 5.62 52.99
CA UNK G 24 32.21 4.61 53.98
C UNK G 24 31.08 4.31 54.96
N UNK G 25 31.20 3.20 55.71
CA UNK G 25 30.24 2.84 56.77
C UNK G 25 28.91 2.24 56.29
N UNK G 26 28.73 2.02 54.99
CA UNK G 26 27.60 1.30 54.42
C UNK G 26 28.01 0.56 53.13
N UNK G 27 21.93 3.76 46.26
CA UNK G 27 21.62 4.84 45.32
C UNK G 27 22.35 6.09 45.78
N UNK G 28 23.33 6.54 45.00
CA UNK G 28 24.05 7.79 45.26
C UNK G 28 23.41 8.90 44.44
N UNK G 29 22.83 9.85 45.14
CA UNK G 29 22.14 10.99 44.57
C UNK G 29 23.06 12.20 44.53
N UNK G 30 22.85 13.07 43.55
CA UNK G 30 23.51 14.35 43.46
C UNK G 30 22.47 15.46 43.44
N UNK G 31 22.73 16.51 44.19
CA UNK G 31 21.84 17.66 44.34
C UNK G 31 22.63 18.96 44.18
N UNK G 32 21.95 19.98 43.62
CA UNK G 32 22.46 21.34 43.47
C UNK G 32 21.74 22.27 44.43
N UNK G 33 22.46 23.18 45.05
CA UNK G 33 21.87 24.26 45.85
C UNK G 33 22.63 25.57 45.59
N UNK G 34 21.93 26.55 45.02
CA UNK G 34 22.46 27.91 44.93
C UNK G 34 22.33 28.62 46.29
N UNK G 35 23.20 29.59 46.62
CA UNK G 35 23.10 30.35 47.85
C UNK G 35 21.70 30.94 48.07
N UNK G 36 21.13 30.70 49.25
CA UNK G 36 19.79 31.18 49.62
C UNK G 36 18.62 30.53 48.87
N UNK G 37 18.86 29.52 48.03
CA UNK G 37 17.83 28.81 47.29
C UNK G 37 17.55 27.41 47.87
N UNK G 38 16.46 26.80 47.41
CA UNK G 38 16.12 25.42 47.70
C UNK G 38 17.06 24.44 46.98
N UNK G 39 16.93 23.14 47.28
CA UNK G 39 17.67 22.09 46.62
C UNK G 39 16.99 21.69 45.30
N UNK G 40 17.82 21.34 44.31
CA UNK G 40 17.40 20.75 43.04
C UNK G 40 18.10 19.39 42.90
N UNK G 41 17.31 18.33 42.72
CA UNK G 41 17.83 17.00 42.47
C UNK G 41 18.33 16.90 41.03
N UNK G 42 19.53 16.38 40.84
CA UNK G 42 20.19 16.25 39.54
C UNK G 42 19.96 14.87 38.97
N UNK G 43 20.36 13.85 39.71
CA UNK G 43 20.32 12.46 39.27
C UNK G 43 20.62 11.51 40.44
N UNK G 44 20.36 10.21 40.23
CA UNK G 44 20.94 9.15 41.04
C UNK G 44 21.68 8.13 40.17
N UNK G 45 22.65 7.43 40.78
CA UNK G 45 23.31 6.23 40.24
C UNK G 45 23.18 5.11 41.27
N UNK G 46 22.78 3.91 40.83
CA UNK G 46 22.85 2.70 41.63
C UNK G 46 24.24 2.09 41.50
N UNK G 47 21.42 4.51 36.08
CA UNK G 47 21.23 5.93 36.36
C UNK G 47 19.80 6.40 36.07
N UNK G 48 19.38 7.45 36.74
CA UNK G 48 18.22 8.24 36.37
C UNK G 48 18.52 9.71 36.56
N UNK G 49 18.36 10.56 35.53
CA UNK G 49 18.85 11.96 35.69
C UNK G 49 17.81 13.04 35.39
N UNK G 50 17.95 14.23 36.01
CA UNK G 50 17.03 15.37 35.82
C UNK G 50 16.86 15.69 34.33
N UNK G 51 15.65 15.49 33.79
CA UNK G 51 15.41 15.86 32.38
C UNK G 51 16.14 17.18 32.19
N UNK G 52 16.25 17.96 33.27
CA UNK G 52 17.03 19.21 33.20
C UNK G 52 18.51 18.87 33.01
N UNK G 53 19.08 17.98 33.84
CA UNK G 53 20.53 17.68 33.77
C UNK G 53 20.83 16.37 33.04
N UNK G 54 20.29 16.16 31.83
CA UNK G 54 20.64 14.99 31.02
C UNK G 54 21.86 15.21 30.13
N UNK G 55 21.95 16.36 29.46
CA UNK G 55 23.07 16.69 28.57
C UNK G 55 24.26 17.33 29.29
N UNK G 56 24.16 17.51 30.60
CA UNK G 56 25.12 18.29 31.39
C UNK G 56 25.83 17.49 32.47
N UNK G 57 25.11 16.60 33.12
CA UNK G 57 25.63 15.75 34.17
C UNK G 57 25.88 14.33 33.65
N UNK G 58 27.02 13.75 34.01
CA UNK G 58 27.32 12.34 33.81
C UNK G 58 27.76 11.73 35.13
N UNK G 59 27.01 10.75 35.61
CA UNK G 59 27.34 10.02 36.83
C UNK G 59 28.16 8.77 36.51
N UNK G 60 29.16 8.50 37.32
CA UNK G 60 29.96 7.28 37.28
C UNK G 60 30.31 6.85 38.69
N UNK G 61 30.73 5.59 38.86
CA UNK G 61 31.23 5.07 40.14
C UNK G 61 32.55 4.36 39.96
N UNK G 62 33.35 4.32 41.01
CA UNK G 62 34.47 3.39 41.18
C UNK G 62 34.20 2.55 42.42
N UNK G 63 33.81 1.30 42.19
CA UNK G 63 33.47 0.35 43.25
C UNK G 63 34.69 -0.03 44.10
N UNK G 64 35.90 -0.01 43.52
CA UNK G 64 37.13 -0.39 44.22
C UNK G 64 37.47 0.60 45.35
N UNK G 65 37.19 1.88 45.14
CA UNK G 65 37.40 2.95 46.12
C UNK G 65 36.12 3.40 46.83
N UNK G 66 34.97 2.79 46.53
CA UNK G 66 33.64 3.20 47.02
C UNK G 66 33.36 4.68 46.76
N UNK G 67 33.72 5.15 45.56
CA UNK G 67 33.63 6.57 45.22
C UNK G 67 32.66 6.78 44.06
N UNK G 68 31.73 7.71 44.24
CA UNK G 68 30.87 8.19 43.17
C UNK G 68 31.44 9.49 42.58
N UNK G 69 31.21 9.69 41.29
CA UNK G 69 31.64 10.87 40.57
C UNK G 69 30.48 11.49 39.80
N UNK G 70 30.49 12.82 39.71
CA UNK G 70 29.64 13.57 38.80
C UNK G 70 30.51 14.48 37.95
N UNK G 71 30.48 14.29 36.65
CA UNK G 71 31.07 15.23 35.70
C UNK G 71 30.00 16.20 35.22
N UNK G 72 30.29 17.49 35.29
CA UNK G 72 29.50 18.55 34.69
C UNK G 72 30.26 19.14 33.51
N UNK G 73 29.57 19.31 32.39
CA UNK G 73 30.12 19.82 31.14
C UNK G 73 29.48 21.16 30.73
N UNK G 74 30.16 21.89 29.87
CA UNK G 74 29.67 23.15 29.29
C UNK G 74 29.17 24.14 30.36
N UNK G 75 29.98 24.33 31.39
CA UNK G 75 29.59 25.11 32.56
C UNK G 75 29.34 26.58 32.24
N UNK G 76 28.32 27.12 32.86
CA UNK G 76 27.96 28.54 32.81
C UNK G 76 27.96 29.14 34.21
N UNK G 77 27.88 30.46 34.32
CA UNK G 77 27.77 31.11 35.64
C UNK G 77 26.56 30.64 36.44
N UNK G 78 25.49 30.16 35.77
CA UNK G 78 24.32 29.61 36.43
C UNK G 78 24.59 28.26 37.12
N UNK G 79 25.69 27.59 36.78
CA UNK G 79 26.12 26.35 37.44
C UNK G 79 26.93 26.60 38.72
N UNK G 80 27.22 27.85 39.06
CA UNK G 80 27.84 28.21 40.34
C UNK G 80 26.87 27.89 41.48
N UNK G 81 27.23 26.90 42.29
CA UNK G 81 26.39 26.37 43.35
C UNK G 81 27.21 25.47 44.29
N UNK G 82 26.61 25.10 45.42
CA UNK G 82 27.05 23.95 46.20
C UNK G 82 26.41 22.70 45.62
N UNK G 83 27.21 21.69 45.35
CA UNK G 83 26.77 20.36 44.94
C UNK G 83 26.94 19.38 46.08
N UNK G 84 25.87 18.66 46.42
CA UNK G 84 25.94 17.75 47.59
C UNK G 84 25.60 16.31 47.18
N UNK G 85 26.42 15.35 47.61
CA UNK G 85 26.13 13.93 47.32
C UNK G 85 25.35 13.33 48.50
N UNK G 86 24.31 12.53 48.23
CA UNK G 86 23.49 11.99 49.29
C UNK G 86 23.15 10.52 49.03
N UNK G 87 23.05 9.74 50.10
CA UNK G 87 22.59 8.35 50.04
C UNK G 87 21.19 8.24 50.58
N UNK G 88 22.16 10.13 54.56
CA UNK G 88 23.57 10.51 54.57
C UNK G 88 23.85 11.54 53.50
N UNK G 89 24.63 12.55 53.84
CA UNK G 89 25.01 13.66 52.98
C UNK G 89 26.51 13.87 53.02
N UNK G 90 27.10 14.19 51.87
CA UNK G 90 28.56 14.43 51.79
C UNK G 90 28.89 15.82 52.33
N UNK G 91 30.17 16.20 52.29
CA UNK G 91 30.59 17.54 52.75
C UNK G 91 30.20 18.58 51.69
N UNK G 92 29.60 18.14 50.58
CA UNK G 92 29.20 19.06 49.48
C UNK G 92 30.45 19.61 48.80
N UNK G 93 30.27 20.49 47.80
CA UNK G 93 31.43 21.03 47.05
C UNK G 93 31.02 22.33 46.35
N UNK G 94 31.60 23.47 46.78
CA UNK G 94 31.34 24.73 46.11
C UNK G 94 32.01 24.74 44.74
N UNK G 95 31.22 24.90 43.68
CA UNK G 95 31.71 25.12 42.32
C UNK G 95 31.46 26.58 41.96
N UNK G 96 32.52 27.28 41.59
CA UNK G 96 32.46 28.65 41.10
C UNK G 96 32.83 28.65 39.61
N UNK G 97 31.92 29.09 38.75
CA UNK G 97 32.17 29.23 37.32
C UNK G 97 32.47 30.69 37.00
N UNK G 98 33.74 30.98 36.71
CA UNK G 98 34.21 32.34 36.45
C UNK G 98 35.48 32.33 35.60
N UNK G 99 35.66 33.39 34.82
CA UNK G 99 36.90 33.65 34.10
C UNK G 99 37.99 34.32 34.96
N UNK G 100 37.63 34.79 36.16
CA UNK G 100 38.57 35.43 37.07
C UNK G 100 39.65 34.45 37.55
N UNK G 101 40.81 34.99 37.95
CA UNK G 101 41.94 34.18 38.35
C UNK G 101 41.90 33.88 39.85
N UNK G 102 42.35 32.69 40.21
CA UNK G 102 42.64 32.35 41.61
C UNK G 102 43.64 33.36 42.17
N UNK G 103 43.28 33.97 43.29
CA UNK G 103 44.12 34.96 43.99
C UNK G 103 44.16 34.60 45.47
N UNK G 104 45.33 34.41 46.07
CA UNK G 104 45.43 34.12 47.51
C UNK G 104 45.07 35.35 48.34
N UNK G 105 44.48 35.14 49.52
CA UNK G 105 43.99 36.29 50.33
C UNK G 105 45.11 36.92 51.14
N UNK G 106 45.02 38.24 51.38
CA UNK G 106 46.01 38.92 52.25
C UNK G 106 45.43 38.93 53.67
N UNK G 107 46.21 38.50 54.66
CA UNK G 107 45.67 38.38 56.03
C UNK G 107 46.29 39.45 56.92
N UNK G 108 45.46 40.34 57.46
CA UNK G 108 45.88 41.43 58.31
C UNK G 108 45.33 41.27 59.73
N UNK G 109 46.18 41.43 60.77
CA UNK G 109 45.73 41.38 62.15
C UNK G 109 44.93 42.64 62.52
N UNK G 110 42.06 49.28 75.98
CA UNK G 110 42.40 48.14 76.85
C UNK G 110 41.66 48.07 78.20
N UNK G 111 40.76 49.01 78.54
CA UNK G 111 40.22 49.11 79.91
C UNK G 111 39.07 48.14 80.24
N UNK G 112 38.55 47.39 79.26
CA UNK G 112 37.42 46.50 79.49
C UNK G 112 37.87 45.10 79.93
N UNK G 113 36.99 44.39 80.65
CA UNK G 113 37.23 43.00 81.09
C UNK G 113 37.33 41.99 79.94
N UNK G 114 36.77 42.35 78.77
CA UNK G 114 36.83 41.58 77.54
C UNK G 114 37.52 42.41 76.46
N UNK G 115 38.31 41.76 75.62
CA UNK G 115 38.95 42.36 74.46
C UNK G 115 38.50 41.65 73.19
N UNK G 116 38.12 42.44 72.18
CA UNK G 116 37.82 41.94 70.85
C UNK G 116 39.03 42.10 69.95
N UNK G 117 39.40 41.04 69.27
CA UNK G 117 40.45 40.96 68.25
C UNK G 117 39.82 40.56 66.92
N UNK G 118 40.57 40.66 65.84
CA UNK G 118 40.08 40.18 64.56
C UNK G 118 41.20 39.86 63.56
N UNK G 119 40.79 39.25 62.46
CA UNK G 119 41.59 39.12 61.25
C UNK G 119 40.79 39.57 60.04
N UNK G 120 41.41 40.40 59.21
CA UNK G 120 40.87 40.82 57.92
C UNK G 120 41.52 39.98 56.83
N UNK G 121 40.70 39.27 56.05
CA UNK G 121 41.11 38.38 54.97
C UNK G 121 40.67 39.04 53.67
N UNK G 122 41.61 39.68 52.97
CA UNK G 122 41.31 40.61 51.90
C UNK G 122 41.86 40.16 50.54
N UNK G 123 41.06 40.37 49.49
CA UNK G 123 41.51 40.30 48.11
C UNK G 123 41.78 38.89 47.62
N UNK G 124 40.91 37.94 47.93
CA UNK G 124 41.03 36.56 47.47
C UNK G 124 39.95 36.17 46.46
N UNK G 125 40.18 35.08 45.72
CA UNK G 125 39.15 34.58 44.78
C UNK G 125 39.58 33.22 44.20
N UNK G 126 38.76 32.15 44.33
CA UNK G 126 37.35 32.32 44.71
C UNK G 126 37.05 31.68 46.07
N UNK G 127 35.86 31.91 46.62
CA UNK G 127 35.47 31.34 47.94
C UNK G 127 35.42 29.81 47.85
N UNK G 128 35.27 29.05 48.97
CA UNK G 128 35.32 29.63 50.33
C UNK G 128 36.64 29.59 51.12
N UNK G 129 36.87 30.59 51.98
CA UNK G 129 38.04 30.72 52.88
C UNK G 129 37.62 30.34 54.31
N UNK G 130 38.40 29.48 54.96
CA UNK G 130 38.09 29.06 56.33
C UNK G 130 38.95 29.83 57.32
N UNK G 131 38.35 30.27 58.43
CA UNK G 131 39.05 30.94 59.52
C UNK G 131 38.79 30.18 60.82
N UNK G 132 39.86 29.82 61.52
CA UNK G 132 39.81 29.30 62.89
C UNK G 132 40.66 30.18 63.80
N UNK G 133 40.49 30.02 65.11
CA UNK G 133 41.27 30.72 66.12
C UNK G 133 41.94 29.71 67.04
N UNK G 134 43.23 29.87 67.26
CA UNK G 134 44.08 28.93 68.00
C UNK G 134 43.88 27.47 67.54
N UNK G 135 44.14 27.22 66.25
CA UNK G 135 44.05 25.85 65.73
C UNK G 135 42.64 25.29 65.94
N UNK G 136 41.63 26.07 65.54
CA UNK G 136 40.22 25.60 65.67
C UNK G 136 39.93 25.24 67.12
N UNK G 137 40.60 25.87 68.09
CA UNK G 137 40.25 25.64 69.51
C UNK G 137 39.32 26.78 69.92
N UNK G 138 39.89 27.91 70.34
CA UNK G 138 39.10 29.10 70.63
C UNK G 138 37.92 29.18 69.64
N UNK G 139 36.75 28.73 70.10
CA UNK G 139 35.52 28.67 69.29
C UNK G 139 34.36 29.47 69.85
N UNK G 140 34.36 29.77 71.16
CA UNK G 140 33.39 30.64 71.79
C UNK G 140 33.72 32.11 71.52
N UNK G 141 32.69 32.94 71.31
CA UNK G 141 32.87 34.37 71.07
C UNK G 141 33.50 34.70 69.72
N UNK G 142 33.45 33.77 68.76
CA UNK G 142 33.94 33.96 67.39
C UNK G 142 32.76 34.33 66.48
N UNK G 143 32.95 35.37 65.68
CA UNK G 143 32.06 35.73 64.57
C UNK G 143 32.89 35.82 63.29
N UNK G 144 32.65 34.88 62.37
CA UNK G 144 33.20 34.96 61.01
C UNK G 144 32.11 35.46 60.08
N UNK G 145 32.33 36.63 59.49
CA UNK G 145 31.35 37.29 58.66
C UNK G 145 31.36 36.72 57.24
N UNK G 146 30.20 36.68 56.55
CA UNK G 146 30.15 36.32 55.14
C UNK G 146 31.07 37.21 54.29
N UNK G 147 31.69 36.61 53.28
CA UNK G 147 32.53 37.33 52.35
C UNK G 147 31.71 38.30 51.47
N UNK G 148 32.31 39.46 51.16
CA UNK G 148 31.73 40.44 50.24
C UNK G 148 32.63 40.52 49.01
N UNK G 149 32.01 40.41 47.83
CA UNK G 149 32.71 40.53 46.55
C UNK G 149 32.82 42.01 46.15
N UNK G 150 34.05 42.44 45.83
CA UNK G 150 34.33 43.77 45.28
C UNK G 150 35.43 43.68 44.24
N UNK G 151 35.16 44.14 43.02
CA UNK G 151 36.14 44.13 41.91
C UNK G 151 36.76 42.74 41.68
N UNK G 152 35.91 41.71 41.58
CA UNK G 152 36.28 40.30 41.39
C UNK G 152 37.12 39.67 42.52
N UNK G 153 37.21 40.33 43.66
CA UNK G 153 37.92 39.82 44.83
C UNK G 153 37.02 39.84 46.06
N UNK G 154 37.07 38.77 46.84
CA UNK G 154 36.37 38.66 48.11
C UNK G 154 37.14 39.31 49.25
N UNK G 155 36.41 39.85 50.20
CA UNK G 155 36.93 40.28 51.50
C UNK G 155 36.05 39.73 52.60
N UNK G 156 36.67 39.11 53.59
CA UNK G 156 36.02 38.53 54.76
C UNK G 156 36.73 39.03 56.02
N UNK G 157 36.02 39.12 57.13
CA UNK G 157 36.62 39.37 58.44
C UNK G 157 36.12 38.33 59.45
N UNK G 158 36.93 38.06 60.47
CA UNK G 158 36.54 37.28 61.63
C UNK G 158 36.93 38.03 62.89
N UNK G 159 36.03 38.08 63.88
CA UNK G 159 36.31 38.61 65.20
C UNK G 159 36.31 37.51 66.25
N UNK G 160 37.11 37.68 67.29
CA UNK G 160 37.08 36.87 68.50
C UNK G 160 37.12 37.77 69.73
N UNK G 161 36.31 37.43 70.73
CA UNK G 161 36.28 38.16 72.00
C UNK G 161 36.77 37.23 73.11
N UNK G 162 37.79 37.67 73.83
CA UNK G 162 38.45 36.91 74.91
C UNK G 162 38.55 37.78 76.16
N UNK G 163 38.71 37.19 77.37
CA UNK G 163 39.00 37.96 78.58
C UNK G 163 40.31 38.74 78.43
N UNK G 164 40.35 39.98 78.91
CA UNK G 164 41.57 40.81 78.89
C UNK G 164 42.71 40.20 79.74
N UNK G 165 42.40 39.30 80.65
CA UNK G 165 43.40 38.54 81.42
C UNK G 165 44.13 37.48 80.59
N UNK G 166 43.60 37.07 79.43
CA UNK G 166 44.19 36.03 78.59
C UNK G 166 44.98 36.59 77.41
N UNK G 167 44.72 37.83 77.00
CA UNK G 167 45.47 38.48 75.93
C UNK G 167 45.97 39.87 76.38
N UNK G 168 47.24 40.22 76.14
CA UNK G 168 48.23 39.50 75.33
C UNK G 168 49.11 38.49 76.06
N UNK G 169 48.82 38.17 77.33
CA UNK G 169 49.63 37.21 78.10
C UNK G 169 49.63 35.81 77.48
N UNK G 170 48.51 35.42 76.90
CA UNK G 170 48.38 34.21 76.11
C UNK G 170 48.32 34.53 74.61
N UNK G 171 48.79 33.59 73.80
CA UNK G 171 48.81 33.77 72.34
C UNK G 171 47.42 33.57 71.75
N UNK G 172 46.98 34.53 70.95
CA UNK G 172 45.81 34.41 70.08
C UNK G 172 46.28 34.49 68.63
N UNK G 173 45.92 33.49 67.82
CA UNK G 173 46.31 33.37 66.42
C UNK G 173 45.08 33.06 65.58
N UNK G 174 44.86 33.78 64.49
CA UNK G 174 43.90 33.34 63.48
C UNK G 174 44.59 32.46 62.45
N UNK G 175 43.95 31.35 62.10
CA UNK G 175 44.41 30.42 61.08
C UNK G 175 43.48 30.57 59.87
N UNK G 176 44.04 31.01 58.75
CA UNK G 176 43.28 31.24 57.52
C UNK G 176 43.73 30.22 56.48
N UNK G 177 42.77 29.50 55.89
CA UNK G 177 43.04 28.60 54.78
C UNK G 177 42.20 28.99 53.56
N UNK G 178 42.85 29.06 52.39
CA UNK G 178 42.22 29.25 51.09
C UNK G 178 42.54 28.06 50.19
N UNK G 179 41.66 27.03 50.14
CA UNK G 179 41.93 25.78 49.45
C UNK G 179 42.27 25.95 47.97
N UNK G 180 41.56 26.83 47.28
CA UNK G 180 41.74 27.03 45.84
C UNK G 180 43.16 27.51 45.43
N UNK G 181 43.87 28.21 46.31
CA UNK G 181 45.27 28.60 46.09
C UNK G 181 46.27 27.77 46.93
N UNK G 182 45.80 26.72 47.60
CA UNK G 182 46.58 25.93 48.55
C UNK G 182 47.28 26.78 49.64
N UNK G 183 46.68 27.93 50.00
CA UNK G 183 47.27 28.88 50.95
C UNK G 183 46.80 28.58 52.36
N UNK G 184 47.75 28.56 53.31
CA UNK G 184 47.51 28.56 54.75
C UNK G 184 48.34 29.66 55.38
N UNK G 185 47.71 30.51 56.19
CA UNK G 185 48.38 31.63 56.87
C UNK G 185 47.95 31.62 58.33
N UNK G 186 48.93 31.62 59.23
CA UNK G 186 48.72 31.82 60.64
C UNK G 186 49.16 33.24 61.02
N UNK G 187 48.25 34.01 61.62
CA UNK G 187 48.51 35.40 62.00
C UNK G 187 48.34 35.57 63.49
N UNK G 188 49.46 35.72 64.19
CA UNK G 188 49.47 36.03 65.62
C UNK G 188 48.99 37.46 65.86
N UNK G 189 48.05 37.64 66.79
CA UNK G 189 47.57 38.94 67.22
C UNK G 189 48.51 39.47 68.30
N UNK G 190 49.20 40.57 67.99
CA UNK G 190 50.10 41.28 68.92
C UNK G 190 49.54 42.67 69.22
N UNK G 191 49.77 43.23 70.42
CA UNK G 191 49.42 44.60 70.71
C UNK G 191 50.06 45.58 69.71
N UNK G 192 49.39 46.70 69.45
CA UNK G 192 49.98 47.77 68.63
C UNK G 192 51.10 48.46 69.41
N UNK G 193 52.16 48.87 68.71
CA UNK G 193 53.30 49.57 69.32
C UNK G 193 54.33 48.66 70.01
N UNK G 194 54.12 47.35 70.00
CA UNK G 194 55.11 46.35 70.42
C UNK G 194 56.03 45.90 69.30
N UNK H 1 2.54 26.61 42.80
CA UNK H 1 2.25 26.72 44.22
C UNK H 1 2.42 28.18 44.66
N UNK H 2 1.34 28.80 45.11
CA UNK H 2 1.36 30.20 45.54
C UNK H 2 1.18 30.27 47.06
N UNK H 3 2.14 30.86 47.77
CA UNK H 3 2.06 31.08 49.21
C UNK H 3 1.76 32.53 49.58
N UNK H 4 1.01 32.70 50.66
CA UNK H 4 0.72 34.02 51.21
C UNK H 4 0.59 33.99 52.73
N UNK H 5 1.03 35.05 53.46
CA UNK H 5 1.83 36.16 52.95
C UNK H 5 3.27 35.71 52.62
N UNK H 6 4.06 36.56 52.00
CA UNK H 6 5.50 36.29 51.79
C UNK H 6 6.31 36.41 53.08
N UNK H 7 5.86 37.28 53.98
CA UNK H 7 6.43 37.43 55.32
C UNK H 7 5.36 37.83 56.33
N UNK H 8 5.57 37.49 57.59
CA UNK H 8 4.74 37.94 58.69
C UNK H 8 5.59 38.04 59.96
N UNK H 9 5.23 38.97 60.84
CA UNK H 9 5.91 39.20 62.11
C UNK H 9 4.89 39.17 63.26
N UNK H 10 5.14 38.32 64.25
CA UNK H 10 4.24 38.08 65.39
C UNK H 10 4.98 38.00 66.70
N UNK H 11 4.31 38.34 67.78
CA UNK H 11 4.83 38.16 69.14
C UNK H 11 4.75 36.68 69.53
N UNK H 12 5.71 36.20 70.32
CA UNK H 12 5.63 34.86 70.89
C UNK H 12 4.33 34.70 71.69
N UNK H 13 3.68 33.55 71.57
CA UNK H 13 2.36 33.28 72.13
C UNK H 13 1.19 33.53 71.18
N UNK H 14 1.37 34.32 70.13
CA UNK H 14 0.32 34.59 69.15
C UNK H 14 0.07 33.41 68.21
N UNK H 15 -1.10 33.43 67.56
CA UNK H 15 -1.47 32.49 66.51
C UNK H 15 -1.13 33.08 65.14
N UNK H 16 -0.53 32.26 64.27
CA UNK H 16 -0.30 32.63 62.87
C UNK H 16 -0.96 31.65 61.92
N UNK H 17 -1.30 32.15 60.75
CA UNK H 17 -1.88 31.36 59.67
C UNK H 17 -1.20 31.72 58.36
N UNK H 18 -0.71 30.70 57.66
CA UNK H 18 -0.06 30.79 56.35
C UNK H 18 -0.91 30.01 55.35
N UNK H 19 -1.06 30.52 54.13
CA UNK H 19 -1.84 29.89 53.08
C UNK H 19 -0.96 29.40 51.95
N UNK H 20 -1.40 28.32 51.30
CA UNK H 20 -0.80 27.77 50.10
C UNK H 20 -1.90 27.39 49.12
N UNK H 21 -1.79 27.84 47.89
CA UNK H 21 -2.74 27.53 46.82
C UNK H 21 -2.01 26.85 45.67
N UNK H 22 -2.55 25.72 45.20
CA UNK H 22 -2.08 25.04 43.99
C UNK H 22 -2.92 25.41 42.77
N UNK H 23 2.73 18.70 51.02
CA UNK H 23 3.64 18.72 52.17
C UNK H 23 4.00 20.14 52.56
N UNK H 24 4.24 20.35 53.87
CA UNK H 24 4.80 21.56 54.42
C UNK H 24 6.19 21.28 54.99
N UNK H 25 7.10 22.20 54.75
CA UNK H 25 8.47 22.15 55.27
C UNK H 25 8.77 23.39 56.11
N UNK H 26 9.58 23.19 57.15
CA UNK H 26 10.24 24.26 57.89
C UNK H 26 11.71 24.31 57.47
N UNK H 27 12.21 25.47 57.05
CA UNK H 27 13.63 25.69 56.81
C UNK H 27 14.15 26.80 57.72
N UNK H 28 15.07 26.43 58.62
CA UNK H 28 15.82 27.38 59.45
C UNK H 28 17.07 27.82 58.70
N UNK H 29 17.60 28.99 59.07
CA UNK H 29 18.80 29.54 58.44
C UNK H 29 19.98 28.55 58.50
N UNK H 30 20.68 28.42 57.37
CA UNK H 30 21.85 27.55 57.25
C UNK H 30 21.56 26.04 57.37
N UNK H 31 20.29 25.63 57.36
CA UNK H 31 19.90 24.22 57.46
C UNK H 31 19.10 23.78 56.23
N UNK H 32 19.13 22.48 55.89
CA UNK H 32 18.19 21.94 54.92
C UNK H 32 16.75 22.07 55.44
N UNK H 33 15.75 22.02 54.54
CA UNK H 33 14.36 21.90 54.94
C UNK H 33 14.12 20.65 55.79
N UNK H 34 13.11 20.72 56.67
CA UNK H 34 12.60 19.57 57.43
C UNK H 34 11.12 19.38 57.12
N UNK H 35 10.72 18.15 56.81
CA UNK H 35 9.31 17.83 56.65
C UNK H 35 8.57 18.08 57.96
N UNK H 36 7.52 18.90 57.89
CA UNK H 36 6.69 19.30 59.01
C UNK H 36 5.35 18.57 58.98
N UNK H 37 4.69 18.62 57.83
CA UNK H 37 3.35 18.05 57.60
C UNK H 37 3.34 17.43 56.20
N UNK H 38 1.05 15.42 60.79
CA UNK H 38 2.33 15.87 61.34
C UNK H 38 3.37 14.77 61.31
N UNK H 39 4.61 15.11 61.02
CA UNK H 39 5.75 14.25 61.32
C UNK H 39 5.88 14.04 62.83
N UNK H 40 6.44 12.90 63.24
CA UNK H 40 6.46 12.44 64.64
C UNK H 40 7.16 13.42 65.60
N UNK H 41 8.13 14.19 65.11
CA UNK H 41 8.89 15.16 65.90
C UNK H 41 8.21 16.53 66.00
N UNK H 42 7.15 16.75 65.25
CA UNK H 42 6.52 18.07 65.11
C UNK H 42 5.57 18.35 66.27
N UNK H 43 5.75 19.47 66.99
CA UNK H 43 4.87 19.86 68.08
C UNK H 43 3.40 20.01 67.63
N UNK H 44 2.47 19.76 68.55
CA UNK H 44 1.03 19.81 68.31
C UNK H 44 0.50 21.22 67.98
N UNK H 45 1.25 22.26 68.31
CA UNK H 45 0.94 23.65 67.94
C UNK H 45 0.90 23.89 66.43
N UNK H 46 1.56 23.03 65.64
CA UNK H 46 1.49 23.04 64.18
C UNK H 46 0.30 22.25 63.69
N UNK H 47 -0.54 22.85 62.86
CA UNK H 47 -1.71 22.19 62.25
C UNK H 47 -1.79 22.52 60.77
N UNK H 48 -1.62 21.50 59.92
CA UNK H 48 -1.59 21.77 58.46
C UNK H 48 -2.88 21.27 57.81
N UNK H 49 -3.91 22.11 57.84
CA UNK H 49 -5.20 21.73 57.22
C UNK H 49 -5.13 21.98 55.71
N UNK H 50 -4.38 21.14 54.99
CA UNK H 50 -4.25 21.28 53.52
C UNK H 50 -5.33 20.43 52.84
N UNK H 51 -6.03 21.68 46.70
CA UNK H 51 -5.22 22.84 46.27
C UNK H 51 -5.02 23.79 47.46
N UNK H 52 -6.12 24.18 48.11
CA UNK H 52 -6.02 25.05 49.31
C UNK H 52 -5.24 24.31 50.40
N UNK H 53 -4.36 25.02 51.12
CA UNK H 53 -3.52 24.38 52.15
C UNK H 53 -3.12 25.40 53.21
N UNK H 54 -3.79 25.39 54.37
CA UNK H 54 -3.41 26.30 55.44
C UNK H 54 -2.49 25.60 56.43
N UNK H 55 -1.40 26.27 56.82
CA UNK H 55 -0.59 25.93 57.97
C UNK H 55 -0.90 26.93 59.09
N UNK H 56 -1.22 26.42 60.27
CA UNK H 56 -1.48 27.23 61.44
C UNK H 56 -0.47 26.88 62.54
N UNK H 57 0.07 27.88 63.20
CA UNK H 57 0.84 27.73 64.45
C UNK H 57 0.02 28.42 65.54
N UNK H 58 -0.50 27.64 66.50
CA UNK H 58 -1.49 28.14 67.48
C UNK H 58 -0.87 28.98 68.60
N UNK H 59 0.39 28.72 68.93
CA UNK H 59 1.16 29.41 69.98
C UNK H 59 2.61 29.48 69.48
N UNK H 60 2.97 30.59 68.86
CA UNK H 60 4.28 30.75 68.24
C UNK H 60 5.37 30.83 69.31
N UNK H 61 6.43 30.07 69.12
CA UNK H 61 7.65 30.16 69.94
C UNK H 61 8.75 30.88 69.17
N UNK H 62 9.73 31.44 69.89
CA UNK H 62 10.89 32.09 69.27
C UNK H 62 11.67 31.16 68.32
N UNK H 63 11.72 29.87 68.66
CA UNK H 63 12.35 28.83 67.83
C UNK H 63 11.58 28.46 66.55
N UNK H 64 10.36 28.97 66.36
CA UNK H 64 9.58 28.77 65.13
C UNK H 64 9.99 29.74 64.03
N UNK H 65 10.92 30.66 64.31
CA UNK H 65 11.58 31.51 63.33
C UNK H 65 12.18 30.65 62.20
N UNK H 66 11.59 30.75 61.00
CA UNK H 66 12.07 29.94 59.86
C UNK H 66 11.28 30.27 58.59
N UNK H 67 11.67 29.70 57.45
CA UNK H 67 10.93 29.91 56.18
C UNK H 67 10.06 28.69 55.91
N UNK H 68 8.74 28.86 55.87
CA UNK H 68 7.84 27.74 55.67
C UNK H 68 7.50 27.59 54.19
N UNK H 69 7.70 26.42 53.61
CA UNK H 69 7.39 26.11 52.22
C UNK H 69 6.28 25.07 52.14
N UNK H 70 5.34 25.25 51.21
CA UNK H 70 4.50 24.16 50.76
C UNK H 70 5.08 23.53 49.49
N UNK H 71 4.85 22.24 49.28
CA UNK H 71 5.26 21.49 48.11
C UNK H 71 4.12 20.61 47.64
N UNK H 72 7.48 23.87 44.58
CA UNK H 72 7.29 24.37 45.96
C UNK H 72 6.67 25.77 45.93
N UNK H 73 6.07 26.19 47.06
CA UNK H 73 5.47 27.55 47.14
C UNK H 73 6.59 28.58 47.20
N UNK H 74 6.27 29.86 46.93
CA UNK H 74 7.31 30.91 46.89
C UNK H 74 8.08 30.91 48.22
N UNK H 75 7.39 31.13 49.35
CA UNK H 75 8.04 31.16 50.68
C UNK H 75 7.05 31.68 51.72
N UNK H 76 7.45 31.74 52.99
CA UNK H 76 6.57 32.27 54.07
C UNK H 76 7.47 32.57 55.26
N UNK H 77 8.13 33.73 55.26
CA UNK H 77 9.11 34.02 56.32
C UNK H 77 8.38 34.43 57.59
N UNK H 78 8.60 33.68 58.67
CA UNK H 78 8.10 34.02 60.00
C UNK H 78 9.20 34.77 60.78
N UNK H 79 8.89 35.98 61.20
CA UNK H 79 9.72 36.80 62.08
C UNK H 79 9.03 36.96 63.45
N UNK H 80 9.83 37.13 64.49
CA UNK H 80 9.34 37.25 65.88
C UNK H 80 9.45 38.70 66.35
N UNK H 81 8.34 39.26 66.82
CA UNK H 81 8.35 40.54 67.52
C UNK H 81 8.77 40.35 68.97
N UNK H 82 9.55 41.29 69.49
CA UNK H 82 9.96 41.34 70.90
C UNK H 82 10.02 42.80 71.38
N UNK H 83 10.30 42.98 72.67
CA UNK H 83 10.61 44.30 73.21
C UNK H 83 11.87 44.88 72.57
N UNK H 84 11.91 46.21 72.43
CA UNK H 84 13.08 46.93 71.94
C UNK H 84 14.30 46.63 72.84
N UNK H 85 15.45 46.47 72.23
CA UNK H 85 16.72 46.22 72.89
C UNK H 85 17.82 47.07 72.24
N UNK H 86 18.60 47.77 73.06
CA UNK H 86 19.72 48.57 72.59
C UNK H 86 20.91 47.67 72.20
N UNK H 87 21.67 48.02 71.15
CA UNK H 87 22.85 47.25 70.77
C UNK H 87 23.96 47.36 71.83
N UNK H 88 24.67 46.25 72.06
CA UNK H 88 25.97 46.26 72.73
C UNK H 88 27.05 46.52 71.69
N UNK H 89 27.70 47.67 71.78
CA UNK H 89 28.68 48.13 70.79
C UNK H 89 30.11 47.90 71.29
N UNK H 90 30.94 47.30 70.43
CA UNK H 90 32.36 47.03 70.69
C UNK H 90 33.19 47.42 69.48
N UNK H 91 34.27 48.18 69.68
CA UNK H 91 35.21 48.58 68.61
C UNK H 91 36.55 47.89 68.80
N UNK H 92 37.16 47.47 67.69
CA UNK H 92 38.44 46.77 67.69
C UNK H 92 39.41 47.47 66.73
N UNK H 93 40.58 47.92 67.21
CA UNK H 93 41.63 48.41 66.33
C UNK H 93 42.17 47.30 65.42
N UNK H 94 47.74 46.25 55.55
CA UNK H 94 46.33 46.55 55.70
C UNK H 94 45.94 46.94 57.13
N UNK H 95 44.83 47.68 57.27
CA UNK H 95 44.27 48.06 58.54
C UNK H 95 42.74 47.99 58.50
N UNK H 96 42.15 46.99 59.13
CA UNK H 96 40.70 46.89 59.30
C UNK H 96 40.31 47.22 60.74
N UNK H 97 39.47 48.24 60.90
CA UNK H 97 38.81 48.58 62.17
C UNK H 97 37.44 47.93 62.17
N UNK H 98 37.12 47.16 63.20
CA UNK H 98 35.86 46.41 63.27
C UNK H 98 35.00 46.95 64.41
N UNK H 99 33.70 47.11 64.16
CA UNK H 99 32.70 47.46 65.16
C UNK H 99 31.59 46.41 65.14
N UNK H 100 31.36 45.77 66.29
CA UNK H 100 30.21 44.90 66.49
C UNK H 100 29.09 45.65 67.21
N UNK H 101 27.87 45.48 66.74
CA UNK H 101 26.64 45.99 67.32
C UNK H 101 25.73 44.79 67.54
N UNK H 102 25.72 44.27 68.76
CA UNK H 102 25.15 42.95 69.03
C UNK H 102 23.84 43.04 69.84
N UNK H 103 22.94 42.09 69.58
CA UNK H 103 21.73 41.80 70.34
C UNK H 103 20.76 42.99 70.46
N UNK H 104 20.41 43.62 69.34
CA UNK H 104 19.47 44.73 69.29
C UNK H 104 18.13 44.35 68.65
N UNK H 105 17.08 45.12 68.97
CA UNK H 105 15.78 45.03 68.32
C UNK H 105 15.07 46.38 68.38
N UNK H 106 14.38 46.86 67.31
CA UNK H 106 14.19 46.21 66.00
C UNK H 106 15.45 46.21 65.15
N UNK H 107 15.38 45.60 63.96
CA UNK H 107 16.55 45.41 63.07
C UNK H 107 17.10 46.69 62.44
N UNK H 108 16.30 47.77 62.42
CA UNK H 108 16.72 49.03 61.81
C UNK H 108 17.75 49.72 62.69
N UNK H 109 18.96 49.85 62.16
CA UNK H 109 20.11 50.47 62.84
C UNK H 109 20.97 51.20 61.82
N UNK H 110 21.59 52.29 62.21
CA UNK H 110 22.56 53.01 61.39
C UNK H 110 23.91 53.04 62.09
N UNK H 111 24.98 52.86 61.31
CA UNK H 111 26.37 52.96 61.77
C UNK H 111 27.07 54.05 60.98
N UNK H 112 27.76 54.92 61.71
CA UNK H 112 28.63 55.96 61.17
C UNK H 112 30.04 55.77 61.69
N UNK H 113 31.00 55.83 60.78
CA UNK H 113 32.41 55.88 61.13
C UNK H 113 32.92 57.31 61.10
N UNK H 114 33.75 57.68 62.08
CA UNK H 114 34.49 58.94 62.09
C UNK H 114 35.98 58.66 62.31
N UNK H 115 36.79 59.39 61.54
CA UNK H 115 38.25 59.39 61.66
C UNK H 115 38.66 60.82 61.99
N UNK H 116 39.29 61.05 63.12
CA UNK H 116 39.62 62.38 63.67
C UNK H 116 38.42 63.35 63.60
N UNK H 117 37.26 62.86 64.06
CA UNK H 117 36.04 63.70 64.05
C UNK H 117 35.68 64.09 62.60
N UNK H 118 35.74 63.13 61.68
CA UNK H 118 35.36 63.38 60.27
C UNK H 118 34.68 62.13 59.71
N UNK H 119 33.45 62.26 59.20
CA UNK H 119 32.74 61.07 58.74
C UNK H 119 33.46 60.38 57.58
N UNK H 120 33.53 59.05 57.63
CA UNK H 120 34.11 58.20 56.60
C UNK H 120 33.09 57.16 56.15
N UNK H 121 32.82 57.14 54.83
CA UNK H 121 31.93 56.15 54.20
C UNK H 121 32.69 55.14 53.33
N UNK H 122 33.75 55.58 52.65
CA UNK H 122 34.53 54.70 51.78
C UNK H 122 35.30 53.64 52.59
N UNK H 123 35.29 52.41 52.08
CA UNK H 123 35.95 51.27 52.71
C UNK H 123 35.15 50.62 53.84
N UNK H 124 33.88 51.01 54.01
CA UNK H 124 32.98 50.41 55.01
C UNK H 124 32.22 49.24 54.39
N UNK H 125 32.27 48.09 55.04
CA UNK H 125 31.48 46.90 54.73
C UNK H 125 30.65 46.52 55.95
N UNK H 126 29.34 46.38 55.73
CA UNK H 126 28.39 46.02 56.77
C UNK H 126 27.80 44.63 56.50
N UNK H 127 27.56 43.89 57.57
CA UNK H 127 26.90 42.59 57.52
C UNK H 127 25.96 42.43 58.72
N UNK H 128 24.79 41.85 58.49
CA UNK H 128 23.77 41.63 59.51
C UNK H 128 23.50 40.15 59.66
N UNK H 129 23.32 39.69 60.90
CA UNK H 129 22.96 38.28 61.14
C UNK H 129 21.45 38.15 61.23
N UNK H 130 20.86 37.07 60.70
CA UNK H 130 19.40 36.87 60.72
C UNK H 130 18.90 36.86 62.17
N UNK H 131 17.59 37.03 62.37
CA UNK H 131 17.06 37.08 63.74
C UNK H 131 17.51 35.85 64.54
N UNK H 132 17.94 36.06 65.79
CA UNK H 132 18.34 34.98 66.68
C UNK H 132 17.12 34.13 67.09
N UNK H 133 17.29 32.82 67.06
CA UNK H 133 16.19 31.88 67.35
C UNK H 133 15.84 31.74 68.83
N UNK H 134 16.66 32.30 69.74
CA UNK H 134 16.47 32.20 71.19
C UNK H 134 15.98 33.53 71.78
N UNK H 135 16.68 34.62 71.48
CA UNK H 135 16.38 35.92 72.08
C UNK H 135 15.67 36.89 71.11
N UNK H 136 15.48 36.47 69.85
CA UNK H 136 14.80 37.23 68.80
C UNK H 136 15.47 38.58 68.46
N UNK H 137 16.76 38.74 68.79
CA UNK H 137 17.51 39.95 68.45
C UNK H 137 18.20 39.86 67.09
N UNK H 138 18.74 40.98 66.65
CA UNK H 138 19.62 41.07 65.50
C UNK H 138 21.02 41.49 65.95
N UNK H 139 22.02 41.21 65.13
CA UNK H 139 23.37 41.72 65.32
C UNK H 139 23.93 42.24 64.00
N UNK H 140 24.88 43.17 64.09
CA UNK H 140 25.53 43.78 62.94
C UNK H 140 27.03 43.86 63.15
N UNK H 141 27.80 43.60 62.09
CA UNK H 141 29.22 43.89 62.01
C UNK H 141 29.45 45.00 60.99
N UNK H 142 30.25 46.01 61.36
CA UNK H 142 30.74 47.02 60.45
C UNK H 142 32.25 46.99 60.43
N UNK H 143 32.85 46.91 59.24
CA UNK H 143 34.31 46.86 59.05
C UNK H 143 34.75 48.01 58.17
N UNK H 144 35.56 48.91 58.73
CA UNK H 144 36.26 49.97 57.98
C UNK H 144 37.64 49.46 57.60
N UNK H 145 37.91 49.28 56.31
CA UNK H 145 39.24 48.88 55.82
C UNK H 145 39.96 50.05 55.20
N UNK H 146 41.19 50.27 55.66
CA UNK H 146 42.14 51.28 55.22
C UNK H 146 43.45 50.58 54.81
N UNK H 147 44.33 51.33 54.11
CA UNK H 147 45.75 50.95 54.06
C UNK H 147 46.41 51.24 55.41
N UNK H 148 47.51 50.58 55.69
CA UNK H 148 48.33 50.88 56.88
C UNK H 148 48.76 52.35 56.91
N UNK H 149 49.22 52.89 55.78
CA UNK H 149 49.67 54.27 55.66
C UNK H 149 48.56 55.28 55.96
N UNK H 150 47.33 55.01 55.52
CA UNK H 150 46.18 55.85 55.82
C UNK H 150 45.79 55.75 57.30
N UNK H 151 45.78 54.54 57.86
CA UNK H 151 45.49 54.32 59.27
C UNK H 151 46.49 55.04 60.19
N UNK H 152 47.77 55.07 59.81
CA UNK H 152 48.83 55.69 60.61
C UNK H 152 48.85 57.23 60.53
N UNK H 153 48.15 57.83 59.54
CA UNK H 153 48.02 59.29 59.43
C UNK H 153 47.01 59.90 60.39
N UNK H 154 46.14 59.09 60.97
CA UNK H 154 45.07 59.53 61.85
C UNK H 154 45.20 58.92 63.24
N UNK H 155 44.52 59.48 64.23
CA UNK H 155 44.61 59.01 65.60
C UNK H 155 43.29 58.49 66.17
N UNK H 156 42.20 59.28 66.08
CA UNK H 156 40.92 58.93 66.65
C UNK H 156 40.06 58.16 65.65
N UNK H 157 39.61 56.97 66.04
CA UNK H 157 38.70 56.13 65.28
C UNK H 157 37.44 55.88 66.09
N UNK H 158 36.28 56.23 65.52
CA UNK H 158 34.99 56.18 66.20
C UNK H 158 33.95 55.42 65.38
N UNK H 159 33.22 54.53 66.05
CA UNK H 159 32.00 53.88 65.57
C UNK H 159 30.82 54.44 66.34
N UNK H 160 29.84 55.04 65.64
CA UNK H 160 28.61 55.59 66.20
C UNK H 160 27.42 54.76 65.74
N UNK H 161 26.67 54.20 66.67
CA UNK H 161 25.46 53.46 66.40
C UNK H 161 24.22 54.29 66.77
N UNK H 162 23.35 54.53 65.80
CA UNK H 162 22.04 55.17 65.99
C UNK H 162 20.95 54.11 65.89
N UNK H 163 20.17 53.97 66.95
CA UNK H 163 19.11 52.97 67.05
C UNK H 163 17.90 53.59 67.76
N UNK H 164 16.69 53.08 67.47
CA UNK H 164 15.43 53.56 68.02
C UNK H 164 15.41 53.67 69.56
N UNK H 165 16.17 52.83 70.24
CA UNK H 165 16.21 52.76 71.71
C UNK H 165 16.85 53.96 72.42
N UNK H 166 17.52 54.85 71.68
CA UNK H 166 18.14 56.03 72.24
C UNK H 166 18.11 57.20 71.25
N UNK H 167 17.86 58.42 71.76
CA UNK H 167 17.97 59.64 70.96
C UNK H 167 19.42 60.02 70.67
N UNK H 168 20.34 59.68 71.58
CA UNK H 168 21.78 59.87 71.40
C UNK H 168 22.43 58.62 70.80
N UNK H 169 23.38 58.78 69.86
CA UNK H 169 24.17 57.66 69.37
C UNK H 169 24.96 56.96 70.49
N UNK H 170 25.10 55.65 70.40
CA UNK H 170 26.06 54.89 71.21
C UNK H 170 27.41 55.01 70.50
N UNK H 171 28.38 55.63 71.18
CA UNK H 171 29.69 55.94 70.63
C UNK H 171 30.74 55.03 71.27
N UNK H 172 31.56 54.38 70.42
CA UNK H 172 32.77 53.67 70.84
C UNK H 172 33.95 54.14 70.02
N UNK H 173 35.04 54.48 70.72
CA UNK H 173 36.22 55.05 70.10
C UNK H 173 37.50 54.45 70.69
N UNK H 174 38.59 54.57 69.93
CA UNK H 174 39.94 54.38 70.44
C UNK H 174 40.88 55.38 69.77
N UNK H 175 42.03 55.66 70.43
CA UNK H 175 43.12 56.42 69.86
C UNK H 175 44.24 55.46 69.45
N UNK H 176 44.72 55.58 68.21
CA UNK H 176 45.78 54.72 67.67
C UNK H 176 47.03 54.75 68.53
N UNK H 177 47.40 55.93 69.03
CA UNK H 177 48.60 56.13 69.85
C UNK H 177 48.55 55.39 71.19
#